data_9C1O
#
_entry.id   9C1O
#
_cell.length_a   1.00
_cell.length_b   1.00
_cell.length_c   1.00
_cell.angle_alpha   90.00
_cell.angle_beta   90.00
_cell.angle_gamma   90.00
#
_symmetry.space_group_name_H-M   'P 1'
#
_entity_poly.entity_id   1
_entity_poly.type   'polypeptide(L)'
_entity_poly.pdbx_seq_one_letter_code
;MKIGSVIESSPHSILVKIDTLKIFEKAKSALQIGKYLKIQEGNHNFVLCVIQNIKISTDKDEDIFILTVQPVGIFKGEEF
FQGNSMLPSPTEPVFLVEDDILNKIFSNEKTKIFHLGNLAQNEEVSFTLDGDKFFSKHVAVVGSTGSGKSCAVAKILQNV
VGINDARNINKSDKKNSHIIIFDIHSEYKSAFEIDKNEDFNLNYLDVEKLKLPYWLMNSEELETLFIESNEQNSHNQVSQ
FKRAVVLNKEKYNPEFKKITYDSPVYFNINEVFNYIYNLNEEVINKIEGEPSLPKLSNGELVENRQIYFNEKLEFTSSNT
SKATKASNGPFNGEFNRFLSRFETKLTDKRLEFLLLNQDVEENSKYRTEHFEDILKQFMGYLDRSNVSIIDLSGIPFEVL
SITISLISRLIFDFAFHYSKLQHQKDELNDIPFMIVCEEAHNYIPRTGGIEFKAAKKSIERIAKEGRKYGLSLMVVSQRP
SEVSDTILSQCNNFINLRLTNINDQNYIKNLLPDNSRSISEILPTLGAGECLVVGDSTPIPSIVKLELPNPEPRSQSIKF
HKKWSESWRTPSFEEVIMRWRKENG
;
_entity_poly.pdbx_strand_id   A,B,C,D,E,F
#
# COMPACT_ATOMS: atom_id res chain seq x y z
N MET A 1 -8.55 59.28 -4.42
CA MET A 1 -8.57 60.73 -4.45
C MET A 1 -7.19 61.32 -4.23
N LYS A 2 -6.68 61.19 -3.00
CA LYS A 2 -5.36 61.73 -2.69
C LYS A 2 -4.26 61.03 -3.48
N ILE A 3 -4.34 59.70 -3.59
CA ILE A 3 -3.36 58.91 -4.33
C ILE A 3 -3.98 58.30 -5.58
N GLY A 4 -5.10 57.61 -5.44
CA GLY A 4 -5.73 56.99 -6.58
C GLY A 4 -7.08 56.42 -6.23
N SER A 5 -7.64 55.65 -7.17
CA SER A 5 -8.96 55.07 -7.01
C SER A 5 -8.90 53.57 -7.28
N VAL A 6 -9.72 52.83 -6.53
CA VAL A 6 -9.79 51.38 -6.68
C VAL A 6 -10.50 51.04 -7.99
N ILE A 7 -9.98 50.03 -8.69
CA ILE A 7 -10.50 49.60 -9.98
C ILE A 7 -11.28 48.30 -9.87
N GLU A 8 -10.70 47.28 -9.25
CA GLU A 8 -11.33 45.97 -9.21
C GLU A 8 -11.33 45.41 -7.79
N SER A 9 -12.49 44.91 -7.37
CA SER A 9 -12.66 44.28 -6.07
C SER A 9 -13.01 42.81 -6.25
N SER A 10 -12.25 41.94 -5.62
CA SER A 10 -12.41 40.50 -5.73
C SER A 10 -12.32 39.89 -4.34
N PRO A 11 -12.88 38.69 -4.14
CA PRO A 11 -12.88 38.09 -2.80
C PRO A 11 -11.51 37.70 -2.27
N HIS A 12 -10.44 37.85 -3.06
CA HIS A 12 -9.09 37.52 -2.61
C HIS A 12 -8.05 38.59 -2.87
N SER A 13 -8.30 39.53 -3.78
CA SER A 13 -7.31 40.55 -4.10
C SER A 13 -8.04 41.81 -4.57
N ILE A 14 -7.33 42.93 -4.52
CA ILE A 14 -7.85 44.22 -4.94
C ILE A 14 -6.87 44.86 -5.91
N LEU A 15 -7.39 45.45 -6.98
CA LEU A 15 -6.58 46.07 -8.02
C LEU A 15 -6.85 47.56 -8.04
N VAL A 16 -5.80 48.36 -7.84
CA VAL A 16 -5.92 49.81 -7.72
C VAL A 16 -5.08 50.49 -8.79
N LYS A 17 -5.39 51.75 -9.04
CA LYS A 17 -4.81 52.54 -10.12
C LYS A 17 -4.23 53.83 -9.56
N ILE A 18 -3.05 54.21 -10.05
CA ILE A 18 -2.40 55.48 -9.71
C ILE A 18 -2.39 56.34 -10.96
N ASP A 19 -2.92 57.56 -10.84
CA ASP A 19 -3.10 58.45 -11.97
C ASP A 19 -1.94 59.43 -12.07
N THR A 20 -1.72 59.94 -13.29
CA THR A 20 -0.69 60.92 -13.60
C THR A 20 0.72 60.41 -13.32
N LEU A 21 1.72 61.21 -13.65
CA LEU A 21 3.12 60.83 -13.46
C LEU A 21 3.79 61.56 -12.30
N LYS A 22 3.41 62.82 -12.04
CA LYS A 22 4.01 63.56 -10.94
C LYS A 22 3.72 62.90 -9.60
N ILE A 23 2.50 62.43 -9.40
CA ILE A 23 2.12 61.80 -8.14
C ILE A 23 2.97 60.54 -7.91
N PHE A 24 3.14 59.72 -8.94
CA PHE A 24 3.94 58.52 -8.79
C PHE A 24 5.42 58.85 -8.57
N GLU A 25 5.95 59.83 -9.32
CA GLU A 25 7.38 60.10 -9.23
C GLU A 25 7.76 60.75 -7.90
N LYS A 26 6.87 61.56 -7.33
CA LYS A 26 7.19 62.11 -6.02
C LYS A 26 6.98 61.07 -4.91
N ALA A 27 5.95 60.24 -5.03
CA ALA A 27 5.70 59.16 -4.08
C ALA A 27 6.20 57.83 -4.62
N LYS A 28 7.52 57.74 -4.81
CA LYS A 28 8.14 56.52 -5.32
C LYS A 28 8.74 55.66 -4.23
N SER A 29 9.29 56.27 -3.17
CA SER A 29 9.85 55.48 -2.08
C SER A 29 8.75 54.83 -1.24
N ALA A 30 7.63 55.53 -1.05
CA ALA A 30 6.56 54.99 -0.23
C ALA A 30 5.80 53.87 -0.91
N LEU A 31 5.94 53.72 -2.23
CA LEU A 31 5.27 52.67 -3.00
C LEU A 31 6.31 51.66 -3.43
N GLN A 32 6.57 50.68 -2.57
CA GLN A 32 7.44 49.56 -2.88
C GLN A 32 6.78 48.28 -2.40
N ILE A 33 7.31 47.15 -2.85
CA ILE A 33 6.71 45.85 -2.55
C ILE A 33 6.90 45.57 -1.05
N GLY A 34 5.81 45.51 -0.32
CA GLY A 34 5.82 45.23 1.11
C GLY A 34 5.19 46.31 1.96
N LYS A 35 5.14 47.56 1.48
CA LYS A 35 4.62 48.66 2.27
C LYS A 35 3.09 48.68 2.23
N TYR A 36 2.50 49.49 3.10
CA TYR A 36 1.08 49.41 3.40
C TYR A 36 0.31 50.60 2.84
N LEU A 37 -0.98 50.38 2.65
CA LEU A 37 -1.92 51.40 2.18
C LEU A 37 -3.23 51.23 2.93
N LYS A 38 -4.06 52.28 2.92
CA LYS A 38 -5.39 52.19 3.50
C LYS A 38 -6.43 52.61 2.48
N ILE A 39 -7.59 51.96 2.53
CA ILE A 39 -8.67 52.19 1.58
C ILE A 39 -9.93 52.54 2.36
N GLN A 40 -10.62 53.60 1.93
CA GLN A 40 -11.82 54.04 2.62
C GLN A 40 -12.99 53.11 2.31
N GLU A 41 -13.69 52.69 3.37
CA GLU A 41 -14.87 51.85 3.23
C GLU A 41 -16.01 52.48 4.04
N GLY A 42 -17.19 52.55 3.44
CA GLY A 42 -18.32 53.18 4.09
C GLY A 42 -18.10 54.66 4.30
N ASN A 43 -18.16 55.10 5.57
CA ASN A 43 -17.95 56.49 5.91
C ASN A 43 -16.83 56.72 6.91
N HIS A 44 -16.55 55.77 7.79
CA HIS A 44 -15.54 55.97 8.83
C HIS A 44 -14.51 54.86 8.84
N ASN A 45 -14.92 53.64 8.51
CA ASN A 45 -14.02 52.50 8.57
C ASN A 45 -12.98 52.55 7.45
N PHE A 46 -11.81 51.97 7.72
CA PHE A 46 -10.74 51.87 6.74
C PHE A 46 -10.27 50.43 6.68
N VAL A 47 -9.68 50.06 5.54
CA VAL A 47 -9.18 48.71 5.32
C VAL A 47 -7.69 48.80 5.02
N LEU A 48 -6.88 48.00 5.72
CA LEU A 48 -5.44 47.99 5.55
C LEU A 48 -5.03 46.95 4.51
N CYS A 49 -4.15 47.33 3.60
CA CYS A 49 -3.72 46.46 2.52
C CYS A 49 -2.22 46.56 2.34
N VAL A 50 -1.64 45.52 1.74
CA VAL A 50 -0.20 45.43 1.51
C VAL A 50 0.05 45.31 0.01
N ILE A 51 1.08 46.00 -0.48
CA ILE A 51 1.41 45.98 -1.90
C ILE A 51 2.02 44.64 -2.27
N GLN A 52 1.61 44.10 -3.41
CA GLN A 52 2.11 42.82 -3.89
C GLN A 52 2.77 42.89 -5.27
N ASN A 53 2.28 43.74 -6.17
CA ASN A 53 2.83 43.80 -7.52
C ASN A 53 2.55 45.18 -8.11
N ILE A 54 3.51 45.68 -8.87
CA ILE A 54 3.43 46.98 -9.54
C ILE A 54 3.66 46.77 -11.02
N LYS A 55 2.88 47.46 -11.86
CA LYS A 55 3.08 47.36 -13.30
C LYS A 55 2.68 48.67 -13.96
N ILE A 56 3.18 48.85 -15.19
CA ILE A 56 2.90 50.02 -16.01
C ILE A 56 2.29 49.56 -17.32
N SER A 57 1.30 50.30 -17.81
CA SER A 57 0.61 49.97 -19.03
C SER A 57 0.43 51.23 -19.88
N THR A 58 0.25 51.02 -21.19
CA THR A 58 0.07 52.11 -22.14
C THR A 58 -1.40 52.15 -22.52
N ASP A 59 -2.16 53.02 -21.84
CA ASP A 59 -3.59 53.18 -22.08
C ASP A 59 -3.86 54.61 -22.52
N LYS A 60 -4.63 54.76 -23.60
CA LYS A 60 -4.98 56.08 -24.15
C LYS A 60 -3.74 56.89 -24.50
N ASP A 61 -2.75 56.22 -25.11
CA ASP A 61 -1.52 56.85 -25.56
C ASP A 61 -0.76 57.53 -24.42
N GLU A 62 -0.86 56.96 -23.21
CA GLU A 62 -0.19 57.51 -22.05
C GLU A 62 -0.08 56.42 -21.00
N ASP A 63 0.80 56.65 -20.01
CA ASP A 63 1.17 55.62 -19.06
C ASP A 63 0.23 55.61 -17.85
N ILE A 64 -0.21 54.42 -17.47
CA ILE A 64 -1.05 54.20 -16.29
C ILE A 64 -0.39 53.15 -15.42
N PHE A 65 -0.32 53.43 -14.12
CA PHE A 65 0.33 52.54 -13.16
C PHE A 65 -0.72 51.78 -12.38
N ILE A 66 -0.55 50.46 -12.30
CA ILE A 66 -1.51 49.56 -11.67
C ILE A 66 -0.81 48.81 -10.54
N LEU A 67 -1.45 48.79 -9.37
CA LEU A 67 -0.92 48.11 -8.19
C LEU A 67 -1.90 47.04 -7.73
N THR A 68 -1.36 45.98 -7.14
CA THR A 68 -2.17 44.90 -6.57
C THR A 68 -1.98 44.87 -5.07
N VAL A 69 -3.09 44.83 -4.33
CA VAL A 69 -3.07 44.88 -2.87
C VAL A 69 -3.94 43.76 -2.31
N GLN A 70 -3.62 43.37 -1.07
CA GLN A 70 -4.32 42.29 -0.37
C GLN A 70 -4.65 42.76 1.04
N PRO A 71 -5.89 42.62 1.49
CA PRO A 71 -6.28 43.16 2.79
C PRO A 71 -5.82 42.29 3.96
N VAL A 72 -5.57 42.95 5.09
CA VAL A 72 -5.12 42.26 6.30
C VAL A 72 -5.91 42.65 7.55
N GLY A 73 -6.68 43.73 7.55
CA GLY A 73 -7.40 44.12 8.74
C GLY A 73 -8.18 45.40 8.52
N ILE A 74 -8.88 45.82 9.58
CA ILE A 74 -9.81 46.93 9.50
C ILE A 74 -9.55 47.91 10.65
N PHE A 75 -9.78 49.18 10.37
CA PHE A 75 -9.76 50.26 11.36
C PHE A 75 -11.19 50.75 11.53
N LYS A 76 -11.69 50.68 12.77
CA LYS A 76 -13.01 51.20 13.13
C LYS A 76 -12.77 52.32 14.15
N GLY A 77 -12.54 53.52 13.66
CA GLY A 77 -12.22 54.65 14.53
C GLY A 77 -10.71 54.85 14.67
N GLU A 78 -10.18 54.50 15.84
CA GLU A 78 -8.74 54.63 16.11
C GLU A 78 -8.19 53.35 16.71
N GLU A 79 -8.81 52.20 16.42
CA GLU A 79 -8.35 50.91 16.89
C GLU A 79 -8.26 49.95 15.71
N PHE A 80 -7.73 48.76 15.98
CA PHE A 80 -7.39 47.80 14.93
C PHE A 80 -7.96 46.42 15.26
N PHE A 81 -8.54 45.77 14.25
CA PHE A 81 -8.97 44.38 14.33
C PHE A 81 -8.33 43.60 13.19
N GLN A 82 -8.52 42.29 13.22
CA GLN A 82 -7.89 41.39 12.26
C GLN A 82 -8.94 40.50 11.61
N GLY A 83 -8.66 40.10 10.36
CA GLY A 83 -9.53 39.19 9.64
C GLY A 83 -10.89 39.73 9.28
N ASN A 84 -10.95 40.99 8.84
CA ASN A 84 -12.23 41.58 8.45
C ASN A 84 -12.72 40.96 7.15
N SER A 85 -14.03 40.74 7.06
CA SER A 85 -14.66 40.13 5.89
C SER A 85 -15.39 41.15 5.03
N MET A 86 -15.12 42.44 5.21
CA MET A 86 -15.77 43.50 4.43
C MET A 86 -14.78 44.04 3.42
N LEU A 87 -15.22 44.13 2.17
CA LEU A 87 -14.35 44.53 1.07
C LEU A 87 -14.88 45.81 0.42
N PRO A 88 -14.04 46.83 0.22
CA PRO A 88 -14.51 48.07 -0.40
C PRO A 88 -14.91 47.86 -1.85
N SER A 89 -15.90 48.63 -2.28
CA SER A 89 -16.43 48.60 -3.63
C SER A 89 -15.58 49.47 -4.54
N PRO A 90 -15.72 49.32 -5.86
CA PRO A 90 -15.01 50.20 -6.79
C PRO A 90 -15.35 51.67 -6.56
N THR A 91 -14.52 52.53 -7.15
CA THR A 91 -14.63 53.99 -7.01
C THR A 91 -14.54 54.41 -5.54
N GLU A 92 -13.36 54.16 -4.96
CA GLU A 92 -13.06 54.55 -3.59
C GLU A 92 -11.64 55.11 -3.53
N PRO A 93 -11.41 56.15 -2.74
CA PRO A 93 -10.07 56.72 -2.62
C PRO A 93 -9.12 55.82 -1.83
N VAL A 94 -7.83 56.00 -2.07
CA VAL A 94 -6.77 55.25 -1.41
C VAL A 94 -5.79 56.25 -0.79
N PHE A 95 -5.35 55.97 0.44
CA PHE A 95 -4.48 56.87 1.18
C PHE A 95 -3.24 56.11 1.67
N LEU A 96 -2.19 56.89 1.92
CA LEU A 96 -0.93 56.37 2.45
C LEU A 96 -1.06 56.08 3.94
N VAL A 97 -0.09 55.34 4.46
CA VAL A 97 -0.04 54.96 5.87
C VAL A 97 1.26 55.46 6.46
N GLU A 98 1.17 56.19 7.57
CA GLU A 98 2.35 56.72 8.25
C GLU A 98 2.86 55.73 9.29
N ASP A 99 4.10 55.94 9.71
CA ASP A 99 4.73 55.02 10.65
C ASP A 99 4.17 55.13 12.07
N ASP A 100 3.46 56.21 12.37
CA ASP A 100 2.88 56.35 13.71
C ASP A 100 1.84 55.27 13.97
N ILE A 101 1.00 54.97 12.98
CA ILE A 101 0.01 53.91 13.14
C ILE A 101 0.70 52.55 13.27
N LEU A 102 1.75 52.33 12.46
CA LEU A 102 2.48 51.08 12.52
C LEU A 102 3.14 50.88 13.88
N ASN A 103 3.59 51.96 14.51
CA ASN A 103 4.17 51.85 15.85
C ASN A 103 3.14 51.35 16.85
N LYS A 104 1.92 51.87 16.79
CA LYS A 104 0.88 51.42 17.70
C LYS A 104 0.38 50.02 17.38
N ILE A 105 0.47 49.58 16.12
CA ILE A 105 0.01 48.23 15.78
C ILE A 105 1.06 47.21 16.18
N PHE A 106 2.26 47.30 15.58
CA PHE A 106 3.28 46.29 15.84
C PHE A 106 3.81 46.36 17.26
N SER A 107 4.18 47.57 17.71
CA SER A 107 4.67 47.77 19.07
C SER A 107 3.47 48.06 19.97
N ASN A 108 2.80 46.98 20.37
CA ASN A 108 1.61 47.11 21.20
C ASN A 108 1.94 47.75 22.54
N GLU A 109 1.04 48.60 23.03
CA GLU A 109 1.22 49.31 24.28
C GLU A 109 0.75 48.51 25.49
N LYS A 110 0.66 47.19 25.36
CA LYS A 110 0.23 46.35 26.46
C LYS A 110 1.35 46.17 27.48
N THR A 111 1.01 45.58 28.62
CA THR A 111 1.99 45.36 29.68
C THR A 111 3.02 44.30 29.29
N LYS A 112 2.61 43.30 28.53
CA LYS A 112 3.50 42.21 28.12
C LYS A 112 4.13 42.57 26.78
N ILE A 113 5.41 42.96 26.81
CA ILE A 113 6.14 43.33 25.61
C ILE A 113 7.44 42.54 25.57
N PHE A 114 7.76 41.97 24.41
CA PHE A 114 8.99 41.24 24.19
C PHE A 114 9.59 41.72 22.86
N HIS A 115 10.65 42.50 22.94
CA HIS A 115 11.25 43.07 21.73
C HIS A 115 12.00 42.00 20.95
N LEU A 116 11.96 42.12 19.62
CA LEU A 116 12.66 41.17 18.76
C LEU A 116 13.62 41.82 17.80
N GLY A 117 13.31 43.01 17.31
CA GLY A 117 14.18 43.67 16.35
C GLY A 117 13.44 44.80 15.64
N ASN A 118 13.91 45.10 14.43
CA ASN A 118 13.34 46.14 13.61
C ASN A 118 12.83 45.55 12.29
N LEU A 119 11.89 46.25 11.68
CA LEU A 119 11.34 45.82 10.39
C LEU A 119 12.40 45.97 9.30
N ALA A 120 12.23 45.19 8.23
CA ALA A 120 13.23 45.17 7.16
C ALA A 120 13.11 46.40 6.26
N GLN A 121 11.95 46.58 5.63
CA GLN A 121 11.79 47.68 4.70
C GLN A 121 11.82 49.03 5.40
N ASN A 122 11.22 49.12 6.58
CA ASN A 122 11.17 50.36 7.36
C ASN A 122 12.06 50.22 8.58
N GLU A 123 13.03 51.10 8.71
CA GLU A 123 14.01 51.04 9.79
C GLU A 123 13.63 51.85 11.01
N GLU A 124 12.48 52.55 10.97
CA GLU A 124 12.05 53.41 12.07
C GLU A 124 10.95 52.78 12.92
N VAL A 125 10.62 51.51 12.70
CA VAL A 125 9.56 50.82 13.42
C VAL A 125 10.18 49.64 14.17
N SER A 126 9.93 49.57 15.47
CA SER A 126 10.39 48.46 16.30
C SER A 126 9.37 47.33 16.28
N PHE A 127 9.85 46.11 16.53
CA PHE A 127 9.00 44.92 16.50
C PHE A 127 8.94 44.31 17.89
N THR A 128 7.71 44.18 18.41
CA THR A 128 7.47 43.57 19.71
C THR A 128 6.42 42.47 19.56
N LEU A 129 6.50 41.48 20.45
CA LEU A 129 5.54 40.38 20.50
C LEU A 129 5.03 40.22 21.91
N ASP A 130 3.87 39.59 22.04
CA ASP A 130 3.34 39.20 23.33
C ASP A 130 4.18 38.08 23.93
N GLY A 131 4.32 38.10 25.26
CA GLY A 131 5.16 37.14 25.93
C GLY A 131 4.45 35.86 26.32
N ASP A 132 3.26 35.98 26.92
CA ASP A 132 2.53 34.80 27.38
C ASP A 132 1.95 33.99 26.22
N LYS A 133 1.82 34.58 25.04
CA LYS A 133 1.29 33.89 23.88
C LYS A 133 2.37 33.26 23.01
N PHE A 134 3.64 33.38 23.40
CA PHE A 134 4.75 32.83 22.64
C PHE A 134 5.44 31.68 23.35
N PHE A 135 5.82 31.86 24.62
CA PHE A 135 6.56 30.83 25.33
C PHE A 135 5.65 29.77 25.93
N SER A 136 4.39 30.10 26.23
CA SER A 136 3.47 29.12 26.78
C SER A 136 3.14 28.05 25.74
N LYS A 137 2.97 28.44 24.48
CA LYS A 137 2.69 27.51 23.40
C LYS A 137 4.01 27.04 22.78
N HIS A 138 3.92 26.37 21.64
CA HIS A 138 5.09 25.77 21.00
C HIS A 138 5.58 26.63 19.84
N VAL A 139 6.90 26.63 19.66
CA VAL A 139 7.58 27.43 18.65
C VAL A 139 8.48 26.53 17.81
N ALA A 140 8.53 26.79 16.50
CA ALA A 140 9.36 26.03 15.58
C ALA A 140 10.25 26.99 14.80
N VAL A 141 11.56 26.74 14.83
CA VAL A 141 12.55 27.52 14.10
C VAL A 141 13.08 26.68 12.95
N VAL A 142 12.98 27.20 11.73
CA VAL A 142 13.41 26.47 10.55
C VAL A 142 14.31 27.36 9.71
N GLY A 143 15.14 26.71 8.89
CA GLY A 143 16.09 27.43 8.08
C GLY A 143 16.95 26.48 7.27
N SER A 144 18.06 27.00 6.77
CA SER A 144 18.96 26.20 5.93
C SER A 144 20.40 26.24 6.45
N THR A 145 21.32 25.69 5.68
CA THR A 145 22.73 25.63 6.06
C THR A 145 23.42 26.92 5.60
N GLY A 146 23.89 27.70 6.57
CA GLY A 146 24.50 28.99 6.30
C GLY A 146 23.59 30.18 6.51
N SER A 147 22.37 29.96 6.99
CA SER A 147 21.43 31.05 7.23
C SER A 147 21.55 31.65 8.64
N GLY A 148 22.16 30.94 9.58
CA GLY A 148 22.40 31.48 10.89
C GLY A 148 21.31 31.19 11.91
N LYS A 149 20.94 29.92 12.06
CA LYS A 149 19.95 29.55 13.06
C LYS A 149 20.47 29.75 14.47
N SER A 150 21.73 29.39 14.71
CA SER A 150 22.30 29.48 16.05
C SER A 150 22.33 30.92 16.56
N CYS A 151 22.70 31.86 15.69
CA CYS A 151 22.75 33.27 16.08
C CYS A 151 21.36 33.85 16.34
N ALA A 152 20.30 33.18 15.92
CA ALA A 152 18.94 33.60 16.24
C ALA A 152 18.45 32.99 17.55
N VAL A 153 18.66 31.68 17.72
CA VAL A 153 18.25 31.03 18.96
C VAL A 153 19.01 31.62 20.14
N ALA A 154 20.31 31.85 19.99
CA ALA A 154 21.10 32.43 21.07
C ALA A 154 20.63 33.84 21.41
N LYS A 155 20.29 34.64 20.40
CA LYS A 155 19.79 35.98 20.65
C LYS A 155 18.48 35.94 21.44
N ILE A 156 17.56 35.06 21.03
CA ILE A 156 16.28 34.97 21.74
C ILE A 156 16.49 34.55 23.18
N LEU A 157 17.33 33.53 23.40
CA LEU A 157 17.56 33.05 24.76
C LEU A 157 18.27 34.08 25.62
N GLN A 158 19.20 34.84 25.04
CA GLN A 158 19.90 35.88 25.79
C GLN A 158 18.95 37.02 26.16
N ASN A 159 18.02 37.36 25.26
CA ASN A 159 16.99 38.33 25.62
C ASN A 159 16.12 37.80 26.76
N VAL A 160 15.81 36.50 26.72
CA VAL A 160 14.96 35.92 27.77
C VAL A 160 15.66 35.97 29.12
N VAL A 161 16.90 35.49 29.19
CA VAL A 161 17.57 35.35 30.49
C VAL A 161 17.91 36.72 31.07
N GLY A 162 18.28 37.68 30.23
CA GLY A 162 18.61 39.01 30.72
C GLY A 162 20.08 39.37 30.60
N ILE A 163 20.73 38.96 29.51
CA ILE A 163 22.10 39.33 29.21
C ILE A 163 22.08 40.40 28.13
N ASN A 164 22.64 41.56 28.42
CA ASN A 164 22.69 42.68 27.48
C ASN A 164 24.11 43.23 27.44
N ASP A 165 24.72 43.18 26.25
CA ASP A 165 26.09 43.68 26.05
C ASP A 165 27.07 43.02 27.01
N ALA A 166 26.98 41.70 27.12
CA ALA A 166 27.84 40.90 27.99
C ALA A 166 27.77 41.38 29.44
N ARG A 167 26.56 41.71 29.89
CA ARG A 167 26.34 42.17 31.25
C ARG A 167 25.09 41.51 31.80
N ASN A 168 25.03 41.40 33.12
CA ASN A 168 23.91 40.80 33.83
C ASN A 168 23.03 41.92 34.40
N ILE A 169 21.80 42.04 33.90
CA ILE A 169 20.89 43.09 34.34
C ILE A 169 20.26 42.78 35.69
N ASN A 170 20.45 41.57 36.21
CA ASN A 170 19.79 41.15 37.44
C ASN A 170 20.80 40.69 38.48
N LYS A 171 21.84 41.50 38.69
CA LYS A 171 22.88 41.14 39.66
C LYS A 171 22.31 41.04 41.07
N SER A 172 21.45 41.99 41.46
CA SER A 172 20.97 42.03 42.83
C SER A 172 19.98 40.90 43.11
N ASP A 173 19.03 40.67 42.20
CA ASP A 173 17.98 39.69 42.39
C ASP A 173 17.97 38.72 41.21
N LYS A 174 17.95 37.43 41.51
CA LYS A 174 17.90 36.40 40.48
C LYS A 174 16.46 36.07 40.11
N LYS A 175 16.20 35.98 38.81
CA LYS A 175 14.86 35.70 38.31
C LYS A 175 14.64 34.18 38.26
N ASN A 176 13.51 33.76 37.72
CA ASN A 176 13.06 32.37 37.81
C ASN A 176 13.05 31.64 36.48
N SER A 177 13.79 32.13 35.47
CA SER A 177 13.78 31.50 34.17
C SER A 177 14.40 30.11 34.20
N HIS A 178 13.88 29.22 33.35
CA HIS A 178 14.35 27.83 33.28
C HIS A 178 14.41 27.40 31.82
N ILE A 179 15.59 26.99 31.36
CA ILE A 179 15.78 26.53 29.99
C ILE A 179 16.73 25.33 30.00
N ILE A 180 16.38 24.28 29.26
CA ILE A 180 17.21 23.08 29.13
C ILE A 180 17.51 22.88 27.65
N ILE A 181 18.79 22.92 27.28
CA ILE A 181 19.23 22.85 25.89
C ILE A 181 19.90 21.51 25.65
N PHE A 182 19.59 20.88 24.52
CA PHE A 182 20.24 19.65 24.09
C PHE A 182 21.22 19.96 22.96
N ASP A 183 22.46 19.50 23.10
CA ASP A 183 23.50 19.72 22.10
C ASP A 183 24.04 18.39 21.61
N ILE A 184 24.14 18.25 20.28
CA ILE A 184 24.80 17.08 19.69
C ILE A 184 26.20 17.48 19.27
N HIS A 185 26.36 18.75 18.88
CA HIS A 185 27.67 19.33 18.62
C HIS A 185 28.15 20.02 19.90
N SER A 186 29.20 20.85 19.77
CA SER A 186 29.81 21.51 20.91
C SER A 186 29.64 23.02 20.85
N GLU A 187 28.45 23.48 20.47
CA GLU A 187 28.13 24.89 20.41
C GLU A 187 27.38 25.30 21.68
N TYR A 188 26.92 26.55 21.71
CA TYR A 188 26.04 27.11 22.73
C TYR A 188 26.67 27.16 24.11
N LYS A 189 27.97 26.90 24.24
CA LYS A 189 28.65 27.08 25.51
C LYS A 189 29.28 28.47 25.63
N SER A 190 29.84 28.98 24.54
CA SER A 190 30.45 30.30 24.54
C SER A 190 29.43 31.43 24.51
N ALA A 191 28.16 31.13 24.25
CA ALA A 191 27.11 32.13 24.20
C ALA A 191 26.50 32.42 25.56
N PHE A 192 26.95 31.73 26.61
CA PHE A 192 26.39 31.93 27.95
C PHE A 192 27.46 32.00 29.03
N GLU A 193 28.73 32.11 28.67
CA GLU A 193 29.83 32.22 29.63
C GLU A 193 30.36 33.64 29.61
N ILE A 194 30.18 34.35 30.73
CA ILE A 194 30.65 35.71 30.87
C ILE A 194 31.58 35.82 32.08
N ASP A 195 32.04 37.03 32.37
CA ASP A 195 33.02 37.23 33.43
C ASP A 195 32.40 36.90 34.80
N LYS A 196 33.28 36.53 35.74
CA LYS A 196 32.84 36.14 37.08
C LYS A 196 32.24 37.30 37.84
N ASN A 197 32.68 38.53 37.57
CA ASN A 197 32.17 39.69 38.28
C ASN A 197 30.70 39.97 37.97
N GLU A 198 30.18 39.43 36.86
CA GLU A 198 28.79 39.64 36.49
C GLU A 198 27.83 38.76 37.28
N ASP A 199 28.34 37.77 38.02
CA ASP A 199 27.53 36.90 38.87
C ASP A 199 26.45 36.17 38.06
N PHE A 200 26.91 35.37 37.11
CA PHE A 200 26.04 34.50 36.32
C PHE A 200 26.54 33.07 36.44
N ASN A 201 25.62 32.15 36.72
CA ASN A 201 25.95 30.75 36.93
C ASN A 201 25.38 29.92 35.78
N LEU A 202 26.24 29.07 35.20
CA LEU A 202 25.85 28.21 34.09
C LEU A 202 26.10 26.76 34.47
N ASN A 203 25.17 25.89 34.09
CA ASN A 203 25.25 24.46 34.38
C ASN A 203 25.61 23.73 33.08
N TYR A 204 26.87 23.33 32.97
CA TYR A 204 27.36 22.56 31.83
C TYR A 204 27.56 21.12 32.27
N LEU A 205 26.95 20.18 31.53
CA LEU A 205 27.00 18.77 31.85
C LEU A 205 27.54 18.00 30.65
N ASP A 206 28.61 17.23 30.88
CA ASP A 206 29.19 16.36 29.87
C ASP A 206 28.79 14.93 30.21
N VAL A 207 27.87 14.37 29.42
CA VAL A 207 27.21 13.12 29.81
C VAL A 207 28.20 11.96 29.85
N GLU A 208 29.31 12.05 29.12
CA GLU A 208 30.29 10.97 29.11
C GLU A 208 31.07 10.86 30.42
N LYS A 209 30.95 11.85 31.30
CA LYS A 209 31.63 11.83 32.60
C LYS A 209 30.64 11.86 33.76
N LEU A 210 29.38 11.51 33.51
CA LEU A 210 28.33 11.53 34.52
C LEU A 210 27.90 10.12 34.88
N LYS A 211 27.14 10.02 35.97
CA LYS A 211 26.61 8.75 36.45
C LYS A 211 25.13 8.68 36.11
N LEU A 212 24.79 7.81 35.15
CA LEU A 212 23.41 7.61 34.72
C LEU A 212 23.08 6.13 34.91
N PRO A 213 22.51 5.76 36.06
CA PRO A 213 22.23 4.34 36.33
C PRO A 213 21.30 3.73 35.29
N TYR A 214 21.54 2.46 34.98
CA TYR A 214 20.75 1.73 34.00
C TYR A 214 19.43 1.22 34.56
N TRP A 215 19.26 1.22 35.88
CA TRP A 215 18.04 0.71 36.50
C TRP A 215 16.96 1.77 36.63
N LEU A 216 17.05 2.84 35.85
CA LEU A 216 15.99 3.84 35.74
C LEU A 216 15.26 3.74 34.40
N MET A 217 15.36 2.61 33.73
CA MET A 217 14.85 2.43 32.38
C MET A 217 13.55 1.64 32.40
N ASN A 218 12.72 1.86 31.38
CA ASN A 218 11.44 1.19 31.26
C ASN A 218 11.57 -0.03 30.36
N SER A 219 10.44 -0.62 29.99
CA SER A 219 10.45 -1.84 29.18
C SER A 219 11.05 -1.60 27.81
N GLU A 220 10.68 -0.50 27.15
CA GLU A 220 11.13 -0.26 25.79
C GLU A 220 12.64 -0.03 25.73
N GLU A 221 13.19 0.73 26.68
CA GLU A 221 14.60 1.07 26.65
C GLU A 221 15.51 -0.08 27.06
N LEU A 222 15.00 -1.04 27.86
CA LEU A 222 15.82 -2.19 28.23
C LEU A 222 15.88 -3.22 27.11
N GLU A 223 14.86 -3.29 26.26
CA GLU A 223 14.82 -4.25 25.17
C GLU A 223 15.48 -3.74 23.90
N THR A 224 15.90 -2.47 23.86
CA THR A 224 16.61 -1.93 22.71
C THR A 224 18.12 -2.05 22.88
N LEU A 225 18.63 -1.86 24.09
CA LEU A 225 20.06 -1.95 24.34
C LEU A 225 20.56 -3.38 24.46
N PHE A 226 19.68 -4.34 24.74
CA PHE A 226 20.09 -5.70 25.06
C PHE A 226 19.57 -6.76 24.12
N ILE A 227 18.30 -6.68 23.72
CA ILE A 227 17.65 -7.72 22.93
C ILE A 227 17.60 -7.28 21.47
N GLU A 228 17.97 -8.17 20.56
CA GLU A 228 17.92 -7.93 19.13
C GLU A 228 16.87 -8.85 18.51
N SER A 229 16.01 -8.29 17.66
CA SER A 229 14.93 -9.04 17.04
C SER A 229 15.45 -9.62 15.72
N ASN A 230 15.77 -10.92 15.74
CA ASN A 230 16.26 -11.62 14.57
C ASN A 230 15.34 -12.73 14.12
N GLU A 231 14.99 -13.64 15.02
CA GLU A 231 14.13 -14.79 14.71
C GLU A 231 12.87 -14.73 15.58
N GLN A 232 12.06 -15.79 15.49
CA GLN A 232 10.84 -15.89 16.29
C GLN A 232 11.10 -16.29 17.74
N ASN A 233 12.34 -16.68 18.07
CA ASN A 233 12.67 -17.06 19.44
C ASN A 233 12.71 -15.86 20.39
N SER A 234 12.67 -14.63 19.86
CA SER A 234 12.72 -13.45 20.71
C SER A 234 11.58 -13.42 21.71
N HIS A 235 10.42 -14.00 21.35
CA HIS A 235 9.31 -14.08 22.28
C HIS A 235 9.70 -14.82 23.56
N ASN A 236 10.55 -15.85 23.44
CA ASN A 236 11.09 -16.49 24.63
C ASN A 236 12.07 -15.58 25.35
N GLN A 237 12.91 -14.86 24.60
CA GLN A 237 13.95 -14.04 25.21
C GLN A 237 13.34 -12.97 26.10
N VAL A 238 12.26 -12.33 25.65
CA VAL A 238 11.54 -11.40 26.51
C VAL A 238 10.90 -12.13 27.68
N SER A 239 10.33 -13.31 27.42
CA SER A 239 9.58 -14.02 28.45
C SER A 239 10.48 -14.41 29.63
N GLN A 240 11.69 -14.88 29.34
CA GLN A 240 12.63 -15.21 30.40
C GLN A 240 13.28 -13.97 31.01
N PHE A 241 13.09 -12.79 30.40
CA PHE A 241 13.70 -11.57 30.90
C PHE A 241 12.76 -10.85 31.87
N LYS A 242 11.54 -10.53 31.41
CA LYS A 242 10.61 -9.74 32.20
C LYS A 242 10.37 -10.36 33.58
N ARG A 243 10.28 -11.69 33.65
CA ARG A 243 10.13 -12.35 34.94
C ARG A 243 11.38 -12.15 35.79
N ALA A 244 12.56 -12.46 35.23
CA ALA A 244 13.77 -12.55 36.04
C ALA A 244 14.05 -11.24 36.77
N VAL A 245 14.05 -10.13 36.01
CA VAL A 245 14.31 -8.82 36.61
C VAL A 245 13.35 -8.57 37.75
N VAL A 246 12.06 -8.88 37.54
CA VAL A 246 11.07 -8.68 38.59
C VAL A 246 11.48 -9.41 39.86
N LEU A 247 11.85 -10.68 39.72
CA LEU A 247 12.31 -11.43 40.88
C LEU A 247 13.49 -10.76 41.54
N ASN A 248 14.46 -10.32 40.72
CA ASN A 248 15.62 -9.63 41.26
C ASN A 248 15.19 -8.33 41.95
N LYS A 249 14.22 -7.63 41.37
CA LYS A 249 13.72 -6.40 41.98
C LYS A 249 13.12 -6.67 43.35
N GLU A 250 12.61 -7.89 43.57
CA GLU A 250 12.08 -8.23 44.89
C GLU A 250 13.19 -8.54 45.88
N LYS A 251 14.33 -9.03 45.40
CA LYS A 251 15.37 -9.49 46.32
C LYS A 251 16.06 -8.33 47.02
N TYR A 252 16.40 -7.28 46.27
CA TYR A 252 17.16 -6.15 46.83
C TYR A 252 16.28 -5.09 47.45
N ASN A 253 14.96 -5.21 47.35
CA ASN A 253 14.02 -4.27 47.96
C ASN A 253 12.94 -5.06 48.71
N PRO A 254 13.28 -5.62 49.87
CA PRO A 254 12.27 -6.37 50.63
C PRO A 254 11.41 -5.48 51.50
N GLU A 255 11.01 -4.32 50.95
CA GLU A 255 10.13 -3.40 51.65
C GLU A 255 9.05 -2.82 50.73
N PHE A 256 8.98 -3.26 49.49
CA PHE A 256 8.03 -2.74 48.51
C PHE A 256 7.08 -3.84 48.08
N LYS A 257 5.82 -3.47 47.84
CA LYS A 257 4.79 -4.39 47.42
C LYS A 257 4.33 -4.19 45.99
N LYS A 258 4.14 -2.94 45.56
CA LYS A 258 3.72 -2.64 44.19
C LYS A 258 4.97 -2.43 43.33
N ILE A 259 5.58 -3.55 42.95
CA ILE A 259 6.78 -3.55 42.11
C ILE A 259 6.39 -4.08 40.74
N THR A 260 6.56 -3.25 39.72
CA THR A 260 6.25 -3.60 38.34
C THR A 260 7.53 -3.68 37.52
N TYR A 261 7.37 -4.02 36.25
CA TYR A 261 8.53 -4.12 35.36
C TYR A 261 9.11 -2.74 35.06
N ASP A 262 8.25 -1.73 34.93
CA ASP A 262 8.69 -0.36 34.69
C ASP A 262 8.77 0.43 36.00
N SER A 263 9.57 -0.10 36.93
CA SER A 263 9.71 0.49 38.25
C SER A 263 11.13 0.99 38.48
N PRO A 264 11.31 2.26 38.81
CA PRO A 264 12.67 2.77 39.05
C PRO A 264 13.26 2.29 40.37
N VAL A 265 13.69 1.03 40.41
CA VAL A 265 14.31 0.43 41.58
C VAL A 265 15.62 -0.22 41.15
N TYR A 266 16.37 -0.71 42.14
CA TYR A 266 17.72 -1.22 41.91
C TYR A 266 17.72 -2.74 41.83
N PHE A 267 18.58 -3.27 40.97
CA PHE A 267 18.81 -4.71 40.87
C PHE A 267 20.19 -4.92 40.24
N ASN A 268 20.49 -6.16 39.88
CA ASN A 268 21.78 -6.54 39.32
C ASN A 268 21.57 -7.20 37.96
N ILE A 269 22.50 -6.94 37.03
CA ILE A 269 22.38 -7.44 35.67
C ILE A 269 23.24 -8.68 35.49
N ASN A 270 24.33 -8.76 36.25
CA ASN A 270 25.18 -9.95 36.18
C ASN A 270 24.45 -11.18 36.70
N GLU A 271 23.63 -11.01 37.74
CA GLU A 271 22.84 -12.13 38.23
C GLU A 271 21.83 -12.61 37.19
N VAL A 272 21.20 -11.68 36.49
CA VAL A 272 20.27 -12.05 35.42
C VAL A 272 21.01 -12.79 34.31
N PHE A 273 22.19 -12.30 33.94
CA PHE A 273 22.99 -12.98 32.92
C PHE A 273 23.34 -14.39 33.36
N ASN A 274 23.75 -14.57 34.62
CA ASN A 274 24.08 -15.90 35.13
C ASN A 274 22.84 -16.80 35.14
N TYR A 275 21.68 -16.24 35.48
CA TYR A 275 20.44 -17.02 35.46
C TYR A 275 20.13 -17.53 34.06
N ILE A 276 20.22 -16.65 33.06
CA ILE A 276 19.97 -17.06 31.68
C ILE A 276 20.99 -18.10 31.23
N TYR A 277 22.27 -17.91 31.61
CA TYR A 277 23.29 -18.88 31.24
C TYR A 277 23.03 -20.24 31.86
N ASN A 278 22.60 -20.26 33.12
CA ASN A 278 22.31 -21.53 33.79
C ASN A 278 21.08 -22.20 33.21
N LEU A 279 20.12 -21.42 32.70
CA LEU A 279 19.00 -22.03 32.00
C LEU A 279 19.46 -22.79 30.77
N ASN A 280 20.41 -22.23 30.02
CA ASN A 280 20.96 -22.85 28.82
C ASN A 280 21.90 -24.00 29.13
N GLU A 281 22.01 -24.39 30.39
CA GLU A 281 22.86 -25.52 30.79
C GLU A 281 22.15 -26.49 31.73
N GLU A 282 21.02 -26.11 32.32
CA GLU A 282 20.33 -26.97 33.26
C GLU A 282 19.79 -28.22 32.55
N VAL A 283 19.80 -29.33 33.28
CA VAL A 283 19.31 -30.61 32.79
C VAL A 283 18.29 -31.13 33.80
N ILE A 284 17.09 -31.44 33.33
CA ILE A 284 16.01 -31.86 34.21
C ILE A 284 16.19 -33.33 34.54
N ASN A 285 16.28 -33.64 35.83
CA ASN A 285 16.49 -35.03 36.26
C ASN A 285 15.23 -35.84 36.01
N LYS A 286 15.40 -37.03 35.42
CA LYS A 286 14.29 -37.92 35.11
C LYS A 286 14.44 -39.29 35.74
N ILE A 287 15.30 -39.40 36.76
CA ILE A 287 15.50 -40.67 37.44
C ILE A 287 14.23 -41.04 38.22
N GLU A 288 13.80 -42.28 38.09
CA GLU A 288 12.60 -42.74 38.78
C GLU A 288 12.80 -42.67 40.29
N GLY A 289 11.75 -42.27 41.00
CA GLY A 289 11.83 -42.13 42.44
C GLY A 289 12.45 -40.85 42.93
N GLU A 290 12.75 -39.91 42.04
CA GLU A 290 13.36 -38.64 42.40
C GLU A 290 12.56 -37.49 41.83
N PRO A 291 12.58 -36.33 42.50
CA PRO A 291 11.85 -35.17 41.98
C PRO A 291 12.46 -34.66 40.68
N SER A 292 11.68 -33.80 40.01
CA SER A 292 12.10 -33.21 38.74
C SER A 292 13.11 -32.09 38.91
N LEU A 293 13.65 -31.89 40.11
CA LEU A 293 14.64 -30.85 40.33
C LEU A 293 15.92 -31.16 39.54
N PRO A 294 16.60 -30.14 39.05
CA PRO A 294 17.83 -30.36 38.26
C PRO A 294 18.88 -31.10 39.08
N LYS A 295 19.64 -31.95 38.40
CA LYS A 295 20.70 -32.74 39.01
C LYS A 295 22.05 -32.20 38.56
N LEU A 296 22.90 -31.86 39.53
CA LEU A 296 24.22 -31.32 39.24
C LEU A 296 25.22 -32.47 39.05
N SER A 297 26.51 -32.14 38.99
CA SER A 297 27.53 -33.17 38.86
C SER A 297 27.56 -34.08 40.09
N ASN A 298 27.41 -33.50 41.28
CA ASN A 298 27.40 -34.27 42.51
C ASN A 298 26.04 -34.91 42.81
N GLY A 299 25.02 -34.63 42.00
CA GLY A 299 23.70 -35.19 42.20
C GLY A 299 22.82 -34.42 43.16
N GLU A 300 23.30 -33.30 43.71
CA GLU A 300 22.48 -32.52 44.62
C GLU A 300 21.30 -31.90 43.88
N LEU A 301 20.13 -31.94 44.52
CA LEU A 301 18.92 -31.40 43.92
C LEU A 301 18.90 -29.88 44.07
N VAL A 302 17.86 -29.25 43.54
CA VAL A 302 17.70 -27.80 43.56
C VAL A 302 16.46 -27.50 44.39
N GLU A 303 16.67 -27.03 45.62
CA GLU A 303 15.55 -26.65 46.47
C GLU A 303 14.83 -25.42 45.92
N ASN A 304 15.58 -24.43 45.46
CA ASN A 304 15.02 -23.21 44.90
C ASN A 304 15.88 -22.75 43.73
N ARG A 305 15.22 -22.21 42.70
CA ARG A 305 15.92 -21.76 41.51
C ARG A 305 16.73 -20.49 41.72
N GLN A 306 16.55 -19.81 42.86
CA GLN A 306 17.28 -18.58 43.12
C GLN A 306 18.78 -18.80 43.20
N ILE A 307 19.22 -20.04 43.41
CA ILE A 307 20.65 -20.34 43.40
C ILE A 307 21.27 -20.06 42.04
N TYR A 308 20.44 -19.98 40.98
CA TYR A 308 20.95 -19.60 39.67
C TYR A 308 21.43 -18.16 39.63
N PHE A 309 21.05 -17.34 40.61
CA PHE A 309 21.44 -15.94 40.67
C PHE A 309 22.76 -15.73 41.41
N ASN A 310 23.59 -16.75 41.53
CA ASN A 310 24.82 -16.64 42.30
C ASN A 310 26.07 -16.96 41.50
N GLU A 311 26.04 -17.99 40.66
CA GLU A 311 27.23 -18.41 39.93
C GLU A 311 26.81 -19.25 38.73
N LYS A 312 27.79 -19.65 37.94
CA LYS A 312 27.56 -20.48 36.75
C LYS A 312 27.68 -21.94 37.16
N LEU A 313 26.55 -22.53 37.54
CA LEU A 313 26.53 -23.91 38.00
C LEU A 313 26.78 -24.87 36.84
N GLU A 314 27.34 -26.03 37.17
CA GLU A 314 27.60 -27.10 36.20
C GLU A 314 26.64 -28.25 36.47
N PHE A 315 26.00 -28.74 35.41
CA PHE A 315 24.99 -29.78 35.51
C PHE A 315 25.52 -31.09 34.93
N THR A 316 24.72 -32.13 35.09
CA THR A 316 25.07 -33.45 34.60
C THR A 316 24.69 -33.61 33.14
N SER A 317 24.91 -34.80 32.60
CA SER A 317 24.61 -35.11 31.20
C SER A 317 23.35 -35.96 31.11
N SER A 318 22.44 -35.57 30.23
CA SER A 318 21.20 -36.30 30.07
C SER A 318 21.46 -37.69 29.48
N ASN A 319 20.67 -38.66 29.92
CA ASN A 319 20.82 -40.04 29.46
C ASN A 319 19.47 -40.74 29.53
N THR A 320 19.35 -41.82 28.75
CA THR A 320 18.14 -42.62 28.74
C THR A 320 18.16 -43.74 29.78
N SER A 321 19.34 -44.19 30.19
CA SER A 321 19.43 -45.24 31.20
C SER A 321 18.93 -44.74 32.54
N LYS A 322 18.25 -45.63 33.28
CA LYS A 322 17.64 -45.24 34.55
C LYS A 322 18.68 -44.84 35.60
N ALA A 323 19.94 -45.24 35.43
CA ALA A 323 20.97 -44.86 36.40
C ALA A 323 21.18 -43.35 36.40
N THR A 324 21.21 -42.72 35.23
CA THR A 324 21.38 -41.27 35.09
C THR A 324 20.34 -40.71 34.14
N LYS A 325 19.09 -41.10 34.35
CA LYS A 325 18.01 -40.67 33.47
C LYS A 325 17.76 -39.18 33.62
N ALA A 326 17.85 -38.45 32.51
CA ALA A 326 17.66 -37.00 32.52
C ALA A 326 17.29 -36.55 31.12
N SER A 327 16.78 -35.32 31.03
CA SER A 327 16.33 -34.75 29.77
C SER A 327 16.74 -33.29 29.69
N ASN A 328 16.70 -32.75 28.48
CA ASN A 328 17.01 -31.35 28.27
C ASN A 328 15.90 -30.47 28.82
N GLY A 329 16.27 -29.29 29.32
CA GLY A 329 15.33 -28.35 29.86
C GLY A 329 14.50 -27.71 28.78
N PRO A 330 13.42 -27.04 29.17
CA PRO A 330 12.55 -26.39 28.16
C PRO A 330 13.25 -25.31 27.37
N PHE A 331 14.30 -24.69 27.91
CA PHE A 331 15.08 -23.68 27.20
C PHE A 331 16.56 -24.02 27.40
N ASN A 332 17.10 -24.84 26.51
CA ASN A 332 18.48 -25.29 26.61
C ASN A 332 19.37 -24.76 25.50
N GLY A 333 18.81 -24.33 24.37
CA GLY A 333 19.61 -23.82 23.28
C GLY A 333 18.98 -22.64 22.58
N GLU A 334 17.99 -22.02 23.22
CA GLU A 334 17.31 -20.86 22.65
C GLU A 334 18.03 -19.55 22.90
N PHE A 335 19.11 -19.56 23.69
CA PHE A 335 19.90 -18.36 23.98
C PHE A 335 21.37 -18.73 23.80
N ASN A 336 21.89 -18.54 22.60
CA ASN A 336 23.29 -18.84 22.28
C ASN A 336 24.10 -17.59 22.00
N ARG A 337 23.67 -16.78 21.02
CA ARG A 337 24.35 -15.52 20.74
C ARG A 337 23.89 -14.40 21.65
N PHE A 338 22.76 -14.56 22.33
CA PHE A 338 22.24 -13.55 23.23
C PHE A 338 23.18 -13.34 24.41
N LEU A 339 23.69 -14.43 24.98
CA LEU A 339 24.66 -14.34 26.06
C LEU A 339 25.94 -13.67 25.58
N SER A 340 26.39 -14.00 24.36
CA SER A 340 27.58 -13.36 23.82
C SER A 340 27.38 -11.86 23.64
N ARG A 341 26.18 -11.45 23.20
CA ARG A 341 25.92 -10.02 23.05
C ARG A 341 25.82 -9.32 24.40
N PHE A 342 25.35 -10.02 25.43
CA PHE A 342 25.50 -9.48 26.79
C PHE A 342 26.97 -9.28 27.14
N GLU A 343 27.80 -10.31 26.91
CA GLU A 343 29.21 -10.19 27.29
C GLU A 343 29.93 -9.12 26.49
N THR A 344 29.45 -8.81 25.28
CA THR A 344 30.06 -7.75 24.50
C THR A 344 29.74 -6.37 25.08
N LYS A 345 28.49 -6.15 25.48
CA LYS A 345 28.06 -4.84 25.97
C LYS A 345 28.40 -4.62 27.44
N LEU A 346 28.73 -5.66 28.20
CA LEU A 346 29.07 -5.52 29.60
C LEU A 346 30.54 -5.19 29.82
N THR A 347 31.34 -5.10 28.75
CA THR A 347 32.75 -4.75 28.85
C THR A 347 33.15 -3.60 27.96
N ASP A 348 32.21 -2.99 27.23
CA ASP A 348 32.55 -1.86 26.35
C ASP A 348 32.81 -0.63 27.21
N LYS A 349 34.01 -0.07 27.09
CA LYS A 349 34.42 1.04 27.95
C LYS A 349 33.68 2.34 27.60
N ARG A 350 33.16 2.47 26.38
CA ARG A 350 32.46 3.69 26.03
C ARG A 350 31.09 3.77 26.69
N LEU A 351 30.49 2.61 27.00
CA LEU A 351 29.22 2.57 27.72
C LEU A 351 29.45 2.44 29.22
N GLU A 352 30.24 3.38 29.75
CA GLU A 352 30.58 3.38 31.16
C GLU A 352 29.65 4.23 32.00
N PHE A 353 29.07 5.29 31.41
CA PHE A 353 28.12 6.13 32.14
C PHE A 353 26.82 5.43 32.45
N LEU A 354 26.52 4.30 31.80
CA LEU A 354 25.31 3.54 32.06
C LEU A 354 25.47 2.57 33.23
N LEU A 355 26.68 2.42 33.77
CA LEU A 355 26.94 1.57 34.93
C LEU A 355 26.61 0.10 34.65
N LEU A 356 26.64 -0.31 33.38
CA LEU A 356 26.47 -1.72 33.04
C LEU A 356 27.62 -2.55 33.61
N ASN A 357 28.84 -2.07 33.45
CA ASN A 357 30.03 -2.70 33.99
C ASN A 357 30.22 -2.30 35.45
N GLN A 358 31.43 -2.48 35.98
CA GLN A 358 31.79 -2.06 37.33
C GLN A 358 31.03 -2.84 38.39
N ASP A 359 31.25 -4.16 38.44
CA ASP A 359 30.87 -4.93 39.62
C ASP A 359 31.70 -4.54 40.84
N VAL A 360 32.80 -3.81 40.64
CA VAL A 360 33.62 -3.36 41.75
C VAL A 360 32.82 -2.41 42.64
N GLU A 361 33.19 -2.37 43.92
CA GLU A 361 32.46 -1.62 44.94
C GLU A 361 32.73 -0.11 44.88
N GLU A 362 33.35 0.39 43.81
CA GLU A 362 33.60 1.83 43.72
C GLU A 362 32.30 2.62 43.70
N ASN A 363 31.32 2.16 42.93
CA ASN A 363 29.99 2.77 42.91
C ASN A 363 28.88 1.74 43.01
N SER A 364 29.17 0.58 43.59
CA SER A 364 28.15 -0.45 43.79
C SER A 364 27.14 -0.08 44.87
N LYS A 365 27.40 0.98 45.63
CA LYS A 365 26.50 1.44 46.68
C LYS A 365 25.42 2.38 46.17
N TYR A 366 25.34 2.59 44.85
CA TYR A 366 24.33 3.48 44.28
C TYR A 366 22.96 2.81 44.30
N ARG A 367 22.42 2.59 45.49
CA ARG A 367 21.10 2.00 45.65
C ARG A 367 20.04 3.09 45.50
N THR A 368 18.80 2.78 45.87
CA THR A 368 17.69 3.70 45.70
C THR A 368 17.69 4.76 46.80
N GLU A 369 18.80 5.50 46.87
CA GLU A 369 18.89 6.66 47.76
C GLU A 369 19.63 7.84 47.14
N HIS A 370 20.05 7.75 45.88
CA HIS A 370 20.66 8.86 45.16
C HIS A 370 19.74 9.42 44.08
N PHE A 371 18.45 9.13 44.16
CA PHE A 371 17.52 9.53 43.10
C PHE A 371 17.27 11.03 43.12
N GLU A 372 17.38 11.68 44.28
CA GLU A 372 17.15 13.11 44.37
C GLU A 372 18.32 13.91 43.80
N ASP A 373 19.55 13.44 44.01
CA ASP A 373 20.72 14.15 43.51
C ASP A 373 20.74 14.18 41.99
N ILE A 374 20.35 13.08 41.34
CA ILE A 374 20.30 13.03 39.88
C ILE A 374 19.32 14.06 39.35
N LEU A 375 18.15 14.17 39.97
CA LEU A 375 17.17 15.15 39.53
C LEU A 375 17.65 16.57 39.75
N LYS A 376 18.26 16.84 40.92
CA LYS A 376 18.75 18.18 41.19
C LYS A 376 19.92 18.56 40.29
N GLN A 377 20.66 17.58 39.78
CA GLN A 377 21.76 17.88 38.87
C GLN A 377 21.26 18.32 37.50
N PHE A 378 20.22 17.66 36.99
CA PHE A 378 19.69 17.97 35.66
C PHE A 378 18.69 19.11 35.66
N MET A 379 18.30 19.62 36.82
CA MET A 379 17.40 20.76 36.90
C MET A 379 18.09 22.04 37.34
N GLY A 380 19.34 21.98 37.77
CA GLY A 380 20.08 23.16 38.12
C GLY A 380 19.84 23.71 39.51
N TYR A 381 19.22 22.93 40.40
CA TYR A 381 18.95 23.39 41.75
C TYR A 381 20.10 23.13 42.71
N LEU A 382 21.18 22.51 42.24
CA LEU A 382 22.45 22.50 42.95
C LEU A 382 23.35 23.55 42.30
N ASP A 383 23.78 24.53 43.09
CA ASP A 383 24.51 25.70 42.57
C ASP A 383 23.68 26.41 41.51
N ARG A 384 22.59 27.01 42.00
CA ARG A 384 21.46 27.48 41.20
C ARG A 384 21.88 28.11 39.87
N SER A 385 21.19 27.70 38.80
CA SER A 385 21.47 28.19 37.46
C SER A 385 20.16 28.28 36.69
N ASN A 386 20.17 29.09 35.63
CA ASN A 386 18.99 29.30 34.80
C ASN A 386 19.04 28.61 33.45
N VAL A 387 20.22 28.20 32.99
CA VAL A 387 20.39 27.51 31.72
C VAL A 387 21.13 26.21 31.99
N SER A 388 20.58 25.09 31.50
CA SER A 388 21.18 23.78 31.66
C SER A 388 21.49 23.21 30.28
N ILE A 389 22.78 23.11 29.95
CA ILE A 389 23.23 22.64 28.64
C ILE A 389 23.68 21.20 28.79
N ILE A 390 23.09 20.30 28.00
CA ILE A 390 23.41 18.88 28.06
C ILE A 390 24.08 18.51 26.76
N ASP A 391 25.35 18.11 26.84
CA ASP A 391 26.17 17.78 25.69
C ASP A 391 26.13 16.29 25.44
N LEU A 392 26.01 15.91 24.17
CA LEU A 392 25.88 14.51 23.76
C LEU A 392 26.79 14.20 22.59
N SER A 393 27.98 14.79 22.57
CA SER A 393 28.91 14.65 21.46
C SER A 393 29.91 13.52 21.65
N GLY A 394 29.88 12.82 22.78
CA GLY A 394 30.77 11.70 23.00
C GLY A 394 30.07 10.36 23.03
N ILE A 395 28.74 10.40 23.00
CA ILE A 395 27.91 9.20 23.05
C ILE A 395 27.93 8.49 21.70
N PRO A 396 28.05 7.16 21.67
CA PRO A 396 27.91 6.44 20.41
C PRO A 396 26.56 6.69 19.77
N PHE A 397 26.54 6.71 18.44
CA PHE A 397 25.36 7.11 17.69
C PHE A 397 24.21 6.11 17.80
N GLU A 398 24.45 4.92 18.33
CA GLU A 398 23.40 3.93 18.49
C GLU A 398 22.75 3.93 19.87
N VAL A 399 23.25 4.74 20.80
CA VAL A 399 22.68 4.79 22.15
C VAL A 399 22.33 6.23 22.51
N LEU A 400 21.96 7.03 21.52
CA LEU A 400 21.65 8.45 21.73
C LEU A 400 20.18 8.70 22.05
N SER A 401 19.27 7.95 21.41
CA SER A 401 17.84 8.17 21.60
C SER A 401 17.41 7.85 23.04
N ILE A 402 17.97 6.79 23.62
CA ILE A 402 17.54 6.32 24.93
C ILE A 402 17.79 7.37 26.00
N THR A 403 18.94 8.06 25.93
CA THR A 403 19.26 9.07 26.93
C THR A 403 18.24 10.22 26.90
N ILE A 404 17.90 10.69 25.70
CA ILE A 404 16.91 11.76 25.56
C ILE A 404 15.57 11.30 26.09
N SER A 405 15.18 10.06 25.76
CA SER A 405 13.91 9.54 26.27
C SER A 405 13.91 9.50 27.79
N LEU A 406 15.01 9.05 28.39
CA LEU A 406 15.10 8.97 29.85
C LEU A 406 14.94 10.34 30.49
N ILE A 407 15.70 11.32 30.02
CA ILE A 407 15.65 12.65 30.64
C ILE A 407 14.26 13.27 30.46
N SER A 408 13.68 13.14 29.26
CA SER A 408 12.36 13.71 29.00
C SER A 408 11.31 13.09 29.92
N ARG A 409 11.32 11.77 30.04
CA ARG A 409 10.33 11.09 30.87
C ARG A 409 10.49 11.47 32.34
N LEU A 410 11.74 11.58 32.81
CA LEU A 410 11.97 11.99 34.20
C LEU A 410 11.39 13.37 34.47
N ILE A 411 11.70 14.34 33.61
CA ILE A 411 11.21 15.70 33.82
C ILE A 411 9.68 15.74 33.76
N PHE A 412 9.08 15.02 32.81
CA PHE A 412 7.63 15.02 32.70
C PHE A 412 6.97 14.41 33.93
N ASP A 413 7.50 13.31 34.45
CA ASP A 413 6.91 12.71 35.65
C ASP A 413 7.02 13.65 36.84
N PHE A 414 8.18 14.30 37.01
CA PHE A 414 8.33 15.25 38.11
C PHE A 414 7.30 16.36 38.00
N ALA A 415 7.16 16.94 36.81
CA ALA A 415 6.20 18.03 36.63
C ALA A 415 4.77 17.57 36.88
N PHE A 416 4.43 16.37 36.42
CA PHE A 416 3.08 15.84 36.60
C PHE A 416 2.73 15.71 38.08
N HIS A 417 3.60 15.04 38.85
CA HIS A 417 3.28 14.82 40.26
C HIS A 417 3.33 16.13 41.05
N TYR A 418 4.27 17.03 40.71
CA TYR A 418 4.29 18.31 41.40
C TYR A 418 3.03 19.12 41.12
N SER A 419 2.54 19.07 39.88
CA SER A 419 1.30 19.77 39.55
C SER A 419 0.12 19.19 40.32
N LYS A 420 0.03 17.86 40.40
CA LYS A 420 -1.07 17.27 41.17
C LYS A 420 -0.92 17.47 42.67
N LEU A 421 0.28 17.80 43.15
CA LEU A 421 0.43 18.10 44.57
C LEU A 421 -0.14 19.45 44.97
N GLN A 422 -0.16 20.42 44.06
CA GLN A 422 -0.62 21.77 44.38
C GLN A 422 -2.09 22.00 44.05
N HIS A 423 -2.79 20.99 43.53
CA HIS A 423 -4.22 21.12 43.31
C HIS A 423 -5.04 20.92 44.57
N GLN A 424 -4.42 20.48 45.67
CA GLN A 424 -5.12 20.42 46.95
C GLN A 424 -5.30 21.80 47.57
N LYS A 425 -4.40 22.74 47.26
CA LYS A 425 -4.49 24.11 47.74
C LYS A 425 -5.09 25.05 46.71
N ASP A 426 -5.61 24.52 45.60
CA ASP A 426 -6.20 25.32 44.52
C ASP A 426 -5.19 26.33 43.98
N GLU A 427 -4.09 25.79 43.44
CA GLU A 427 -3.02 26.62 42.88
C GLU A 427 -2.59 26.01 41.56
N LEU A 428 -1.50 26.55 41.00
CA LEU A 428 -0.96 26.09 39.72
C LEU A 428 0.55 26.00 39.83
N ASN A 429 1.14 25.23 38.91
CA ASN A 429 2.58 25.06 38.88
C ASN A 429 3.28 26.40 38.67
N ASP A 430 4.30 26.65 39.49
CA ASP A 430 5.02 27.92 39.47
C ASP A 430 6.46 27.78 38.99
N ILE A 431 6.86 26.58 38.56
CA ILE A 431 8.21 26.37 38.04
C ILE A 431 8.10 25.69 36.67
N PRO A 432 7.73 26.43 35.63
CA PRO A 432 7.64 25.84 34.30
C PRO A 432 9.01 25.78 33.62
N PHE A 433 9.10 24.92 32.60
CA PHE A 433 10.35 24.67 31.91
C PHE A 433 10.15 24.80 30.40
N MET A 434 11.27 25.07 29.71
CA MET A 434 11.32 25.03 28.26
C MET A 434 12.48 24.14 27.83
N ILE A 435 12.25 23.35 26.78
CA ILE A 435 13.22 22.39 26.26
C ILE A 435 13.57 22.79 24.85
N VAL A 436 14.88 22.91 24.57
CA VAL A 436 15.38 23.32 23.27
C VAL A 436 16.03 22.09 22.62
N CYS A 437 15.42 21.65 21.52
CA CYS A 437 15.89 20.50 20.76
C CYS A 437 16.57 20.99 19.49
N GLU A 438 17.77 20.49 19.23
CA GLU A 438 18.56 20.91 18.09
C GLU A 438 18.85 19.71 17.19
N GLU A 439 18.75 19.92 15.87
CA GLU A 439 18.92 18.86 14.88
C GLU A 439 17.95 17.72 15.15
N ALA A 440 16.66 18.04 15.02
CA ALA A 440 15.60 17.13 15.46
C ALA A 440 15.56 15.84 14.64
N HIS A 441 15.88 15.90 13.35
CA HIS A 441 15.67 14.75 12.49
C HIS A 441 16.60 13.58 12.81
N ASN A 442 17.62 13.78 13.66
CA ASN A 442 18.52 12.68 13.99
C ASN A 442 17.85 11.66 14.91
N TYR A 443 16.97 12.09 15.80
CA TYR A 443 16.36 11.19 16.78
C TYR A 443 14.83 11.13 16.73
N ILE A 444 14.17 12.04 16.02
CA ILE A 444 12.74 11.89 15.75
C ILE A 444 12.48 12.07 14.26
N PRO A 445 12.88 11.12 13.41
CA PRO A 445 12.72 11.28 11.97
C PRO A 445 11.30 10.94 11.53
N ARG A 446 11.09 10.98 10.22
CA ARG A 446 9.76 10.68 9.66
C ARG A 446 9.54 9.18 9.57
N THR A 447 10.38 8.48 8.81
CA THR A 447 10.29 7.04 8.64
C THR A 447 11.41 6.40 9.46
N GLY A 448 11.05 5.85 10.61
CA GLY A 448 12.02 5.25 11.51
C GLY A 448 11.91 3.74 11.60
N GLY A 449 11.77 3.24 12.82
CA GLY A 449 11.68 1.80 13.04
C GLY A 449 11.64 1.44 14.51
N ILE A 450 12.43 0.44 14.90
CA ILE A 450 12.44 0.00 16.29
C ILE A 450 13.44 0.80 17.12
N GLU A 451 14.58 1.20 16.54
CA GLU A 451 15.59 1.94 17.28
C GLU A 451 15.16 3.36 17.63
N PHE A 452 14.10 3.87 17.01
CA PHE A 452 13.60 5.22 17.30
C PHE A 452 12.24 5.19 17.97
N LYS A 453 11.76 4.03 18.40
CA LYS A 453 10.43 3.93 18.99
C LYS A 453 10.39 4.50 20.40
N ALA A 454 11.51 4.46 21.12
CA ALA A 454 11.51 4.92 22.52
C ALA A 454 11.36 6.43 22.61
N ALA A 455 12.02 7.19 21.73
CA ALA A 455 12.02 8.63 21.82
C ALA A 455 10.83 9.28 21.11
N LYS A 456 10.02 8.50 20.39
CA LYS A 456 8.84 9.04 19.72
C LYS A 456 7.58 8.91 20.56
N LYS A 457 7.72 8.50 21.82
CA LYS A 457 6.60 8.43 22.76
C LYS A 457 6.66 9.53 23.81
N SER A 458 7.83 9.78 24.41
CA SER A 458 7.94 10.82 25.43
C SER A 458 7.69 12.20 24.83
N ILE A 459 8.31 12.50 23.69
CA ILE A 459 8.09 13.79 23.04
C ILE A 459 6.64 13.90 22.59
N GLU A 460 6.04 12.80 22.15
CA GLU A 460 4.63 12.82 21.77
C GLU A 460 3.75 13.16 22.97
N ARG A 461 4.05 12.60 24.13
CA ARG A 461 3.30 12.93 25.33
C ARG A 461 3.47 14.39 25.72
N ILE A 462 4.70 14.91 25.60
CA ILE A 462 4.93 16.32 25.89
C ILE A 462 4.30 17.23 24.84
N ALA A 463 3.97 16.69 23.67
CA ALA A 463 3.33 17.49 22.63
C ALA A 463 1.81 17.52 22.77
N LYS A 464 1.19 16.35 22.95
CA LYS A 464 -0.26 16.28 23.12
C LYS A 464 -0.72 16.64 24.53
N GLU A 465 0.21 16.70 25.49
CA GLU A 465 -0.08 17.06 26.87
C GLU A 465 1.06 17.97 27.33
N GLY A 466 1.15 18.20 28.62
CA GLY A 466 2.29 18.94 29.15
C GLY A 466 2.10 20.44 29.15
N ARG A 467 1.27 20.95 28.24
CA ARG A 467 0.94 22.38 28.28
C ARG A 467 0.15 22.73 29.53
N LYS A 468 -0.63 21.78 30.04
CA LYS A 468 -1.37 21.96 31.28
C LYS A 468 -0.57 21.60 32.52
N TYR A 469 0.68 21.14 32.36
CA TYR A 469 1.54 20.82 33.48
C TYR A 469 2.70 21.77 33.65
N GLY A 470 3.06 22.53 32.63
CA GLY A 470 4.14 23.49 32.75
C GLY A 470 5.33 23.23 31.85
N LEU A 471 5.09 22.66 30.67
CA LEU A 471 6.15 22.35 29.73
C LEU A 471 5.84 22.92 28.36
N SER A 472 6.90 23.20 27.60
CA SER A 472 6.79 23.67 26.22
C SER A 472 7.89 23.00 25.41
N LEU A 473 8.07 23.45 24.16
CA LEU A 473 9.06 22.85 23.28
C LEU A 473 9.54 23.88 22.26
N MET A 474 10.71 23.61 21.70
CA MET A 474 11.25 24.40 20.59
C MET A 474 12.01 23.46 19.67
N VAL A 475 11.56 23.32 18.44
CA VAL A 475 12.14 22.39 17.47
C VAL A 475 12.96 23.19 16.47
N VAL A 476 14.24 22.86 16.35
CA VAL A 476 15.16 23.52 15.42
C VAL A 476 15.67 22.49 14.44
N SER A 477 15.52 22.75 13.15
CA SER A 477 15.94 21.81 12.13
C SER A 477 16.20 22.55 10.82
N GLN A 478 16.98 21.92 9.95
CA GLN A 478 17.27 22.44 8.62
C GLN A 478 16.63 21.63 7.51
N ARG A 479 16.00 20.50 7.83
CA ARG A 479 15.26 19.69 6.87
C ARG A 479 13.87 19.44 7.45
N PRO A 480 12.97 20.41 7.35
CA PRO A 480 11.64 20.24 7.94
C PRO A 480 10.83 19.11 7.32
N SER A 481 11.19 18.65 6.13
CA SER A 481 10.44 17.60 5.45
C SER A 481 10.76 16.20 5.98
N GLU A 482 11.76 16.06 6.86
CA GLU A 482 12.13 14.76 7.41
C GLU A 482 11.84 14.64 8.90
N VAL A 483 11.13 15.59 9.48
CA VAL A 483 10.80 15.55 10.90
C VAL A 483 9.39 14.96 11.03
N SER A 484 9.11 14.39 12.20
CA SER A 484 7.82 13.76 12.45
C SER A 484 6.69 14.76 12.28
N ASP A 485 5.64 14.34 11.55
CA ASP A 485 4.53 15.23 11.25
C ASP A 485 3.67 15.50 12.49
N THR A 486 3.51 14.51 13.36
CA THR A 486 2.64 14.69 14.53
C THR A 486 3.17 15.77 15.45
N ILE A 487 4.47 15.75 15.76
CA ILE A 487 5.05 16.73 16.66
C ILE A 487 5.10 18.11 16.01
N LEU A 488 5.49 18.15 14.74
CA LEU A 488 5.69 19.44 14.08
C LEU A 488 4.38 20.16 13.75
N SER A 489 3.27 19.43 13.64
CA SER A 489 2.00 20.05 13.28
C SER A 489 1.28 20.69 14.45
N GLN A 490 1.77 20.50 15.68
CA GLN A 490 1.17 21.07 16.87
C GLN A 490 1.92 22.31 17.36
N CYS A 491 2.52 23.05 16.45
CA CYS A 491 3.30 24.25 16.79
C CYS A 491 2.51 25.49 16.41
N ASN A 492 2.35 26.40 17.36
CA ASN A 492 1.53 27.59 17.16
C ASN A 492 2.34 28.83 16.78
N ASN A 493 3.67 28.78 16.85
CA ASN A 493 4.49 29.90 16.43
C ASN A 493 5.63 29.42 15.54
N PHE A 494 5.97 30.21 14.52
CA PHE A 494 6.96 29.85 13.52
C PHE A 494 7.98 30.96 13.35
N ILE A 495 9.24 30.58 13.15
CA ILE A 495 10.31 31.50 12.75
C ILE A 495 11.04 30.87 11.57
N ASN A 496 10.83 31.44 10.38
CA ASN A 496 11.35 30.88 9.14
C ASN A 496 12.55 31.68 8.66
N LEU A 497 13.55 30.99 8.16
CA LEU A 497 14.75 31.56 7.57
C LEU A 497 14.83 31.16 6.10
N ARG A 498 15.95 31.45 5.47
CA ARG A 498 16.11 31.14 4.05
C ARG A 498 15.95 29.65 3.80
N LEU A 499 15.12 29.30 2.81
CA LEU A 499 14.96 27.93 2.35
C LEU A 499 15.11 27.90 0.84
N THR A 500 15.91 26.95 0.35
CA THR A 500 16.17 26.83 -1.07
C THR A 500 15.68 25.52 -1.67
N ASN A 501 15.17 24.59 -0.88
CA ASN A 501 14.67 23.32 -1.37
C ASN A 501 13.16 23.40 -1.51
N ILE A 502 12.65 22.93 -2.66
CA ILE A 502 11.24 23.08 -2.97
C ILE A 502 10.36 22.27 -2.01
N ASN A 503 10.80 21.06 -1.66
CA ASN A 503 9.99 20.22 -0.79
C ASN A 503 9.78 20.87 0.57
N ASP A 504 10.84 21.47 1.13
CA ASP A 504 10.73 22.13 2.43
C ASP A 504 9.76 23.31 2.36
N GLN A 505 9.83 24.10 1.29
CA GLN A 505 8.91 25.22 1.14
C GLN A 505 7.46 24.74 1.03
N ASN A 506 7.23 23.68 0.26
CA ASN A 506 5.88 23.14 0.13
C ASN A 506 5.34 22.65 1.46
N TYR A 507 6.17 21.90 2.20
CA TYR A 507 5.73 21.38 3.50
C TYR A 507 5.45 22.51 4.48
N ILE A 508 6.28 23.54 4.49
CA ILE A 508 6.05 24.68 5.38
C ILE A 508 4.77 25.41 5.00
N LYS A 509 4.54 25.59 3.69
CA LYS A 509 3.33 26.28 3.25
C LYS A 509 2.08 25.51 3.64
N ASN A 510 2.12 24.18 3.53
CA ASN A 510 0.98 23.38 3.96
C ASN A 510 0.74 23.52 5.47
N LEU A 511 1.80 23.45 6.27
CA LEU A 511 1.69 23.56 7.72
C LEU A 511 2.09 24.98 8.14
N LEU A 512 1.17 25.92 7.94
CA LEU A 512 1.42 27.32 8.26
C LEU A 512 0.08 27.99 8.54
N PRO A 513 -0.32 28.10 9.81
CA PRO A 513 -1.62 28.73 10.15
C PRO A 513 -1.58 30.25 10.06
N ASP A 514 -1.75 30.74 8.84
CA ASP A 514 -1.77 32.18 8.59
C ASP A 514 -2.49 32.43 7.27
N ASN A 515 -2.62 33.71 6.91
CA ASN A 515 -3.21 34.13 5.65
C ASN A 515 -2.16 34.47 4.60
N SER A 516 -0.90 34.12 4.83
CA SER A 516 0.18 34.48 3.93
C SER A 516 -0.01 33.77 2.58
N ARG A 517 -0.10 34.57 1.52
CA ARG A 517 -0.25 34.05 0.17
C ARG A 517 0.93 34.41 -0.73
N SER A 518 1.28 35.69 -0.80
CA SER A 518 2.40 36.14 -1.64
C SER A 518 3.65 36.44 -0.85
N ILE A 519 3.52 36.77 0.44
CA ILE A 519 4.70 37.02 1.28
C ILE A 519 5.43 35.74 1.64
N SER A 520 4.82 34.58 1.39
CA SER A 520 5.44 33.29 1.63
C SER A 520 6.35 32.84 0.49
N GLU A 521 6.38 33.59 -0.62
CA GLU A 521 7.23 33.25 -1.75
C GLU A 521 8.58 33.97 -1.70
N ILE A 522 8.85 34.75 -0.64
CA ILE A 522 10.11 35.47 -0.52
C ILE A 522 11.17 34.65 0.22
N LEU A 523 10.84 33.44 0.66
CA LEU A 523 11.82 32.59 1.35
C LEU A 523 13.07 32.32 0.52
N PRO A 524 13.00 31.94 -0.76
CA PRO A 524 14.23 31.66 -1.51
C PRO A 524 15.09 32.87 -1.79
N THR A 525 14.66 34.09 -1.41
CA THR A 525 15.44 35.29 -1.67
C THR A 525 15.84 36.03 -0.40
N LEU A 526 15.54 35.48 0.77
CA LEU A 526 15.87 36.15 2.02
C LEU A 526 17.38 36.19 2.23
N GLY A 527 17.84 37.26 2.86
CA GLY A 527 19.25 37.48 3.11
C GLY A 527 19.70 36.97 4.46
N ALA A 528 20.72 37.61 5.01
CA ALA A 528 21.29 37.23 6.29
C ALA A 528 20.73 38.14 7.39
N GLY A 529 20.22 37.52 8.45
CA GLY A 529 19.66 38.26 9.56
C GLY A 529 18.19 38.61 9.43
N GLU A 530 17.52 38.15 8.38
CA GLU A 530 16.11 38.44 8.15
C GLU A 530 15.28 37.19 8.37
N CYS A 531 14.17 37.34 9.09
CA CYS A 531 13.28 36.23 9.40
C CYS A 531 11.84 36.62 9.13
N LEU A 532 11.01 35.63 8.88
CA LEU A 532 9.57 35.80 8.65
C LEU A 532 8.82 35.32 9.87
N VAL A 533 8.03 36.20 10.47
CA VAL A 533 7.29 35.91 11.69
C VAL A 533 5.81 35.78 11.36
N VAL A 534 5.25 34.63 11.69
CA VAL A 534 3.83 34.32 11.53
C VAL A 534 3.37 33.57 12.76
N GLY A 535 2.14 33.83 13.19
CA GLY A 535 1.59 33.10 14.33
C GLY A 535 0.53 33.93 15.05
N ASP A 536 0.15 33.41 16.22
CA ASP A 536 -0.90 34.05 17.00
C ASP A 536 -0.40 35.29 17.72
N SER A 537 0.85 35.26 18.22
CA SER A 537 1.37 36.38 18.99
C SER A 537 1.46 37.65 18.14
N THR A 538 1.93 37.53 16.91
CA THR A 538 2.02 38.69 16.04
C THR A 538 0.64 39.04 15.48
N PRO A 539 0.30 40.34 15.43
CA PRO A 539 -0.96 40.73 14.79
C PRO A 539 -0.96 40.51 13.29
N ILE A 540 0.14 40.82 12.62
CA ILE A 540 0.26 40.65 11.18
C ILE A 540 1.55 39.86 10.89
N PRO A 541 1.54 38.96 9.91
CA PRO A 541 2.81 38.37 9.47
C PRO A 541 3.76 39.44 8.97
N SER A 542 5.05 39.29 9.30
CA SER A 542 5.98 40.36 8.99
C SER A 542 7.39 39.81 8.77
N ILE A 543 8.29 40.70 8.37
CA ILE A 543 9.70 40.39 8.15
C ILE A 543 10.53 41.25 9.09
N VAL A 544 11.39 40.61 9.88
CA VAL A 544 12.14 41.27 10.94
C VAL A 544 13.62 41.04 10.72
N LYS A 545 14.40 42.11 10.87
CA LYS A 545 15.87 42.05 10.81
C LYS A 545 16.40 41.97 12.24
N LEU A 546 17.15 40.90 12.52
CA LEU A 546 17.69 40.65 13.84
C LEU A 546 19.13 41.15 13.95
N GLU A 547 19.56 41.36 15.19
CA GLU A 547 20.92 41.83 15.47
C GLU A 547 21.81 40.63 15.77
N LEU A 548 23.05 40.91 16.20
CA LEU A 548 23.94 39.79 16.47
C LEU A 548 24.09 39.56 17.98
N PRO A 549 24.18 38.31 18.41
CA PRO A 549 24.36 38.03 19.84
C PRO A 549 25.75 38.39 20.31
N ASN A 550 25.86 38.60 21.62
CA ASN A 550 27.12 38.93 22.27
C ASN A 550 27.16 38.29 23.65
N PRO A 551 27.99 37.25 23.86
CA PRO A 551 28.93 36.60 22.93
C PRO A 551 28.26 35.79 21.83
N GLU A 552 29.06 35.25 20.92
CA GLU A 552 28.59 34.54 19.74
C GLU A 552 28.92 33.06 19.83
N PRO A 553 27.99 32.18 19.48
CA PRO A 553 28.28 30.74 19.52
C PRO A 553 29.27 30.36 18.43
N ARG A 554 30.24 29.51 18.79
CA ARG A 554 31.28 29.07 17.88
C ARG A 554 31.65 27.63 18.20
N SER A 555 31.84 26.84 17.15
CA SER A 555 32.19 25.43 17.28
C SER A 555 33.69 25.23 17.05
N GLN A 556 34.23 24.18 17.65
CA GLN A 556 35.65 23.85 17.52
C GLN A 556 35.79 22.67 16.56
N SER A 557 36.57 22.88 15.50
CA SER A 557 36.83 21.84 14.52
C SER A 557 38.20 22.07 13.89
N ILE A 558 38.77 21.01 13.33
CA ILE A 558 40.09 21.07 12.72
C ILE A 558 39.94 21.36 11.24
N LYS A 559 40.79 22.26 10.73
CA LYS A 559 40.77 22.68 9.33
C LYS A 559 41.76 21.81 8.55
N PHE A 560 41.25 21.07 7.57
CA PHE A 560 42.11 20.10 6.88
C PHE A 560 43.11 20.81 5.96
N HIS A 561 42.70 21.89 5.31
CA HIS A 561 43.60 22.56 4.38
C HIS A 561 44.77 23.21 5.10
N LYS A 562 44.50 23.93 6.19
CA LYS A 562 45.55 24.61 6.93
C LYS A 562 46.56 23.62 7.51
N LYS A 563 46.07 22.51 8.06
CA LYS A 563 46.97 21.49 8.59
C LYS A 563 47.64 20.68 7.48
N TRP A 564 47.06 20.66 6.29
CA TRP A 564 47.67 20.00 5.14
C TRP A 564 48.72 20.87 4.47
N SER A 565 48.74 22.18 4.77
CA SER A 565 49.72 23.10 4.20
C SER A 565 50.90 23.35 5.14
N GLU A 566 51.33 22.33 5.88
CA GLU A 566 52.46 22.44 6.79
C GLU A 566 53.49 21.36 6.47
N SER A 567 54.50 21.23 7.33
CA SER A 567 55.57 20.28 7.14
C SER A 567 55.16 18.89 7.61
N TRP A 568 55.98 17.90 7.26
CA TRP A 568 55.72 16.52 7.64
C TRP A 568 55.73 16.36 9.16
N ARG A 569 54.75 15.62 9.67
CA ARG A 569 54.61 15.40 11.11
C ARG A 569 54.52 13.91 11.38
N THR A 570 55.18 13.48 12.47
CA THR A 570 55.22 12.08 12.86
C THR A 570 54.48 11.88 14.18
N PRO A 571 53.45 11.04 14.22
CA PRO A 571 52.79 10.74 15.50
C PRO A 571 53.67 9.91 16.42
N SER A 572 53.14 9.57 17.60
CA SER A 572 53.82 8.71 18.55
C SER A 572 53.04 7.40 18.62
N PHE A 573 53.44 6.44 17.78
CA PHE A 573 52.70 5.19 17.69
C PHE A 573 52.82 4.36 18.96
N GLU A 574 53.90 4.53 19.72
CA GLU A 574 54.07 3.76 20.95
C GLU A 574 53.01 4.15 21.99
N GLU A 575 52.69 5.44 22.08
CA GLU A 575 51.72 5.89 23.08
C GLU A 575 50.29 5.54 22.68
N VAL A 576 50.00 5.43 21.38
CA VAL A 576 48.64 5.15 20.93
C VAL A 576 48.32 3.66 20.94
N ILE A 577 49.29 2.80 21.23
CA ILE A 577 49.02 1.37 21.41
C ILE A 577 49.01 0.96 22.87
N MET A 578 49.61 1.75 23.77
CA MET A 578 49.45 1.50 25.20
C MET A 578 48.03 1.81 25.65
N ARG A 579 47.49 2.96 25.22
CA ARG A 579 46.09 3.28 25.50
C ARG A 579 45.15 2.34 24.78
N TRP A 580 45.48 1.98 23.54
CA TRP A 580 44.65 1.06 22.77
C TRP A 580 44.49 -0.27 23.50
N ARG A 581 45.59 -0.81 24.02
CA ARG A 581 45.60 -2.09 24.73
C ARG A 581 45.92 -1.81 26.19
N LYS A 582 44.89 -1.52 26.97
CA LYS A 582 45.03 -1.33 28.42
C LYS A 582 44.68 -2.66 29.10
N GLU A 583 45.66 -3.56 29.09
CA GLU A 583 45.47 -4.93 29.57
C GLU A 583 44.28 -5.59 28.86
N ASN A 584 44.29 -5.50 27.54
CA ASN A 584 43.25 -6.01 26.65
C ASN A 584 42.01 -5.15 26.74
N GLY A 585 41.39 -4.86 25.59
CA GLY A 585 40.22 -4.01 25.55
C GLY A 585 40.31 -2.90 24.53
N MET B 1 19.50 54.86 -18.62
CA MET B 1 20.74 55.63 -18.62
C MET B 1 21.80 54.98 -19.49
N LYS B 2 22.28 53.81 -19.06
CA LYS B 2 23.30 53.09 -19.84
C LYS B 2 22.67 52.32 -20.99
N ILE B 3 21.80 51.37 -20.68
CA ILE B 3 21.14 50.58 -21.72
C ILE B 3 19.63 50.63 -21.66
N GLY B 4 19.01 50.91 -20.51
CA GLY B 4 17.56 50.94 -20.46
C GLY B 4 17.07 51.16 -19.04
N SER B 5 15.77 50.97 -18.87
CA SER B 5 15.11 51.20 -17.60
C SER B 5 14.15 50.05 -17.30
N VAL B 6 13.86 49.86 -16.01
CA VAL B 6 12.98 48.78 -15.59
C VAL B 6 11.55 49.09 -15.98
N ILE B 7 10.86 48.10 -16.53
CA ILE B 7 9.49 48.28 -16.98
C ILE B 7 8.49 47.44 -16.19
N GLU B 8 8.91 46.43 -15.45
CA GLU B 8 7.97 45.68 -14.62
C GLU B 8 8.70 45.01 -13.47
N SER B 9 8.14 45.11 -12.26
CA SER B 9 8.72 44.52 -11.06
C SER B 9 7.73 43.56 -10.42
N SER B 10 8.24 42.41 -9.99
CA SER B 10 7.42 41.37 -9.37
C SER B 10 8.34 40.45 -8.59
N PRO B 11 7.82 39.72 -7.61
CA PRO B 11 8.68 38.78 -6.86
C PRO B 11 9.23 37.64 -7.71
N HIS B 12 8.63 37.35 -8.86
CA HIS B 12 9.08 36.24 -9.70
C HIS B 12 10.22 36.66 -10.63
N SER B 13 9.98 37.69 -11.45
CA SER B 13 10.99 38.14 -12.40
C SER B 13 10.83 39.64 -12.62
N ILE B 14 11.88 40.25 -13.17
CA ILE B 14 11.90 41.67 -13.47
C ILE B 14 12.04 41.85 -14.97
N LEU B 15 11.16 42.67 -15.55
CA LEU B 15 11.16 42.93 -16.99
C LEU B 15 11.78 44.29 -17.26
N VAL B 16 12.79 44.30 -18.14
CA VAL B 16 13.58 45.49 -18.44
C VAL B 16 13.47 45.78 -19.94
N LYS B 17 13.41 47.05 -20.29
CA LYS B 17 13.26 47.49 -21.68
C LYS B 17 14.53 48.22 -22.12
N ILE B 18 14.98 47.92 -23.34
CA ILE B 18 16.15 48.56 -23.93
C ILE B 18 15.67 49.44 -25.09
N ASP B 19 16.15 50.68 -25.12
CA ASP B 19 15.75 51.65 -26.12
C ASP B 19 16.85 51.80 -27.18
N THR B 20 16.42 52.04 -28.42
CA THR B 20 17.29 52.32 -29.57
C THR B 20 18.05 51.08 -30.02
N LEU B 21 18.18 50.91 -31.34
CA LEU B 21 18.90 49.77 -31.88
C LEU B 21 20.41 49.95 -31.79
N LYS B 22 20.89 51.20 -31.82
CA LYS B 22 22.32 51.45 -31.77
C LYS B 22 22.93 50.98 -30.46
N ILE B 23 22.24 51.21 -29.34
CA ILE B 23 22.73 50.75 -28.05
C ILE B 23 22.83 49.23 -28.03
N PHE B 24 21.81 48.55 -28.55
CA PHE B 24 21.84 47.09 -28.61
C PHE B 24 22.98 46.59 -29.48
N GLU B 25 23.22 47.24 -30.62
CA GLU B 25 24.31 46.84 -31.50
C GLU B 25 25.66 47.02 -30.82
N LYS B 26 25.86 48.14 -30.12
CA LYS B 26 27.13 48.37 -29.44
C LYS B 26 27.31 47.48 -28.23
N ALA B 27 26.22 47.02 -27.61
CA ALA B 27 26.30 46.17 -26.42
C ALA B 27 25.63 44.82 -26.66
N LYS B 28 25.89 44.22 -27.82
CA LYS B 28 25.29 42.94 -28.17
C LYS B 28 26.08 41.75 -27.62
N SER B 29 27.41 41.85 -27.58
CA SER B 29 28.23 40.75 -27.10
C SER B 29 28.10 40.55 -25.59
N ALA B 30 27.62 41.55 -24.86
CA ALA B 30 27.46 41.46 -23.42
C ALA B 30 26.02 41.17 -23.00
N LEU B 31 25.14 40.90 -23.95
CA LEU B 31 23.73 40.60 -23.67
C LEU B 31 23.43 39.21 -24.21
N GLN B 32 23.69 38.19 -23.39
CA GLN B 32 23.42 36.81 -23.75
C GLN B 32 22.86 36.09 -22.52
N ILE B 33 22.18 34.97 -22.78
CA ILE B 33 21.56 34.20 -21.71
C ILE B 33 22.64 33.63 -20.80
N GLY B 34 22.67 34.10 -19.56
CA GLY B 34 23.65 33.68 -18.57
C GLY B 34 24.52 34.81 -18.05
N LYS B 35 24.71 35.85 -18.86
CA LYS B 35 25.55 36.97 -18.47
C LYS B 35 24.86 37.82 -17.39
N TYR B 36 25.65 38.63 -16.71
CA TYR B 36 25.20 39.38 -15.55
C TYR B 36 24.96 40.85 -15.87
N LEU B 37 23.99 41.44 -15.19
CA LEU B 37 23.64 42.85 -15.32
C LEU B 37 23.52 43.45 -13.92
N LYS B 38 23.54 44.79 -13.85
CA LYS B 38 23.49 45.49 -12.58
C LYS B 38 22.34 46.49 -12.61
N ILE B 39 21.61 46.60 -11.50
CA ILE B 39 20.50 47.54 -11.38
C ILE B 39 20.71 48.43 -10.17
N GLN B 40 20.53 49.72 -10.35
CA GLN B 40 20.64 50.67 -9.25
C GLN B 40 19.44 50.56 -8.32
N GLU B 41 19.66 50.83 -7.04
CA GLU B 41 18.61 50.81 -6.04
C GLU B 41 19.04 51.65 -4.85
N GLY B 42 18.10 52.40 -4.29
CA GLY B 42 18.44 53.29 -3.19
C GLY B 42 19.35 54.42 -3.66
N ASN B 43 20.22 54.86 -2.75
CA ASN B 43 21.19 55.90 -3.04
C ASN B 43 22.51 55.35 -3.58
N HIS B 44 23.02 54.27 -2.98
CA HIS B 44 24.27 53.69 -3.42
C HIS B 44 24.21 52.16 -3.49
N ASN B 45 23.02 51.58 -3.60
CA ASN B 45 22.88 50.14 -3.62
C ASN B 45 22.84 49.61 -5.05
N PHE B 46 23.42 48.44 -5.27
CA PHE B 46 23.42 47.82 -6.58
C PHE B 46 23.03 46.35 -6.44
N VAL B 47 22.17 45.89 -7.36
CA VAL B 47 21.65 44.53 -7.35
C VAL B 47 22.16 43.81 -8.59
N LEU B 48 22.68 42.60 -8.40
CA LEU B 48 23.21 41.80 -9.49
C LEU B 48 22.14 40.84 -9.99
N CYS B 49 21.94 40.80 -11.30
CA CYS B 49 20.88 40.02 -11.91
C CYS B 49 21.44 39.17 -13.06
N VAL B 50 20.75 38.08 -13.35
CA VAL B 50 21.13 37.15 -14.41
C VAL B 50 20.04 37.12 -15.46
N ILE B 51 20.45 37.10 -16.73
CA ILE B 51 19.51 37.16 -17.85
C ILE B 51 18.94 35.77 -18.10
N GLN B 52 17.65 35.72 -18.44
CA GLN B 52 16.99 34.45 -18.69
C GLN B 52 16.31 34.39 -20.05
N ASN B 53 15.79 35.53 -20.53
CA ASN B 53 15.03 35.54 -21.76
C ASN B 53 15.12 36.90 -22.43
N ILE B 54 15.25 36.90 -23.76
CA ILE B 54 15.33 38.09 -24.58
C ILE B 54 14.28 37.99 -25.67
N LYS B 55 13.61 39.11 -25.96
CA LYS B 55 12.60 39.13 -27.01
C LYS B 55 12.55 40.51 -27.65
N ILE B 56 11.97 40.57 -28.84
CA ILE B 56 11.81 41.81 -29.61
C ILE B 56 10.35 41.98 -29.97
N SER B 57 9.85 43.21 -29.86
CA SER B 57 8.47 43.52 -30.16
C SER B 57 8.41 44.78 -31.02
N THR B 58 7.29 44.93 -31.74
CA THR B 58 7.07 46.06 -32.62
C THR B 58 5.92 46.91 -32.08
N ASP B 59 6.18 48.20 -31.91
CA ASP B 59 5.17 49.13 -31.43
C ASP B 59 5.47 50.52 -31.97
N LYS B 60 4.44 51.18 -32.50
CA LYS B 60 4.56 52.51 -33.09
C LYS B 60 5.65 52.56 -34.16
N ASP B 61 5.70 51.49 -34.97
CA ASP B 61 6.71 51.33 -36.02
C ASP B 61 8.12 51.41 -35.47
N GLU B 62 8.32 50.91 -34.24
CA GLU B 62 9.62 50.90 -33.60
C GLU B 62 9.87 49.55 -32.96
N ASP B 63 11.14 49.18 -32.85
CA ASP B 63 11.56 47.92 -32.27
C ASP B 63 11.95 48.12 -30.82
N ILE B 64 11.39 47.31 -29.93
CA ILE B 64 11.65 47.39 -28.50
C ILE B 64 12.16 46.03 -28.03
N PHE B 65 13.28 46.03 -27.32
CA PHE B 65 13.88 44.82 -26.80
C PHE B 65 13.52 44.67 -25.33
N ILE B 66 13.02 43.49 -24.97
CA ILE B 66 12.54 43.20 -23.62
C ILE B 66 13.33 42.03 -23.06
N LEU B 67 13.83 42.20 -21.84
CA LEU B 67 14.65 41.19 -21.17
C LEU B 67 14.02 40.81 -19.84
N THR B 68 14.18 39.55 -19.47
CA THR B 68 13.73 39.04 -18.18
C THR B 68 14.94 38.70 -17.32
N VAL B 69 14.98 39.26 -16.10
CA VAL B 69 16.12 39.12 -15.21
C VAL B 69 15.63 38.68 -13.83
N GLN B 70 16.53 38.01 -13.10
CA GLN B 70 16.27 37.52 -11.75
C GLN B 70 17.48 37.84 -10.88
N PRO B 71 17.29 38.50 -9.73
CA PRO B 71 18.43 38.91 -8.93
C PRO B 71 19.06 37.77 -8.14
N VAL B 72 20.34 37.94 -7.83
CA VAL B 72 21.09 36.94 -7.07
C VAL B 72 21.82 37.51 -5.87
N GLY B 73 22.04 38.81 -5.77
CA GLY B 73 22.78 39.35 -4.65
C GLY B 73 22.89 40.85 -4.73
N ILE B 74 23.51 41.43 -3.70
CA ILE B 74 23.62 42.87 -3.54
C ILE B 74 25.08 43.25 -3.29
N PHE B 75 25.41 44.47 -3.67
CA PHE B 75 26.74 45.05 -3.47
C PHE B 75 26.63 46.17 -2.42
N LYS B 76 27.14 45.91 -1.22
CA LYS B 76 27.21 46.95 -0.18
C LYS B 76 28.60 47.58 -0.16
N GLY B 77 28.93 48.27 -1.26
CA GLY B 77 30.24 48.89 -1.38
C GLY B 77 31.19 48.10 -2.25
N GLU B 78 32.12 47.39 -1.62
CA GLU B 78 33.11 46.58 -2.32
C GLU B 78 33.04 45.13 -1.86
N GLU B 79 31.82 44.63 -1.64
CA GLU B 79 31.63 43.26 -1.19
C GLU B 79 30.27 42.76 -1.68
N PHE B 80 30.15 41.43 -1.73
CA PHE B 80 28.97 40.75 -2.26
C PHE B 80 28.22 40.08 -1.12
N PHE B 81 26.90 40.28 -1.09
CA PHE B 81 26.05 39.64 -0.09
C PHE B 81 24.91 38.93 -0.78
N GLN B 82 24.68 37.66 -0.39
CA GLN B 82 23.57 36.90 -0.94
C GLN B 82 22.24 37.40 -0.39
N GLY B 83 21.22 37.37 -1.23
CA GLY B 83 19.90 37.81 -0.82
C GLY B 83 19.74 39.31 -0.86
N ASN B 84 18.59 39.79 -1.35
CA ASN B 84 18.33 41.21 -1.46
C ASN B 84 17.14 41.66 -0.62
N SER B 85 15.98 41.00 -0.77
CA SER B 85 14.74 41.35 -0.08
C SER B 85 14.30 42.78 -0.34
N MET B 86 14.80 43.40 -1.41
CA MET B 86 14.43 44.76 -1.81
C MET B 86 14.40 44.80 -3.33
N LEU B 87 13.19 44.77 -3.91
CA LEU B 87 13.16 44.73 -5.37
C LEU B 87 13.04 46.13 -5.94
N PRO B 88 13.66 46.37 -7.09
CA PRO B 88 13.60 47.71 -7.70
C PRO B 88 12.21 48.07 -8.17
N SER B 89 11.93 49.37 -8.15
CA SER B 89 10.68 49.94 -8.63
C SER B 89 10.78 50.28 -10.11
N PRO B 90 9.65 50.44 -10.80
CA PRO B 90 9.70 50.80 -12.21
C PRO B 90 10.39 52.13 -12.45
N THR B 91 10.80 52.35 -13.71
CA THR B 91 11.54 53.54 -14.13
C THR B 91 12.84 53.70 -13.34
N GLU B 92 13.72 52.72 -13.52
CA GLU B 92 15.00 52.69 -12.81
C GLU B 92 16.09 52.18 -13.75
N PRO B 93 17.24 52.86 -13.81
CA PRO B 93 18.26 52.52 -14.80
C PRO B 93 18.88 51.14 -14.55
N VAL B 94 19.37 50.55 -15.64
CA VAL B 94 20.07 49.27 -15.63
C VAL B 94 21.39 49.43 -16.37
N PHE B 95 22.49 49.08 -15.70
CA PHE B 95 23.83 49.15 -16.27
C PHE B 95 24.39 47.76 -16.49
N LEU B 96 25.52 47.69 -17.18
CA LEU B 96 26.20 46.44 -17.46
C LEU B 96 27.40 46.27 -16.53
N VAL B 97 27.72 45.01 -16.23
CA VAL B 97 28.77 44.68 -15.29
C VAL B 97 30.08 44.44 -16.04
N GLU B 98 31.19 44.67 -15.36
CA GLU B 98 32.52 44.53 -15.94
C GLU B 98 33.17 43.22 -15.47
N ASP B 99 34.24 42.84 -16.14
CA ASP B 99 35.00 41.65 -15.78
C ASP B 99 36.03 41.92 -14.68
N ASP B 100 36.29 43.18 -14.34
CA ASP B 100 37.21 43.49 -13.26
C ASP B 100 36.59 43.27 -11.89
N ILE B 101 35.27 43.41 -11.76
CA ILE B 101 34.62 43.20 -10.47
C ILE B 101 34.13 41.76 -10.31
N LEU B 102 34.04 40.99 -11.40
CA LEU B 102 33.63 39.60 -11.29
C LEU B 102 34.69 38.74 -10.61
N ASN B 103 35.97 39.07 -10.81
CA ASN B 103 37.03 38.33 -10.14
C ASN B 103 37.08 38.60 -8.65
N LYS B 104 36.57 39.75 -8.20
CA LYS B 104 36.54 40.06 -6.77
C LYS B 104 35.50 39.24 -6.01
N ILE B 105 34.61 38.55 -6.70
CA ILE B 105 33.61 37.71 -6.06
C ILE B 105 34.05 36.24 -6.03
N PHE B 106 34.60 35.75 -7.13
CA PHE B 106 34.97 34.34 -7.25
C PHE B 106 36.41 34.07 -6.84
N SER B 107 37.14 35.08 -6.36
CA SER B 107 38.53 34.89 -5.96
C SER B 107 38.80 35.81 -4.76
N ASN B 108 38.72 35.25 -3.56
CA ASN B 108 38.99 35.99 -2.33
C ASN B 108 40.22 35.41 -1.66
N GLU B 109 41.16 36.29 -1.31
CA GLU B 109 42.40 35.84 -0.67
C GLU B 109 42.16 35.37 0.76
N LYS B 110 41.09 35.82 1.40
CA LYS B 110 40.82 35.46 2.79
C LYS B 110 40.54 33.97 2.92
N THR B 111 40.79 33.44 4.12
CA THR B 111 40.61 32.03 4.48
C THR B 111 41.54 31.22 3.56
N LYS B 112 41.03 30.30 2.75
CA LYS B 112 41.86 29.50 1.87
C LYS B 112 41.36 29.61 0.44
N ILE B 113 42.28 29.45 -0.51
CA ILE B 113 41.98 29.53 -1.94
C ILE B 113 42.33 28.19 -2.57
N PHE B 114 41.40 27.65 -3.36
CA PHE B 114 41.59 26.39 -4.06
C PHE B 114 41.15 26.60 -5.51
N HIS B 115 42.11 26.68 -6.43
CA HIS B 115 41.80 26.92 -7.83
C HIS B 115 41.14 25.70 -8.44
N LEU B 116 40.06 25.91 -9.20
CA LEU B 116 39.36 24.80 -9.82
C LEU B 116 39.30 24.88 -11.34
N GLY B 117 39.12 26.07 -11.89
CA GLY B 117 39.04 26.21 -13.34
C GLY B 117 38.58 27.61 -13.72
N ASN B 118 38.10 27.71 -14.95
CA ASN B 118 37.59 28.97 -15.49
C ASN B 118 36.10 28.85 -15.78
N LEU B 119 35.41 29.98 -15.69
CA LEU B 119 33.98 30.01 -15.95
C LEU B 119 33.70 29.64 -17.40
N ALA B 120 32.65 28.83 -17.60
CA ALA B 120 32.33 28.34 -18.94
C ALA B 120 31.87 29.48 -19.84
N GLN B 121 30.99 30.35 -19.33
CA GLN B 121 30.47 31.43 -20.15
C GLN B 121 31.52 32.52 -20.40
N ASN B 122 32.42 32.73 -19.45
CA ASN B 122 33.46 33.75 -19.56
C ASN B 122 34.77 33.12 -19.10
N GLU B 123 35.63 32.78 -20.06
CA GLU B 123 36.88 32.10 -19.75
C GLU B 123 37.96 33.05 -19.23
N GLU B 124 37.66 34.33 -19.05
CA GLU B 124 38.60 35.29 -18.50
C GLU B 124 38.47 35.45 -16.99
N VAL B 125 37.59 34.68 -16.35
CA VAL B 125 37.34 34.78 -14.91
C VAL B 125 37.68 33.44 -14.28
N SER B 126 38.52 33.47 -13.26
CA SER B 126 38.95 32.26 -12.57
C SER B 126 37.92 31.83 -11.52
N PHE B 127 37.96 30.54 -11.19
CA PHE B 127 37.05 29.96 -10.20
C PHE B 127 37.87 29.39 -9.05
N THR B 128 37.56 29.85 -7.83
CA THR B 128 38.23 29.41 -6.62
C THR B 128 37.20 28.99 -5.59
N LEU B 129 37.56 27.97 -4.79
CA LEU B 129 36.71 27.45 -3.74
C LEU B 129 37.45 27.48 -2.41
N ASP B 130 36.68 27.65 -1.33
CA ASP B 130 37.25 27.59 0.00
C ASP B 130 37.68 26.17 0.32
N GLY B 131 38.86 26.03 0.91
CA GLY B 131 39.41 24.72 1.19
C GLY B 131 39.06 24.16 2.55
N ASP B 132 38.76 25.04 3.50
CA ASP B 132 38.41 24.59 4.84
C ASP B 132 36.95 24.16 4.96
N LYS B 133 36.11 24.48 3.97
CA LYS B 133 34.72 24.06 3.96
C LYS B 133 34.46 22.92 2.98
N PHE B 134 35.37 22.69 2.03
CA PHE B 134 35.19 21.66 1.01
C PHE B 134 35.81 20.33 1.45
N PHE B 135 37.06 20.34 1.89
CA PHE B 135 37.78 19.12 2.23
C PHE B 135 37.61 18.71 3.69
N SER B 136 36.97 19.54 4.51
CA SER B 136 36.72 19.19 5.90
C SER B 136 35.38 18.50 6.11
N LYS B 137 34.61 18.28 5.05
CA LYS B 137 33.33 17.59 5.15
C LYS B 137 33.22 16.52 4.06
N HIS B 138 32.06 15.91 3.95
CA HIS B 138 31.85 14.81 3.02
C HIS B 138 31.53 15.35 1.63
N VAL B 139 32.06 14.69 0.60
CA VAL B 139 31.85 15.13 -0.78
C VAL B 139 31.38 13.97 -1.63
N ALA B 140 30.65 14.30 -2.69
CA ALA B 140 30.07 13.31 -3.61
C ALA B 140 30.34 13.71 -5.05
N VAL B 141 30.79 12.77 -5.86
CA VAL B 141 31.05 12.97 -7.28
C VAL B 141 30.22 11.95 -8.06
N VAL B 142 29.24 12.44 -8.81
CA VAL B 142 28.31 11.61 -9.57
C VAL B 142 28.27 12.11 -11.01
N GLY B 143 28.26 11.17 -11.95
CA GLY B 143 28.26 11.53 -13.35
C GLY B 143 27.73 10.39 -14.20
N SER B 144 27.97 10.50 -15.51
CA SER B 144 27.53 9.51 -16.48
C SER B 144 28.73 8.88 -17.16
N THR B 145 28.44 7.84 -17.94
CA THR B 145 29.50 7.12 -18.66
C THR B 145 30.09 8.00 -19.75
N GLY B 146 31.41 7.99 -19.84
CA GLY B 146 32.09 8.79 -20.85
C GLY B 146 31.92 10.29 -20.66
N SER B 147 32.02 10.76 -19.41
CA SER B 147 31.86 12.18 -19.11
C SER B 147 33.11 12.83 -18.56
N GLY B 148 34.01 12.08 -17.94
CA GLY B 148 35.24 12.65 -17.42
C GLY B 148 35.32 12.61 -15.90
N LYS B 149 34.69 11.60 -15.30
CA LYS B 149 34.69 11.49 -13.84
C LYS B 149 36.08 11.18 -13.31
N SER B 150 36.74 10.17 -13.87
CA SER B 150 38.08 9.80 -13.42
C SER B 150 39.07 10.94 -13.64
N CYS B 151 38.96 11.63 -14.78
CA CYS B 151 39.84 12.76 -15.04
C CYS B 151 39.66 13.87 -14.01
N ALA B 152 38.41 14.17 -13.65
CA ALA B 152 38.15 15.21 -12.67
C ALA B 152 38.70 14.84 -11.30
N VAL B 153 38.46 13.60 -10.87
CA VAL B 153 38.99 13.16 -9.58
C VAL B 153 40.52 13.22 -9.58
N ALA B 154 41.15 12.76 -10.67
CA ALA B 154 42.60 12.79 -10.75
C ALA B 154 43.12 14.21 -10.72
N LYS B 155 42.47 15.13 -11.41
CA LYS B 155 42.90 16.53 -11.40
C LYS B 155 42.80 17.13 -10.01
N ILE B 156 41.70 16.86 -9.30
CA ILE B 156 41.54 17.41 -7.95
C ILE B 156 42.62 16.87 -7.02
N LEU B 157 42.85 15.54 -7.06
CA LEU B 157 43.86 14.96 -6.18
C LEU B 157 45.26 15.45 -6.53
N GLN B 158 45.54 15.63 -7.82
CA GLN B 158 46.85 16.12 -8.25
C GLN B 158 47.08 17.55 -7.79
N ASN B 159 46.05 18.39 -7.87
CA ASN B 159 46.18 19.74 -7.32
C ASN B 159 46.39 19.70 -5.82
N VAL B 160 45.75 18.74 -5.13
CA VAL B 160 45.90 18.65 -3.69
C VAL B 160 47.33 18.25 -3.31
N VAL B 161 47.88 17.22 -3.95
CA VAL B 161 49.20 16.73 -3.56
C VAL B 161 50.30 17.72 -3.96
N GLY B 162 50.20 18.29 -5.16
CA GLY B 162 51.20 19.24 -5.59
C GLY B 162 51.95 18.85 -6.85
N ILE B 163 51.31 18.09 -7.74
CA ILE B 163 51.89 17.72 -9.03
C ILE B 163 51.33 18.64 -10.10
N ASN B 164 52.21 19.29 -10.85
CA ASN B 164 51.82 20.19 -11.93
C ASN B 164 52.71 19.91 -13.13
N ASP B 165 52.10 19.51 -14.25
CA ASP B 165 52.82 19.21 -15.49
C ASP B 165 53.92 18.17 -15.25
N ALA B 166 53.56 17.10 -14.54
CA ALA B 166 54.48 16.01 -14.21
C ALA B 166 55.71 16.52 -13.45
N ARG B 167 55.49 17.49 -12.56
CA ARG B 167 56.55 18.05 -11.73
C ARG B 167 56.08 18.13 -10.30
N ASN B 168 57.00 17.86 -9.37
CA ASN B 168 56.72 17.99 -7.94
C ASN B 168 57.14 19.38 -7.49
N ILE B 169 56.15 20.20 -7.10
CA ILE B 169 56.45 21.57 -6.68
C ILE B 169 57.28 21.57 -5.42
N ASN B 170 56.95 20.71 -4.46
CA ASN B 170 57.63 20.66 -3.17
C ASN B 170 58.75 19.61 -3.22
N LYS B 171 59.76 19.93 -4.03
CA LYS B 171 60.89 19.02 -4.17
C LYS B 171 61.83 19.06 -2.98
N SER B 172 61.96 20.21 -2.32
CA SER B 172 62.86 20.36 -1.19
C SER B 172 62.18 20.11 0.16
N ASP B 173 60.87 20.21 0.24
CA ASP B 173 60.15 20.03 1.49
C ASP B 173 58.98 19.07 1.28
N LYS B 174 58.66 18.32 2.32
CA LYS B 174 57.56 17.36 2.29
C LYS B 174 56.39 17.92 3.09
N LYS B 175 55.20 17.91 2.50
CA LYS B 175 54.01 18.48 3.11
C LYS B 175 53.16 17.41 3.76
N ASN B 176 52.20 17.85 4.57
CA ASN B 176 51.40 16.96 5.41
C ASN B 176 50.05 16.71 4.76
N SER B 177 50.06 15.85 3.74
CA SER B 177 48.85 15.44 3.04
C SER B 177 48.70 13.93 3.10
N HIS B 178 47.47 13.47 3.30
CA HIS B 178 47.20 12.05 3.50
C HIS B 178 45.91 11.67 2.79
N ILE B 179 46.00 10.72 1.86
CA ILE B 179 44.86 10.27 1.07
C ILE B 179 44.95 8.76 0.91
N ILE B 180 43.81 8.08 1.06
CA ILE B 180 43.69 6.63 0.86
C ILE B 180 42.62 6.40 -0.20
N ILE B 181 42.92 5.51 -1.16
CA ILE B 181 42.03 5.23 -2.29
C ILE B 181 41.67 3.75 -2.28
N PHE B 182 40.39 3.45 -2.48
CA PHE B 182 39.90 2.07 -2.62
C PHE B 182 39.58 1.84 -4.09
N ASP B 183 40.46 1.11 -4.79
CA ASP B 183 40.28 0.85 -6.22
C ASP B 183 39.83 -0.59 -6.44
N ILE B 184 38.80 -0.76 -7.27
CA ILE B 184 38.34 -2.06 -7.69
C ILE B 184 38.48 -2.28 -9.19
N HIS B 185 39.07 -1.32 -9.92
CA HIS B 185 39.31 -1.49 -11.35
C HIS B 185 40.68 -0.95 -11.76
N SER B 186 41.61 -0.82 -10.82
CA SER B 186 42.93 -0.21 -11.04
C SER B 186 42.70 1.22 -11.51
N GLU B 187 43.25 1.64 -12.65
CA GLU B 187 42.96 2.90 -13.34
C GLU B 187 43.53 4.14 -12.63
N TYR B 188 44.28 3.98 -11.54
CA TYR B 188 44.75 5.15 -10.80
C TYR B 188 46.23 5.16 -10.47
N LYS B 189 46.95 4.05 -10.66
CA LYS B 189 48.40 4.08 -10.47
C LYS B 189 49.08 4.98 -11.48
N SER B 190 48.65 4.94 -12.74
CA SER B 190 49.29 5.72 -13.80
C SER B 190 49.23 7.21 -13.51
N ALA B 191 48.22 7.66 -12.76
CA ALA B 191 48.08 9.07 -12.46
C ALA B 191 49.13 9.57 -11.47
N PHE B 192 49.89 8.68 -10.84
CA PHE B 192 50.86 9.10 -9.83
C PHE B 192 52.25 8.50 -10.09
N GLU B 193 52.52 8.05 -11.31
CA GLU B 193 53.84 7.51 -11.66
C GLU B 193 54.69 8.63 -12.27
N ILE B 194 55.11 9.55 -11.42
CA ILE B 194 55.96 10.67 -11.82
C ILE B 194 57.37 10.15 -12.03
N ASP B 195 58.23 10.95 -12.66
CA ASP B 195 59.59 10.53 -12.95
C ASP B 195 60.38 10.31 -11.66
N LYS B 196 61.41 9.47 -11.75
CA LYS B 196 62.19 9.10 -10.58
C LYS B 196 63.02 10.26 -10.05
N ASN B 197 63.36 11.23 -10.90
CA ASN B 197 64.15 12.37 -10.43
C ASN B 197 63.38 13.19 -9.41
N GLU B 198 62.09 13.41 -9.64
CA GLU B 198 61.27 14.15 -8.69
C GLU B 198 61.01 13.28 -7.45
N ASP B 199 61.18 13.87 -6.28
CA ASP B 199 61.04 13.14 -5.02
C ASP B 199 59.56 12.95 -4.73
N PHE B 200 59.02 11.80 -5.13
CA PHE B 200 57.60 11.50 -4.91
C PHE B 200 57.45 9.99 -4.86
N ASN B 201 57.31 9.45 -3.65
CA ASN B 201 57.10 8.02 -3.47
C ASN B 201 55.61 7.72 -3.43
N LEU B 202 55.22 6.61 -4.08
CA LEU B 202 53.83 6.19 -4.14
C LEU B 202 53.70 4.83 -3.45
N ASN B 203 52.71 4.72 -2.57
CA ASN B 203 52.46 3.49 -1.82
C ASN B 203 51.35 2.72 -2.53
N TYR B 204 51.74 1.75 -3.35
CA TYR B 204 50.81 0.88 -4.06
C TYR B 204 50.81 -0.48 -3.38
N LEU B 205 49.63 -0.94 -2.96
CA LEU B 205 49.48 -2.21 -2.27
C LEU B 205 48.49 -3.08 -3.03
N ASP B 206 48.97 -4.17 -3.61
CA ASP B 206 48.10 -5.19 -4.20
C ASP B 206 47.64 -6.11 -3.09
N VAL B 207 46.34 -6.07 -2.79
CA VAL B 207 45.81 -6.82 -1.65
C VAL B 207 46.00 -8.32 -1.83
N GLU B 208 45.90 -8.80 -3.07
CA GLU B 208 46.07 -10.23 -3.34
C GLU B 208 47.44 -10.73 -2.87
N LYS B 209 48.44 -9.86 -2.81
CA LYS B 209 49.77 -10.20 -2.31
C LYS B 209 50.19 -9.24 -1.21
N LEU B 210 49.29 -9.01 -0.24
CA LEU B 210 49.53 -8.02 0.81
C LEU B 210 49.64 -8.64 2.19
N LYS B 211 49.19 -9.89 2.39
CA LYS B 211 49.37 -10.65 3.62
C LYS B 211 48.70 -9.94 4.81
N LEU B 212 47.36 -9.88 4.74
CA LEU B 212 46.57 -9.34 5.85
C LEU B 212 46.24 -10.45 6.85
N PRO B 213 46.60 -10.31 8.11
CA PRO B 213 46.17 -11.30 9.11
C PRO B 213 44.67 -11.26 9.32
N TYR B 214 44.11 -12.41 9.71
CA TYR B 214 42.67 -12.54 9.89
C TYR B 214 42.30 -12.91 11.32
N TRP B 215 43.16 -12.62 12.29
CA TRP B 215 42.89 -12.92 13.69
C TRP B 215 42.71 -11.69 14.57
N LEU B 216 42.99 -10.49 14.05
CA LEU B 216 42.87 -9.28 14.87
C LEU B 216 41.43 -9.01 15.25
N MET B 217 40.58 -8.76 14.25
CA MET B 217 39.15 -8.56 14.49
C MET B 217 38.38 -9.87 14.34
N ASN B 218 38.41 -10.45 13.15
CA ASN B 218 37.93 -11.80 12.81
C ASN B 218 36.45 -11.99 13.07
N SER B 219 35.77 -10.96 13.58
CA SER B 219 34.38 -11.10 13.98
C SER B 219 33.43 -11.16 12.79
N GLU B 220 33.65 -10.34 11.77
CA GLU B 220 32.75 -10.25 10.62
C GLU B 220 33.48 -10.47 9.30
N GLU B 221 34.67 -11.08 9.33
CA GLU B 221 35.44 -11.28 8.11
C GLU B 221 35.69 -12.75 7.81
N LEU B 222 36.15 -13.53 8.77
CA LEU B 222 36.49 -14.92 8.52
C LEU B 222 35.68 -15.89 9.37
N GLU B 223 35.47 -15.58 10.65
CA GLU B 223 34.63 -16.44 11.50
C GLU B 223 33.18 -16.43 11.05
N THR B 224 32.80 -15.48 10.19
CA THR B 224 31.46 -15.49 9.61
C THR B 224 31.26 -16.67 8.67
N LEU B 225 32.35 -17.17 8.07
CA LEU B 225 32.28 -18.31 7.18
C LEU B 225 33.11 -19.49 7.68
N PHE B 226 33.53 -19.46 8.94
CA PHE B 226 34.36 -20.53 9.49
C PHE B 226 33.58 -21.52 10.36
N ILE B 227 32.53 -21.08 11.04
CA ILE B 227 31.75 -21.99 11.89
C ILE B 227 30.29 -21.86 11.47
N GLU B 228 30.04 -21.22 10.34
CA GLU B 228 28.69 -21.11 9.80
C GLU B 228 28.78 -20.63 8.35
N SER B 229 27.98 -21.24 7.47
CA SER B 229 27.94 -20.79 6.08
C SER B 229 26.57 -20.25 5.68
N ASN B 230 25.51 -21.07 5.75
CA ASN B 230 24.19 -20.59 5.39
C ASN B 230 23.06 -21.18 6.23
N GLU B 231 23.36 -21.89 7.31
CA GLU B 231 22.36 -22.71 7.99
C GLU B 231 22.10 -22.18 9.40
N GLN B 232 20.90 -22.51 9.91
CA GLN B 232 20.55 -22.21 11.28
C GLN B 232 21.32 -23.04 12.29
N ASN B 233 22.04 -24.07 11.82
CA ASN B 233 22.83 -24.93 12.69
C ASN B 233 23.86 -24.16 13.50
N SER B 234 24.00 -22.85 13.26
CA SER B 234 24.83 -22.03 14.15
C SER B 234 24.37 -22.17 15.59
N HIS B 235 23.07 -22.43 15.80
CA HIS B 235 22.56 -22.62 17.16
C HIS B 235 23.33 -23.70 17.91
N ASN B 236 23.86 -24.69 17.20
CA ASN B 236 24.78 -25.65 17.84
C ASN B 236 26.14 -25.67 17.16
N GLN B 237 26.41 -24.76 16.23
CA GLN B 237 27.76 -24.71 15.64
C GLN B 237 28.74 -24.04 16.59
N VAL B 238 28.31 -23.02 17.33
CA VAL B 238 29.17 -22.39 18.31
C VAL B 238 28.70 -22.74 19.73
N SER B 239 29.16 -23.88 20.24
CA SER B 239 28.94 -24.26 21.63
C SER B 239 30.19 -24.75 22.34
N GLN B 240 31.17 -25.32 21.62
CA GLN B 240 32.41 -25.81 22.19
C GLN B 240 33.65 -25.21 21.56
N PHE B 241 33.55 -24.66 20.35
CA PHE B 241 34.68 -23.98 19.73
C PHE B 241 35.12 -22.77 20.54
N LYS B 242 34.15 -22.04 21.11
CA LYS B 242 34.47 -20.88 21.92
C LYS B 242 35.34 -21.27 23.11
N ARG B 243 34.99 -22.35 23.79
CA ARG B 243 35.77 -22.79 24.95
C ARG B 243 37.19 -23.17 24.54
N ALA B 244 37.33 -23.86 23.40
CA ALA B 244 38.66 -24.26 22.94
C ALA B 244 39.51 -23.05 22.56
N VAL B 245 38.92 -22.07 21.88
CA VAL B 245 39.69 -20.90 21.49
C VAL B 245 40.07 -20.08 22.72
N VAL B 246 39.18 -20.00 23.72
CA VAL B 246 39.56 -19.33 24.97
C VAL B 246 40.68 -20.10 25.66
N LEU B 247 40.64 -21.43 25.63
CA LEU B 247 41.73 -22.21 26.21
C LEU B 247 43.06 -21.89 25.54
N ASN B 248 43.08 -21.83 24.21
CA ASN B 248 44.32 -21.55 23.50
C ASN B 248 44.82 -20.14 23.81
N LYS B 249 43.95 -19.13 23.65
CA LYS B 249 44.33 -17.74 23.84
C LYS B 249 44.56 -17.38 25.30
N GLU B 250 44.18 -18.25 26.23
CA GLU B 250 44.53 -18.08 27.64
C GLU B 250 45.79 -18.83 28.03
N LYS B 251 46.08 -19.94 27.35
CA LYS B 251 47.35 -20.61 27.58
C LYS B 251 48.51 -19.82 26.99
N TYR B 252 48.27 -19.09 25.89
CA TYR B 252 49.32 -18.20 25.39
C TYR B 252 49.59 -17.06 26.36
N ASN B 253 48.54 -16.48 26.94
CA ASN B 253 48.68 -15.44 27.95
C ASN B 253 47.37 -15.34 28.72
N PRO B 254 47.41 -15.08 30.03
CA PRO B 254 46.16 -15.07 30.81
C PRO B 254 45.30 -13.85 30.50
N GLU B 255 44.24 -14.07 29.73
CA GLU B 255 43.31 -13.02 29.34
C GLU B 255 41.92 -13.64 29.22
N PHE B 256 41.00 -12.92 28.57
CA PHE B 256 39.66 -13.41 28.31
C PHE B 256 39.26 -13.08 26.88
N LYS B 257 38.56 -14.00 26.23
CA LYS B 257 38.15 -13.84 24.85
C LYS B 257 36.75 -14.39 24.67
N LYS B 258 36.12 -14.03 23.55
CA LYS B 258 34.78 -14.48 23.20
C LYS B 258 34.78 -14.98 21.76
N ILE B 259 33.61 -15.40 21.29
CA ILE B 259 33.48 -15.76 19.88
C ILE B 259 33.73 -14.53 19.00
N THR B 260 33.18 -13.39 19.38
CA THR B 260 33.50 -12.11 18.76
C THR B 260 34.43 -11.33 19.68
N TYR B 261 35.55 -10.88 19.12
CA TYR B 261 36.57 -10.20 19.92
C TYR B 261 37.46 -9.42 18.97
N ASP B 262 37.55 -8.11 19.17
CA ASP B 262 38.24 -7.22 18.25
C ASP B 262 39.65 -6.86 18.69
N SER B 263 40.14 -7.42 19.79
CA SER B 263 41.48 -7.11 20.25
C SER B 263 42.52 -7.77 19.34
N PRO B 264 43.66 -7.11 19.10
CA PRO B 264 44.70 -7.69 18.23
C PRO B 264 45.52 -8.77 18.93
N VAL B 265 44.98 -9.99 18.93
CA VAL B 265 45.61 -11.14 19.57
C VAL B 265 45.70 -12.27 18.55
N TYR B 266 46.61 -13.21 18.82
CA TYR B 266 46.94 -14.28 17.90
C TYR B 266 46.52 -15.63 18.49
N PHE B 267 45.92 -16.47 17.65
CA PHE B 267 45.58 -17.84 18.02
C PHE B 267 45.87 -18.76 16.84
N ASN B 268 46.08 -20.04 17.16
CA ASN B 268 46.41 -21.04 16.16
C ASN B 268 45.11 -21.70 15.68
N ILE B 269 44.76 -21.46 14.42
CA ILE B 269 43.50 -21.98 13.89
C ILE B 269 43.55 -23.50 13.73
N ASN B 270 44.70 -24.03 13.28
CA ASN B 270 44.81 -25.46 13.03
C ASN B 270 44.60 -26.26 14.31
N GLU B 271 45.23 -25.83 15.40
CA GLU B 271 45.04 -26.53 16.68
C GLU B 271 43.59 -26.45 17.13
N VAL B 272 43.02 -25.24 17.18
CA VAL B 272 41.69 -25.08 17.72
C VAL B 272 40.63 -25.76 16.87
N PHE B 273 40.90 -26.02 15.59
CA PHE B 273 39.95 -26.78 14.78
C PHE B 273 40.29 -28.25 14.68
N ASN B 274 41.45 -28.69 15.19
CA ASN B 274 41.58 -30.10 15.52
C ASN B 274 40.49 -30.52 16.51
N TYR B 275 40.13 -29.61 17.42
CA TYR B 275 38.99 -29.83 18.30
C TYR B 275 37.69 -30.02 17.52
N ILE B 276 37.48 -29.20 16.49
CA ILE B 276 36.24 -29.31 15.71
C ILE B 276 36.21 -30.61 14.91
N TYR B 277 37.36 -31.02 14.38
CA TYR B 277 37.44 -32.32 13.72
C TYR B 277 37.17 -33.45 14.71
N ASN B 278 37.68 -33.32 15.93
CA ASN B 278 37.36 -34.30 16.96
C ASN B 278 35.88 -34.31 17.28
N LEU B 279 35.22 -33.16 17.19
CA LEU B 279 33.80 -33.07 17.54
C LEU B 279 32.97 -34.08 16.75
N ASN B 280 33.24 -34.23 15.46
CA ASN B 280 32.60 -35.27 14.67
C ASN B 280 33.48 -36.50 14.50
N GLU B 281 34.61 -36.57 15.21
CA GLU B 281 35.40 -37.79 15.30
C GLU B 281 35.64 -38.15 16.76
N GLU B 282 34.58 -38.14 17.58
CA GLU B 282 34.67 -38.48 18.99
C GLU B 282 33.34 -39.05 19.46
N VAL B 283 33.40 -40.02 20.37
CA VAL B 283 32.23 -40.65 20.95
C VAL B 283 32.37 -40.61 22.47
N ILE B 284 31.37 -40.04 23.14
CA ILE B 284 31.42 -39.89 24.60
C ILE B 284 31.17 -41.24 25.26
N ASN B 285 31.93 -41.54 26.30
CA ASN B 285 31.74 -42.78 27.04
C ASN B 285 30.42 -42.77 27.78
N LYS B 286 29.78 -43.95 27.87
CA LYS B 286 28.53 -44.08 28.59
C LYS B 286 28.51 -45.32 29.48
N ILE B 287 29.68 -45.86 29.84
CA ILE B 287 29.75 -47.05 30.66
C ILE B 287 29.28 -46.74 32.07
N GLU B 288 28.39 -47.58 32.61
CA GLU B 288 27.91 -47.39 33.96
C GLU B 288 29.04 -47.57 34.97
N GLY B 289 28.98 -46.79 36.05
CA GLY B 289 30.00 -46.84 37.07
C GLY B 289 31.25 -46.03 36.77
N GLU B 290 31.25 -45.25 35.70
CA GLU B 290 32.39 -44.43 35.32
C GLU B 290 31.95 -43.00 35.08
N PRO B 291 32.83 -42.03 35.30
CA PRO B 291 32.47 -40.63 35.04
C PRO B 291 32.17 -40.41 33.57
N SER B 292 31.29 -39.42 33.31
CA SER B 292 30.89 -39.09 31.94
C SER B 292 32.00 -38.33 31.22
N LEU B 293 33.10 -39.05 30.98
CA LEU B 293 34.26 -38.53 30.29
C LEU B 293 34.53 -39.36 29.04
N PRO B 294 34.85 -38.72 27.92
CA PRO B 294 34.99 -39.46 26.66
C PRO B 294 36.04 -40.57 26.76
N LYS B 295 35.74 -41.70 26.11
CA LYS B 295 36.59 -42.88 26.15
C LYS B 295 37.38 -43.00 24.86
N LEU B 296 38.70 -43.13 24.99
CA LEU B 296 39.56 -43.31 23.84
C LEU B 296 39.39 -44.71 23.26
N SER B 297 40.14 -44.99 22.18
CA SER B 297 40.08 -46.30 21.56
C SER B 297 40.59 -47.38 22.51
N ASN B 298 41.68 -47.11 23.22
CA ASN B 298 42.21 -48.08 24.17
C ASN B 298 41.32 -48.19 25.40
N GLY B 299 40.73 -47.08 25.85
CA GLY B 299 39.88 -47.09 27.02
C GLY B 299 40.15 -45.95 27.97
N GLU B 300 41.10 -45.09 27.61
CA GLU B 300 41.45 -43.96 28.46
C GLU B 300 40.31 -42.94 28.48
N LEU B 301 39.96 -42.47 29.68
CA LEU B 301 38.93 -41.46 29.85
C LEU B 301 39.55 -40.07 29.76
N VAL B 302 38.97 -39.22 28.92
CA VAL B 302 39.49 -37.87 28.71
C VAL B 302 39.05 -37.00 29.89
N GLU B 303 40.00 -36.63 30.74
CA GLU B 303 39.68 -35.80 31.90
C GLU B 303 39.26 -34.39 31.48
N ASN B 304 40.05 -33.77 30.62
CA ASN B 304 39.76 -32.44 30.10
C ASN B 304 39.99 -32.42 28.60
N ARG B 305 39.18 -31.64 27.90
CA ARG B 305 39.25 -31.55 26.45
C ARG B 305 40.39 -30.64 25.96
N GLN B 306 41.34 -30.30 26.83
CA GLN B 306 42.49 -29.51 26.42
C GLN B 306 43.44 -30.29 25.54
N ILE B 307 43.38 -31.63 25.56
CA ILE B 307 44.23 -32.44 24.69
C ILE B 307 43.66 -32.58 23.29
N TYR B 308 42.41 -32.17 23.07
CA TYR B 308 41.79 -32.33 21.75
C TYR B 308 42.41 -31.39 20.73
N PHE B 309 42.59 -30.12 21.09
CA PHE B 309 43.06 -29.16 20.09
C PHE B 309 44.54 -29.36 19.75
N ASN B 310 45.31 -30.02 20.61
CA ASN B 310 46.69 -30.35 20.25
C ASN B 310 46.72 -31.27 19.04
N GLU B 311 45.89 -32.31 19.05
CA GLU B 311 45.74 -33.23 17.94
C GLU B 311 44.49 -34.07 18.16
N LYS B 312 43.84 -34.43 17.07
CA LYS B 312 42.65 -35.27 17.17
C LYS B 312 43.02 -36.67 17.62
N LEU B 313 42.12 -37.27 18.41
CA LEU B 313 42.34 -38.60 18.97
C LEU B 313 41.32 -39.58 18.42
N GLU B 314 41.60 -40.86 18.64
CA GLU B 314 40.72 -41.95 18.20
C GLU B 314 39.85 -42.39 19.36
N PHE B 315 38.54 -42.48 19.11
CA PHE B 315 37.57 -42.88 20.13
C PHE B 315 36.79 -44.08 19.65
N THR B 316 36.42 -44.95 20.61
CA THR B 316 35.70 -46.17 20.29
C THR B 316 34.29 -45.85 19.79
N SER B 317 33.77 -46.77 18.97
CA SER B 317 32.43 -46.59 18.41
C SER B 317 31.37 -46.68 19.50
N SER B 318 30.26 -45.99 19.26
CA SER B 318 29.15 -46.00 20.22
C SER B 318 28.51 -47.38 20.29
N ASN B 319 28.12 -47.78 21.49
CA ASN B 319 27.52 -49.09 21.71
C ASN B 319 26.56 -49.01 22.89
N THR B 320 25.66 -49.98 22.97
CA THR B 320 24.68 -50.04 24.04
C THR B 320 25.04 -51.02 25.15
N SER B 321 25.86 -52.03 24.86
CA SER B 321 26.28 -52.97 25.88
C SER B 321 27.18 -52.27 26.89
N LYS B 322 26.96 -52.58 28.18
CA LYS B 322 27.68 -51.90 29.24
C LYS B 322 29.19 -52.14 29.21
N ALA B 323 29.63 -53.17 28.48
CA ALA B 323 31.07 -53.43 28.39
C ALA B 323 31.79 -52.28 27.68
N THR B 324 31.21 -51.76 26.61
CA THR B 324 31.79 -50.65 25.85
C THR B 324 30.70 -49.64 25.49
N LYS B 325 29.86 -49.31 26.47
CA LYS B 325 28.74 -48.42 26.21
C LYS B 325 29.23 -47.00 25.93
N ALA B 326 28.71 -46.42 24.85
CA ALA B 326 29.09 -45.07 24.46
C ALA B 326 28.00 -44.47 23.59
N SER B 327 27.98 -43.14 23.51
CA SER B 327 27.00 -42.42 22.72
C SER B 327 27.69 -41.35 21.89
N ASN B 328 27.14 -41.09 20.71
CA ASN B 328 27.74 -40.12 19.80
C ASN B 328 27.82 -38.74 20.44
N GLY B 329 28.88 -38.01 20.08
CA GLY B 329 29.15 -36.72 20.65
C GLY B 329 28.09 -35.69 20.30
N PRO B 330 28.18 -34.51 20.93
CA PRO B 330 27.16 -33.47 20.66
C PRO B 330 27.07 -33.07 19.20
N PHE B 331 28.19 -33.03 18.49
CA PHE B 331 28.22 -32.64 17.09
C PHE B 331 28.93 -33.70 16.26
N ASN B 332 28.58 -34.97 16.50
CA ASN B 332 29.21 -36.09 15.80
C ASN B 332 28.49 -36.33 14.48
N GLY B 333 29.23 -36.27 13.37
CA GLY B 333 28.69 -36.55 12.06
C GLY B 333 27.71 -35.53 11.53
N GLU B 334 27.53 -34.40 12.22
CA GLU B 334 26.55 -33.41 11.79
C GLU B 334 27.13 -32.42 10.79
N PHE B 335 28.46 -32.28 10.73
CA PHE B 335 29.07 -31.19 9.97
C PHE B 335 30.28 -31.67 9.18
N ASN B 336 30.24 -32.90 8.67
CA ASN B 336 31.36 -33.42 7.89
C ASN B 336 31.57 -32.59 6.62
N ARG B 337 30.48 -32.26 5.92
CA ARG B 337 30.61 -31.45 4.70
C ARG B 337 31.13 -30.06 5.02
N PHE B 338 30.69 -29.48 6.13
CA PHE B 338 31.11 -28.12 6.46
C PHE B 338 32.61 -28.08 6.79
N LEU B 339 33.09 -29.05 7.58
CA LEU B 339 34.52 -29.11 7.85
C LEU B 339 35.32 -29.46 6.60
N SER B 340 34.73 -30.25 5.69
CA SER B 340 35.38 -30.48 4.40
C SER B 340 35.55 -29.18 3.64
N ARG B 341 34.51 -28.35 3.60
CA ARG B 341 34.63 -27.04 2.95
C ARG B 341 35.66 -26.17 3.65
N PHE B 342 35.70 -26.20 4.99
CA PHE B 342 36.66 -25.40 5.72
C PHE B 342 38.10 -25.81 5.39
N GLU B 343 38.39 -27.11 5.44
CA GLU B 343 39.74 -27.57 5.12
C GLU B 343 40.06 -27.40 3.63
N THR B 344 39.03 -27.31 2.78
CA THR B 344 39.26 -26.93 1.39
C THR B 344 39.72 -25.48 1.30
N LYS B 345 39.04 -24.58 2.02
CA LYS B 345 39.42 -23.18 2.04
C LYS B 345 40.76 -22.95 2.71
N LEU B 346 41.18 -23.85 3.61
CA LEU B 346 42.49 -23.70 4.27
C LEU B 346 43.64 -23.73 3.27
N THR B 347 43.46 -24.37 2.12
CA THR B 347 44.48 -24.41 1.08
C THR B 347 43.92 -23.95 -0.25
N ASP B 348 42.94 -23.03 -0.22
CA ASP B 348 42.35 -22.54 -1.45
C ASP B 348 43.35 -21.71 -2.23
N LYS B 349 43.34 -21.88 -3.55
CA LYS B 349 44.31 -21.25 -4.44
C LYS B 349 43.97 -19.80 -4.75
N ARG B 350 43.05 -19.18 -4.00
CA ARG B 350 42.70 -17.78 -4.23
C ARG B 350 42.59 -16.97 -2.95
N LEU B 351 43.03 -17.52 -1.82
CA LEU B 351 42.91 -16.84 -0.53
C LEU B 351 44.24 -16.78 0.20
N GLU B 352 45.34 -16.71 -0.55
CA GLU B 352 46.67 -16.66 0.07
C GLU B 352 46.91 -15.34 0.79
N PHE B 353 46.17 -14.28 0.43
CA PHE B 353 46.43 -12.97 1.00
C PHE B 353 45.97 -12.84 2.45
N LEU B 354 44.92 -13.55 2.83
CA LEU B 354 44.47 -13.53 4.23
C LEU B 354 45.08 -14.68 5.04
N LEU B 355 46.41 -14.84 4.95
CA LEU B 355 47.19 -15.78 5.76
C LEU B 355 46.49 -17.12 5.95
N LEU B 356 45.78 -17.60 4.93
CA LEU B 356 44.97 -18.79 5.06
C LEU B 356 45.65 -20.05 4.54
N ASN B 357 46.31 -19.95 3.39
CA ASN B 357 47.06 -21.09 2.86
C ASN B 357 48.29 -21.41 3.70
N GLN B 358 48.73 -20.49 4.56
CA GLN B 358 49.87 -20.76 5.43
C GLN B 358 49.44 -21.62 6.63
N ASP B 359 48.57 -21.09 7.47
CA ASP B 359 48.12 -21.76 8.69
C ASP B 359 49.31 -22.15 9.56
N VAL B 360 50.01 -21.12 10.05
CA VAL B 360 51.21 -21.26 10.88
C VAL B 360 52.29 -21.98 10.08
N GLU B 361 53.05 -21.21 9.31
CA GLU B 361 54.10 -21.71 8.44
C GLU B 361 55.21 -20.66 8.38
N GLU B 362 56.04 -20.73 7.34
CA GLU B 362 57.19 -19.86 7.14
C GLU B 362 56.93 -18.41 7.52
N ASN B 363 55.75 -17.90 7.20
CA ASN B 363 55.37 -16.53 7.58
C ASN B 363 54.32 -16.61 8.68
N SER B 364 54.81 -16.79 9.92
CA SER B 364 53.93 -16.78 11.09
C SER B 364 54.56 -16.08 12.29
N LYS B 365 55.64 -15.32 12.10
CA LYS B 365 56.38 -14.73 13.22
C LYS B 365 55.73 -13.43 13.68
N TYR B 366 54.51 -13.56 14.19
CA TYR B 366 53.74 -12.43 14.72
C TYR B 366 53.08 -12.91 16.02
N ARG B 367 53.77 -12.76 17.14
CA ARG B 367 53.25 -13.29 18.39
C ARG B 367 52.24 -12.34 19.04
N THR B 368 52.72 -11.21 19.55
CA THR B 368 51.84 -10.23 20.18
C THR B 368 52.20 -8.77 19.94
N GLU B 369 53.31 -8.48 19.26
CA GLU B 369 53.86 -7.12 19.27
C GLU B 369 54.30 -6.65 17.89
N HIS B 370 53.81 -7.27 16.83
CA HIS B 370 54.07 -6.81 15.47
C HIS B 370 52.81 -6.23 14.81
N PHE B 371 51.93 -5.64 15.64
CA PHE B 371 50.72 -5.00 15.15
C PHE B 371 51.01 -3.66 14.49
N GLU B 372 52.12 -3.01 14.82
CA GLU B 372 52.42 -1.69 14.28
C GLU B 372 52.70 -1.73 12.79
N ASP B 373 53.21 -2.85 12.29
CA ASP B 373 53.59 -2.94 10.88
C ASP B 373 52.38 -2.78 9.97
N ILE B 374 51.25 -3.40 10.33
CA ILE B 374 50.05 -3.32 9.50
C ILE B 374 49.54 -1.89 9.42
N LEU B 375 49.50 -1.20 10.56
CA LEU B 375 49.06 0.19 10.57
C LEU B 375 49.99 1.08 9.77
N LYS B 376 51.31 0.91 9.95
CA LYS B 376 52.25 1.69 9.17
C LYS B 376 52.18 1.36 7.69
N GLN B 377 51.72 0.16 7.34
CA GLN B 377 51.61 -0.23 5.94
C GLN B 377 50.39 0.42 5.28
N PHE B 378 49.23 0.34 5.91
CA PHE B 378 48.05 1.00 5.35
C PHE B 378 48.20 2.52 5.37
N MET B 379 48.73 3.09 6.45
CA MET B 379 48.85 4.54 6.53
C MET B 379 49.98 5.06 5.65
N GLY B 380 51.03 4.27 5.44
CA GLY B 380 52.13 4.67 4.58
C GLY B 380 53.23 5.41 5.30
N TYR B 381 53.54 5.00 6.53
CA TYR B 381 54.59 5.61 7.33
C TYR B 381 55.87 4.79 7.32
N LEU B 382 56.06 3.95 6.30
CA LEU B 382 57.29 3.18 6.15
C LEU B 382 58.24 3.76 5.10
N ASP B 383 57.73 4.56 4.16
CA ASP B 383 58.57 5.13 3.12
C ASP B 383 58.25 6.60 2.85
N ARG B 384 57.55 7.27 3.76
CA ARG B 384 57.23 8.69 3.63
C ARG B 384 56.44 8.98 2.35
N SER B 385 55.26 8.40 2.26
CA SER B 385 54.36 8.56 1.13
C SER B 385 53.13 9.36 1.54
N ASN B 386 52.53 10.05 0.57
CA ASN B 386 51.35 10.87 0.81
C ASN B 386 50.07 10.30 0.21
N VAL B 387 50.17 9.34 -0.70
CA VAL B 387 49.01 8.73 -1.34
C VAL B 387 49.12 7.21 -1.19
N SER B 388 48.05 6.58 -0.72
CA SER B 388 47.99 5.13 -0.58
C SER B 388 46.88 4.60 -1.46
N ILE B 389 47.17 3.52 -2.20
CA ILE B 389 46.21 2.87 -3.09
C ILE B 389 46.01 1.44 -2.63
N ILE B 390 44.76 1.04 -2.45
CA ILE B 390 44.41 -0.32 -2.06
C ILE B 390 43.60 -0.92 -3.19
N ASP B 391 44.18 -1.88 -3.89
CA ASP B 391 43.61 -2.45 -5.11
C ASP B 391 42.86 -3.74 -4.78
N LEU B 392 41.60 -3.81 -5.21
CA LEU B 392 40.74 -4.95 -4.92
C LEU B 392 40.36 -5.72 -6.20
N SER B 393 41.07 -5.48 -7.31
CA SER B 393 40.70 -6.12 -8.56
C SER B 393 41.08 -7.59 -8.57
N GLY B 394 42.26 -7.93 -8.04
CA GLY B 394 42.70 -9.31 -8.04
C GLY B 394 41.83 -10.23 -7.20
N ILE B 395 41.31 -9.73 -6.09
CA ILE B 395 40.49 -10.53 -5.19
C ILE B 395 39.20 -10.93 -5.92
N PRO B 396 38.75 -12.18 -5.80
CA PRO B 396 37.46 -12.56 -6.40
C PRO B 396 36.31 -11.80 -5.76
N PHE B 397 35.12 -12.00 -6.34
CA PHE B 397 33.94 -11.32 -5.84
C PHE B 397 33.43 -11.98 -4.57
N GLU B 398 32.46 -11.31 -3.93
CA GLU B 398 31.75 -11.76 -2.73
C GLU B 398 32.70 -12.20 -1.61
N VAL B 399 33.97 -11.79 -1.68
CA VAL B 399 34.91 -11.99 -0.57
C VAL B 399 35.65 -10.69 -0.32
N LEU B 400 35.19 -9.60 -0.94
CA LEU B 400 35.83 -8.31 -0.80
C LEU B 400 35.34 -7.52 0.40
N SER B 401 34.13 -7.79 0.88
CA SER B 401 33.64 -7.16 2.10
C SER B 401 34.32 -7.72 3.35
N ILE B 402 35.13 -8.76 3.19
CA ILE B 402 35.86 -9.33 4.33
C ILE B 402 36.86 -8.32 4.89
N THR B 403 37.64 -7.68 4.02
CA THR B 403 38.74 -6.83 4.45
C THR B 403 38.35 -5.38 4.64
N ILE B 404 37.25 -4.93 4.03
CA ILE B 404 36.82 -3.54 4.18
C ILE B 404 36.48 -3.25 5.63
N SER B 405 35.79 -4.17 6.30
CA SER B 405 35.38 -3.96 7.69
C SER B 405 36.56 -3.80 8.63
N LEU B 406 37.74 -4.32 8.27
CA LEU B 406 38.93 -4.19 9.09
C LEU B 406 39.77 -2.98 8.71
N ILE B 407 39.94 -2.71 7.42
CA ILE B 407 40.68 -1.53 7.00
C ILE B 407 39.97 -0.26 7.44
N SER B 408 38.64 -0.25 7.38
CA SER B 408 37.89 0.92 7.82
C SER B 408 37.92 1.07 9.34
N ARG B 409 38.07 -0.04 10.06
CA ARG B 409 38.02 0.03 11.53
C ARG B 409 39.36 0.43 12.13
N LEU B 410 40.47 -0.06 11.56
CA LEU B 410 41.78 0.23 12.14
C LEU B 410 42.08 1.73 12.12
N ILE B 411 41.79 2.40 11.01
CA ILE B 411 42.05 3.82 10.90
C ILE B 411 41.19 4.61 11.86
N PHE B 412 39.91 4.24 12.00
CA PHE B 412 39.04 4.94 12.94
C PHE B 412 39.52 4.77 14.37
N ASP B 413 39.93 3.55 14.74
CA ASP B 413 40.42 3.33 16.09
C ASP B 413 41.68 4.13 16.35
N PHE B 414 42.60 4.16 15.38
CA PHE B 414 43.82 4.96 15.55
C PHE B 414 43.48 6.43 15.72
N ALA B 415 42.58 6.94 14.88
CA ALA B 415 42.23 8.36 14.96
C ALA B 415 41.60 8.70 16.30
N PHE B 416 40.66 7.87 16.77
CA PHE B 416 40.04 8.09 18.07
C PHE B 416 41.07 8.08 19.19
N HIS B 417 41.91 7.05 19.23
CA HIS B 417 42.84 6.90 20.35
C HIS B 417 43.94 7.95 20.32
N TYR B 418 44.31 8.44 19.13
CA TYR B 418 45.28 9.51 19.04
C TYR B 418 44.67 10.86 19.42
N SER B 419 43.40 11.07 19.07
CA SER B 419 42.73 12.31 19.44
C SER B 419 42.51 12.40 20.94
N LYS B 420 42.23 11.26 21.59
CA LYS B 420 42.03 11.27 23.03
C LYS B 420 43.29 11.69 23.78
N LEU B 421 44.45 11.18 23.36
CA LEU B 421 45.69 11.51 24.06
C LEU B 421 46.32 12.79 23.52
N GLN B 422 45.50 13.83 23.36
CA GLN B 422 46.01 15.16 23.03
C GLN B 422 45.20 16.27 23.69
N HIS B 423 44.21 15.95 24.50
CA HIS B 423 43.43 16.95 25.21
C HIS B 423 43.98 17.27 26.60
N GLN B 424 44.89 16.44 27.10
CA GLN B 424 45.54 16.72 28.37
C GLN B 424 46.44 17.94 28.30
N LYS B 425 46.88 18.33 27.10
CA LYS B 425 47.73 19.49 26.89
C LYS B 425 47.10 20.50 25.95
N ASP B 426 45.78 20.44 25.78
CA ASP B 426 45.01 21.42 25.00
C ASP B 426 45.51 21.50 23.56
N GLU B 427 45.43 20.37 22.86
CA GLU B 427 45.77 20.30 21.45
C GLU B 427 44.71 19.46 20.74
N LEU B 428 44.86 19.36 19.42
CA LEU B 428 43.92 18.63 18.58
C LEU B 428 44.71 17.72 17.62
N ASN B 429 43.97 16.92 16.86
CA ASN B 429 44.59 16.01 15.91
C ASN B 429 45.30 16.79 14.80
N ASP B 430 46.48 16.32 14.43
CA ASP B 430 47.30 16.98 13.43
C ASP B 430 47.52 16.15 12.17
N ILE B 431 46.91 14.98 12.06
CA ILE B 431 47.04 14.14 10.87
C ILE B 431 45.65 13.78 10.35
N PRO B 432 44.93 14.71 9.72
CA PRO B 432 43.64 14.34 9.12
C PRO B 432 43.82 13.43 7.93
N PHE B 433 42.77 12.66 7.63
CA PHE B 433 42.81 11.69 6.56
C PHE B 433 41.57 11.82 5.68
N MET B 434 41.71 11.42 4.42
CA MET B 434 40.61 11.35 3.49
C MET B 434 40.58 9.96 2.85
N ILE B 435 39.38 9.43 2.67
CA ILE B 435 39.15 8.12 2.09
C ILE B 435 38.32 8.28 0.83
N VAL B 436 38.77 7.70 -0.27
CA VAL B 436 38.16 7.87 -1.57
C VAL B 436 37.61 6.52 -2.02
N CYS B 437 36.28 6.39 -1.99
CA CYS B 437 35.59 5.25 -2.57
C CYS B 437 35.38 5.49 -4.06
N GLU B 438 35.40 4.42 -4.84
CA GLU B 438 35.33 4.54 -6.29
C GLU B 438 34.02 4.05 -6.89
N GLU B 439 33.48 2.92 -6.41
CA GLU B 439 32.19 2.41 -6.87
C GLU B 439 31.40 1.99 -5.63
N ALA B 440 30.56 2.89 -5.13
CA ALA B 440 29.84 2.65 -3.89
C ALA B 440 28.70 1.65 -4.03
N HIS B 441 28.27 1.34 -5.25
CA HIS B 441 27.17 0.42 -5.47
C HIS B 441 27.61 -1.04 -5.55
N ASN B 442 28.90 -1.32 -5.41
CA ASN B 442 29.39 -2.70 -5.42
C ASN B 442 29.53 -3.29 -4.03
N TYR B 443 29.67 -2.46 -2.99
CA TYR B 443 29.73 -2.95 -1.63
C TYR B 443 28.87 -2.17 -0.65
N ILE B 444 28.23 -1.09 -1.08
CA ILE B 444 27.23 -0.40 -0.25
C ILE B 444 25.97 -0.22 -1.10
N PRO B 445 25.18 -1.27 -1.30
CA PRO B 445 23.96 -1.14 -2.12
C PRO B 445 22.79 -0.64 -1.29
N ARG B 446 21.74 -0.23 -1.99
CA ARG B 446 20.53 0.23 -1.34
C ARG B 446 19.65 -0.94 -0.91
N THR B 447 19.23 -1.77 -1.86
CA THR B 447 18.42 -2.95 -1.59
C THR B 447 19.36 -4.14 -1.47
N GLY B 448 19.65 -4.54 -0.23
CA GLY B 448 20.55 -5.64 0.01
C GLY B 448 20.06 -6.51 1.16
N GLY B 449 20.68 -7.69 1.28
CA GLY B 449 20.31 -8.62 2.32
C GLY B 449 21.32 -8.70 3.44
N ILE B 450 22.04 -9.82 3.51
CA ILE B 450 23.01 -10.05 4.57
C ILE B 450 24.44 -10.09 4.06
N GLU B 451 24.66 -10.30 2.75
CA GLU B 451 26.01 -10.41 2.21
C GLU B 451 26.80 -9.11 2.34
N PHE B 452 26.14 -7.97 2.58
CA PHE B 452 26.81 -6.69 2.78
C PHE B 452 26.31 -6.10 4.10
N LYS B 453 26.92 -6.51 5.20
CA LYS B 453 26.53 -6.04 6.52
C LYS B 453 27.68 -5.34 7.25
N ALA B 454 28.86 -5.95 7.27
CA ALA B 454 29.97 -5.41 8.07
C ALA B 454 30.44 -4.06 7.55
N ALA B 455 30.57 -3.92 6.23
CA ALA B 455 31.07 -2.67 5.65
C ALA B 455 30.12 -1.51 5.92
N LYS B 456 28.82 -1.74 5.76
CA LYS B 456 27.77 -0.74 5.92
C LYS B 456 27.59 -0.30 7.35
N LYS B 457 28.36 -0.81 8.30
CA LYS B 457 28.40 -0.27 9.66
C LYS B 457 29.63 0.57 9.93
N SER B 458 30.80 0.13 9.46
CA SER B 458 32.00 0.94 9.59
C SER B 458 31.90 2.23 8.79
N ILE B 459 31.37 2.15 7.57
CA ILE B 459 31.20 3.36 6.78
C ILE B 459 30.21 4.30 7.45
N GLU B 460 29.15 3.76 8.07
CA GLU B 460 28.21 4.60 8.82
C GLU B 460 28.88 5.26 10.01
N ARG B 461 29.73 4.52 10.73
CA ARG B 461 30.44 5.12 11.87
C ARG B 461 31.33 6.26 11.41
N ILE B 462 32.03 6.08 10.30
CA ILE B 462 32.88 7.17 9.80
C ILE B 462 32.03 8.34 9.33
N ALA B 463 30.88 8.07 8.71
CA ALA B 463 30.04 9.14 8.18
C ALA B 463 29.27 9.88 9.26
N LYS B 464 29.13 9.30 10.46
CA LYS B 464 28.37 9.93 11.53
C LYS B 464 29.21 10.37 12.72
N GLU B 465 30.45 9.88 12.85
CA GLU B 465 31.28 10.22 14.00
C GLU B 465 32.70 10.61 13.59
N GLY B 466 32.91 10.96 12.32
CA GLY B 466 34.24 11.24 11.84
C GLY B 466 34.68 12.69 11.83
N ARG B 467 33.79 13.62 12.17
CA ARG B 467 34.15 15.04 12.12
C ARG B 467 34.88 15.51 13.36
N LYS B 468 34.65 14.89 14.50
CA LYS B 468 35.34 15.24 15.74
C LYS B 468 36.67 14.50 15.89
N TYR B 469 37.00 13.60 14.98
CA TYR B 469 38.22 12.81 15.07
C TYR B 469 39.12 12.95 13.84
N GLY B 470 38.79 13.85 12.92
CA GLY B 470 39.60 14.07 11.74
C GLY B 470 39.55 12.96 10.71
N LEU B 471 38.40 12.79 10.05
CA LEU B 471 38.25 11.77 9.03
C LEU B 471 37.04 12.11 8.17
N SER B 472 37.25 12.23 6.86
CA SER B 472 36.21 12.60 5.91
C SER B 472 36.04 11.51 4.85
N LEU B 473 35.13 11.76 3.91
CA LEU B 473 34.81 10.79 2.88
C LEU B 473 34.52 11.47 1.54
N MET B 474 34.98 10.85 0.47
CA MET B 474 34.61 11.20 -0.90
C MET B 474 33.94 9.98 -1.52
N VAL B 475 32.69 10.14 -1.95
CA VAL B 475 31.91 9.05 -2.52
C VAL B 475 31.77 9.31 -4.02
N VAL B 476 32.35 8.41 -4.83
CA VAL B 476 32.37 8.54 -6.28
C VAL B 476 31.48 7.44 -6.86
N SER B 477 30.58 7.82 -7.76
CA SER B 477 29.71 6.84 -8.40
C SER B 477 29.15 7.43 -9.68
N GLN B 478 28.47 6.58 -10.45
CA GLN B 478 27.78 7.01 -11.67
C GLN B 478 26.33 6.58 -11.72
N ARG B 479 25.84 5.84 -10.72
CA ARG B 479 24.43 5.47 -10.60
C ARG B 479 23.98 5.84 -9.19
N PRO B 480 23.62 7.10 -8.97
CA PRO B 480 23.25 7.54 -7.62
C PRO B 480 22.04 6.82 -7.04
N SER B 481 21.17 6.26 -7.89
CA SER B 481 19.94 5.64 -7.43
C SER B 481 20.16 4.25 -6.82
N GLU B 482 21.41 3.85 -6.59
CA GLU B 482 21.70 2.55 -5.98
C GLU B 482 22.57 2.63 -4.74
N VAL B 483 22.92 3.83 -4.27
CA VAL B 483 23.75 4.00 -3.09
C VAL B 483 22.85 4.27 -1.89
N SER B 484 23.28 3.80 -0.72
CA SER B 484 22.49 3.95 0.50
C SER B 484 22.26 5.42 0.81
N ASP B 485 21.01 5.76 1.16
CA ASP B 485 20.67 7.13 1.50
C ASP B 485 21.13 7.52 2.89
N THR B 486 21.44 6.54 3.75
CA THR B 486 21.98 6.86 5.07
C THR B 486 23.37 7.48 4.98
N ILE B 487 24.11 7.22 3.90
CA ILE B 487 25.44 7.77 3.71
C ILE B 487 25.45 8.93 2.73
N LEU B 488 24.66 8.89 1.66
CA LEU B 488 24.67 9.93 0.65
C LEU B 488 23.96 11.20 1.11
N SER B 489 23.18 11.16 2.18
CA SER B 489 22.50 12.33 2.70
C SER B 489 23.35 13.11 3.70
N GLN B 490 24.54 12.62 4.03
CA GLN B 490 25.46 13.31 4.92
C GLN B 490 26.41 14.24 4.18
N CYS B 491 26.28 14.36 2.87
CA CYS B 491 27.20 15.13 2.05
C CYS B 491 26.75 16.58 1.96
N ASN B 492 27.73 17.49 1.96
CA ASN B 492 27.46 18.92 1.92
C ASN B 492 27.78 19.57 0.58
N ASN B 493 28.69 19.00 -0.20
CA ASN B 493 29.13 19.59 -1.46
C ASN B 493 28.91 18.61 -2.60
N PHE B 494 28.46 19.13 -3.73
CA PHE B 494 28.11 18.32 -4.90
C PHE B 494 28.81 18.86 -6.13
N ILE B 495 29.49 17.98 -6.86
CA ILE B 495 30.03 18.26 -8.19
C ILE B 495 29.30 17.36 -9.17
N ASN B 496 28.45 17.96 -9.99
CA ASN B 496 27.58 17.21 -10.89
C ASN B 496 28.09 17.30 -12.32
N LEU B 497 28.30 16.13 -12.93
CA LEU B 497 28.62 16.03 -14.34
C LEU B 497 27.33 15.82 -15.13
N ARG B 498 27.45 15.46 -16.41
CA ARG B 498 26.28 15.25 -17.25
C ARG B 498 25.48 14.06 -16.76
N LEU B 499 24.15 14.18 -16.80
CA LEU B 499 23.24 13.11 -16.44
C LEU B 499 22.14 13.04 -17.48
N THR B 500 21.79 11.82 -17.89
CA THR B 500 20.82 11.61 -18.97
C THR B 500 19.69 10.66 -18.59
N ASN B 501 19.58 10.27 -17.32
CA ASN B 501 18.52 9.39 -16.86
C ASN B 501 17.60 10.16 -15.92
N ILE B 502 16.29 10.07 -16.15
CA ILE B 502 15.35 10.86 -15.37
C ILE B 502 15.29 10.38 -13.93
N ASN B 503 15.50 9.09 -13.69
CA ASN B 503 15.51 8.57 -12.32
C ASN B 503 16.66 9.18 -11.53
N ASP B 504 17.86 9.19 -12.11
CA ASP B 504 19.00 9.78 -11.43
C ASP B 504 18.82 11.28 -11.23
N GLN B 505 18.27 11.96 -12.24
CA GLN B 505 18.02 13.39 -12.11
C GLN B 505 17.06 13.69 -10.97
N ASN B 506 15.96 12.93 -10.87
CA ASN B 506 15.01 13.13 -9.80
C ASN B 506 15.62 12.81 -8.43
N TYR B 507 16.38 11.73 -8.34
CA TYR B 507 16.99 11.36 -7.06
C TYR B 507 17.98 12.41 -6.61
N ILE B 508 18.77 12.96 -7.55
CA ILE B 508 19.73 14.00 -7.19
C ILE B 508 19.02 15.29 -6.79
N LYS B 509 18.00 15.69 -7.57
CA LYS B 509 17.28 16.91 -7.26
C LYS B 509 16.40 16.79 -6.03
N ASN B 510 16.21 15.59 -5.51
CA ASN B 510 15.54 15.42 -4.22
C ASN B 510 16.50 15.47 -3.04
N LEU B 511 17.80 15.66 -3.30
CA LEU B 511 18.80 15.77 -2.23
C LEU B 511 19.63 17.03 -2.27
N LEU B 512 19.65 17.76 -3.39
CA LEU B 512 20.50 18.94 -3.50
C LEU B 512 20.03 20.03 -2.55
N PRO B 513 20.95 20.75 -1.91
CA PRO B 513 20.53 21.89 -1.07
C PRO B 513 19.77 22.96 -1.85
N ASP B 514 20.11 23.18 -3.11
CA ASP B 514 19.39 24.11 -3.98
C ASP B 514 18.66 23.31 -5.04
N ASN B 515 17.33 23.48 -5.11
CA ASN B 515 16.49 22.74 -6.04
C ASN B 515 15.75 23.67 -6.99
N SER B 516 16.31 24.84 -7.27
CA SER B 516 15.71 25.73 -8.24
C SER B 516 15.65 25.05 -9.62
N ARG B 517 14.50 25.20 -10.28
CA ARG B 517 14.32 24.54 -11.57
C ARG B 517 15.31 25.06 -12.60
N SER B 518 15.65 26.34 -12.54
CA SER B 518 16.58 26.92 -13.50
C SER B 518 17.94 26.23 -13.47
N ILE B 519 18.33 25.67 -12.33
CA ILE B 519 19.60 24.97 -12.23
C ILE B 519 19.45 23.47 -12.48
N SER B 520 18.23 22.97 -12.60
CA SER B 520 17.99 21.55 -12.87
C SER B 520 17.79 21.25 -14.34
N GLU B 521 17.57 22.26 -15.17
CA GLU B 521 17.42 22.06 -16.61
C GLU B 521 18.73 22.14 -17.36
N ILE B 522 19.84 22.39 -16.66
CA ILE B 522 21.15 22.50 -17.30
C ILE B 522 21.92 21.19 -17.26
N LEU B 523 21.38 20.15 -16.60
CA LEU B 523 22.12 18.90 -16.47
C LEU B 523 22.29 18.19 -17.81
N PRO B 524 21.22 17.83 -18.54
CA PRO B 524 21.44 17.11 -19.81
C PRO B 524 21.70 18.05 -20.98
N THR B 525 22.51 19.09 -20.76
CA THR B 525 22.96 20.00 -21.81
C THR B 525 24.43 20.35 -21.59
N LEU B 526 25.13 19.52 -20.83
CA LEU B 526 26.47 19.85 -20.32
C LEU B 526 27.49 19.00 -21.06
N GLY B 527 28.50 19.67 -21.63
CA GLY B 527 29.51 18.98 -22.41
C GLY B 527 30.59 18.34 -21.57
N ALA B 528 31.56 17.75 -22.27
CA ALA B 528 32.68 17.10 -21.62
C ALA B 528 33.62 18.15 -21.01
N GLY B 529 33.99 17.94 -19.75
CA GLY B 529 34.84 18.86 -19.05
C GLY B 529 34.13 19.95 -18.27
N GLU B 530 32.81 20.03 -18.35
CA GLU B 530 32.03 21.04 -17.66
C GLU B 530 31.26 20.40 -16.51
N CYS B 531 31.27 21.06 -15.36
CA CYS B 531 30.60 20.53 -14.17
C CYS B 531 29.84 21.64 -13.46
N LEU B 532 28.81 21.25 -12.72
CA LEU B 532 28.02 22.16 -11.91
C LEU B 532 28.40 22.00 -10.44
N VAL B 533 28.65 23.12 -9.76
CA VAL B 533 29.16 23.10 -8.39
C VAL B 533 28.08 23.64 -7.47
N VAL B 534 27.72 22.86 -6.45
CA VAL B 534 26.72 23.26 -5.47
C VAL B 534 27.27 22.99 -4.07
N GLY B 535 27.07 23.93 -3.16
CA GLY B 535 27.45 23.72 -1.77
C GLY B 535 27.73 25.03 -1.07
N ASP B 536 28.23 24.90 0.16
CA ASP B 536 28.49 26.05 1.02
C ASP B 536 29.77 26.79 0.62
N SER B 537 30.74 26.09 0.04
CA SER B 537 32.01 26.71 -0.31
C SER B 537 31.87 27.75 -1.40
N THR B 538 30.80 27.69 -2.20
CA THR B 538 30.60 28.65 -3.28
C THR B 538 29.42 29.57 -2.96
N PRO B 539 29.50 30.85 -3.35
CA PRO B 539 28.37 31.76 -3.09
C PRO B 539 27.25 31.63 -4.11
N ILE B 540 27.58 31.28 -5.35
CA ILE B 540 26.60 31.12 -6.41
C ILE B 540 26.83 29.77 -7.10
N PRO B 541 25.79 28.97 -7.31
CA PRO B 541 25.96 27.76 -8.13
C PRO B 541 26.40 28.15 -9.54
N SER B 542 27.32 27.36 -10.10
CA SER B 542 27.95 27.77 -11.34
C SER B 542 28.47 26.57 -12.11
N ILE B 543 28.74 26.81 -13.39
CA ILE B 543 29.34 25.83 -14.30
C ILE B 543 30.81 26.18 -14.47
N VAL B 544 31.66 25.19 -14.26
CA VAL B 544 33.11 25.36 -14.34
C VAL B 544 33.65 24.37 -15.37
N LYS B 545 34.53 24.86 -16.24
CA LYS B 545 35.24 24.02 -17.21
C LYS B 545 36.61 23.67 -16.66
N LEU B 546 36.93 22.38 -16.65
CA LEU B 546 38.17 21.89 -16.08
C LEU B 546 39.18 21.55 -17.17
N GLU B 547 40.45 21.51 -16.76
CA GLU B 547 41.53 21.13 -17.66
C GLU B 547 41.74 19.62 -17.62
N LEU B 548 42.83 19.14 -18.22
CA LEU B 548 43.09 17.72 -18.25
C LEU B 548 44.26 17.37 -17.33
N PRO B 549 44.23 16.20 -16.70
CA PRO B 549 45.33 15.80 -15.82
C PRO B 549 46.56 15.41 -16.63
N ASN B 550 47.71 15.40 -15.94
CA ASN B 550 48.98 15.02 -16.53
C ASN B 550 49.89 14.48 -15.44
N PRO B 551 50.12 13.16 -15.37
CA PRO B 551 49.66 12.08 -16.26
C PRO B 551 48.15 11.82 -16.22
N GLU B 552 47.66 11.03 -17.17
CA GLU B 552 46.23 10.72 -17.30
C GLU B 552 45.96 9.28 -16.89
N PRO B 553 44.79 9.01 -16.32
CA PRO B 553 44.44 7.63 -15.97
C PRO B 553 43.95 6.85 -17.17
N ARG B 554 44.35 5.58 -17.23
CA ARG B 554 44.01 4.72 -18.35
C ARG B 554 43.59 3.34 -17.84
N SER B 555 42.62 2.75 -18.50
CA SER B 555 42.12 1.41 -18.17
C SER B 555 42.26 0.49 -19.37
N GLN B 556 42.32 -0.81 -19.09
CA GLN B 556 42.49 -1.83 -20.12
C GLN B 556 41.26 -2.73 -20.17
N SER B 557 40.76 -2.98 -21.38
CA SER B 557 39.60 -3.84 -21.57
C SER B 557 39.67 -4.45 -22.96
N ILE B 558 38.90 -5.53 -23.15
CA ILE B 558 38.88 -6.21 -24.44
C ILE B 558 38.21 -5.32 -25.48
N LYS B 559 38.71 -5.40 -26.72
CA LYS B 559 38.25 -4.54 -27.80
C LYS B 559 37.06 -5.12 -28.57
N PHE B 560 36.70 -6.38 -28.33
CA PHE B 560 35.59 -7.03 -29.01
C PHE B 560 35.77 -7.00 -30.53
N HIS B 561 35.40 -5.88 -31.15
CA HIS B 561 35.42 -5.79 -32.61
C HIS B 561 36.83 -6.01 -33.17
N LYS B 562 37.83 -5.37 -32.55
CA LYS B 562 39.20 -5.58 -33.00
C LYS B 562 39.63 -7.03 -32.80
N LYS B 563 39.05 -7.72 -31.83
CA LYS B 563 39.32 -9.13 -31.62
C LYS B 563 38.38 -10.02 -32.43
N TRP B 564 37.39 -9.44 -33.11
CA TRP B 564 36.50 -10.18 -33.98
C TRP B 564 36.89 -10.07 -35.45
N SER B 565 38.05 -9.50 -35.75
CA SER B 565 38.54 -9.34 -37.11
C SER B 565 39.96 -9.90 -37.24
N GLU B 566 40.18 -11.08 -36.69
CA GLU B 566 41.50 -11.72 -36.67
C GLU B 566 41.44 -13.04 -37.41
N SER B 567 42.62 -13.57 -37.73
CA SER B 567 42.75 -14.86 -38.39
C SER B 567 42.61 -15.96 -37.34
N TRP B 568 42.92 -17.20 -37.72
CA TRP B 568 42.82 -18.34 -36.81
C TRP B 568 43.97 -18.24 -35.79
N ARG B 569 43.75 -17.42 -34.78
CA ARG B 569 44.73 -17.17 -33.72
C ARG B 569 44.40 -17.94 -32.44
N THR B 570 43.55 -18.95 -32.52
CA THR B 570 43.08 -19.66 -31.34
C THR B 570 44.27 -20.23 -30.56
N PRO B 571 44.35 -19.97 -29.25
CA PRO B 571 45.48 -20.48 -28.47
C PRO B 571 45.53 -21.99 -28.46
N SER B 572 46.75 -22.53 -28.35
CA SER B 572 46.94 -23.96 -28.31
C SER B 572 46.27 -24.57 -27.08
N PHE B 573 45.66 -25.74 -27.27
CA PHE B 573 44.97 -26.40 -26.16
C PHE B 573 45.92 -26.85 -25.07
N GLU B 574 47.17 -27.15 -25.43
CA GLU B 574 48.14 -27.57 -24.42
C GLU B 574 48.39 -26.48 -23.40
N GLU B 575 48.49 -25.22 -23.85
CA GLU B 575 48.68 -24.12 -22.94
C GLU B 575 47.45 -23.90 -22.05
N VAL B 576 46.26 -24.05 -22.60
CA VAL B 576 45.05 -23.76 -21.84
C VAL B 576 44.69 -24.88 -20.88
N ILE B 577 45.17 -26.11 -21.12
CA ILE B 577 44.91 -27.18 -20.16
C ILE B 577 45.94 -27.22 -19.04
N MET B 578 47.09 -26.56 -19.22
CA MET B 578 48.09 -26.49 -18.17
C MET B 578 47.75 -25.40 -17.16
N ARG B 579 48.51 -25.38 -16.06
CA ARG B 579 48.41 -24.38 -15.00
C ARG B 579 47.13 -24.59 -14.18
N TRP B 580 46.27 -25.51 -14.63
CA TRP B 580 45.07 -25.83 -13.86
C TRP B 580 45.38 -26.81 -12.73
N ARG B 581 46.19 -27.83 -13.02
CA ARG B 581 46.61 -28.79 -12.00
C ARG B 581 47.99 -28.39 -11.46
N LYS B 582 48.00 -27.25 -10.78
CA LYS B 582 49.25 -26.71 -10.25
C LYS B 582 49.87 -27.65 -9.23
N GLU B 583 49.16 -27.88 -8.12
CA GLU B 583 49.63 -28.78 -7.07
C GLU B 583 48.70 -29.97 -6.86
N ASN B 584 47.41 -29.72 -6.61
CA ASN B 584 46.43 -30.78 -6.39
C ASN B 584 45.16 -30.40 -7.16
N GLY B 585 45.07 -30.87 -8.41
CA GLY B 585 43.91 -30.60 -9.23
C GLY B 585 43.86 -29.18 -9.78
N MET C 1 22.51 38.42 -44.10
CA MET C 1 21.36 37.56 -43.90
C MET C 1 21.21 36.60 -45.08
N LYS C 2 21.43 35.31 -44.82
CA LYS C 2 21.37 34.31 -45.88
C LYS C 2 19.92 33.95 -46.21
N ILE C 3 19.19 33.44 -45.23
CA ILE C 3 17.79 33.04 -45.39
C ILE C 3 16.88 33.84 -44.48
N GLY C 4 17.24 33.95 -43.20
CA GLY C 4 16.42 34.66 -42.25
C GLY C 4 17.22 35.06 -41.03
N SER C 5 16.55 35.78 -40.13
CA SER C 5 17.16 36.29 -38.92
C SER C 5 16.41 35.78 -37.69
N VAL C 6 17.17 35.45 -36.64
CA VAL C 6 16.57 34.98 -35.40
C VAL C 6 15.75 36.09 -34.76
N ILE C 7 14.55 35.75 -34.30
CA ILE C 7 13.66 36.73 -33.71
C ILE C 7 13.45 36.52 -32.21
N GLU C 8 13.68 35.33 -31.66
CA GLU C 8 13.50 35.14 -30.23
C GLU C 8 14.44 34.04 -29.74
N SER C 9 15.12 34.31 -28.63
CA SER C 9 16.04 33.36 -28.00
C SER C 9 15.55 33.05 -26.59
N SER C 10 15.41 31.77 -26.29
CA SER C 10 14.93 31.29 -25.00
C SER C 10 15.71 30.05 -24.63
N PRO C 11 15.77 29.70 -23.33
CA PRO C 11 16.50 28.49 -22.93
C PRO C 11 15.77 27.20 -23.28
N HIS C 12 14.62 27.32 -23.95
CA HIS C 12 13.83 26.17 -24.36
C HIS C 12 13.82 25.96 -25.87
N SER C 13 13.60 27.02 -26.64
CA SER C 13 13.55 26.92 -28.09
C SER C 13 13.90 28.28 -28.68
N ILE C 14 14.22 28.28 -29.97
CA ILE C 14 14.60 29.49 -30.69
C ILE C 14 13.62 29.72 -31.83
N LEU C 15 13.18 30.96 -31.97
CA LEU C 15 12.23 31.33 -33.01
C LEU C 15 12.92 32.20 -34.06
N VAL C 16 12.76 31.81 -35.32
CA VAL C 16 13.38 32.48 -36.46
C VAL C 16 12.28 32.83 -37.46
N LYS C 17 12.53 33.85 -38.28
CA LYS C 17 11.61 34.26 -39.32
C LYS C 17 12.29 34.19 -40.67
N ILE C 18 11.53 33.86 -41.71
CA ILE C 18 12.04 33.69 -43.07
C ILE C 18 11.36 34.72 -43.97
N ASP C 19 12.17 35.41 -44.79
CA ASP C 19 11.61 36.34 -45.75
C ASP C 19 10.72 35.60 -46.75
N THR C 20 9.59 36.23 -47.07
CA THR C 20 8.56 35.58 -47.89
C THR C 20 8.92 35.69 -49.37
N LEU C 21 7.94 35.37 -50.22
CA LEU C 21 8.03 35.49 -51.67
C LEU C 21 9.02 34.49 -52.26
N LYS C 22 10.19 34.96 -52.71
CA LYS C 22 11.06 34.11 -53.51
C LYS C 22 11.79 33.07 -52.67
N ILE C 23 12.25 33.46 -51.48
CA ILE C 23 13.12 32.58 -50.69
C ILE C 23 12.38 31.32 -50.29
N PHE C 24 11.14 31.47 -49.80
CA PHE C 24 10.39 30.32 -49.32
C PHE C 24 10.11 29.33 -50.44
N GLU C 25 9.71 29.82 -51.62
CA GLU C 25 9.43 28.93 -52.74
C GLU C 25 10.70 28.28 -53.27
N LYS C 26 11.81 29.02 -53.29
CA LYS C 26 13.05 28.47 -53.84
C LYS C 26 13.71 27.48 -52.90
N ALA C 27 13.50 27.60 -51.60
CA ALA C 27 14.17 26.75 -50.61
C ALA C 27 13.16 26.07 -49.70
N LYS C 28 12.09 25.53 -50.29
CA LYS C 28 11.10 24.79 -49.52
C LYS C 28 11.38 23.30 -49.46
N SER C 29 12.38 22.81 -50.20
CA SER C 29 12.73 21.39 -50.16
C SER C 29 13.60 21.04 -48.97
N ALA C 30 14.18 22.03 -48.30
CA ALA C 30 15.01 21.80 -47.13
C ALA C 30 14.36 22.23 -45.83
N LEU C 31 13.24 22.96 -45.90
CA LEU C 31 12.54 23.42 -44.70
C LEU C 31 11.39 22.47 -44.42
N GLN C 32 11.74 21.31 -43.89
CA GLN C 32 10.78 20.29 -43.49
C GLN C 32 11.05 19.86 -42.07
N ILE C 33 10.01 19.33 -41.41
CA ILE C 33 10.15 18.91 -40.03
C ILE C 33 11.09 17.72 -39.94
N GLY C 34 12.09 17.83 -39.07
CA GLY C 34 13.09 16.80 -38.90
C GLY C 34 14.41 17.05 -39.59
N LYS C 35 14.58 18.20 -40.24
CA LYS C 35 15.81 18.53 -40.93
C LYS C 35 16.69 19.39 -40.03
N TYR C 36 17.86 19.79 -40.55
CA TYR C 36 18.88 20.45 -39.77
C TYR C 36 19.21 21.83 -40.34
N LEU C 37 19.59 22.73 -39.45
CA LEU C 37 20.06 24.07 -39.80
C LEU C 37 21.24 24.42 -38.91
N LYS C 38 21.98 25.45 -39.30
CA LYS C 38 23.06 25.97 -38.48
C LYS C 38 22.88 27.47 -38.28
N ILE C 39 23.19 27.94 -37.09
CA ILE C 39 22.97 29.33 -36.70
C ILE C 39 24.29 29.92 -36.20
N GLN C 40 24.59 31.14 -36.66
CA GLN C 40 25.77 31.85 -36.19
C GLN C 40 25.65 32.18 -34.71
N GLU C 41 26.78 32.09 -34.01
CA GLU C 41 26.81 32.39 -32.57
C GLU C 41 28.23 32.75 -32.19
N GLY C 42 28.43 33.98 -31.72
CA GLY C 42 29.75 34.43 -31.32
C GLY C 42 30.50 35.03 -32.48
N ASN C 43 31.78 34.67 -32.63
CA ASN C 43 32.63 35.19 -33.68
C ASN C 43 32.74 34.23 -34.86
N HIS C 44 33.17 32.98 -34.60
CA HIS C 44 33.34 31.99 -35.65
C HIS C 44 32.81 30.63 -35.24
N ASN C 45 31.76 30.60 -34.41
CA ASN C 45 31.15 29.36 -33.95
C ASN C 45 29.74 29.24 -34.48
N PHE C 46 29.31 28.00 -34.72
CA PHE C 46 27.98 27.71 -35.24
C PHE C 46 27.29 26.69 -34.34
N VAL C 47 25.97 26.79 -34.28
CA VAL C 47 25.15 25.91 -33.45
C VAL C 47 24.19 25.15 -34.36
N LEU C 48 24.15 23.83 -34.19
CA LEU C 48 23.26 22.98 -34.98
C LEU C 48 21.87 22.94 -34.35
N CYS C 49 20.85 22.99 -35.19
CA CYS C 49 19.46 23.06 -34.73
C CYS C 49 18.58 22.19 -35.62
N VAL C 50 17.42 21.81 -35.08
CA VAL C 50 16.45 20.97 -35.78
C VAL C 50 15.10 21.67 -35.78
N ILE C 51 14.44 21.66 -36.94
CA ILE C 51 13.15 22.32 -37.10
C ILE C 51 12.05 21.48 -36.45
N GLN C 52 11.10 22.15 -35.80
CA GLN C 52 10.03 21.45 -35.09
C GLN C 52 8.65 21.94 -35.53
N ASN C 53 8.53 23.20 -35.92
CA ASN C 53 7.23 23.74 -36.28
C ASN C 53 7.41 24.91 -37.26
N ILE C 54 6.53 24.96 -38.26
CA ILE C 54 6.52 26.01 -39.26
C ILE C 54 5.11 26.59 -39.33
N LYS C 55 5.01 27.92 -39.36
CA LYS C 55 3.72 28.58 -39.39
C LYS C 55 3.79 29.81 -40.29
N ILE C 56 2.61 30.24 -40.76
CA ILE C 56 2.47 31.42 -41.61
C ILE C 56 1.62 32.43 -40.86
N SER C 57 2.07 33.68 -40.84
CA SER C 57 1.36 34.76 -40.15
C SER C 57 1.20 35.94 -41.09
N THR C 58 0.06 36.63 -40.94
CA THR C 58 -0.27 37.78 -41.77
C THR C 58 -0.22 39.04 -40.89
N ASP C 59 0.97 39.62 -40.79
CA ASP C 59 1.17 40.86 -40.05
C ASP C 59 1.25 42.02 -41.06
N LYS C 60 0.24 42.87 -41.06
CA LYS C 60 0.15 43.99 -42.00
C LYS C 60 0.17 43.49 -43.44
N ASP C 61 -0.43 42.32 -43.67
CA ASP C 61 -0.53 41.70 -45.00
C ASP C 61 0.86 41.50 -45.62
N GLU C 62 1.68 40.70 -44.94
CA GLU C 62 3.02 40.39 -45.41
C GLU C 62 3.26 38.90 -45.64
N ASP C 63 2.43 38.01 -45.08
CA ASP C 63 2.55 36.58 -45.27
C ASP C 63 3.94 36.07 -44.84
N ILE C 64 4.37 36.48 -43.65
CA ILE C 64 5.65 36.06 -43.13
C ILE C 64 5.58 34.61 -42.66
N PHE C 65 6.75 33.97 -42.58
CA PHE C 65 6.86 32.59 -42.15
C PHE C 65 7.76 32.50 -40.93
N ILE C 66 7.34 31.73 -39.92
CA ILE C 66 8.03 31.61 -38.65
C ILE C 66 8.34 30.14 -38.38
N LEU C 67 9.57 29.88 -37.94
CA LEU C 67 10.05 28.54 -37.68
C LEU C 67 10.55 28.45 -36.23
N THR C 68 10.36 27.28 -35.64
CA THR C 68 10.84 26.99 -34.29
C THR C 68 11.91 25.91 -34.36
N VAL C 69 13.06 26.16 -33.73
CA VAL C 69 14.21 25.27 -33.78
C VAL C 69 14.71 25.00 -32.38
N GLN C 70 15.43 23.88 -32.25
CA GLN C 70 16.01 23.43 -30.98
C GLN C 70 17.47 23.04 -31.21
N PRO C 71 18.39 23.55 -30.41
CA PRO C 71 19.82 23.25 -30.62
C PRO C 71 20.20 21.84 -30.17
N VAL C 72 21.21 21.30 -30.84
CA VAL C 72 21.68 19.94 -30.55
C VAL C 72 23.18 19.84 -30.39
N GLY C 73 23.98 20.83 -30.78
CA GLY C 73 25.42 20.71 -30.65
C GLY C 73 26.10 21.92 -31.26
N ILE C 74 27.44 21.91 -31.19
CA ILE C 74 28.23 23.06 -31.60
C ILE C 74 29.29 22.61 -32.62
N PHE C 75 29.72 23.56 -33.45
CA PHE C 75 30.78 23.34 -34.42
C PHE C 75 31.93 24.29 -34.11
N LYS C 76 33.13 23.73 -33.95
CA LYS C 76 34.34 24.52 -33.78
C LYS C 76 35.35 24.10 -34.84
N GLY C 77 35.82 25.06 -35.61
CA GLY C 77 36.70 24.78 -36.73
C GLY C 77 36.01 23.89 -37.75
N GLU C 78 36.43 22.63 -37.82
CA GLU C 78 35.79 21.63 -38.66
C GLU C 78 35.44 20.40 -37.83
N GLU C 79 35.03 20.61 -36.58
CA GLU C 79 34.73 19.53 -35.66
C GLU C 79 33.38 19.77 -34.99
N PHE C 80 32.67 18.68 -34.73
CA PHE C 80 31.37 18.71 -34.08
C PHE C 80 31.50 18.23 -32.64
N PHE C 81 30.84 18.95 -31.73
CA PHE C 81 30.86 18.60 -30.31
C PHE C 81 29.45 18.62 -29.75
N GLN C 82 29.18 17.69 -28.83
CA GLN C 82 27.86 17.52 -28.25
C GLN C 82 27.70 18.40 -27.01
N GLY C 83 26.52 18.98 -26.85
CA GLY C 83 26.22 19.80 -25.70
C GLY C 83 26.73 21.21 -25.85
N ASN C 84 25.87 22.18 -25.56
CA ASN C 84 26.26 23.58 -25.66
C ASN C 84 25.53 24.38 -24.57
N SER C 85 26.27 25.31 -23.95
CA SER C 85 25.70 26.20 -22.95
C SER C 85 25.60 27.64 -23.46
N MET C 86 25.83 27.87 -24.75
CA MET C 86 25.80 29.19 -25.35
C MET C 86 24.65 29.24 -26.35
N LEU C 87 23.87 30.32 -26.30
CA LEU C 87 22.73 30.46 -27.18
C LEU C 87 22.84 31.75 -27.98
N PRO C 88 22.49 31.72 -29.27
CA PRO C 88 22.57 32.93 -30.09
C PRO C 88 21.58 34.00 -29.64
N SER C 89 21.95 35.24 -29.86
CA SER C 89 21.15 36.41 -29.53
C SER C 89 20.36 36.86 -30.76
N PRO C 90 19.28 37.62 -30.55
CA PRO C 90 18.52 38.16 -31.70
C PRO C 90 19.37 38.91 -32.70
N THR C 91 18.84 39.09 -33.91
CA THR C 91 19.55 39.71 -35.04
C THR C 91 20.84 38.96 -35.35
N GLU C 92 20.66 37.69 -35.76
CA GLU C 92 21.77 36.81 -36.11
C GLU C 92 21.31 35.94 -37.28
N PRO C 93 22.13 35.81 -38.33
CA PRO C 93 21.67 35.11 -39.53
C PRO C 93 21.65 33.59 -39.37
N VAL C 94 20.90 32.95 -40.27
CA VAL C 94 20.79 31.50 -40.35
C VAL C 94 21.29 31.08 -41.73
N PHE C 95 22.17 30.07 -41.76
CA PHE C 95 22.95 29.76 -42.95
C PHE C 95 22.66 28.37 -43.51
N LEU C 96 21.49 27.79 -43.22
CA LEU C 96 21.11 26.48 -43.74
C LEU C 96 22.15 25.41 -43.43
N VAL C 97 22.22 24.38 -44.27
CA VAL C 97 23.18 23.30 -44.08
C VAL C 97 23.44 22.64 -45.43
N GLU C 98 24.63 22.06 -45.58
CA GLU C 98 25.01 21.33 -46.79
C GLU C 98 25.18 19.85 -46.45
N ASP C 99 24.77 18.99 -47.40
CA ASP C 99 24.83 17.56 -47.17
C ASP C 99 26.26 17.02 -47.11
N ASP C 100 27.26 17.82 -47.47
CA ASP C 100 28.65 17.38 -47.37
C ASP C 100 29.17 17.41 -45.95
N ILE C 101 28.51 18.14 -45.04
CA ILE C 101 28.94 18.21 -43.65
C ILE C 101 28.22 17.20 -42.76
N LEU C 102 27.07 16.68 -43.21
CA LEU C 102 26.36 15.67 -42.44
C LEU C 102 27.03 14.30 -42.49
N ASN C 103 27.77 14.00 -43.56
CA ASN C 103 28.48 12.75 -43.66
C ASN C 103 29.68 12.70 -42.72
N LYS C 104 30.33 13.85 -42.48
CA LYS C 104 31.48 13.88 -41.57
C LYS C 104 31.06 13.54 -40.14
N ILE C 105 29.92 14.06 -39.70
CA ILE C 105 29.48 13.83 -38.33
C ILE C 105 29.12 12.36 -38.13
N PHE C 106 28.35 11.79 -39.05
CA PHE C 106 27.81 10.45 -38.91
C PHE C 106 28.78 9.36 -39.37
N SER C 107 29.92 9.73 -39.95
CA SER C 107 30.92 8.77 -40.42
C SER C 107 32.30 9.32 -40.11
N ASN C 108 32.84 8.90 -38.96
CA ASN C 108 34.16 9.35 -38.54
C ASN C 108 35.24 8.56 -39.28
N GLU C 109 36.50 8.84 -38.93
CA GLU C 109 37.65 8.17 -39.53
C GLU C 109 38.15 7.11 -38.57
N LYS C 110 38.25 5.87 -39.07
CA LYS C 110 38.66 4.70 -38.27
C LYS C 110 37.67 4.59 -37.12
N THR C 111 38.11 4.38 -35.88
CA THR C 111 37.23 4.27 -34.71
C THR C 111 36.17 3.18 -34.90
N LYS C 112 36.56 2.09 -35.55
CA LYS C 112 35.73 0.89 -35.68
C LYS C 112 34.39 1.22 -36.37
N ILE C 113 34.52 1.61 -37.64
CA ILE C 113 33.34 1.94 -38.44
C ILE C 113 32.46 0.69 -38.59
N PHE C 114 31.17 0.86 -38.33
CA PHE C 114 30.19 -0.22 -38.50
C PHE C 114 28.95 0.41 -39.14
N HIS C 115 28.78 0.17 -40.44
CA HIS C 115 27.65 0.75 -41.16
C HIS C 115 26.34 0.12 -40.73
N LEU C 116 25.28 0.93 -40.71
CA LEU C 116 23.98 0.41 -40.31
C LEU C 116 22.90 0.65 -41.35
N GLY C 117 22.89 1.80 -42.00
CA GLY C 117 21.88 2.10 -42.99
C GLY C 117 21.94 3.53 -43.50
N ASN C 118 20.77 4.14 -43.71
CA ASN C 118 20.69 5.51 -44.17
C ASN C 118 19.63 6.25 -43.37
N LEU C 119 19.76 7.57 -43.31
CA LEU C 119 18.79 8.40 -42.62
C LEU C 119 17.46 8.42 -43.38
N ALA C 120 16.38 8.64 -42.63
CA ALA C 120 15.05 8.63 -43.22
C ALA C 120 14.73 9.94 -43.93
N GLN C 121 15.05 11.07 -43.31
CA GLN C 121 14.75 12.36 -43.91
C GLN C 121 15.61 12.62 -45.15
N ASN C 122 16.88 12.21 -45.10
CA ASN C 122 17.79 12.36 -46.23
C ASN C 122 18.40 10.99 -46.53
N GLU C 123 18.26 10.54 -47.77
CA GLU C 123 18.75 9.23 -48.18
C GLU C 123 20.19 9.26 -48.65
N GLU C 124 20.81 10.43 -48.75
CA GLU C 124 22.19 10.55 -49.21
C GLU C 124 23.20 10.58 -48.07
N VAL C 125 22.76 10.41 -46.83
CA VAL C 125 23.62 10.44 -45.66
C VAL C 125 23.63 9.06 -45.03
N SER C 126 24.80 8.46 -44.92
CA SER C 126 24.94 7.14 -44.33
C SER C 126 25.00 7.23 -42.81
N PHE C 127 24.78 6.10 -42.15
CA PHE C 127 24.80 6.00 -40.70
C PHE C 127 25.84 4.96 -40.27
N THR C 128 26.75 5.36 -39.40
CA THR C 128 27.81 4.50 -38.91
C THR C 128 27.84 4.53 -37.38
N LEU C 129 28.36 3.45 -36.81
CA LEU C 129 28.50 3.30 -35.37
C LEU C 129 29.92 2.85 -35.04
N ASP C 130 30.26 2.95 -33.76
CA ASP C 130 31.55 2.47 -33.26
C ASP C 130 31.38 1.01 -32.83
N GLY C 131 31.95 0.10 -33.60
CA GLY C 131 31.77 -1.32 -33.35
C GLY C 131 32.45 -1.82 -32.08
N ASP C 132 33.50 -1.14 -31.63
CA ASP C 132 34.17 -1.54 -30.40
C ASP C 132 33.25 -1.38 -29.19
N LYS C 133 32.47 -0.29 -29.16
CA LYS C 133 31.65 0.03 -28.00
C LYS C 133 30.22 -0.52 -28.08
N PHE C 134 29.72 -0.79 -29.29
CA PHE C 134 28.35 -1.29 -29.41
C PHE C 134 28.20 -2.65 -28.77
N PHE C 135 29.17 -3.53 -28.97
CA PHE C 135 29.18 -4.86 -28.36
C PHE C 135 29.90 -4.89 -27.03
N SER C 136 30.32 -3.73 -26.52
CA SER C 136 31.02 -3.67 -25.24
C SER C 136 30.14 -4.18 -24.11
N LYS C 137 28.88 -3.73 -24.07
CA LYS C 137 27.95 -4.15 -23.03
C LYS C 137 26.53 -3.78 -23.41
N HIS C 138 25.64 -4.77 -23.45
CA HIS C 138 24.19 -4.59 -23.42
C HIS C 138 23.61 -3.99 -24.70
N VAL C 139 22.55 -4.61 -25.20
CA VAL C 139 21.81 -4.12 -26.36
C VAL C 139 20.32 -4.29 -26.05
N ALA C 140 19.51 -3.34 -26.52
CA ALA C 140 18.07 -3.38 -26.30
C ALA C 140 17.34 -3.16 -27.63
N VAL C 141 16.37 -4.04 -27.91
CA VAL C 141 15.51 -3.92 -29.09
C VAL C 141 14.07 -4.04 -28.63
N VAL C 142 13.25 -3.05 -28.99
CA VAL C 142 11.84 -3.02 -28.64
C VAL C 142 11.02 -2.67 -29.86
N GLY C 143 9.71 -2.92 -29.77
CA GLY C 143 8.82 -2.64 -30.87
C GLY C 143 7.43 -3.20 -30.60
N SER C 144 6.65 -3.32 -31.67
CA SER C 144 5.29 -3.83 -31.59
C SER C 144 5.06 -4.84 -32.71
N THR C 145 4.00 -5.62 -32.55
CA THR C 145 3.65 -6.64 -33.53
C THR C 145 3.23 -5.99 -34.84
N GLY C 146 3.71 -6.54 -35.95
CA GLY C 146 3.39 -6.03 -37.27
C GLY C 146 4.31 -4.95 -37.78
N SER C 147 5.28 -4.51 -36.99
CA SER C 147 6.22 -3.47 -37.40
C SER C 147 7.52 -4.02 -37.97
N GLY C 148 7.64 -5.34 -38.11
CA GLY C 148 8.85 -5.93 -38.65
C GLY C 148 10.03 -5.81 -37.73
N LYS C 149 9.98 -6.50 -36.60
CA LYS C 149 11.03 -6.40 -35.58
C LYS C 149 12.21 -7.31 -35.85
N SER C 150 11.96 -8.59 -36.18
CA SER C 150 13.03 -9.55 -36.35
C SER C 150 13.92 -9.23 -37.55
N CYS C 151 13.41 -8.47 -38.52
CA CYS C 151 14.22 -8.12 -39.69
C CYS C 151 15.43 -7.30 -39.29
N ALA C 152 15.27 -6.38 -38.33
CA ALA C 152 16.39 -5.55 -37.89
C ALA C 152 17.49 -6.41 -37.26
N VAL C 153 17.09 -7.35 -36.38
CA VAL C 153 18.06 -8.23 -35.75
C VAL C 153 18.75 -9.10 -36.78
N ALA C 154 17.99 -9.62 -37.75
CA ALA C 154 18.57 -10.44 -38.79
C ALA C 154 19.60 -9.66 -39.61
N LYS C 155 19.27 -8.42 -39.97
CA LYS C 155 20.20 -7.60 -40.73
C LYS C 155 21.45 -7.29 -39.92
N ILE C 156 21.29 -6.96 -38.63
CA ILE C 156 22.45 -6.63 -37.80
C ILE C 156 23.38 -7.82 -37.69
N LEU C 157 22.83 -9.00 -37.38
CA LEU C 157 23.66 -10.19 -37.26
C LEU C 157 24.29 -10.57 -38.59
N GLN C 158 23.56 -10.38 -39.70
CA GLN C 158 24.11 -10.69 -41.01
C GLN C 158 25.30 -9.78 -41.33
N ASN C 159 25.20 -8.50 -40.99
CA ASN C 159 26.34 -7.61 -41.16
C ASN C 159 27.51 -8.04 -40.28
N VAL C 160 27.23 -8.43 -39.04
CA VAL C 160 28.31 -8.77 -38.11
C VAL C 160 29.04 -10.04 -38.56
N VAL C 161 28.31 -11.07 -38.97
CA VAL C 161 28.94 -12.36 -39.23
C VAL C 161 29.91 -12.28 -40.41
N GLY C 162 29.53 -11.56 -41.46
CA GLY C 162 30.40 -11.42 -42.61
C GLY C 162 29.92 -12.14 -43.85
N ILE C 163 28.60 -12.18 -44.04
CA ILE C 163 27.99 -12.79 -45.23
C ILE C 163 27.14 -11.72 -45.90
N ASN C 164 27.42 -11.47 -47.18
CA ASN C 164 26.72 -10.43 -47.92
C ASN C 164 26.25 -10.99 -49.27
N ASP C 165 25.02 -10.64 -49.64
CA ASP C 165 24.42 -11.05 -50.91
C ASP C 165 24.46 -12.57 -51.07
N ALA C 166 24.15 -13.28 -49.98
CA ALA C 166 24.17 -14.75 -49.94
C ALA C 166 25.55 -15.30 -50.29
N ARG C 167 26.60 -14.51 -50.06
CA ARG C 167 27.97 -14.92 -50.32
C ARG C 167 28.83 -14.66 -49.10
N ASN C 168 29.71 -15.60 -48.79
CA ASN C 168 30.63 -15.48 -47.66
C ASN C 168 31.91 -14.83 -48.17
N ILE C 169 32.09 -13.54 -47.85
CA ILE C 169 33.27 -12.82 -48.32
C ILE C 169 34.54 -13.34 -47.64
N ASN C 170 34.44 -13.72 -46.36
CA ASN C 170 35.58 -14.22 -45.61
C ASN C 170 35.76 -15.72 -45.84
N LYS C 171 36.04 -16.06 -47.10
CA LYS C 171 36.26 -17.45 -47.50
C LYS C 171 37.73 -17.80 -47.61
N SER C 172 38.56 -16.89 -48.13
CA SER C 172 39.99 -17.18 -48.24
C SER C 172 40.63 -17.32 -46.86
N ASP C 173 40.26 -16.46 -45.92
CA ASP C 173 40.81 -16.48 -44.57
C ASP C 173 39.67 -16.52 -43.57
N LYS C 174 39.75 -17.44 -42.61
CA LYS C 174 38.74 -17.53 -41.57
C LYS C 174 38.88 -16.40 -40.57
N LYS C 175 37.77 -16.02 -39.96
CA LYS C 175 37.72 -14.93 -38.99
C LYS C 175 37.22 -15.45 -37.65
N ASN C 176 37.01 -14.53 -36.70
CA ASN C 176 36.61 -14.87 -35.34
C ASN C 176 35.28 -14.21 -35.03
N SER C 177 34.28 -15.01 -34.66
CA SER C 177 32.96 -14.52 -34.26
C SER C 177 32.17 -15.63 -33.58
N HIS C 178 31.57 -15.32 -32.43
CA HIS C 178 30.82 -16.31 -31.66
C HIS C 178 29.49 -15.71 -31.24
N ILE C 179 28.39 -16.33 -31.63
CA ILE C 179 27.04 -15.89 -31.27
C ILE C 179 26.19 -17.11 -30.93
N ILE C 180 25.44 -17.02 -29.82
CA ILE C 180 24.48 -18.04 -29.43
C ILE C 180 23.12 -17.38 -29.30
N ILE C 181 22.11 -17.98 -29.94
CA ILE C 181 20.76 -17.42 -30.00
C ILE C 181 19.82 -18.36 -29.25
N PHE C 182 18.90 -17.78 -28.49
CA PHE C 182 17.89 -18.51 -27.73
C PHE C 182 16.55 -18.32 -28.45
N ASP C 183 16.24 -19.21 -29.39
CA ASP C 183 15.02 -19.13 -30.17
C ASP C 183 13.96 -20.04 -29.56
N ILE C 184 12.77 -19.51 -29.33
CA ILE C 184 11.67 -20.27 -28.77
C ILE C 184 10.48 -20.34 -29.73
N HIS C 185 10.67 -19.96 -30.99
CA HIS C 185 9.62 -20.09 -31.99
C HIS C 185 10.11 -20.67 -33.31
N SER C 186 11.39 -21.03 -33.42
CA SER C 186 11.96 -21.60 -34.63
C SER C 186 11.74 -20.69 -35.84
N GLU C 187 12.29 -19.48 -35.74
CA GLU C 187 12.17 -18.49 -36.79
C GLU C 187 13.50 -17.97 -37.32
N TYR C 188 14.60 -18.21 -36.61
CA TYR C 188 15.87 -17.58 -36.96
C TYR C 188 16.84 -18.50 -37.68
N LYS C 189 16.56 -19.80 -37.75
CA LYS C 189 17.39 -20.70 -38.55
C LYS C 189 17.32 -20.35 -40.03
N SER C 190 16.12 -19.98 -40.51
CA SER C 190 15.95 -19.61 -41.90
C SER C 190 16.64 -18.30 -42.26
N ALA C 191 17.03 -17.49 -41.28
CA ALA C 191 17.74 -16.25 -41.54
C ALA C 191 19.25 -16.43 -41.65
N PHE C 192 19.76 -17.63 -41.33
CA PHE C 192 21.18 -17.88 -41.41
C PHE C 192 21.52 -19.14 -42.21
N GLU C 193 20.53 -19.81 -42.79
CA GLU C 193 20.75 -21.01 -43.59
C GLU C 193 21.00 -20.59 -45.04
N ILE C 194 22.22 -20.81 -45.51
CA ILE C 194 22.61 -20.42 -46.87
C ILE C 194 23.09 -21.64 -47.64
N ASP C 195 23.52 -21.43 -48.88
CA ASP C 195 24.02 -22.53 -49.70
C ASP C 195 25.30 -23.11 -49.09
N LYS C 196 25.49 -24.41 -49.30
CA LYS C 196 26.63 -25.13 -48.73
C LYS C 196 27.93 -24.91 -49.50
N ASN C 197 27.88 -24.24 -50.65
CA ASN C 197 29.07 -24.00 -51.45
C ASN C 197 29.86 -22.77 -51.00
N GLU C 198 29.38 -22.04 -50.01
CA GLU C 198 30.06 -20.85 -49.52
C GLU C 198 30.98 -21.12 -48.34
N ASP C 199 31.08 -22.37 -47.90
CA ASP C 199 31.98 -22.78 -46.81
C ASP C 199 31.66 -22.03 -45.52
N PHE C 200 30.42 -22.20 -45.05
CA PHE C 200 29.99 -21.67 -43.77
C PHE C 200 29.21 -22.75 -43.03
N ASN C 201 29.60 -23.01 -41.79
CA ASN C 201 29.00 -24.06 -40.99
C ASN C 201 28.08 -23.47 -39.94
N LEU C 202 26.84 -23.94 -39.91
CA LEU C 202 25.85 -23.54 -38.91
C LEU C 202 25.36 -24.78 -38.18
N ASN C 203 25.34 -24.71 -36.85
CA ASN C 203 24.93 -25.83 -36.01
C ASN C 203 23.62 -25.50 -35.33
N TYR C 204 22.63 -26.38 -35.49
CA TYR C 204 21.32 -26.21 -34.87
C TYR C 204 21.19 -27.14 -33.67
N LEU C 205 20.60 -26.62 -32.60
CA LEU C 205 20.45 -27.37 -31.35
C LEU C 205 18.99 -27.44 -30.97
N ASP C 206 18.48 -28.66 -30.81
CA ASP C 206 17.14 -28.91 -30.31
C ASP C 206 17.24 -29.67 -29.01
N VAL C 207 16.51 -29.21 -27.99
CA VAL C 207 16.64 -29.79 -26.66
C VAL C 207 16.01 -31.17 -26.57
N GLU C 208 15.04 -31.48 -27.45
CA GLU C 208 14.35 -32.76 -27.36
C GLU C 208 15.30 -33.93 -27.60
N LYS C 209 16.38 -33.72 -28.34
CA LYS C 209 17.36 -34.77 -28.59
C LYS C 209 18.74 -34.29 -28.18
N LEU C 210 18.85 -33.73 -26.98
CA LEU C 210 20.07 -33.07 -26.53
C LEU C 210 20.88 -33.85 -25.52
N LYS C 211 20.24 -34.72 -24.73
CA LYS C 211 20.92 -35.51 -23.70
C LYS C 211 21.62 -34.60 -22.69
N LEU C 212 20.81 -33.80 -22.00
CA LEU C 212 21.33 -32.86 -21.01
C LEU C 212 21.08 -33.40 -19.61
N PRO C 213 22.12 -33.72 -18.84
CA PRO C 213 21.90 -34.28 -17.51
C PRO C 213 21.41 -33.24 -16.52
N TYR C 214 20.80 -33.72 -15.44
CA TYR C 214 20.27 -32.88 -14.38
C TYR C 214 21.22 -32.78 -13.19
N TRP C 215 22.43 -33.30 -13.31
CA TRP C 215 23.39 -33.31 -12.21
C TRP C 215 23.84 -31.91 -11.80
N LEU C 216 23.56 -30.89 -12.61
CA LEU C 216 24.04 -29.54 -12.38
C LEU C 216 23.02 -28.69 -11.64
N MET C 217 21.92 -29.27 -11.17
CA MET C 217 20.85 -28.53 -10.50
C MET C 217 21.22 -28.37 -9.04
N ASN C 218 21.46 -27.13 -8.61
CA ASN C 218 22.04 -26.88 -7.29
C ASN C 218 21.02 -26.58 -6.20
N SER C 219 20.25 -25.50 -6.33
CA SER C 219 19.48 -25.00 -5.19
C SER C 219 17.97 -25.02 -5.45
N GLU C 220 17.49 -24.31 -6.47
CA GLU C 220 16.07 -24.21 -6.74
C GLU C 220 15.62 -25.02 -7.93
N GLU C 221 16.55 -25.40 -8.81
CA GLU C 221 16.19 -26.24 -9.95
C GLU C 221 15.76 -27.64 -9.51
N LEU C 222 16.31 -28.14 -8.40
CA LEU C 222 15.83 -29.38 -7.81
C LEU C 222 14.61 -29.18 -6.93
N GLU C 223 14.28 -27.95 -6.56
CA GLU C 223 13.13 -27.66 -5.71
C GLU C 223 11.91 -27.24 -6.51
N THR C 224 11.94 -27.40 -7.84
CA THR C 224 10.80 -27.12 -8.68
C THR C 224 10.48 -28.35 -9.53
N LEU C 225 11.51 -29.09 -9.92
CA LEU C 225 11.31 -30.28 -10.74
C LEU C 225 10.79 -31.46 -9.92
N PHE C 226 11.18 -31.57 -8.66
CA PHE C 226 10.80 -32.70 -7.82
C PHE C 226 9.85 -32.35 -6.69
N ILE C 227 9.96 -31.15 -6.11
CA ILE C 227 9.19 -30.76 -4.95
C ILE C 227 8.34 -29.54 -5.32
N GLU C 228 7.06 -29.58 -4.96
CA GLU C 228 6.15 -28.47 -5.17
C GLU C 228 5.66 -27.94 -3.82
N SER C 229 5.01 -26.78 -3.86
CA SER C 229 4.46 -26.14 -2.67
C SER C 229 3.04 -26.58 -2.37
N ASN C 230 2.63 -27.76 -2.85
CA ASN C 230 1.26 -28.22 -2.64
C ASN C 230 0.98 -28.46 -1.16
N GLU C 231 1.94 -29.04 -0.43
CA GLU C 231 1.74 -29.29 0.99
C GLU C 231 2.07 -28.04 1.81
N GLN C 232 1.50 -27.97 3.01
CA GLN C 232 1.69 -26.81 3.86
C GLN C 232 3.14 -26.66 4.30
N ASN C 233 3.71 -27.73 4.84
CA ASN C 233 5.09 -27.71 5.34
C ASN C 233 6.00 -28.34 4.28
N SER C 234 6.26 -27.57 3.22
CA SER C 234 7.12 -28.06 2.15
C SER C 234 8.57 -28.16 2.61
N HIS C 235 8.98 -27.30 3.56
CA HIS C 235 10.37 -27.31 4.01
C HIS C 235 10.76 -28.63 4.66
N ASN C 236 9.80 -29.34 5.24
CA ASN C 236 10.09 -30.65 5.82
C ASN C 236 10.52 -31.63 4.74
N GLN C 237 9.74 -31.72 3.66
CA GLN C 237 10.12 -32.60 2.56
C GLN C 237 11.39 -32.12 1.88
N VAL C 238 11.62 -30.80 1.83
CA VAL C 238 12.88 -30.30 1.28
C VAL C 238 14.05 -30.77 2.12
N SER C 239 13.92 -30.71 3.45
CA SER C 239 14.99 -31.16 4.33
C SER C 239 15.24 -32.66 4.19
N GLN C 240 14.17 -33.45 4.12
CA GLN C 240 14.35 -34.89 3.92
C GLN C 240 15.02 -35.19 2.59
N PHE C 241 14.62 -34.47 1.53
CA PHE C 241 15.26 -34.64 0.24
C PHE C 241 16.74 -34.29 0.31
N LYS C 242 17.07 -33.18 0.98
CA LYS C 242 18.46 -32.77 1.11
C LYS C 242 19.28 -33.82 1.86
N ARG C 243 18.73 -34.34 2.96
CA ARG C 243 19.47 -35.34 3.74
C ARG C 243 19.68 -36.62 2.93
N ALA C 244 18.63 -37.09 2.25
CA ALA C 244 18.75 -38.31 1.45
C ALA C 244 19.75 -38.12 0.31
N VAL C 245 19.71 -36.96 -0.36
CA VAL C 245 20.63 -36.69 -1.45
C VAL C 245 22.06 -36.62 -0.94
N VAL C 246 22.27 -36.03 0.24
CA VAL C 246 23.62 -35.97 0.80
C VAL C 246 24.12 -37.37 1.13
N LEU C 247 23.30 -38.18 1.79
CA LEU C 247 23.75 -39.53 2.16
C LEU C 247 24.01 -40.40 0.94
N ASN C 248 23.16 -40.31 -0.07
CA ASN C 248 23.30 -41.13 -1.27
C ASN C 248 24.26 -40.52 -2.29
N LYS C 249 24.76 -39.31 -2.03
CA LYS C 249 25.53 -38.61 -3.05
C LYS C 249 26.86 -39.30 -3.35
N GLU C 250 27.58 -39.71 -2.31
CA GLU C 250 28.83 -40.45 -2.47
C GLU C 250 28.87 -41.65 -1.54
N LYS C 251 27.80 -42.45 -1.54
CA LYS C 251 27.87 -43.72 -0.84
C LYS C 251 28.76 -44.72 -1.56
N TYR C 252 29.05 -44.49 -2.85
CA TYR C 252 29.96 -45.33 -3.61
C TYR C 252 30.87 -44.52 -4.53
N ASN C 253 31.08 -43.24 -4.24
CA ASN C 253 31.80 -42.31 -5.12
C ASN C 253 32.93 -41.65 -4.34
N PRO C 254 34.04 -42.36 -4.12
CA PRO C 254 35.13 -41.79 -3.30
C PRO C 254 36.07 -40.87 -4.07
N GLU C 255 35.98 -40.82 -5.40
CA GLU C 255 36.96 -40.05 -6.17
C GLU C 255 36.76 -38.54 -6.06
N PHE C 256 35.64 -38.08 -5.50
CA PHE C 256 35.46 -36.67 -5.15
C PHE C 256 35.87 -36.50 -3.70
N LYS C 257 37.13 -36.10 -3.48
CA LYS C 257 37.64 -35.98 -2.12
C LYS C 257 36.90 -34.90 -1.34
N LYS C 258 36.57 -33.80 -2.00
CA LYS C 258 35.93 -32.65 -1.35
C LYS C 258 34.59 -32.39 -2.02
N ILE C 259 33.51 -32.71 -1.30
CA ILE C 259 32.15 -32.57 -1.81
C ILE C 259 31.21 -32.26 -0.66
N THR C 260 30.32 -31.30 -0.87
CA THR C 260 29.22 -31.08 0.06
C THR C 260 27.85 -31.31 -0.57
N TYR C 261 27.44 -30.54 -1.57
CA TYR C 261 26.15 -30.79 -2.21
C TYR C 261 26.16 -30.67 -3.73
N ASP C 262 26.92 -29.70 -4.25
CA ASP C 262 26.61 -29.10 -5.55
C ASP C 262 27.43 -29.61 -6.72
N SER C 263 28.58 -30.24 -6.48
CA SER C 263 29.46 -30.58 -7.59
C SER C 263 28.79 -31.62 -8.51
N PRO C 264 29.16 -31.64 -9.79
CA PRO C 264 28.46 -32.51 -10.74
C PRO C 264 28.80 -33.99 -10.58
N VAL C 265 28.10 -34.66 -9.68
CA VAL C 265 28.24 -36.10 -9.50
C VAL C 265 26.86 -36.74 -9.56
N TYR C 266 26.86 -38.04 -9.88
CA TYR C 266 25.63 -38.77 -10.16
C TYR C 266 25.09 -39.44 -8.90
N PHE C 267 23.82 -39.21 -8.61
CA PHE C 267 23.12 -39.88 -7.52
C PHE C 267 21.79 -40.40 -8.05
N ASN C 268 21.45 -41.63 -7.67
CA ASN C 268 20.26 -42.29 -8.17
C ASN C 268 19.03 -41.73 -7.46
N ILE C 269 18.13 -41.11 -8.22
CA ILE C 269 16.96 -40.47 -7.63
C ILE C 269 15.97 -41.51 -7.11
N ASN C 270 15.91 -42.69 -7.73
CA ASN C 270 15.01 -43.73 -7.24
C ASN C 270 15.40 -44.23 -5.86
N GLU C 271 16.71 -44.29 -5.58
CA GLU C 271 17.15 -44.67 -4.23
C GLU C 271 16.69 -43.64 -3.20
N VAL C 272 16.76 -42.35 -3.54
CA VAL C 272 16.29 -41.31 -2.64
C VAL C 272 14.78 -41.45 -2.43
N PHE C 273 14.04 -41.72 -3.50
CA PHE C 273 12.59 -41.91 -3.36
C PHE C 273 12.27 -43.09 -2.46
N ASN C 274 13.01 -44.20 -2.62
CA ASN C 274 12.81 -45.36 -1.75
C ASN C 274 13.14 -45.01 -0.31
N TYR C 275 14.21 -44.22 -0.10
CA TYR C 275 14.58 -43.79 1.25
C TYR C 275 13.44 -43.01 1.90
N ILE C 276 12.88 -42.03 1.19
CA ILE C 276 11.80 -41.23 1.75
C ILE C 276 10.56 -42.09 1.99
N TYR C 277 10.26 -43.01 1.07
CA TYR C 277 9.11 -43.88 1.26
C TYR C 277 9.27 -44.76 2.50
N ASN C 278 10.47 -45.30 2.71
CA ASN C 278 10.73 -46.08 3.90
C ASN C 278 10.62 -45.23 5.16
N LEU C 279 11.08 -43.97 5.11
CA LEU C 279 10.91 -43.08 6.26
C LEU C 279 9.44 -42.85 6.56
N ASN C 280 8.61 -42.70 5.52
CA ASN C 280 7.17 -42.60 5.73
C ASN C 280 6.62 -43.87 6.36
N GLU C 281 7.09 -45.04 5.91
CA GLU C 281 6.63 -46.32 6.42
C GLU C 281 7.49 -46.82 7.59
N GLU C 282 8.31 -45.95 8.19
CA GLU C 282 9.22 -46.37 9.24
C GLU C 282 8.48 -46.72 10.51
N VAL C 283 8.81 -47.88 11.09
CA VAL C 283 8.26 -48.33 12.36
C VAL C 283 9.43 -48.73 13.26
N ILE C 284 9.47 -48.19 14.48
CA ILE C 284 10.58 -48.40 15.39
C ILE C 284 10.24 -49.55 16.34
N ASN C 285 11.19 -50.47 16.50
CA ASN C 285 11.02 -51.61 17.40
C ASN C 285 11.29 -51.17 18.83
N LYS C 286 10.44 -51.62 19.75
CA LYS C 286 10.54 -51.24 21.16
C LYS C 286 10.62 -52.44 22.09
N ILE C 287 11.04 -53.60 21.58
CA ILE C 287 11.16 -54.79 22.42
C ILE C 287 12.33 -54.62 23.38
N GLU C 288 12.08 -54.88 24.66
CA GLU C 288 13.14 -54.81 25.66
C GLU C 288 14.18 -55.89 25.41
N GLY C 289 15.45 -55.55 25.64
CA GLY C 289 16.54 -56.46 25.36
C GLY C 289 16.99 -56.50 23.92
N GLU C 290 16.44 -55.65 23.07
CA GLU C 290 16.78 -55.58 21.65
C GLU C 290 17.14 -54.15 21.29
N PRO C 291 18.00 -53.98 20.28
CA PRO C 291 18.38 -52.63 19.86
C PRO C 291 17.17 -51.83 19.38
N SER C 292 17.19 -50.53 19.66
CA SER C 292 16.11 -49.63 19.24
C SER C 292 16.33 -49.26 17.78
N LEU C 293 16.00 -50.20 16.91
CA LEU C 293 16.18 -50.09 15.47
C LEU C 293 14.88 -50.43 14.77
N PRO C 294 14.70 -49.95 13.54
CA PRO C 294 13.46 -50.28 12.81
C PRO C 294 13.28 -51.77 12.64
N LYS C 295 12.01 -52.21 12.70
CA LYS C 295 11.65 -53.61 12.65
C LYS C 295 10.96 -53.93 11.33
N LEU C 296 11.35 -55.04 10.71
CA LEU C 296 10.74 -55.47 9.47
C LEU C 296 9.37 -56.11 9.74
N SER C 297 8.68 -56.44 8.65
CA SER C 297 7.37 -57.09 8.77
C SER C 297 7.49 -58.48 9.37
N ASN C 298 8.55 -59.22 9.02
CA ASN C 298 8.74 -60.57 9.49
C ASN C 298 9.41 -60.65 10.86
N GLY C 299 9.75 -59.52 11.46
CA GLY C 299 10.37 -59.48 12.77
C GLY C 299 11.84 -59.13 12.77
N GLU C 300 12.49 -59.11 11.61
CA GLU C 300 13.89 -58.74 11.54
C GLU C 300 14.08 -57.27 11.85
N LEU C 301 15.18 -56.94 12.53
CA LEU C 301 15.51 -55.57 12.88
C LEU C 301 16.46 -54.97 11.86
N VAL C 302 16.31 -53.67 11.62
CA VAL C 302 17.14 -52.94 10.66
C VAL C 302 18.45 -52.59 11.36
N GLU C 303 19.47 -53.43 11.18
CA GLU C 303 20.77 -53.17 11.80
C GLU C 303 21.41 -51.92 11.22
N ASN C 304 21.34 -51.75 9.90
CA ASN C 304 21.93 -50.60 9.22
C ASN C 304 20.88 -49.97 8.33
N ARG C 305 20.78 -48.64 8.40
CA ARG C 305 19.81 -47.91 7.59
C ARG C 305 20.16 -47.94 6.10
N GLN C 306 21.41 -48.31 5.77
CA GLN C 306 21.85 -48.33 4.37
C GLN C 306 20.97 -49.22 3.51
N ILE C 307 20.36 -50.26 4.10
CA ILE C 307 19.53 -51.17 3.32
C ILE C 307 18.36 -50.44 2.70
N TYR C 308 17.93 -49.33 3.30
CA TYR C 308 16.85 -48.54 2.72
C TYR C 308 17.17 -48.10 1.29
N PHE C 309 18.44 -47.85 1.01
CA PHE C 309 18.83 -47.44 -0.34
C PHE C 309 18.81 -48.61 -1.31
N ASN C 310 19.01 -49.84 -0.83
CA ASN C 310 19.08 -50.98 -1.74
C ASN C 310 17.71 -51.33 -2.31
N GLU C 311 16.69 -51.38 -1.46
CA GLU C 311 15.36 -51.77 -1.91
C GLU C 311 14.32 -51.30 -0.92
N LYS C 312 13.07 -51.31 -1.36
CA LYS C 312 11.94 -50.94 -0.51
C LYS C 312 11.64 -52.06 0.48
N LEU C 313 11.27 -51.68 1.70
CA LEU C 313 10.96 -52.63 2.76
C LEU C 313 9.63 -52.28 3.41
N GLU C 314 8.90 -53.31 3.82
CA GLU C 314 7.62 -53.16 4.49
C GLU C 314 7.79 -53.52 5.96
N PHE C 315 7.27 -52.68 6.85
CA PHE C 315 7.44 -52.85 8.28
C PHE C 315 6.12 -53.26 8.93
N THR C 316 6.23 -53.97 10.05
CA THR C 316 5.07 -54.45 10.78
C THR C 316 4.39 -53.31 11.54
N SER C 317 3.16 -53.57 11.97
CA SER C 317 2.39 -52.58 12.71
C SER C 317 2.86 -52.48 14.15
N SER C 318 2.48 -51.37 14.79
CA SER C 318 2.87 -51.14 16.18
C SER C 318 2.04 -52.00 17.12
N ASN C 319 2.69 -52.47 18.19
CA ASN C 319 2.03 -53.27 19.21
C ASN C 319 2.58 -52.88 20.57
N THR C 320 1.75 -53.05 21.61
CA THR C 320 2.11 -52.64 22.96
C THR C 320 2.82 -53.74 23.74
N SER C 321 2.47 -55.00 23.52
CA SER C 321 3.09 -56.10 24.27
C SER C 321 4.57 -56.21 23.93
N LYS C 322 5.38 -56.50 24.95
CA LYS C 322 6.83 -56.54 24.78
C LYS C 322 7.29 -57.65 23.85
N ALA C 323 6.47 -58.68 23.63
CA ALA C 323 6.87 -59.77 22.75
C ALA C 323 7.07 -59.29 21.32
N THR C 324 6.19 -58.41 20.84
CA THR C 324 6.27 -57.84 19.50
C THR C 324 6.06 -56.34 19.57
N LYS C 325 6.74 -55.68 20.50
CA LYS C 325 6.55 -54.25 20.72
C LYS C 325 7.06 -53.45 19.53
N ALA C 326 6.27 -52.44 19.14
CA ALA C 326 6.63 -51.55 18.04
C ALA C 326 5.88 -50.24 18.22
N SER C 327 6.37 -49.20 17.54
CA SER C 327 5.77 -47.88 17.65
C SER C 327 5.99 -47.13 16.35
N ASN C 328 5.20 -46.08 16.16
CA ASN C 328 5.34 -45.23 14.98
C ASN C 328 6.60 -44.39 15.08
N GLY C 329 7.17 -44.05 13.91
CA GLY C 329 8.35 -43.24 13.86
C GLY C 329 8.06 -41.78 14.09
N PRO C 330 9.11 -40.97 14.08
CA PRO C 330 8.93 -39.51 14.25
C PRO C 330 8.03 -38.90 13.19
N PHE C 331 8.09 -39.40 11.95
CA PHE C 331 7.24 -38.92 10.86
C PHE C 331 6.73 -40.15 10.13
N ASN C 332 5.56 -40.65 10.56
CA ASN C 332 4.97 -41.86 10.02
C ASN C 332 3.62 -41.53 9.40
N GLY C 333 3.48 -41.79 8.10
CA GLY C 333 2.21 -41.62 7.42
C GLY C 333 1.66 -40.21 7.45
N GLU C 334 2.53 -39.21 7.29
CA GLU C 334 2.09 -37.82 7.27
C GLU C 334 2.47 -37.06 6.00
N PHE C 335 3.40 -37.56 5.19
CA PHE C 335 3.69 -36.96 3.89
C PHE C 335 3.93 -38.07 2.88
N ASN C 336 2.94 -38.33 2.04
CA ASN C 336 3.09 -39.24 0.91
C ASN C 336 2.50 -38.71 -0.39
N ARG C 337 1.71 -37.64 -0.34
CA ARG C 337 1.30 -36.96 -1.57
C ARG C 337 2.50 -36.40 -2.32
N PHE C 338 3.52 -35.96 -1.57
CA PHE C 338 4.78 -35.59 -2.20
C PHE C 338 5.38 -36.78 -2.93
N LEU C 339 5.29 -37.98 -2.35
CA LEU C 339 5.73 -39.17 -3.05
C LEU C 339 4.91 -39.41 -4.32
N SER C 340 3.61 -39.12 -4.25
CA SER C 340 2.75 -39.31 -5.43
C SER C 340 3.19 -38.40 -6.57
N ARG C 341 3.39 -37.11 -6.28
CA ARG C 341 3.83 -36.21 -7.34
C ARG C 341 5.26 -36.52 -7.78
N PHE C 342 6.09 -37.04 -6.87
CA PHE C 342 7.43 -37.48 -7.25
C PHE C 342 7.36 -38.60 -8.27
N GLU C 343 6.52 -39.61 -8.02
CA GLU C 343 6.35 -40.71 -8.97
C GLU C 343 5.77 -40.22 -10.28
N THR C 344 4.81 -39.29 -10.22
CA THR C 344 4.25 -38.73 -11.45
C THR C 344 5.32 -38.03 -12.27
N LYS C 345 6.19 -37.26 -11.62
CA LYS C 345 7.29 -36.62 -12.34
C LYS C 345 8.26 -37.65 -12.92
N LEU C 346 8.56 -38.69 -12.16
CA LEU C 346 9.52 -39.69 -12.64
C LEU C 346 8.99 -40.45 -13.85
N THR C 347 7.70 -40.77 -13.86
CA THR C 347 7.13 -41.58 -14.94
C THR C 347 6.78 -40.77 -16.18
N ASP C 348 6.93 -39.45 -16.15
CA ASP C 348 6.63 -38.64 -17.32
C ASP C 348 7.65 -38.89 -18.42
N LYS C 349 7.17 -38.95 -19.67
CA LYS C 349 8.01 -39.23 -20.81
C LYS C 349 8.27 -38.02 -21.69
N ARG C 350 7.71 -36.86 -21.35
CA ARG C 350 7.99 -35.63 -22.09
C ARG C 350 9.13 -34.83 -21.49
N LEU C 351 9.78 -35.34 -20.44
CA LEU C 351 10.92 -34.71 -19.80
C LEU C 351 12.15 -35.62 -19.88
N GLU C 352 12.34 -36.26 -21.03
CA GLU C 352 13.43 -37.22 -21.19
C GLU C 352 14.74 -36.58 -21.61
N PHE C 353 14.74 -35.30 -21.97
CA PHE C 353 16.01 -34.63 -22.27
C PHE C 353 16.84 -34.48 -21.00
N LEU C 354 16.19 -34.30 -19.85
CA LEU C 354 16.85 -34.47 -18.56
C LEU C 354 16.82 -35.96 -18.22
N LEU C 355 17.98 -36.61 -18.33
CA LEU C 355 18.05 -38.05 -18.09
C LEU C 355 17.65 -38.36 -16.66
N LEU C 356 16.47 -38.96 -16.46
CA LEU C 356 15.90 -39.12 -15.14
C LEU C 356 15.66 -40.56 -14.74
N ASN C 357 15.16 -41.40 -15.65
CA ASN C 357 14.92 -42.80 -15.36
C ASN C 357 16.09 -43.63 -15.88
N GLN C 358 16.61 -44.52 -15.01
CA GLN C 358 17.82 -45.26 -15.36
C GLN C 358 17.55 -46.29 -16.45
N ASP C 359 16.33 -46.83 -16.53
CA ASP C 359 16.03 -47.84 -17.55
C ASP C 359 16.09 -47.24 -18.95
N VAL C 360 15.47 -46.07 -19.14
CA VAL C 360 15.52 -45.40 -20.44
C VAL C 360 16.91 -44.85 -20.71
N GLU C 361 17.55 -44.30 -19.67
CA GLU C 361 18.85 -43.66 -19.86
C GLU C 361 19.90 -44.64 -20.36
N GLU C 362 20.04 -45.78 -19.69
CA GLU C 362 21.09 -46.76 -19.99
C GLU C 362 22.44 -46.07 -20.02
N ASN C 363 23.30 -46.43 -20.97
CA ASN C 363 24.60 -45.79 -21.17
C ASN C 363 25.41 -45.78 -19.87
N SER C 364 25.78 -47.00 -19.44
CA SER C 364 26.54 -47.16 -18.22
C SER C 364 27.91 -46.50 -18.29
N LYS C 365 28.40 -46.21 -19.50
CA LYS C 365 29.68 -45.54 -19.68
C LYS C 365 29.57 -44.02 -19.60
N TYR C 366 28.35 -43.48 -19.43
CA TYR C 366 28.15 -42.03 -19.39
C TYR C 366 28.59 -41.48 -18.03
N ARG C 367 29.91 -41.42 -17.86
CA ARG C 367 30.49 -40.84 -16.65
C ARG C 367 30.56 -39.32 -16.77
N THR C 368 30.83 -38.68 -15.64
CA THR C 368 30.93 -37.22 -15.62
C THR C 368 32.15 -36.71 -16.36
N GLU C 369 33.15 -37.56 -16.59
CA GLU C 369 34.36 -37.13 -17.29
C GLU C 369 34.08 -36.73 -18.74
N HIS C 370 32.93 -37.10 -19.28
CA HIS C 370 32.53 -36.70 -20.63
C HIS C 370 31.82 -35.35 -20.64
N PHE C 371 32.46 -34.35 -20.02
CA PHE C 371 31.94 -32.99 -20.00
C PHE C 371 32.55 -32.10 -21.08
N GLU C 372 33.62 -32.56 -21.74
CA GLU C 372 34.23 -31.78 -22.80
C GLU C 372 33.27 -31.60 -23.98
N ASP C 373 32.54 -32.65 -24.33
CA ASP C 373 31.63 -32.58 -25.47
C ASP C 373 30.54 -31.53 -25.26
N ILE C 374 29.99 -31.46 -24.04
CA ILE C 374 28.94 -30.50 -23.75
C ILE C 374 29.43 -29.07 -23.96
N LEU C 375 30.59 -28.74 -23.37
CA LEU C 375 31.11 -27.38 -23.44
C LEU C 375 31.52 -27.03 -24.87
N LYS C 376 32.14 -27.97 -25.59
CA LYS C 376 32.56 -27.68 -26.95
C LYS C 376 31.42 -27.80 -27.96
N GLN C 377 30.25 -28.27 -27.54
CA GLN C 377 29.07 -28.29 -28.40
C GLN C 377 28.19 -27.06 -28.22
N PHE C 378 27.95 -26.63 -26.98
CA PHE C 378 27.16 -25.42 -26.77
C PHE C 378 27.94 -24.13 -27.04
N MET C 379 29.25 -24.21 -27.24
CA MET C 379 30.06 -23.02 -27.49
C MET C 379 30.67 -23.02 -28.89
N GLY C 380 30.18 -23.88 -29.78
CA GLY C 380 30.66 -23.88 -31.16
C GLY C 380 32.12 -24.24 -31.32
N TYR C 381 32.57 -25.30 -30.63
CA TYR C 381 33.95 -25.76 -30.72
C TYR C 381 34.02 -27.20 -31.23
N LEU C 382 33.10 -27.58 -32.10
CA LEU C 382 33.07 -28.95 -32.61
C LEU C 382 33.04 -28.98 -34.14
N ASP C 383 32.44 -27.95 -34.75
CA ASP C 383 32.33 -27.90 -36.20
C ASP C 383 32.61 -26.52 -36.76
N ARG C 384 33.48 -25.75 -36.08
CA ARG C 384 33.91 -24.43 -36.54
C ARG C 384 32.71 -23.52 -36.83
N SER C 385 31.76 -23.49 -35.90
CA SER C 385 30.53 -22.75 -36.07
C SER C 385 30.65 -21.36 -35.44
N ASN C 386 30.30 -20.33 -36.20
CA ASN C 386 30.30 -18.98 -35.68
C ASN C 386 29.00 -18.65 -34.95
N VAL C 387 27.87 -19.19 -35.41
CA VAL C 387 26.56 -18.90 -34.84
C VAL C 387 25.87 -20.23 -34.53
N SER C 388 25.34 -20.34 -33.32
CA SER C 388 24.57 -21.50 -32.90
C SER C 388 23.21 -21.05 -32.38
N ILE C 389 22.19 -21.89 -32.59
CA ILE C 389 20.82 -21.58 -32.25
C ILE C 389 20.28 -22.70 -31.36
N ILE C 390 19.63 -22.33 -30.25
CA ILE C 390 19.03 -23.27 -29.33
C ILE C 390 17.53 -23.08 -29.36
N ASP C 391 16.80 -24.13 -29.74
CA ASP C 391 15.36 -24.07 -29.96
C ASP C 391 14.64 -24.63 -28.73
N LEU C 392 14.10 -23.73 -27.92
CA LEU C 392 13.31 -24.10 -26.76
C LEU C 392 11.82 -24.06 -27.09
N SER C 393 11.43 -24.86 -28.08
CA SER C 393 10.06 -24.86 -28.59
C SER C 393 9.24 -26.00 -28.03
N GLY C 394 9.70 -27.24 -28.20
CA GLY C 394 8.95 -28.39 -27.74
C GLY C 394 9.01 -28.66 -26.25
N ILE C 395 9.84 -27.93 -25.52
CA ILE C 395 9.95 -28.13 -24.07
C ILE C 395 8.65 -27.71 -23.40
N PRO C 396 8.16 -28.45 -22.41
CA PRO C 396 6.98 -28.00 -21.68
C PRO C 396 7.23 -26.67 -20.99
N PHE C 397 6.15 -25.90 -20.83
CA PHE C 397 6.25 -24.57 -20.23
C PHE C 397 6.48 -24.63 -18.71
N GLU C 398 6.74 -25.79 -18.12
CA GLU C 398 7.03 -25.89 -16.70
C GLU C 398 8.53 -25.87 -16.39
N VAL C 399 9.34 -26.45 -17.26
CA VAL C 399 10.78 -26.55 -17.03
C VAL C 399 11.57 -25.62 -17.96
N LEU C 400 10.91 -24.62 -18.55
CA LEU C 400 11.59 -23.71 -19.45
C LEU C 400 12.63 -22.87 -18.73
N SER C 401 12.29 -22.37 -17.53
CA SER C 401 13.20 -21.50 -16.80
C SER C 401 14.46 -22.23 -16.35
N ILE C 402 14.30 -23.49 -15.93
CA ILE C 402 15.44 -24.25 -15.39
C ILE C 402 16.51 -24.44 -16.45
N THR C 403 16.10 -24.80 -17.68
CA THR C 403 17.09 -25.03 -18.74
C THR C 403 17.83 -23.74 -19.10
N ILE C 404 17.10 -22.62 -19.18
CA ILE C 404 17.74 -21.34 -19.47
C ILE C 404 18.73 -20.98 -18.38
N SER C 405 18.34 -21.16 -17.12
CA SER C 405 19.25 -20.89 -16.01
C SER C 405 20.49 -21.77 -16.08
N LEU C 406 20.31 -23.04 -16.39
CA LEU C 406 21.44 -23.96 -16.46
C LEU C 406 22.41 -23.55 -17.57
N ILE C 407 21.88 -23.22 -18.74
CA ILE C 407 22.74 -22.82 -19.85
C ILE C 407 23.47 -21.52 -19.52
N SER C 408 22.76 -20.55 -18.93
CA SER C 408 23.38 -19.28 -18.59
C SER C 408 24.50 -19.45 -17.57
N ARG C 409 24.27 -20.26 -16.53
CA ARG C 409 25.30 -20.46 -15.52
C ARG C 409 26.47 -21.25 -16.09
N LEU C 410 26.21 -22.23 -16.97
CA LEU C 410 27.30 -22.97 -17.59
C LEU C 410 28.16 -22.07 -18.46
N ILE C 411 27.54 -21.13 -19.18
CA ILE C 411 28.31 -20.21 -19.99
C ILE C 411 29.10 -19.23 -19.11
N PHE C 412 28.48 -18.76 -18.03
CA PHE C 412 29.11 -17.70 -17.24
C PHE C 412 30.21 -18.22 -16.33
N ASP C 413 29.90 -19.21 -15.49
CA ASP C 413 30.82 -19.68 -14.45
C ASP C 413 32.09 -20.27 -15.04
N PHE C 414 32.17 -20.32 -16.37
CA PHE C 414 33.37 -20.72 -17.07
C PHE C 414 34.47 -19.66 -16.97
N ALA C 415 34.17 -18.50 -16.37
CA ALA C 415 35.14 -17.44 -16.12
C ALA C 415 35.99 -17.69 -14.88
N PHE C 416 35.72 -18.75 -14.12
CA PHE C 416 36.58 -19.20 -13.02
C PHE C 416 37.50 -20.31 -13.49
N HIS C 417 37.96 -20.16 -14.73
CA HIS C 417 38.63 -21.18 -15.54
C HIS C 417 39.61 -20.46 -16.43
N TYR C 418 39.84 -20.97 -17.64
CA TYR C 418 40.84 -20.48 -18.59
C TYR C 418 40.94 -18.96 -18.62
N SER C 419 39.84 -18.25 -18.32
CA SER C 419 39.91 -16.81 -18.13
C SER C 419 41.01 -16.42 -17.15
N LYS C 420 41.15 -17.16 -16.05
CA LYS C 420 42.13 -16.80 -15.02
C LYS C 420 43.42 -17.61 -15.12
N LEU C 421 43.80 -17.97 -16.35
CA LEU C 421 45.14 -18.50 -16.55
C LEU C 421 45.92 -17.70 -17.58
N GLN C 422 45.25 -17.18 -18.60
CA GLN C 422 45.89 -16.31 -19.58
C GLN C 422 45.88 -14.85 -19.15
N HIS C 423 44.92 -14.44 -18.33
CA HIS C 423 44.96 -13.09 -17.76
C HIS C 423 46.19 -12.92 -16.87
N GLN C 424 46.55 -13.96 -16.12
CA GLN C 424 47.76 -13.90 -15.29
C GLN C 424 48.99 -14.32 -16.08
N LYS C 425 49.12 -13.77 -17.29
CA LYS C 425 50.30 -13.93 -18.13
C LYS C 425 50.64 -12.62 -18.83
N ASP C 426 50.28 -11.49 -18.23
CA ASP C 426 50.41 -10.17 -18.84
C ASP C 426 49.63 -10.09 -20.15
N GLU C 427 48.45 -10.71 -20.16
CA GLU C 427 47.55 -10.68 -21.32
C GLU C 427 46.13 -10.51 -20.82
N LEU C 428 45.17 -10.60 -21.73
CA LEU C 428 43.75 -10.43 -21.40
C LEU C 428 42.96 -11.50 -22.14
N ASN C 429 41.63 -11.33 -22.13
CA ASN C 429 40.74 -12.29 -22.77
C ASN C 429 40.94 -12.28 -24.29
N ASP C 430 40.76 -13.45 -24.89
CA ASP C 430 40.95 -13.64 -26.33
C ASP C 430 39.66 -13.92 -27.08
N ILE C 431 38.77 -14.75 -26.53
CA ILE C 431 37.59 -15.23 -27.24
C ILE C 431 36.35 -14.74 -26.51
N PRO C 432 35.74 -13.65 -26.98
CA PRO C 432 34.46 -13.21 -26.41
C PRO C 432 33.27 -13.93 -27.05
N PHE C 433 32.13 -13.83 -26.36
CA PHE C 433 30.90 -14.47 -26.79
C PHE C 433 29.76 -13.46 -26.72
N MET C 434 28.55 -13.93 -27.05
CA MET C 434 27.37 -13.08 -27.02
C MET C 434 26.13 -13.97 -26.88
N ILE C 435 25.17 -13.50 -26.08
CA ILE C 435 23.91 -14.19 -25.86
C ILE C 435 22.77 -13.24 -26.15
N VAL C 436 21.81 -13.69 -26.95
CA VAL C 436 20.66 -12.87 -27.35
C VAL C 436 19.42 -13.40 -26.64
N CYS C 437 18.70 -12.51 -25.95
CA CYS C 437 17.49 -12.87 -25.22
C CYS C 437 16.30 -12.56 -26.12
N GLU C 438 15.79 -13.59 -26.80
CA GLU C 438 14.68 -13.43 -27.73
C GLU C 438 13.39 -13.88 -27.06
N GLU C 439 12.39 -12.99 -27.06
CA GLU C 439 11.12 -13.22 -26.37
C GLU C 439 11.35 -13.49 -24.87
N ALA C 440 11.89 -12.48 -24.20
CA ALA C 440 12.23 -12.56 -22.79
C ALA C 440 11.11 -12.08 -21.86
N HIS C 441 9.95 -11.74 -22.42
CA HIS C 441 8.85 -11.24 -21.60
C HIS C 441 8.19 -12.32 -20.76
N ASN C 442 8.52 -13.60 -20.99
CA ASN C 442 7.87 -14.70 -20.30
C ASN C 442 8.67 -15.18 -19.08
N TYR C 443 9.94 -15.54 -19.28
CA TYR C 443 10.74 -16.12 -18.21
C TYR C 443 11.46 -15.09 -17.36
N ILE C 444 11.33 -13.80 -17.68
CA ILE C 444 11.80 -12.73 -16.79
C ILE C 444 10.66 -11.73 -16.60
N PRO C 445 9.63 -12.06 -15.83
CA PRO C 445 8.53 -11.13 -15.61
C PRO C 445 8.80 -10.18 -14.45
N ARG C 446 7.97 -9.15 -14.36
CA ARG C 446 8.06 -8.23 -13.23
C ARG C 446 7.77 -8.92 -11.91
N THR C 447 6.75 -9.78 -11.89
CA THR C 447 6.36 -10.52 -10.70
C THR C 447 6.61 -12.01 -10.94
N GLY C 448 7.36 -12.63 -10.03
CA GLY C 448 7.68 -14.04 -10.16
C GLY C 448 7.21 -14.87 -8.99
N GLY C 449 7.94 -15.94 -8.68
CA GLY C 449 7.57 -16.82 -7.60
C GLY C 449 8.55 -17.96 -7.41
N ILE C 450 8.06 -19.10 -6.93
CA ILE C 450 8.93 -20.26 -6.73
C ILE C 450 9.46 -20.77 -8.07
N GLU C 451 8.61 -20.75 -9.11
CA GLU C 451 9.01 -21.23 -10.42
C GLU C 451 10.06 -20.34 -11.09
N PHE C 452 10.27 -19.12 -10.60
CA PHE C 452 11.26 -18.20 -11.17
C PHE C 452 12.21 -17.78 -10.06
N LYS C 453 13.22 -18.61 -9.80
CA LYS C 453 14.28 -18.26 -8.87
C LYS C 453 15.65 -18.73 -9.34
N ALA C 454 15.75 -19.35 -10.52
CA ALA C 454 17.02 -19.80 -11.08
C ALA C 454 17.44 -18.99 -12.29
N ALA C 455 16.56 -18.84 -13.28
CA ALA C 455 16.84 -18.01 -14.45
C ALA C 455 16.82 -16.53 -14.12
N LYS C 456 16.32 -16.14 -12.95
CA LYS C 456 16.28 -14.75 -12.53
C LYS C 456 17.49 -14.37 -11.69
N LYS C 457 18.47 -15.26 -11.55
CA LYS C 457 19.69 -15.00 -10.81
C LYS C 457 20.93 -15.02 -11.68
N SER C 458 21.12 -16.09 -12.46
CA SER C 458 22.30 -16.19 -13.32
C SER C 458 22.30 -15.13 -14.40
N ILE C 459 21.11 -14.80 -14.94
CA ILE C 459 21.03 -13.78 -15.97
C ILE C 459 21.42 -12.42 -15.41
N GLU C 460 20.96 -12.09 -14.21
CA GLU C 460 21.37 -10.83 -13.58
C GLU C 460 22.87 -10.83 -13.24
N ARG C 461 23.39 -11.98 -12.83
CA ARG C 461 24.82 -12.09 -12.57
C ARG C 461 25.64 -11.80 -13.83
N ILE C 462 25.18 -12.34 -14.97
CA ILE C 462 25.82 -12.03 -16.24
C ILE C 462 25.65 -10.55 -16.58
N ALA C 463 24.48 -9.99 -16.26
CA ALA C 463 24.20 -8.60 -16.61
C ALA C 463 25.12 -7.64 -15.87
N LYS C 464 25.39 -7.90 -14.59
CA LYS C 464 26.16 -6.95 -13.77
C LYS C 464 27.66 -7.22 -13.81
N GLU C 465 28.08 -8.42 -13.39
CA GLU C 465 29.50 -8.77 -13.33
C GLU C 465 29.93 -9.64 -14.51
N GLY C 466 29.32 -9.45 -15.67
CA GLY C 466 29.59 -10.33 -16.79
C GLY C 466 30.74 -9.92 -17.69
N ARG C 467 31.23 -8.68 -17.53
CA ARG C 467 32.30 -8.15 -18.37
C ARG C 467 33.65 -8.70 -17.89
N LYS C 468 33.81 -10.01 -18.06
CA LYS C 468 35.04 -10.70 -17.70
C LYS C 468 35.74 -11.31 -18.90
N TYR C 469 35.04 -12.13 -19.69
CA TYR C 469 35.61 -12.72 -20.89
C TYR C 469 34.78 -12.38 -22.14
N GLY C 470 33.88 -11.41 -22.05
CA GLY C 470 33.14 -10.94 -23.20
C GLY C 470 31.74 -11.47 -23.31
N LEU C 471 30.76 -10.67 -22.88
CA LEU C 471 29.36 -11.05 -22.97
C LEU C 471 28.53 -9.78 -23.17
N SER C 472 27.34 -9.97 -23.73
CA SER C 472 26.37 -8.89 -23.86
C SER C 472 24.99 -9.49 -24.02
N LEU C 473 23.99 -8.75 -23.56
CA LEU C 473 22.60 -9.21 -23.57
C LEU C 473 21.79 -8.32 -24.49
N MET C 474 21.01 -8.93 -25.37
CA MET C 474 20.07 -8.21 -26.24
C MET C 474 18.66 -8.62 -25.85
N VAL C 475 17.99 -7.76 -25.08
CA VAL C 475 16.64 -8.05 -24.59
C VAL C 475 15.66 -7.65 -25.69
N VAL C 476 15.18 -8.63 -26.45
CA VAL C 476 14.21 -8.41 -27.51
C VAL C 476 12.85 -8.85 -27.00
N SER C 477 11.91 -7.91 -26.91
CA SER C 477 10.59 -8.20 -26.40
C SER C 477 9.62 -7.11 -26.84
N GLN C 478 8.34 -7.49 -26.95
CA GLN C 478 7.28 -6.55 -27.28
C GLN C 478 6.49 -6.14 -26.05
N ARG C 479 6.96 -6.48 -24.85
CA ARG C 479 6.28 -6.15 -23.59
C ARG C 479 7.27 -5.43 -22.70
N PRO C 480 7.51 -4.14 -22.95
CA PRO C 480 8.42 -3.38 -22.06
C PRO C 480 7.93 -3.31 -20.63
N SER C 481 6.61 -3.38 -20.41
CA SER C 481 6.04 -3.22 -19.09
C SER C 481 6.05 -4.51 -18.27
N GLU C 482 6.55 -5.62 -18.83
CA GLU C 482 6.57 -6.89 -18.12
C GLU C 482 7.97 -7.36 -17.75
N VAL C 483 8.98 -7.05 -18.55
CA VAL C 483 10.34 -7.49 -18.25
C VAL C 483 10.87 -6.72 -17.05
N SER C 484 11.70 -7.39 -16.25
CA SER C 484 12.21 -6.79 -15.02
C SER C 484 13.11 -5.60 -15.34
N ASP C 485 13.08 -4.61 -14.45
CA ASP C 485 13.88 -3.40 -14.62
C ASP C 485 15.34 -3.59 -14.23
N THR C 486 15.68 -4.68 -13.56
CA THR C 486 17.08 -4.92 -13.20
C THR C 486 17.94 -5.08 -14.43
N ILE C 487 17.45 -5.80 -15.45
CA ILE C 487 18.21 -6.07 -16.65
C ILE C 487 17.90 -5.10 -17.77
N LEU C 488 16.94 -4.21 -17.59
CA LEU C 488 16.56 -3.21 -18.59
C LEU C 488 17.10 -1.82 -18.30
N SER C 489 17.15 -1.43 -17.02
CA SER C 489 17.63 -0.09 -16.68
C SER C 489 19.08 0.10 -17.07
N GLN C 490 19.91 -0.92 -16.88
CA GLN C 490 21.33 -0.85 -17.20
C GLN C 490 21.60 -1.24 -18.65
N CYS C 491 20.90 -0.58 -19.58
CA CYS C 491 21.08 -0.81 -21.00
C CYS C 491 21.00 0.54 -21.70
N ASN C 492 22.14 1.05 -22.17
CA ASN C 492 22.23 2.34 -22.85
C ASN C 492 22.42 2.18 -24.36
N ASN C 493 21.82 1.14 -24.93
CA ASN C 493 21.87 0.88 -26.37
C ASN C 493 20.45 0.54 -26.81
N PHE C 494 19.68 1.56 -27.19
CA PHE C 494 18.26 1.40 -27.47
C PHE C 494 18.01 1.44 -28.97
N ILE C 495 17.31 0.41 -29.46
CA ILE C 495 16.85 0.34 -30.84
C ILE C 495 15.33 0.22 -30.77
N ASN C 496 14.64 1.32 -31.05
CA ASN C 496 13.20 1.42 -30.84
C ASN C 496 12.45 1.37 -32.16
N LEU C 497 11.25 0.79 -32.12
CA LEU C 497 10.39 0.67 -33.28
C LEU C 497 9.02 1.28 -32.96
N ARG C 498 8.04 1.07 -33.84
CA ARG C 498 6.72 1.63 -33.63
C ARG C 498 6.08 1.07 -32.36
N LEU C 499 5.50 1.96 -31.56
CA LEU C 499 4.80 1.57 -30.34
C LEU C 499 3.46 2.29 -30.29
N THR C 500 2.41 1.57 -29.90
CA THR C 500 1.08 2.13 -29.79
C THR C 500 0.50 2.06 -28.38
N ASN C 501 0.96 1.14 -27.53
CA ASN C 501 0.46 1.07 -26.17
C ASN C 501 1.01 2.24 -25.35
N ILE C 502 0.13 2.91 -24.61
CA ILE C 502 0.55 4.09 -23.85
C ILE C 502 1.47 3.71 -22.71
N ASN C 503 1.18 2.61 -22.02
CA ASN C 503 2.02 2.20 -20.89
C ASN C 503 3.43 1.86 -21.34
N ASP C 504 3.56 1.12 -22.45
CA ASP C 504 4.89 0.79 -22.96
C ASP C 504 5.63 2.04 -23.41
N GLN C 505 4.93 2.96 -24.08
CA GLN C 505 5.56 4.21 -24.50
C GLN C 505 6.07 5.01 -23.32
N ASN C 506 5.26 5.12 -22.26
CA ASN C 506 5.69 5.85 -21.08
C ASN C 506 6.88 5.17 -20.39
N TYR C 507 6.83 3.84 -20.29
CA TYR C 507 7.92 3.11 -19.65
C TYR C 507 9.23 3.29 -20.42
N ILE C 508 9.16 3.26 -21.75
CA ILE C 508 10.35 3.48 -22.57
C ILE C 508 10.85 4.92 -22.41
N LYS C 509 9.94 5.89 -22.51
CA LYS C 509 10.34 7.30 -22.48
C LYS C 509 10.97 7.67 -21.15
N ASN C 510 10.46 7.12 -20.05
CA ASN C 510 11.10 7.37 -18.76
C ASN C 510 12.53 6.84 -18.73
N LEU C 511 12.75 5.65 -19.27
CA LEU C 511 14.09 5.04 -19.31
C LEU C 511 14.74 5.27 -20.68
N LEU C 512 14.99 6.54 -20.99
CA LEU C 512 15.73 6.93 -22.18
C LEU C 512 16.77 7.99 -21.84
N PRO C 513 17.91 7.97 -22.52
CA PRO C 513 18.85 9.10 -22.39
C PRO C 513 18.19 10.39 -22.84
N ASP C 514 18.52 11.49 -22.15
CA ASP C 514 17.84 12.75 -22.38
C ASP C 514 18.14 13.34 -23.76
N ASN C 515 19.19 12.87 -24.44
CA ASN C 515 19.43 13.33 -25.80
C ASN C 515 18.33 12.88 -26.75
N SER C 516 17.58 11.84 -26.40
CA SER C 516 16.44 11.38 -27.18
C SER C 516 15.11 11.78 -26.57
N ARG C 517 15.06 12.03 -25.25
CA ARG C 517 13.81 12.45 -24.61
C ARG C 517 13.44 13.88 -24.95
N SER C 518 14.34 14.65 -25.58
CA SER C 518 13.98 15.98 -26.03
C SER C 518 12.84 15.93 -27.04
N ILE C 519 12.90 14.97 -27.96
CA ILE C 519 11.81 14.69 -28.89
C ILE C 519 11.68 13.18 -29.01
N SER C 520 10.62 12.61 -28.43
CA SER C 520 10.42 11.17 -28.47
C SER C 520 8.97 10.78 -28.72
N GLU C 521 8.11 11.73 -29.10
CA GLU C 521 6.71 11.45 -29.39
C GLU C 521 6.48 11.00 -30.83
N ILE C 522 7.54 10.52 -31.50
CA ILE C 522 7.42 10.01 -32.87
C ILE C 522 7.14 8.51 -32.90
N LEU C 523 7.12 7.85 -31.74
CA LEU C 523 6.87 6.41 -31.70
C LEU C 523 5.52 6.00 -32.28
N PRO C 524 4.40 6.70 -32.03
CA PRO C 524 3.14 6.27 -32.68
C PRO C 524 3.20 6.23 -34.19
N THR C 525 3.99 7.10 -34.81
CA THR C 525 4.23 7.07 -36.25
C THR C 525 5.29 6.02 -36.57
N LEU C 526 5.86 6.10 -37.78
CA LEU C 526 6.91 5.22 -38.28
C LEU C 526 6.33 3.89 -38.74
N GLY C 527 6.73 3.43 -39.92
CA GLY C 527 6.27 2.19 -40.50
C GLY C 527 7.23 1.05 -40.25
N ALA C 528 7.28 0.13 -41.22
CA ALA C 528 8.16 -1.03 -41.13
C ALA C 528 9.47 -0.75 -41.86
N GLY C 529 10.58 -1.06 -41.19
CA GLY C 529 11.90 -0.81 -41.72
C GLY C 529 12.59 0.42 -41.17
N GLU C 530 11.88 1.27 -40.45
CA GLU C 530 12.44 2.48 -39.85
C GLU C 530 12.55 2.28 -38.35
N CYS C 531 13.74 2.55 -37.81
CA CYS C 531 13.98 2.40 -36.37
C CYS C 531 14.63 3.66 -35.83
N LEU C 532 14.69 3.75 -34.51
CA LEU C 532 15.33 4.86 -33.82
C LEU C 532 16.48 4.33 -32.99
N VAL C 533 17.67 4.89 -33.17
CA VAL C 533 18.89 4.43 -32.53
C VAL C 533 19.32 5.47 -31.51
N VAL C 534 19.53 5.02 -30.26
CA VAL C 534 19.97 5.86 -29.16
C VAL C 534 21.09 5.13 -28.43
N GLY C 535 22.14 5.84 -28.06
CA GLY C 535 23.19 5.23 -27.28
C GLY C 535 24.44 6.08 -27.25
N ASP C 536 25.44 5.54 -26.54
CA ASP C 536 26.74 6.20 -26.43
C ASP C 536 27.58 6.04 -27.69
N SER C 537 27.39 4.95 -28.43
CA SER C 537 28.17 4.66 -29.63
C SER C 537 27.77 5.53 -30.81
N THR C 538 26.83 6.46 -30.64
CA THR C 538 26.43 7.38 -31.69
C THR C 538 26.52 8.80 -31.17
N PRO C 539 26.85 9.76 -32.05
CA PRO C 539 26.88 11.16 -31.58
C PRO C 539 25.50 11.74 -31.36
N ILE C 540 24.55 11.43 -32.23
CA ILE C 540 23.17 11.92 -32.10
C ILE C 540 22.23 10.75 -32.32
N PRO C 541 21.31 10.47 -31.39
CA PRO C 541 20.26 9.49 -31.67
C PRO C 541 19.45 9.90 -32.88
N SER C 542 19.12 8.93 -33.73
CA SER C 542 18.53 9.30 -35.02
C SER C 542 17.72 8.15 -35.60
N ILE C 543 16.94 8.47 -36.62
CA ILE C 543 16.12 7.49 -37.33
C ILE C 543 16.96 6.86 -38.43
N VAL C 544 16.92 5.53 -38.51
CA VAL C 544 17.67 4.76 -39.50
C VAL C 544 16.69 3.93 -40.30
N LYS C 545 16.82 3.98 -41.62
CA LYS C 545 16.02 3.16 -42.54
C LYS C 545 16.85 1.94 -42.92
N LEU C 546 16.45 0.78 -42.41
CA LEU C 546 17.19 -0.45 -42.64
C LEU C 546 16.74 -1.12 -43.95
N GLU C 547 17.45 -2.19 -44.31
CA GLU C 547 17.17 -2.97 -45.50
C GLU C 547 16.71 -4.36 -45.10
N LEU C 548 16.49 -5.21 -46.10
CA LEU C 548 16.00 -6.55 -45.80
C LEU C 548 17.12 -7.57 -45.86
N PRO C 549 17.10 -8.56 -44.97
CA PRO C 549 18.16 -9.58 -44.96
C PRO C 549 17.95 -10.62 -46.05
N ASN C 550 19.04 -11.32 -46.36
CA ASN C 550 19.04 -12.41 -47.32
C ASN C 550 19.92 -13.54 -46.80
N PRO C 551 19.33 -14.69 -46.42
CA PRO C 551 17.91 -15.08 -46.47
C PRO C 551 17.02 -14.32 -45.49
N GLU C 552 15.72 -14.30 -45.76
CA GLU C 552 14.73 -13.61 -44.94
C GLU C 552 14.15 -14.57 -43.91
N PRO C 553 13.98 -14.15 -42.65
CA PRO C 553 13.38 -15.04 -41.66
C PRO C 553 11.92 -15.34 -41.99
N ARG C 554 11.48 -16.54 -41.61
CA ARG C 554 10.12 -16.98 -41.88
C ARG C 554 9.76 -18.07 -40.88
N SER C 555 8.55 -17.98 -40.33
CA SER C 555 8.08 -18.92 -39.32
C SER C 555 7.18 -19.98 -39.95
N GLN C 556 7.09 -21.12 -39.27
CA GLN C 556 6.26 -22.24 -39.71
C GLN C 556 5.04 -22.34 -38.82
N SER C 557 3.86 -22.20 -39.43
CA SER C 557 2.60 -22.32 -38.69
C SER C 557 1.50 -22.70 -39.65
N ILE C 558 0.43 -23.25 -39.09
CA ILE C 558 -0.75 -23.64 -39.87
C ILE C 558 -1.77 -22.51 -39.81
N LYS C 559 -2.49 -22.32 -40.92
CA LYS C 559 -3.35 -21.16 -41.10
C LYS C 559 -4.80 -21.62 -41.11
N PHE C 560 -5.59 -21.12 -40.17
CA PHE C 560 -6.97 -21.60 -40.01
C PHE C 560 -7.96 -20.77 -40.82
N HIS C 561 -7.67 -20.55 -42.10
CA HIS C 561 -8.67 -20.03 -43.02
C HIS C 561 -8.52 -20.57 -44.43
N LYS C 562 -7.52 -21.43 -44.68
CA LYS C 562 -7.35 -22.12 -45.95
C LYS C 562 -7.51 -23.61 -45.82
N LYS C 563 -7.06 -24.18 -44.71
CA LYS C 563 -7.29 -25.58 -44.39
C LYS C 563 -8.68 -25.83 -43.82
N TRP C 564 -9.41 -24.78 -43.46
CA TRP C 564 -10.83 -24.88 -43.13
C TRP C 564 -11.72 -24.71 -44.36
N SER C 565 -11.14 -24.43 -45.52
CA SER C 565 -11.90 -24.23 -46.75
C SER C 565 -11.61 -25.33 -47.77
N GLU C 566 -11.50 -26.57 -47.29
CA GLU C 566 -11.26 -27.73 -48.13
C GLU C 566 -12.39 -28.75 -47.92
N SER C 567 -12.23 -29.92 -48.54
CA SER C 567 -13.22 -30.98 -48.41
C SER C 567 -13.03 -31.71 -47.08
N TRP C 568 -13.97 -32.61 -46.78
CA TRP C 568 -13.89 -33.37 -45.55
C TRP C 568 -12.70 -34.32 -45.59
N ARG C 569 -11.94 -34.35 -44.49
CA ARG C 569 -10.78 -35.21 -44.34
C ARG C 569 -10.93 -36.02 -43.07
N THR C 570 -10.77 -37.34 -43.19
CA THR C 570 -10.88 -38.23 -42.04
C THR C 570 -9.49 -38.74 -41.66
N PRO C 571 -8.93 -38.30 -40.55
CA PRO C 571 -7.61 -38.81 -40.14
C PRO C 571 -7.68 -40.26 -39.71
N SER C 572 -6.55 -40.94 -39.86
CA SER C 572 -6.44 -42.35 -39.46
C SER C 572 -6.43 -42.42 -37.94
N PHE C 573 -7.58 -42.75 -37.35
CA PHE C 573 -7.68 -42.79 -35.90
C PHE C 573 -6.85 -43.90 -35.27
N GLU C 574 -6.48 -44.92 -36.04
CA GLU C 574 -5.68 -46.00 -35.48
C GLU C 574 -4.32 -45.49 -35.01
N GLU C 575 -3.69 -44.61 -35.80
CA GLU C 575 -2.40 -44.06 -35.42
C GLU C 575 -2.51 -43.14 -34.21
N VAL C 576 -3.56 -42.33 -34.16
CA VAL C 576 -3.69 -41.35 -33.08
C VAL C 576 -4.14 -41.99 -31.78
N ILE C 577 -4.81 -43.15 -31.83
CA ILE C 577 -5.13 -43.86 -30.59
C ILE C 577 -3.98 -44.75 -30.12
N MET C 578 -3.08 -45.14 -31.02
CA MET C 578 -1.85 -45.80 -30.61
C MET C 578 -0.83 -44.75 -30.18
N ARG C 579 0.33 -45.23 -29.71
CA ARG C 579 1.46 -44.41 -29.26
C ARG C 579 1.12 -43.72 -27.95
N TRP C 580 -0.14 -43.82 -27.51
CA TRP C 580 -0.52 -43.29 -26.21
C TRP C 580 0.17 -44.06 -25.09
N ARG C 581 0.14 -45.38 -25.16
CA ARG C 581 0.79 -46.24 -24.19
C ARG C 581 2.15 -46.74 -24.66
N LYS C 582 2.58 -46.34 -25.86
CA LYS C 582 3.84 -46.81 -26.44
C LYS C 582 3.88 -48.33 -26.45
N GLU C 583 4.75 -48.92 -25.63
CA GLU C 583 4.81 -50.37 -25.51
C GLU C 583 3.81 -50.87 -24.47
N ASN C 584 3.83 -50.30 -23.28
CA ASN C 584 2.94 -50.71 -22.20
C ASN C 584 2.17 -49.56 -21.58
N GLY C 585 2.78 -48.39 -21.43
CA GLY C 585 2.11 -47.25 -20.83
C GLY C 585 3.06 -46.28 -20.16
N MET D 1 -5.75 25.19 -54.36
CA MET D 1 -5.92 24.78 -55.75
C MET D 1 -7.28 24.14 -55.97
N LYS D 2 -7.34 22.82 -55.81
CA LYS D 2 -8.59 22.09 -56.01
C LYS D 2 -9.62 22.47 -54.95
N ILE D 3 -9.21 22.43 -53.68
CA ILE D 3 -10.08 22.80 -52.57
C ILE D 3 -9.47 23.91 -51.72
N GLY D 4 -8.18 23.79 -51.39
CA GLY D 4 -7.53 24.80 -50.60
C GLY D 4 -6.06 24.49 -50.42
N SER D 5 -5.43 25.24 -49.51
CA SER D 5 -4.01 25.13 -49.22
C SER D 5 -3.80 24.87 -47.73
N VAL D 6 -2.55 24.54 -47.37
CA VAL D 6 -2.18 24.21 -46.00
C VAL D 6 -1.68 25.47 -45.30
N ILE D 7 -2.23 25.74 -44.12
CA ILE D 7 -1.80 26.89 -43.33
C ILE D 7 -0.67 26.52 -42.37
N GLU D 8 -0.86 25.47 -41.57
CA GLU D 8 0.10 25.15 -40.54
C GLU D 8 0.47 23.67 -40.57
N SER D 9 1.75 23.38 -40.34
CA SER D 9 2.26 22.03 -40.23
C SER D 9 2.84 21.83 -38.84
N SER D 10 2.32 20.84 -38.13
CA SER D 10 2.71 20.56 -36.75
C SER D 10 2.87 19.05 -36.59
N PRO D 11 3.64 18.61 -35.58
CA PRO D 11 3.87 17.17 -35.41
C PRO D 11 2.59 16.37 -35.14
N HIS D 12 1.52 17.00 -34.67
CA HIS D 12 0.31 16.27 -34.34
C HIS D 12 -0.91 16.62 -35.19
N SER D 13 -0.94 17.79 -35.82
CA SER D 13 -2.10 18.20 -36.61
C SER D 13 -1.64 19.09 -37.77
N ILE D 14 -2.47 19.14 -38.80
CA ILE D 14 -2.23 19.99 -39.96
C ILE D 14 -3.43 20.92 -40.14
N LEU D 15 -3.17 22.21 -40.22
CA LEU D 15 -4.21 23.23 -40.36
C LEU D 15 -4.32 23.62 -41.83
N VAL D 16 -5.50 23.39 -42.41
CA VAL D 16 -5.78 23.54 -43.83
C VAL D 16 -6.83 24.64 -44.00
N LYS D 17 -6.93 25.16 -45.22
CA LYS D 17 -7.81 26.26 -45.55
C LYS D 17 -8.67 25.91 -46.75
N ILE D 18 -9.82 26.58 -46.87
CA ILE D 18 -10.71 26.47 -48.01
C ILE D 18 -10.83 27.85 -48.65
N ASP D 19 -10.74 27.92 -49.97
CA ASP D 19 -10.60 29.19 -50.67
C ASP D 19 -11.82 30.10 -50.45
N THR D 20 -12.98 29.69 -50.96
CA THR D 20 -14.14 30.57 -50.98
C THR D 20 -15.39 29.78 -50.60
N LEU D 21 -16.53 30.47 -50.64
CA LEU D 21 -17.80 29.88 -50.21
C LEU D 21 -18.38 28.91 -51.24
N LYS D 22 -18.19 29.19 -52.53
CA LYS D 22 -18.76 28.32 -53.56
C LYS D 22 -18.17 26.92 -53.49
N ILE D 23 -16.86 26.82 -53.25
CA ILE D 23 -16.23 25.52 -53.09
C ILE D 23 -16.84 24.76 -51.92
N PHE D 24 -17.07 25.46 -50.80
CA PHE D 24 -17.70 24.82 -49.65
C PHE D 24 -19.12 24.37 -49.97
N GLU D 25 -19.88 25.18 -50.69
CA GLU D 25 -21.24 24.78 -51.05
C GLU D 25 -21.23 23.54 -51.93
N LYS D 26 -20.27 23.46 -52.86
CA LYS D 26 -20.21 22.30 -53.73
C LYS D 26 -19.73 21.05 -52.98
N ALA D 27 -18.80 21.20 -52.05
CA ALA D 27 -18.17 20.07 -51.38
C ALA D 27 -18.73 19.79 -50.00
N LYS D 28 -19.84 20.42 -49.62
CA LYS D 28 -20.45 20.15 -48.31
C LYS D 28 -20.79 18.68 -48.13
N SER D 29 -21.15 17.98 -49.22
CA SER D 29 -21.51 16.57 -49.11
C SER D 29 -20.32 15.67 -48.81
N ALA D 30 -19.09 16.18 -48.90
CA ALA D 30 -17.90 15.37 -48.72
C ALA D 30 -17.00 15.90 -47.62
N LEU D 31 -17.51 16.75 -46.73
CA LEU D 31 -16.75 17.29 -45.60
C LEU D 31 -17.57 17.09 -44.33
N GLN D 32 -17.46 15.90 -43.74
CA GLN D 32 -18.24 15.55 -42.56
C GLN D 32 -17.52 14.38 -41.86
N ILE D 33 -18.25 13.68 -40.98
CA ILE D 33 -17.66 12.68 -40.10
C ILE D 33 -16.86 11.66 -40.89
N GLY D 34 -15.63 11.43 -40.46
CA GLY D 34 -14.81 10.34 -40.97
C GLY D 34 -14.40 10.48 -42.42
N LYS D 35 -14.63 11.64 -43.02
CA LYS D 35 -14.26 11.84 -44.41
C LYS D 35 -12.75 11.90 -44.55
N TYR D 36 -12.27 11.71 -45.78
CA TYR D 36 -10.86 11.56 -46.04
C TYR D 36 -10.40 12.57 -47.08
N LEU D 37 -9.19 13.08 -46.89
CA LEU D 37 -8.55 14.00 -47.83
C LEU D 37 -7.11 13.58 -48.05
N LYS D 38 -6.57 13.97 -49.20
CA LYS D 38 -5.18 13.69 -49.54
C LYS D 38 -4.46 14.98 -49.90
N ILE D 39 -3.22 15.10 -49.41
CA ILE D 39 -2.40 16.29 -49.63
C ILE D 39 -1.25 15.90 -50.55
N GLN D 40 -0.71 16.89 -51.27
CA GLN D 40 0.27 16.60 -52.31
C GLN D 40 1.54 15.97 -51.73
N GLU D 41 2.14 16.62 -50.72
CA GLU D 41 3.32 16.11 -50.02
C GLU D 41 4.45 15.85 -51.02
N GLY D 42 4.94 16.94 -51.59
CA GLY D 42 6.09 16.87 -52.48
C GLY D 42 5.68 16.73 -53.93
N ASN D 43 6.29 15.77 -54.64
CA ASN D 43 6.04 15.61 -56.06
C ASN D 43 4.77 14.84 -56.34
N HIS D 44 4.70 13.59 -55.87
CA HIS D 44 3.56 12.73 -56.16
C HIS D 44 3.16 11.81 -55.02
N ASN D 45 3.82 11.89 -53.86
CA ASN D 45 3.55 10.98 -52.74
C ASN D 45 2.45 11.59 -51.87
N PHE D 46 1.20 11.24 -52.17
CA PHE D 46 0.08 11.78 -51.42
C PHE D 46 0.00 11.18 -50.02
N VAL D 47 -0.56 11.95 -49.09
CA VAL D 47 -0.70 11.53 -47.70
C VAL D 47 -2.17 11.56 -47.34
N LEU D 48 -2.67 10.45 -46.80
CA LEU D 48 -4.08 10.31 -46.44
C LEU D 48 -4.32 10.88 -45.05
N CYS D 49 -5.41 11.62 -44.90
CA CYS D 49 -5.75 12.28 -43.65
C CYS D 49 -7.21 12.04 -43.33
N VAL D 50 -7.53 12.12 -42.03
CA VAL D 50 -8.87 11.85 -41.53
C VAL D 50 -9.37 13.07 -40.77
N ILE D 51 -10.70 13.25 -40.75
CA ILE D 51 -11.32 14.38 -40.07
C ILE D 51 -12.40 13.86 -39.14
N GLN D 52 -12.77 14.70 -38.17
CA GLN D 52 -13.61 14.28 -37.05
C GLN D 52 -15.09 14.33 -37.44
N ASN D 53 -15.95 14.27 -36.41
CA ASN D 53 -17.40 14.10 -36.63
C ASN D 53 -17.97 15.22 -37.48
N ILE D 54 -17.54 16.47 -37.26
CA ILE D 54 -17.86 17.55 -38.17
C ILE D 54 -16.54 18.22 -38.51
N LYS D 55 -16.45 18.76 -39.73
CA LYS D 55 -15.20 19.35 -40.18
C LYS D 55 -15.47 20.79 -40.61
N ILE D 56 -15.36 21.72 -39.67
CA ILE D 56 -15.51 23.14 -39.99
C ILE D 56 -14.99 24.00 -38.85
N SER D 57 -14.55 25.21 -39.18
CA SER D 57 -14.32 26.26 -38.19
C SER D 57 -14.41 27.59 -38.94
N THR D 58 -15.56 28.24 -38.85
CA THR D 58 -15.77 29.50 -39.54
C THR D 58 -15.17 30.64 -38.70
N ASP D 59 -14.31 31.43 -39.32
CA ASP D 59 -13.60 32.50 -38.63
C ASP D 59 -13.70 33.79 -39.44
N LYS D 60 -13.65 34.91 -38.73
CA LYS D 60 -13.67 36.26 -39.29
C LYS D 60 -14.97 36.60 -40.00
N ASP D 61 -15.96 35.70 -39.95
CA ASP D 61 -17.24 35.91 -40.63
C ASP D 61 -17.05 36.21 -42.11
N GLU D 62 -16.12 35.49 -42.73
CA GLU D 62 -15.79 35.67 -44.14
C GLU D 62 -15.68 34.30 -44.79
N ASP D 63 -15.15 34.28 -46.00
CA ASP D 63 -14.98 33.05 -46.79
C ASP D 63 -13.86 32.15 -46.27
N ILE D 64 -13.28 32.44 -45.12
CA ILE D 64 -12.22 31.60 -44.57
C ILE D 64 -12.85 30.42 -43.82
N PHE D 65 -12.44 29.21 -44.17
CA PHE D 65 -12.95 27.98 -43.56
C PHE D 65 -11.74 27.12 -43.22
N ILE D 66 -11.27 27.17 -41.97
CA ILE D 66 -10.08 26.45 -41.56
C ILE D 66 -10.47 25.07 -41.03
N LEU D 67 -9.58 24.10 -41.22
CA LEU D 67 -9.82 22.72 -40.84
C LEU D 67 -8.57 22.17 -40.19
N THR D 68 -8.74 21.13 -39.37
CA THR D 68 -7.63 20.48 -38.67
C THR D 68 -7.64 18.98 -39.00
N VAL D 69 -6.70 18.55 -39.83
CA VAL D 69 -6.64 17.16 -40.29
C VAL D 69 -5.50 16.45 -39.58
N GLN D 70 -5.63 15.13 -39.48
CA GLN D 70 -4.63 14.28 -38.85
C GLN D 70 -4.27 13.15 -39.81
N PRO D 71 -2.98 12.96 -40.11
CA PRO D 71 -2.60 11.94 -41.10
C PRO D 71 -2.76 10.53 -40.56
N VAL D 72 -3.00 9.60 -41.49
CA VAL D 72 -3.12 8.18 -41.14
C VAL D 72 -2.18 7.29 -41.93
N GLY D 73 -1.65 7.72 -43.08
CA GLY D 73 -0.76 6.88 -43.85
C GLY D 73 -0.37 7.54 -45.15
N ILE D 74 0.46 6.83 -45.90
CA ILE D 74 0.94 7.28 -47.19
C ILE D 74 0.77 6.15 -48.19
N PHE D 75 0.50 6.52 -49.45
CA PHE D 75 0.38 5.55 -50.53
C PHE D 75 1.16 6.08 -51.73
N LYS D 76 2.15 5.30 -52.17
CA LYS D 76 2.97 5.64 -53.33
C LYS D 76 2.73 4.60 -54.41
N GLY D 77 2.35 5.07 -55.59
CA GLY D 77 2.03 4.17 -56.70
C GLY D 77 0.56 3.74 -56.65
N GLU D 78 0.33 2.45 -56.34
CA GLU D 78 -1.02 1.92 -56.28
C GLU D 78 -1.26 1.06 -55.04
N GLU D 79 -0.44 1.21 -54.00
CA GLU D 79 -0.57 0.42 -52.78
C GLU D 79 -0.44 1.33 -51.57
N PHE D 80 -1.03 0.89 -50.47
CA PHE D 80 -1.12 1.67 -49.23
C PHE D 80 -0.01 1.28 -48.26
N PHE D 81 0.44 2.26 -47.48
CA PHE D 81 1.40 2.06 -46.43
C PHE D 81 0.91 2.74 -45.15
N GLN D 82 1.51 2.35 -44.02
CA GLN D 82 1.15 2.88 -42.72
C GLN D 82 2.36 3.56 -42.09
N GLY D 83 2.10 4.63 -41.34
CA GLY D 83 3.16 5.34 -40.65
C GLY D 83 4.09 6.09 -41.59
N ASN D 84 3.59 7.15 -42.20
CA ASN D 84 4.39 7.90 -43.17
C ASN D 84 5.61 8.54 -42.51
N SER D 85 5.43 9.11 -41.31
CA SER D 85 6.46 9.77 -40.51
C SER D 85 6.95 11.08 -41.12
N MET D 86 6.46 11.46 -42.30
CA MET D 86 6.81 12.73 -42.94
C MET D 86 5.57 13.61 -43.01
N LEU D 87 5.78 14.92 -42.88
CA LEU D 87 4.65 15.84 -42.80
C LEU D 87 4.75 16.91 -43.89
N PRO D 88 3.62 17.24 -44.53
CA PRO D 88 3.66 18.23 -45.61
C PRO D 88 3.96 19.63 -45.09
N SER D 89 4.58 20.42 -45.95
CA SER D 89 4.88 21.82 -45.68
C SER D 89 3.68 22.68 -46.03
N PRO D 90 3.65 23.93 -45.56
CA PRO D 90 2.61 24.86 -46.01
C PRO D 90 2.60 25.02 -47.53
N THR D 91 1.49 25.56 -48.03
CA THR D 91 1.26 25.76 -49.47
C THR D 91 1.30 24.43 -50.22
N GLU D 92 0.39 23.53 -49.84
CA GLU D 92 0.20 22.25 -50.52
C GLU D 92 -1.30 22.03 -50.70
N PRO D 93 -1.75 21.77 -51.92
CA PRO D 93 -3.18 21.62 -52.17
C PRO D 93 -3.75 20.31 -51.63
N VAL D 94 -5.08 20.26 -51.55
CA VAL D 94 -5.82 19.08 -51.16
C VAL D 94 -6.78 18.73 -52.29
N PHE D 95 -6.90 17.43 -52.57
CA PHE D 95 -7.58 16.97 -53.80
C PHE D 95 -8.71 15.99 -53.50
N LEU D 96 -9.36 16.12 -52.35
CA LEU D 96 -10.51 15.29 -51.98
C LEU D 96 -10.10 13.81 -52.01
N VAL D 97 -11.04 12.92 -52.33
CA VAL D 97 -10.80 11.49 -52.33
C VAL D 97 -11.90 10.84 -53.16
N GLU D 98 -11.63 9.62 -53.64
CA GLU D 98 -12.58 8.86 -54.42
C GLU D 98 -12.89 7.55 -53.69
N ASP D 99 -14.13 7.07 -53.88
CA ASP D 99 -14.55 5.83 -53.22
C ASP D 99 -13.83 4.60 -53.77
N ASP D 100 -13.36 4.66 -55.02
CA ASP D 100 -12.69 3.50 -55.61
C ASP D 100 -11.41 3.16 -54.86
N ILE D 101 -10.60 4.16 -54.52
CA ILE D 101 -9.35 3.88 -53.80
C ILE D 101 -9.64 3.38 -52.39
N LEU D 102 -10.70 3.87 -51.76
CA LEU D 102 -11.10 3.34 -50.45
C LEU D 102 -11.50 1.88 -50.57
N ASN D 103 -12.25 1.53 -51.63
CA ASN D 103 -12.59 0.13 -51.84
C ASN D 103 -11.35 -0.72 -52.04
N LYS D 104 -10.38 -0.22 -52.81
CA LYS D 104 -9.15 -0.97 -53.02
C LYS D 104 -8.38 -1.16 -51.72
N ILE D 105 -8.34 -0.13 -50.88
CA ILE D 105 -7.61 -0.24 -49.62
C ILE D 105 -8.29 -1.24 -48.69
N PHE D 106 -9.60 -1.12 -48.51
CA PHE D 106 -10.30 -1.99 -47.56
C PHE D 106 -10.44 -3.41 -48.11
N SER D 107 -10.80 -3.55 -49.38
CA SER D 107 -10.98 -4.87 -49.99
C SER D 107 -9.66 -5.29 -50.63
N ASN D 108 -8.75 -5.78 -49.79
CA ASN D 108 -7.45 -6.22 -50.27
C ASN D 108 -7.60 -7.47 -51.14
N GLU D 109 -6.76 -7.55 -52.18
CA GLU D 109 -6.81 -8.69 -53.08
C GLU D 109 -6.34 -9.96 -52.36
N LYS D 110 -7.09 -11.04 -52.57
CA LYS D 110 -6.78 -12.37 -52.01
C LYS D 110 -6.79 -12.24 -50.49
N THR D 111 -5.78 -12.75 -49.78
CA THR D 111 -5.66 -12.69 -48.33
C THR D 111 -6.85 -13.30 -47.60
N LYS D 112 -7.60 -14.18 -48.28
CA LYS D 112 -8.74 -14.87 -47.70
C LYS D 112 -9.72 -13.89 -47.06
N ILE D 113 -10.32 -13.07 -47.93
CA ILE D 113 -11.24 -12.03 -47.50
C ILE D 113 -12.35 -12.62 -46.65
N PHE D 114 -12.55 -12.05 -45.46
CA PHE D 114 -13.64 -12.42 -44.57
C PHE D 114 -14.52 -11.19 -44.37
N HIS D 115 -15.82 -11.34 -44.64
CA HIS D 115 -16.74 -10.23 -44.60
C HIS D 115 -17.28 -9.99 -43.20
N LEU D 116 -17.42 -8.73 -42.83
CA LEU D 116 -17.95 -8.35 -41.53
C LEU D 116 -19.13 -7.40 -41.68
N GLY D 117 -19.07 -6.53 -42.67
CA GLY D 117 -20.14 -5.59 -42.92
C GLY D 117 -19.63 -4.38 -43.69
N ASN D 118 -20.46 -3.35 -43.73
CA ASN D 118 -20.14 -2.11 -44.40
C ASN D 118 -19.80 -1.02 -43.38
N LEU D 119 -19.14 0.03 -43.87
CA LEU D 119 -18.79 1.15 -43.01
C LEU D 119 -20.04 1.90 -42.56
N ALA D 120 -20.08 2.25 -41.27
CA ALA D 120 -21.24 2.96 -40.74
C ALA D 120 -21.35 4.36 -41.32
N GLN D 121 -20.23 5.06 -41.47
CA GLN D 121 -20.27 6.44 -41.96
C GLN D 121 -20.69 6.49 -43.43
N ASN D 122 -20.10 5.63 -44.26
CA ASN D 122 -20.39 5.58 -45.69
C ASN D 122 -20.77 4.16 -46.07
N GLU D 123 -21.95 3.99 -46.66
CA GLU D 123 -22.47 2.68 -47.01
C GLU D 123 -22.00 2.21 -48.39
N GLU D 124 -21.26 3.04 -49.12
CA GLU D 124 -20.80 2.68 -50.45
C GLU D 124 -19.48 1.91 -50.43
N VAL D 125 -18.84 1.77 -49.27
CA VAL D 125 -17.55 1.10 -49.14
C VAL D 125 -17.71 -0.09 -48.23
N SER D 126 -17.28 -1.27 -48.71
CA SER D 126 -17.34 -2.48 -47.92
C SER D 126 -16.13 -2.57 -46.99
N PHE D 127 -16.25 -3.43 -45.97
CA PHE D 127 -15.19 -3.63 -44.98
C PHE D 127 -14.92 -5.12 -44.89
N THR D 128 -13.66 -5.51 -45.07
CA THR D 128 -13.25 -6.90 -45.08
C THR D 128 -12.01 -7.07 -44.21
N LEU D 129 -11.77 -8.31 -43.77
CA LEU D 129 -10.65 -8.62 -42.91
C LEU D 129 -9.85 -9.78 -43.46
N ASP D 130 -8.60 -9.87 -42.98
CA ASP D 130 -7.71 -10.99 -43.30
C ASP D 130 -8.02 -12.12 -42.33
N GLY D 131 -8.82 -13.09 -42.78
CA GLY D 131 -9.22 -14.19 -41.92
C GLY D 131 -8.13 -15.18 -41.62
N ASP D 132 -7.00 -15.11 -42.33
CA ASP D 132 -5.87 -15.99 -42.05
C ASP D 132 -5.33 -15.74 -40.65
N LYS D 133 -5.14 -14.46 -40.29
CA LYS D 133 -4.58 -14.10 -39.00
C LYS D 133 -5.63 -13.96 -37.91
N PHE D 134 -6.90 -13.75 -38.27
CA PHE D 134 -7.91 -13.45 -37.27
C PHE D 134 -8.30 -14.70 -36.47
N PHE D 135 -8.48 -15.83 -37.14
CA PHE D 135 -9.02 -17.03 -36.51
C PHE D 135 -7.93 -17.97 -35.98
N SER D 136 -6.65 -17.60 -36.09
CA SER D 136 -5.57 -18.47 -35.64
C SER D 136 -4.58 -17.72 -34.76
N LYS D 137 -5.06 -16.77 -33.97
CA LYS D 137 -4.20 -16.03 -33.04
C LYS D 137 -4.90 -15.75 -31.71
N HIS D 138 -5.89 -16.57 -31.35
CA HIS D 138 -6.71 -16.40 -30.16
C HIS D 138 -7.62 -15.18 -30.30
N VAL D 139 -8.88 -15.31 -29.89
CA VAL D 139 -9.87 -14.24 -30.07
C VAL D 139 -10.55 -13.97 -28.74
N ALA D 140 -10.77 -12.69 -28.42
CA ALA D 140 -11.49 -12.29 -27.23
C ALA D 140 -12.71 -11.47 -27.64
N VAL D 141 -13.86 -11.79 -27.06
CA VAL D 141 -15.11 -11.06 -27.31
C VAL D 141 -15.70 -10.68 -25.97
N VAL D 142 -15.93 -9.38 -25.78
CA VAL D 142 -16.50 -8.86 -24.54
C VAL D 142 -17.65 -7.92 -24.86
N GLY D 143 -18.51 -7.72 -23.87
CA GLY D 143 -19.67 -6.87 -24.03
C GLY D 143 -20.55 -6.86 -22.78
N SER D 144 -21.84 -6.62 -22.97
CA SER D 144 -22.79 -6.58 -21.86
C SER D 144 -24.01 -7.42 -22.21
N THR D 145 -24.71 -7.87 -21.16
CA THR D 145 -25.91 -8.67 -21.33
C THR D 145 -27.00 -7.83 -22.00
N GLY D 146 -27.47 -8.29 -23.16
CA GLY D 146 -28.46 -7.57 -23.93
C GLY D 146 -27.91 -6.53 -24.88
N SER D 147 -26.59 -6.28 -24.86
CA SER D 147 -26.00 -5.32 -25.76
C SER D 147 -25.88 -5.83 -27.18
N GLY D 148 -25.90 -7.15 -27.38
CA GLY D 148 -25.79 -7.73 -28.70
C GLY D 148 -24.63 -8.69 -28.86
N LYS D 149 -24.17 -9.26 -27.75
CA LYS D 149 -23.09 -10.26 -27.83
C LYS D 149 -23.55 -11.50 -28.59
N SER D 150 -24.72 -12.02 -28.23
CA SER D 150 -25.20 -13.25 -28.86
C SER D 150 -25.41 -13.06 -30.35
N CYS D 151 -25.99 -11.93 -30.76
CA CYS D 151 -26.21 -11.68 -32.17
C CYS D 151 -24.90 -11.61 -32.95
N ALA D 152 -23.90 -10.91 -32.40
CA ALA D 152 -22.63 -10.77 -33.09
C ALA D 152 -21.92 -12.13 -33.20
N VAL D 153 -21.88 -12.89 -32.10
CA VAL D 153 -21.23 -14.20 -32.14
C VAL D 153 -21.94 -15.12 -33.12
N ALA D 154 -23.29 -15.11 -33.10
CA ALA D 154 -24.04 -15.95 -34.03
C ALA D 154 -23.77 -15.55 -35.47
N LYS D 155 -23.70 -14.25 -35.75
CA LYS D 155 -23.42 -13.80 -37.12
C LYS D 155 -22.03 -14.26 -37.58
N ILE D 156 -21.03 -14.08 -36.72
CA ILE D 156 -19.67 -14.48 -37.10
C ILE D 156 -19.60 -15.99 -37.33
N LEU D 157 -20.18 -16.77 -36.41
CA LEU D 157 -20.13 -18.22 -36.55
C LEU D 157 -20.92 -18.70 -37.76
N GLN D 158 -22.04 -18.05 -38.08
CA GLN D 158 -22.83 -18.44 -39.23
C GLN D 158 -22.10 -18.11 -40.52
N ASN D 159 -21.39 -16.98 -40.56
CA ASN D 159 -20.54 -16.68 -41.72
C ASN D 159 -19.43 -17.70 -41.86
N VAL D 160 -18.83 -18.12 -40.74
CA VAL D 160 -17.74 -19.09 -40.79
C VAL D 160 -18.24 -20.44 -41.31
N VAL D 161 -19.36 -20.93 -40.78
CA VAL D 161 -19.82 -22.27 -41.11
C VAL D 161 -20.60 -22.32 -42.42
N GLY D 162 -21.07 -21.18 -42.92
CA GLY D 162 -21.75 -21.13 -44.19
C GLY D 162 -23.27 -21.11 -44.13
N ILE D 163 -23.86 -20.96 -42.95
CA ILE D 163 -25.30 -20.87 -42.84
C ILE D 163 -25.75 -19.48 -43.26
N ASN D 164 -26.67 -19.42 -44.22
CA ASN D 164 -27.20 -18.15 -44.71
C ASN D 164 -28.70 -18.31 -44.96
N ASP D 165 -29.51 -17.52 -44.25
CA ASP D 165 -30.97 -17.57 -44.37
C ASP D 165 -31.50 -18.97 -44.12
N ALA D 166 -30.93 -19.63 -43.11
CA ALA D 166 -31.30 -20.99 -42.73
C ALA D 166 -31.14 -21.97 -43.88
N ARG D 167 -30.16 -21.71 -44.76
CA ARG D 167 -29.87 -22.58 -45.89
C ARG D 167 -28.40 -22.95 -45.87
N ASN D 168 -28.10 -24.24 -46.01
CA ASN D 168 -26.73 -24.73 -46.05
C ASN D 168 -26.22 -24.59 -47.48
N ILE D 169 -25.53 -23.48 -47.75
CA ILE D 169 -25.00 -23.24 -49.09
C ILE D 169 -23.89 -24.23 -49.44
N ASN D 170 -23.29 -24.88 -48.45
CA ASN D 170 -22.25 -25.87 -48.67
C ASN D 170 -22.80 -27.29 -48.61
N LYS D 171 -24.06 -27.49 -49.02
CA LYS D 171 -24.65 -28.82 -48.99
C LYS D 171 -23.97 -29.76 -49.98
N SER D 172 -23.60 -29.23 -51.16
CA SER D 172 -22.99 -30.08 -52.19
C SER D 172 -21.64 -30.64 -51.72
N ASP D 173 -20.82 -29.81 -51.09
CA ASP D 173 -19.51 -30.21 -50.60
C ASP D 173 -19.36 -29.77 -49.15
N LYS D 174 -19.22 -30.73 -48.25
CA LYS D 174 -19.06 -30.41 -46.83
C LYS D 174 -17.73 -29.70 -46.58
N LYS D 175 -17.78 -28.65 -45.76
CA LYS D 175 -16.59 -27.88 -45.42
C LYS D 175 -15.82 -28.59 -44.30
N ASN D 176 -14.78 -27.94 -43.79
CA ASN D 176 -13.91 -28.55 -42.79
C ASN D 176 -13.84 -27.73 -41.50
N SER D 177 -14.85 -26.90 -41.24
CA SER D 177 -14.88 -26.14 -40.00
C SER D 177 -15.09 -27.05 -38.80
N HIS D 178 -14.46 -26.68 -37.68
CA HIS D 178 -14.54 -27.46 -36.45
C HIS D 178 -14.62 -26.51 -35.27
N ILE D 179 -15.76 -26.55 -34.56
CA ILE D 179 -15.99 -25.68 -33.41
C ILE D 179 -16.61 -26.53 -32.29
N ILE D 180 -16.13 -26.33 -31.08
CA ILE D 180 -16.72 -26.92 -29.87
C ILE D 180 -17.20 -25.79 -28.98
N ILE D 181 -18.39 -25.95 -28.42
CA ILE D 181 -19.02 -24.90 -27.62
C ILE D 181 -19.31 -25.44 -26.22
N PHE D 182 -18.78 -24.77 -25.20
CA PHE D 182 -19.04 -25.11 -23.80
C PHE D 182 -20.09 -24.16 -23.21
N ASP D 183 -21.30 -24.22 -23.76
CA ASP D 183 -22.36 -23.36 -23.28
C ASP D 183 -23.03 -23.95 -22.05
N ILE D 184 -23.46 -23.07 -21.14
CA ILE D 184 -24.11 -23.50 -19.91
C ILE D 184 -25.57 -23.08 -19.82
N HIS D 185 -25.99 -22.03 -20.54
CA HIS D 185 -27.38 -21.61 -20.57
C HIS D 185 -28.18 -22.27 -21.68
N SER D 186 -27.52 -23.01 -22.58
CA SER D 186 -28.18 -23.69 -23.70
C SER D 186 -28.98 -22.73 -24.57
N GLU D 187 -28.50 -21.49 -24.69
CA GLU D 187 -29.20 -20.50 -25.51
C GLU D 187 -28.94 -20.68 -27.01
N TYR D 188 -27.76 -21.16 -27.38
CA TYR D 188 -27.32 -21.15 -28.76
C TYR D 188 -27.88 -22.31 -29.58
N LYS D 189 -28.59 -23.25 -28.96
CA LYS D 189 -29.10 -24.41 -29.69
C LYS D 189 -29.96 -23.98 -30.87
N SER D 190 -30.95 -23.12 -30.62
CA SER D 190 -31.82 -22.64 -31.69
C SER D 190 -31.04 -21.84 -32.72
N ALA D 191 -29.88 -21.29 -32.35
CA ALA D 191 -29.06 -20.55 -33.31
C ALA D 191 -28.24 -21.47 -34.20
N PHE D 192 -28.22 -22.77 -33.94
CA PHE D 192 -27.43 -23.71 -34.73
C PHE D 192 -28.26 -24.92 -35.15
N GLU D 193 -29.57 -24.73 -35.33
CA GLU D 193 -30.46 -25.81 -35.75
C GLU D 193 -31.37 -25.29 -36.86
N ILE D 194 -31.23 -25.85 -38.06
CA ILE D 194 -32.05 -25.47 -39.19
C ILE D 194 -32.82 -26.70 -39.67
N ASP D 195 -33.62 -26.53 -40.72
CA ASP D 195 -34.43 -27.63 -41.24
C ASP D 195 -33.54 -28.79 -41.70
N LYS D 196 -34.02 -30.01 -41.46
CA LYS D 196 -33.23 -31.20 -41.76
C LYS D 196 -33.08 -31.44 -43.26
N ASN D 197 -33.95 -30.85 -44.08
CA ASN D 197 -33.84 -31.04 -45.52
C ASN D 197 -32.62 -30.36 -46.13
N GLU D 198 -31.95 -29.48 -45.39
CA GLU D 198 -30.77 -28.79 -45.87
C GLU D 198 -29.49 -29.59 -45.64
N ASP D 199 -29.59 -30.79 -45.05
CA ASP D 199 -28.44 -31.66 -44.81
C ASP D 199 -27.36 -30.97 -43.98
N PHE D 200 -27.79 -30.34 -42.89
CA PHE D 200 -26.89 -29.70 -41.93
C PHE D 200 -26.97 -30.48 -40.62
N ASN D 201 -26.10 -31.48 -40.49
CA ASN D 201 -26.07 -32.30 -39.29
C ASN D 201 -25.49 -31.51 -38.11
N LEU D 202 -25.98 -31.83 -36.92
CA LEU D 202 -25.51 -31.21 -35.69
C LEU D 202 -25.20 -32.28 -34.66
N ASN D 203 -24.25 -31.99 -33.78
CA ASN D 203 -23.77 -32.93 -32.78
C ASN D 203 -24.14 -32.46 -31.38
N TYR D 204 -25.39 -32.05 -31.19
CA TYR D 204 -25.87 -31.59 -29.89
C TYR D 204 -25.88 -32.73 -28.90
N LEU D 205 -24.95 -32.70 -27.94
CA LEU D 205 -24.74 -33.81 -27.03
C LEU D 205 -25.34 -33.50 -25.66
N ASP D 206 -26.06 -34.46 -25.10
CA ASP D 206 -26.62 -34.35 -23.76
C ASP D 206 -25.71 -35.10 -22.80
N VAL D 207 -25.01 -34.35 -21.94
CA VAL D 207 -24.04 -34.94 -21.03
C VAL D 207 -24.71 -35.70 -19.89
N GLU D 208 -26.03 -35.58 -19.74
CA GLU D 208 -26.73 -36.38 -18.75
C GLU D 208 -26.55 -37.87 -18.99
N LYS D 209 -26.40 -38.27 -20.25
CA LYS D 209 -26.16 -39.66 -20.64
C LYS D 209 -25.01 -39.73 -21.64
N LEU D 210 -23.92 -39.02 -21.33
CA LEU D 210 -22.76 -38.98 -22.23
C LEU D 210 -21.79 -40.13 -21.98
N LYS D 211 -21.91 -40.84 -20.85
CA LYS D 211 -21.12 -42.03 -20.54
C LYS D 211 -19.62 -41.71 -20.55
N LEU D 212 -19.22 -40.86 -19.61
CA LEU D 212 -17.81 -40.59 -19.38
C LEU D 212 -17.22 -41.67 -18.48
N PRO D 213 -16.25 -42.45 -18.95
CA PRO D 213 -15.64 -43.45 -18.07
C PRO D 213 -14.96 -42.82 -16.88
N TYR D 214 -15.04 -43.49 -15.73
CA TYR D 214 -14.40 -43.02 -14.51
C TYR D 214 -13.00 -43.58 -14.33
N TRP D 215 -12.53 -44.42 -15.26
CA TRP D 215 -11.19 -44.98 -15.20
C TRP D 215 -10.19 -44.20 -16.06
N LEU D 216 -10.60 -43.09 -16.64
CA LEU D 216 -9.70 -42.20 -17.37
C LEU D 216 -9.16 -41.07 -16.49
N MET D 217 -9.51 -41.05 -15.20
CA MET D 217 -9.11 -39.98 -14.31
C MET D 217 -7.72 -40.25 -13.73
N ASN D 218 -7.06 -39.17 -13.32
CA ASN D 218 -5.74 -39.23 -12.70
C ASN D 218 -5.89 -39.07 -11.19
N SER D 219 -4.75 -38.88 -10.50
CA SER D 219 -4.74 -38.81 -9.05
C SER D 219 -5.68 -37.73 -8.52
N GLU D 220 -5.42 -36.48 -8.89
CA GLU D 220 -6.18 -35.36 -8.33
C GLU D 220 -7.66 -35.48 -8.66
N GLU D 221 -7.98 -35.85 -9.90
CA GLU D 221 -9.38 -35.96 -10.29
C GLU D 221 -10.10 -37.04 -9.49
N LEU D 222 -9.46 -38.20 -9.31
CA LEU D 222 -10.08 -39.27 -8.54
C LEU D 222 -10.27 -38.88 -7.08
N GLU D 223 -9.23 -38.28 -6.47
CA GLU D 223 -9.33 -37.91 -5.07
C GLU D 223 -10.33 -36.77 -4.85
N THR D 224 -10.55 -35.92 -5.86
CA THR D 224 -11.59 -34.92 -5.75
C THR D 224 -12.97 -35.53 -5.93
N LEU D 225 -13.09 -36.51 -6.83
CA LEU D 225 -14.37 -37.17 -7.06
C LEU D 225 -14.83 -37.93 -5.83
N PHE D 226 -13.92 -38.64 -5.16
CA PHE D 226 -14.29 -39.50 -4.04
C PHE D 226 -14.04 -38.84 -2.68
N ILE D 227 -12.80 -38.42 -2.42
CA ILE D 227 -12.47 -37.82 -1.14
C ILE D 227 -12.88 -36.36 -1.14
N GLU D 228 -13.20 -35.83 0.04
CA GLU D 228 -13.55 -34.44 0.21
C GLU D 228 -12.54 -33.75 1.12
N SER D 229 -12.52 -32.42 1.04
CA SER D 229 -11.57 -31.63 1.83
C SER D 229 -11.83 -31.68 3.33
N ASN D 230 -12.99 -32.19 3.75
CA ASN D 230 -13.29 -32.27 5.18
C ASN D 230 -12.32 -33.21 5.89
N GLU D 231 -11.99 -34.34 5.27
CA GLU D 231 -11.07 -35.29 5.87
C GLU D 231 -9.66 -34.73 5.91
N GLN D 232 -8.99 -34.90 7.05
CA GLN D 232 -7.62 -34.43 7.25
C GLN D 232 -6.59 -35.54 7.10
N ASN D 233 -7.00 -36.76 6.80
CA ASN D 233 -6.11 -37.90 6.64
C ASN D 233 -6.06 -38.36 5.18
N SER D 234 -6.03 -37.40 4.26
CA SER D 234 -6.13 -37.72 2.84
C SER D 234 -4.90 -38.47 2.34
N HIS D 235 -3.74 -38.26 2.94
CA HIS D 235 -2.51 -38.88 2.43
C HIS D 235 -2.56 -40.39 2.54
N ASN D 236 -3.01 -40.91 3.70
CA ASN D 236 -3.10 -42.35 3.87
C ASN D 236 -4.10 -42.97 2.89
N GLN D 237 -5.25 -42.31 2.71
CA GLN D 237 -6.22 -42.78 1.73
C GLN D 237 -5.63 -42.81 0.33
N VAL D 238 -4.89 -41.76 -0.04
CA VAL D 238 -4.31 -41.69 -1.38
C VAL D 238 -3.31 -42.83 -1.57
N SER D 239 -2.43 -43.03 -0.58
CA SER D 239 -1.41 -44.08 -0.72
C SER D 239 -2.05 -45.47 -0.80
N GLN D 240 -3.03 -45.74 0.06
CA GLN D 240 -3.69 -47.03 0.05
C GLN D 240 -4.44 -47.26 -1.26
N PHE D 241 -5.14 -46.23 -1.74
CA PHE D 241 -5.84 -46.33 -3.01
C PHE D 241 -4.87 -46.59 -4.15
N LYS D 242 -3.75 -45.87 -4.18
CA LYS D 242 -2.74 -46.08 -5.21
C LYS D 242 -2.26 -47.52 -5.22
N ARG D 243 -1.81 -48.02 -4.06
CA ARG D 243 -1.25 -49.36 -4.03
C ARG D 243 -2.29 -50.42 -4.36
N ALA D 244 -3.51 -50.28 -3.83
CA ALA D 244 -4.56 -51.26 -4.10
C ALA D 244 -4.95 -51.28 -5.57
N VAL D 245 -5.11 -50.10 -6.18
CA VAL D 245 -5.54 -50.07 -7.58
C VAL D 245 -4.42 -50.56 -8.50
N VAL D 246 -3.15 -50.28 -8.15
CA VAL D 246 -2.05 -50.82 -8.94
C VAL D 246 -2.03 -52.34 -8.86
N LEU D 247 -2.22 -52.89 -7.64
CA LEU D 247 -2.25 -54.34 -7.50
C LEU D 247 -3.39 -54.95 -8.28
N ASN D 248 -4.58 -54.34 -8.23
CA ASN D 248 -5.73 -54.90 -8.93
C ASN D 248 -5.57 -54.80 -10.44
N LYS D 249 -5.02 -53.68 -10.92
CA LYS D 249 -4.75 -53.53 -12.34
C LYS D 249 -3.75 -54.57 -12.82
N GLU D 250 -2.67 -54.79 -12.06
CA GLU D 250 -1.75 -55.87 -12.39
C GLU D 250 -2.45 -57.22 -12.31
N LYS D 251 -3.49 -57.33 -11.49
CA LYS D 251 -4.23 -58.59 -11.38
C LYS D 251 -4.97 -58.90 -12.68
N TYR D 252 -5.71 -57.94 -13.23
CA TYR D 252 -6.48 -58.26 -14.45
C TYR D 252 -6.07 -57.45 -15.67
N ASN D 253 -4.91 -56.78 -15.66
CA ASN D 253 -4.35 -56.15 -16.84
C ASN D 253 -2.88 -56.51 -16.96
N PRO D 254 -2.56 -57.74 -17.36
CA PRO D 254 -1.16 -58.15 -17.49
C PRO D 254 -0.52 -57.81 -18.82
N GLU D 255 -1.28 -57.34 -19.81
CA GLU D 255 -0.72 -57.05 -21.12
C GLU D 255 0.21 -55.84 -21.10
N PHE D 256 0.06 -54.97 -20.10
CA PHE D 256 0.89 -53.76 -19.97
C PHE D 256 1.86 -53.98 -18.81
N LYS D 257 3.14 -54.14 -19.13
CA LYS D 257 4.15 -54.34 -18.09
C LYS D 257 4.29 -53.10 -17.21
N LYS D 258 4.28 -51.92 -17.82
CA LYS D 258 4.40 -50.67 -17.07
C LYS D 258 3.04 -50.30 -16.50
N ILE D 259 2.88 -50.45 -15.18
CA ILE D 259 1.63 -50.16 -14.49
C ILE D 259 1.92 -49.10 -13.44
N THR D 260 1.15 -48.02 -13.46
CA THR D 260 1.26 -46.95 -12.48
C THR D 260 -0.14 -46.59 -11.97
N TYR D 261 -0.17 -45.74 -10.95
CA TYR D 261 -1.45 -45.36 -10.35
C TYR D 261 -2.32 -44.59 -11.35
N ASP D 262 -1.72 -43.68 -12.11
CA ASP D 262 -2.45 -42.82 -13.04
C ASP D 262 -2.57 -43.43 -14.43
N SER D 263 -2.54 -44.75 -14.54
CA SER D 263 -2.72 -45.40 -15.83
C SER D 263 -4.15 -45.17 -16.33
N PRO D 264 -4.32 -45.03 -17.64
CA PRO D 264 -5.66 -44.81 -18.19
C PRO D 264 -6.45 -46.10 -18.38
N VAL D 265 -6.00 -47.18 -17.74
CA VAL D 265 -6.63 -48.49 -17.88
C VAL D 265 -7.86 -48.58 -16.99
N TYR D 266 -8.70 -49.58 -17.23
CA TYR D 266 -9.92 -49.76 -16.46
C TYR D 266 -9.61 -50.27 -15.06
N PHE D 267 -10.34 -49.75 -14.07
CA PHE D 267 -10.23 -50.20 -12.70
C PHE D 267 -11.61 -50.35 -12.09
N ASN D 268 -11.78 -51.40 -11.28
CA ASN D 268 -13.06 -51.67 -10.64
C ASN D 268 -13.34 -50.67 -9.53
N ILE D 269 -14.63 -50.49 -9.22
CA ILE D 269 -15.04 -49.51 -8.23
C ILE D 269 -15.60 -50.15 -6.97
N ASN D 270 -16.11 -51.38 -7.04
CA ASN D 270 -16.68 -52.03 -5.86
C ASN D 270 -15.64 -52.91 -5.14
N GLU D 271 -14.77 -53.57 -5.89
CA GLU D 271 -13.70 -54.34 -5.27
C GLU D 271 -12.77 -53.44 -4.48
N VAL D 272 -12.47 -52.25 -5.02
CA VAL D 272 -11.65 -51.29 -4.28
C VAL D 272 -12.39 -50.81 -3.02
N PHE D 273 -13.72 -50.67 -3.11
CA PHE D 273 -14.49 -50.31 -1.92
C PHE D 273 -14.38 -51.38 -0.85
N ASN D 274 -14.48 -52.65 -1.24
CA ASN D 274 -14.29 -53.75 -0.29
C ASN D 274 -12.88 -53.73 0.29
N TYR D 275 -11.89 -53.43 -0.55
CA TYR D 275 -10.51 -53.35 -0.08
C TYR D 275 -10.36 -52.27 0.99
N ILE D 276 -10.93 -51.09 0.74
CA ILE D 276 -10.82 -50.00 1.70
C ILE D 276 -11.60 -50.33 2.97
N TYR D 277 -12.74 -51.00 2.84
CA TYR D 277 -13.48 -51.41 4.02
C TYR D 277 -12.68 -52.40 4.86
N ASN D 278 -11.98 -53.33 4.22
CA ASN D 278 -11.11 -54.24 4.95
C ASN D 278 -9.92 -53.51 5.57
N LEU D 279 -9.42 -52.47 4.91
CA LEU D 279 -8.33 -51.68 5.49
C LEU D 279 -8.77 -51.01 6.79
N ASN D 280 -9.98 -50.46 6.82
CA ASN D 280 -10.51 -49.89 8.05
C ASN D 280 -10.79 -50.96 9.11
N GLU D 281 -10.86 -52.22 8.71
CA GLU D 281 -11.02 -53.34 9.62
C GLU D 281 -9.75 -54.16 9.75
N GLU D 282 -8.66 -53.77 9.08
CA GLU D 282 -7.44 -54.56 9.08
C GLU D 282 -6.84 -54.62 10.48
N VAL D 283 -6.62 -55.83 10.97
CA VAL D 283 -5.99 -56.07 12.27
C VAL D 283 -4.85 -57.05 12.05
N ILE D 284 -3.65 -56.65 12.46
CA ILE D 284 -2.46 -57.47 12.25
C ILE D 284 -2.33 -58.47 13.39
N ASN D 285 -2.18 -59.74 13.05
CA ASN D 285 -2.03 -60.78 14.06
C ASN D 285 -0.68 -60.65 14.77
N LYS D 286 -0.68 -60.92 16.07
CA LYS D 286 0.54 -60.86 16.86
C LYS D 286 0.77 -62.13 17.68
N ILE D 287 0.06 -63.21 17.37
CA ILE D 287 0.23 -64.47 18.10
C ILE D 287 1.59 -65.06 17.80
N GLU D 288 2.31 -65.44 18.85
CA GLU D 288 3.63 -66.05 18.68
C GLU D 288 3.51 -67.38 17.95
N GLY D 289 4.50 -67.66 17.10
CA GLY D 289 4.48 -68.88 16.30
C GLY D 289 3.71 -68.79 15.01
N GLU D 290 3.17 -67.62 14.67
CA GLU D 290 2.42 -67.42 13.44
C GLU D 290 2.96 -66.23 12.68
N PRO D 291 2.83 -66.23 11.36
CA PRO D 291 3.30 -65.08 10.57
C PRO D 291 2.59 -63.79 10.96
N SER D 292 3.32 -62.68 10.90
CA SER D 292 2.79 -61.37 11.24
C SER D 292 2.02 -60.81 10.03
N LEU D 293 0.86 -61.39 9.80
CA LEU D 293 -0.03 -61.03 8.70
C LEU D 293 -1.41 -60.74 9.26
N PRO D 294 -2.23 -59.97 8.53
CA PRO D 294 -3.60 -59.70 9.00
C PRO D 294 -4.36 -61.00 9.23
N LYS D 295 -5.13 -61.01 10.32
CA LYS D 295 -5.87 -62.20 10.74
C LYS D 295 -7.37 -61.93 10.61
N LEU D 296 -8.09 -62.88 10.04
CA LEU D 296 -9.53 -62.76 9.86
C LEU D 296 -10.27 -63.16 11.13
N SER D 297 -11.60 -63.07 11.09
CA SER D 297 -12.42 -63.46 12.24
C SER D 297 -12.29 -64.95 12.52
N ASN D 298 -12.25 -65.77 11.47
CA ASN D 298 -12.13 -67.22 11.61
C ASN D 298 -10.71 -67.67 11.87
N GLY D 299 -9.73 -66.77 11.82
CA GLY D 299 -8.34 -67.11 12.04
C GLY D 299 -7.51 -67.23 10.78
N GLU D 300 -8.07 -66.93 9.61
CA GLU D 300 -7.30 -67.02 8.37
C GLU D 300 -6.30 -65.87 8.30
N LEU D 301 -5.07 -66.20 7.94
CA LEU D 301 -4.01 -65.19 7.78
C LEU D 301 -3.97 -64.73 6.33
N VAL D 302 -3.98 -63.41 6.13
CA VAL D 302 -4.03 -62.84 4.80
C VAL D 302 -2.62 -62.89 4.22
N GLU D 303 -2.38 -63.83 3.30
CA GLU D 303 -1.08 -63.91 2.65
C GLU D 303 -0.89 -62.76 1.66
N ASN D 304 -1.92 -62.48 0.85
CA ASN D 304 -1.89 -61.38 -0.11
C ASN D 304 -3.12 -60.53 0.09
N ARG D 305 -2.94 -59.21 0.14
CA ARG D 305 -4.06 -58.31 0.39
C ARG D 305 -5.02 -58.24 -0.78
N GLN D 306 -4.61 -58.71 -1.96
CA GLN D 306 -5.47 -58.64 -3.15
C GLN D 306 -6.77 -59.43 -2.96
N ILE D 307 -6.77 -60.43 -2.08
CA ILE D 307 -7.99 -61.18 -1.81
C ILE D 307 -9.09 -60.28 -1.26
N TYR D 308 -8.72 -59.13 -0.70
CA TYR D 308 -9.73 -58.18 -0.22
C TYR D 308 -10.64 -57.74 -1.35
N PHE D 309 -10.14 -57.73 -2.59
CA PHE D 309 -10.98 -57.38 -3.73
C PHE D 309 -12.06 -58.44 -3.97
N ASN D 310 -11.76 -59.70 -3.67
CA ASN D 310 -12.73 -60.77 -3.94
C ASN D 310 -14.00 -60.60 -3.11
N GLU D 311 -13.83 -60.31 -1.81
CA GLU D 311 -14.98 -60.15 -0.93
C GLU D 311 -14.54 -59.38 0.31
N LYS D 312 -15.53 -58.83 1.01
CA LYS D 312 -15.25 -58.16 2.28
C LYS D 312 -14.86 -59.19 3.33
N LEU D 313 -13.79 -58.90 4.07
CA LEU D 313 -13.23 -59.83 5.04
C LEU D 313 -13.41 -59.28 6.44
N GLU D 314 -13.93 -60.11 7.34
CA GLU D 314 -14.11 -59.75 8.74
C GLU D 314 -12.88 -60.19 9.54
N PHE D 315 -12.27 -59.25 10.25
CA PHE D 315 -11.04 -59.50 10.99
C PHE D 315 -11.34 -59.80 12.45
N THR D 316 -10.33 -60.33 13.14
CA THR D 316 -10.46 -60.65 14.55
C THR D 316 -10.29 -59.41 15.41
N SER D 317 -10.67 -59.54 16.68
CA SER D 317 -10.57 -58.44 17.64
C SER D 317 -9.18 -58.39 18.24
N SER D 318 -8.63 -57.18 18.33
CA SER D 318 -7.30 -57.00 18.91
C SER D 318 -7.31 -57.33 20.40
N ASN D 319 -6.27 -58.03 20.85
CA ASN D 319 -6.16 -58.42 22.25
C ASN D 319 -4.69 -58.61 22.59
N THR D 320 -4.39 -58.61 23.89
CA THR D 320 -3.03 -58.79 24.37
C THR D 320 -2.71 -60.23 24.71
N SER D 321 -3.70 -61.03 25.08
CA SER D 321 -3.47 -62.43 25.39
C SER D 321 -3.06 -63.19 24.14
N LYS D 322 -2.09 -64.09 24.29
CA LYS D 322 -1.53 -64.81 23.14
C LYS D 322 -2.55 -65.73 22.47
N ALA D 323 -3.67 -66.05 23.15
CA ALA D 323 -4.68 -66.89 22.52
C ALA D 323 -5.30 -66.22 21.31
N THR D 324 -5.59 -64.92 21.41
CA THR D 324 -6.15 -64.12 20.32
C THR D 324 -5.40 -62.81 20.19
N LYS D 325 -4.07 -62.88 20.20
CA LYS D 325 -3.24 -61.68 20.17
C LYS D 325 -3.31 -61.02 18.80
N ALA D 326 -3.65 -59.74 18.79
CA ALA D 326 -3.74 -58.97 17.55
C ALA D 326 -3.69 -57.50 17.90
N SER D 327 -3.38 -56.68 16.89
CA SER D 327 -3.28 -55.24 17.08
C SER D 327 -3.92 -54.52 15.90
N ASN D 328 -4.72 -53.50 16.20
CA ASN D 328 -5.37 -52.72 15.16
C ASN D 328 -4.32 -51.97 14.33
N GLY D 329 -4.49 -51.98 13.03
CA GLY D 329 -3.58 -51.32 12.13
C GLY D 329 -3.72 -49.81 12.17
N PRO D 330 -2.76 -49.11 11.56
CA PRO D 330 -2.85 -47.63 11.52
C PRO D 330 -4.09 -47.13 10.80
N PHE D 331 -4.55 -47.84 9.78
CA PHE D 331 -5.73 -47.45 9.02
C PHE D 331 -7.02 -48.00 9.60
N ASN D 332 -6.96 -48.77 10.68
CA ASN D 332 -8.16 -49.35 11.26
C ASN D 332 -8.99 -48.28 11.95
N GLY D 333 -10.27 -48.25 11.62
CA GLY D 333 -11.19 -47.28 12.23
C GLY D 333 -10.80 -45.84 12.01
N GLU D 334 -10.35 -45.51 10.79
CA GLU D 334 -9.87 -44.17 10.48
C GLU D 334 -10.67 -43.47 9.38
N PHE D 335 -11.20 -44.22 8.41
CA PHE D 335 -11.90 -43.64 7.27
C PHE D 335 -13.33 -44.14 7.19
N ASN D 336 -14.02 -44.20 8.33
CA ASN D 336 -15.42 -44.58 8.33
C ASN D 336 -16.28 -43.55 7.60
N ARG D 337 -15.99 -42.26 7.81
CA ARG D 337 -16.71 -41.22 7.09
C ARG D 337 -16.44 -41.31 5.59
N PHE D 338 -15.20 -41.62 5.20
CA PHE D 338 -14.90 -41.84 3.80
C PHE D 338 -15.66 -43.03 3.24
N LEU D 339 -15.80 -44.10 4.03
CA LEU D 339 -16.59 -45.24 3.59
C LEU D 339 -18.04 -44.87 3.37
N SER D 340 -18.61 -44.09 4.30
CA SER D 340 -20.00 -43.66 4.15
C SER D 340 -20.17 -42.78 2.92
N ARG D 341 -19.23 -41.85 2.69
CA ARG D 341 -19.31 -41.00 1.51
C ARG D 341 -19.19 -41.81 0.22
N PHE D 342 -18.29 -42.79 0.21
CA PHE D 342 -18.13 -43.63 -0.98
C PHE D 342 -19.40 -44.43 -1.24
N GLU D 343 -20.01 -44.97 -0.19
CA GLU D 343 -21.27 -45.71 -0.36
C GLU D 343 -22.38 -44.80 -0.87
N THR D 344 -22.44 -43.57 -0.36
CA THR D 344 -23.42 -42.62 -0.86
C THR D 344 -23.18 -42.30 -2.34
N LYS D 345 -21.92 -42.13 -2.73
CA LYS D 345 -21.61 -41.87 -4.14
C LYS D 345 -22.01 -43.04 -5.02
N LEU D 346 -21.77 -44.27 -4.55
CA LEU D 346 -22.13 -45.45 -5.34
C LEU D 346 -23.63 -45.57 -5.52
N THR D 347 -24.42 -45.08 -4.58
CA THR D 347 -25.87 -45.19 -4.61
C THR D 347 -26.55 -43.93 -5.14
N ASP D 348 -25.78 -43.02 -5.75
CA ASP D 348 -26.35 -41.79 -6.26
C ASP D 348 -27.24 -42.07 -7.46
N LYS D 349 -28.08 -41.09 -7.80
CA LYS D 349 -29.03 -41.21 -8.90
C LYS D 349 -28.85 -40.11 -9.95
N ARG D 350 -27.69 -39.46 -9.96
CA ARG D 350 -27.42 -38.40 -10.93
C ARG D 350 -26.08 -38.53 -11.64
N LEU D 351 -25.16 -39.37 -11.17
CA LEU D 351 -23.84 -39.52 -11.76
C LEU D 351 -23.75 -40.72 -12.69
N GLU D 352 -24.85 -41.07 -13.37
CA GLU D 352 -24.82 -42.18 -14.30
C GLU D 352 -23.91 -41.92 -15.50
N PHE D 353 -23.65 -40.65 -15.82
CA PHE D 353 -22.75 -40.33 -16.92
C PHE D 353 -21.30 -40.64 -16.58
N LEU D 354 -20.98 -40.81 -15.31
CA LEU D 354 -19.63 -41.20 -14.89
C LEU D 354 -19.47 -42.72 -14.74
N LEU D 355 -20.53 -43.49 -15.01
CA LEU D 355 -20.54 -44.94 -14.84
C LEU D 355 -20.27 -45.37 -13.41
N LEU D 356 -20.39 -44.43 -12.46
CA LEU D 356 -20.13 -44.76 -11.06
C LEU D 356 -21.28 -45.57 -10.47
N ASN D 357 -22.52 -45.21 -10.80
CA ASN D 357 -23.68 -45.90 -10.28
C ASN D 357 -23.98 -47.21 -11.01
N GLN D 358 -23.26 -47.51 -12.09
CA GLN D 358 -23.48 -48.76 -12.79
C GLN D 358 -23.10 -49.95 -11.93
N ASP D 359 -22.03 -49.83 -11.15
CA ASP D 359 -21.56 -50.88 -10.24
C ASP D 359 -21.21 -52.16 -10.98
N VAL D 360 -20.82 -52.04 -12.25
CA VAL D 360 -20.40 -53.16 -13.09
C VAL D 360 -21.52 -54.19 -13.13
N GLU D 361 -22.65 -53.82 -13.74
CA GLU D 361 -23.77 -54.73 -13.91
C GLU D 361 -24.13 -54.96 -15.37
N GLU D 362 -24.36 -53.90 -16.14
CA GLU D 362 -24.75 -54.03 -17.53
C GLU D 362 -23.85 -53.27 -18.49
N ASN D 363 -23.37 -52.08 -18.11
CA ASN D 363 -22.55 -51.24 -18.98
C ASN D 363 -21.07 -51.38 -18.67
N SER D 364 -20.63 -52.58 -18.31
CA SER D 364 -19.23 -52.84 -17.98
C SER D 364 -18.42 -53.32 -19.18
N LYS D 365 -19.00 -53.30 -20.38
CA LYS D 365 -18.28 -53.77 -21.56
C LYS D 365 -17.08 -52.91 -21.90
N TYR D 366 -17.03 -51.67 -21.42
CA TYR D 366 -15.91 -50.76 -21.71
C TYR D 366 -14.70 -51.22 -20.92
N ARG D 367 -13.78 -51.93 -21.57
CA ARG D 367 -12.56 -52.41 -20.91
C ARG D 367 -11.30 -51.76 -21.47
N THR D 368 -11.01 -51.94 -22.76
CA THR D 368 -9.77 -51.40 -23.31
C THR D 368 -9.91 -50.76 -24.70
N GLU D 369 -10.90 -51.13 -25.50
CA GLU D 369 -10.92 -50.77 -26.92
C GLU D 369 -12.08 -49.85 -27.28
N HIS D 370 -12.65 -49.14 -26.31
CA HIS D 370 -13.75 -48.23 -26.57
C HIS D 370 -13.33 -46.76 -26.51
N PHE D 371 -12.03 -46.49 -26.33
CA PHE D 371 -11.57 -45.11 -26.23
C PHE D 371 -11.78 -44.35 -27.53
N GLU D 372 -11.62 -45.04 -28.68
CA GLU D 372 -11.82 -44.38 -29.97
C GLU D 372 -13.26 -43.90 -30.13
N ASP D 373 -14.22 -44.70 -29.66
CA ASP D 373 -15.62 -44.28 -29.73
C ASP D 373 -15.86 -43.04 -28.90
N ILE D 374 -15.26 -42.96 -27.71
CA ILE D 374 -15.42 -41.78 -26.86
C ILE D 374 -14.79 -40.56 -27.52
N LEU D 375 -13.61 -40.73 -28.13
CA LEU D 375 -12.97 -39.61 -28.83
C LEU D 375 -13.84 -39.11 -29.97
N LYS D 376 -14.39 -40.02 -30.77
CA LYS D 376 -15.26 -39.61 -31.86
C LYS D 376 -16.53 -38.93 -31.35
N GLN D 377 -17.08 -39.44 -30.24
CA GLN D 377 -18.27 -38.83 -29.67
C GLN D 377 -17.99 -37.40 -29.21
N PHE D 378 -16.84 -37.18 -28.56
CA PHE D 378 -16.48 -35.83 -28.15
C PHE D 378 -16.24 -34.92 -29.36
N MET D 379 -15.60 -35.43 -30.39
CA MET D 379 -15.31 -34.62 -31.57
C MET D 379 -16.38 -34.71 -32.65
N GLY D 380 -17.43 -35.48 -32.43
CA GLY D 380 -18.59 -35.48 -33.31
C GLY D 380 -18.31 -35.93 -34.73
N TYR D 381 -17.47 -36.95 -34.90
CA TYR D 381 -17.21 -37.50 -36.22
C TYR D 381 -18.16 -38.62 -36.61
N LEU D 382 -19.00 -39.08 -35.68
CA LEU D 382 -19.98 -40.12 -36.00
C LEU D 382 -21.03 -39.60 -36.98
N ASP D 383 -21.49 -38.37 -36.78
CA ASP D 383 -22.52 -37.77 -37.62
C ASP D 383 -21.99 -36.69 -38.55
N ARG D 384 -20.68 -36.42 -38.52
CA ARG D 384 -20.06 -35.43 -39.41
C ARG D 384 -20.69 -34.05 -39.24
N SER D 385 -20.54 -33.50 -38.03
CA SER D 385 -21.08 -32.20 -37.69
C SER D 385 -19.94 -31.21 -37.46
N ASN D 386 -20.00 -30.08 -38.15
CA ASN D 386 -18.95 -29.07 -38.01
C ASN D 386 -18.93 -28.47 -36.62
N VAL D 387 -20.11 -28.20 -36.05
CA VAL D 387 -20.24 -27.52 -34.77
C VAL D 387 -20.78 -28.52 -33.76
N SER D 388 -20.14 -28.60 -32.60
CA SER D 388 -20.58 -29.46 -31.51
C SER D 388 -20.87 -28.61 -30.29
N ILE D 389 -21.96 -28.94 -29.59
CA ILE D 389 -22.43 -28.23 -28.42
C ILE D 389 -22.43 -29.19 -27.24
N ILE D 390 -21.84 -28.78 -26.12
CA ILE D 390 -21.81 -29.61 -24.92
C ILE D 390 -22.63 -28.90 -23.84
N ASP D 391 -23.74 -29.51 -23.45
CA ASP D 391 -24.55 -28.97 -22.37
C ASP D 391 -23.82 -29.10 -21.05
N LEU D 392 -24.12 -28.19 -20.12
CA LEU D 392 -23.44 -28.22 -18.84
C LEU D 392 -24.37 -27.87 -17.68
N SER D 393 -25.66 -27.64 -17.92
CA SER D 393 -26.56 -27.24 -16.85
C SER D 393 -26.78 -28.37 -15.84
N GLY D 394 -26.85 -29.61 -16.33
CA GLY D 394 -27.12 -30.75 -15.48
C GLY D 394 -25.91 -31.35 -14.79
N ILE D 395 -24.73 -30.77 -14.96
CA ILE D 395 -23.51 -31.31 -14.38
C ILE D 395 -23.33 -30.66 -13.00
N PRO D 396 -23.22 -31.45 -11.93
CA PRO D 396 -23.02 -30.86 -10.60
C PRO D 396 -21.68 -30.13 -10.51
N PHE D 397 -21.65 -29.08 -9.69
CA PHE D 397 -20.44 -28.29 -9.54
C PHE D 397 -19.35 -29.00 -8.75
N GLU D 398 -19.67 -30.07 -8.03
CA GLU D 398 -18.64 -30.84 -7.33
C GLU D 398 -17.72 -31.55 -8.31
N VAL D 399 -18.24 -31.98 -9.46
CA VAL D 399 -17.47 -32.70 -10.46
C VAL D 399 -17.34 -31.88 -11.75
N LEU D 400 -17.63 -30.58 -11.68
CA LEU D 400 -17.55 -29.72 -12.86
C LEU D 400 -16.10 -29.57 -13.34
N SER D 401 -15.20 -29.23 -12.42
CA SER D 401 -13.80 -29.01 -12.80
C SER D 401 -13.17 -30.28 -13.33
N ILE D 402 -13.49 -31.42 -12.74
CA ILE D 402 -12.94 -32.69 -13.22
C ILE D 402 -13.39 -32.96 -14.65
N THR D 403 -14.68 -32.72 -14.93
CA THR D 403 -15.20 -32.96 -16.28
C THR D 403 -14.53 -32.05 -17.30
N ILE D 404 -14.43 -30.75 -16.98
CA ILE D 404 -13.82 -29.81 -17.91
C ILE D 404 -12.35 -30.17 -18.15
N SER D 405 -11.64 -30.50 -17.08
CA SER D 405 -10.23 -30.85 -17.21
C SER D 405 -10.06 -32.11 -18.05
N LEU D 406 -10.93 -33.11 -17.85
CA LEU D 406 -10.82 -34.35 -18.61
C LEU D 406 -11.06 -34.09 -20.10
N ILE D 407 -12.10 -33.32 -20.43
CA ILE D 407 -12.39 -33.04 -21.84
C ILE D 407 -11.24 -32.28 -22.48
N SER D 408 -10.75 -31.24 -21.78
CA SER D 408 -9.67 -30.43 -22.33
C SER D 408 -8.41 -31.27 -22.53
N ARG D 409 -8.08 -32.11 -21.55
CA ARG D 409 -6.89 -32.94 -21.66
C ARG D 409 -7.01 -33.94 -22.81
N LEU D 410 -8.19 -34.55 -22.96
CA LEU D 410 -8.37 -35.50 -24.07
C LEU D 410 -8.19 -34.82 -25.42
N ILE D 411 -8.82 -33.66 -25.60
CA ILE D 411 -8.71 -32.96 -26.88
C ILE D 411 -7.26 -32.53 -27.13
N PHE D 412 -6.60 -31.99 -26.11
CA PHE D 412 -5.23 -31.52 -26.29
C PHE D 412 -4.29 -32.67 -26.61
N ASP D 413 -4.44 -33.80 -25.91
CA ASP D 413 -3.57 -34.95 -26.18
C ASP D 413 -3.81 -35.50 -27.58
N PHE D 414 -5.07 -35.56 -28.02
CA PHE D 414 -5.36 -35.99 -29.38
C PHE D 414 -4.67 -35.09 -30.39
N ALA D 415 -4.82 -33.77 -30.23
CA ALA D 415 -4.20 -32.84 -31.17
C ALA D 415 -2.68 -32.95 -31.15
N PHE D 416 -2.10 -33.08 -29.95
CA PHE D 416 -0.65 -33.17 -29.80
C PHE D 416 -0.10 -34.41 -30.48
N HIS D 417 -0.72 -35.56 -30.25
CA HIS D 417 -0.24 -36.79 -30.86
C HIS D 417 -0.44 -36.79 -32.36
N TYR D 418 -1.56 -36.24 -32.84
CA TYR D 418 -1.77 -36.16 -34.28
C TYR D 418 -0.75 -35.24 -34.93
N SER D 419 -0.43 -34.13 -34.27
CA SER D 419 0.60 -33.22 -34.79
C SER D 419 1.96 -33.90 -34.84
N LYS D 420 2.30 -34.69 -33.81
CA LYS D 420 3.56 -35.43 -33.85
C LYS D 420 3.58 -36.43 -35.00
N LEU D 421 2.47 -37.15 -35.20
CA LEU D 421 2.41 -38.09 -36.32
C LEU D 421 2.58 -37.39 -37.66
N GLN D 422 1.93 -36.23 -37.83
CA GLN D 422 2.10 -35.47 -39.07
C GLN D 422 3.54 -34.99 -39.23
N HIS D 423 4.17 -34.55 -38.14
CA HIS D 423 5.55 -34.09 -38.21
C HIS D 423 6.51 -35.21 -38.56
N GLN D 424 6.21 -36.44 -38.14
CA GLN D 424 7.07 -37.57 -38.48
C GLN D 424 7.09 -37.85 -39.98
N LYS D 425 6.13 -37.33 -40.74
CA LYS D 425 6.06 -37.53 -42.18
C LYS D 425 6.31 -36.24 -42.96
N ASP D 426 7.02 -35.28 -42.35
CA ASP D 426 7.32 -34.00 -42.98
C ASP D 426 6.05 -33.27 -43.41
N GLU D 427 5.01 -33.35 -42.57
CA GLU D 427 3.75 -32.69 -42.87
C GLU D 427 3.28 -31.87 -41.68
N LEU D 428 2.05 -31.35 -41.74
CA LEU D 428 1.48 -30.53 -40.68
C LEU D 428 0.06 -31.00 -40.41
N ASN D 429 -0.47 -30.55 -39.27
CA ASN D 429 -1.84 -30.87 -38.89
C ASN D 429 -2.82 -30.31 -39.91
N ASP D 430 -3.91 -31.05 -40.15
CA ASP D 430 -4.94 -30.63 -41.09
C ASP D 430 -6.33 -30.52 -40.46
N ILE D 431 -6.45 -30.75 -39.16
CA ILE D 431 -7.75 -30.68 -38.49
C ILE D 431 -7.66 -29.72 -37.30
N PRO D 432 -7.83 -28.42 -37.51
CA PRO D 432 -7.83 -27.49 -36.39
C PRO D 432 -9.13 -27.57 -35.60
N PHE D 433 -9.06 -27.10 -34.36
CA PHE D 433 -10.24 -27.02 -33.51
C PHE D 433 -10.26 -25.68 -32.78
N MET D 434 -11.46 -25.17 -32.59
CA MET D 434 -11.68 -23.90 -31.89
C MET D 434 -12.65 -24.14 -30.75
N ILE D 435 -12.22 -23.83 -29.54
CA ILE D 435 -13.04 -24.01 -28.34
C ILE D 435 -13.62 -22.67 -27.94
N VAL D 436 -14.93 -22.62 -27.78
CA VAL D 436 -15.66 -21.39 -27.47
C VAL D 436 -16.30 -21.55 -26.10
N CYS D 437 -16.19 -20.52 -25.27
CA CYS D 437 -16.68 -20.55 -23.90
C CYS D 437 -17.73 -19.47 -23.70
N GLU D 438 -18.82 -19.84 -23.04
CA GLU D 438 -19.85 -18.91 -22.62
C GLU D 438 -19.84 -18.81 -21.11
N GLU D 439 -19.88 -17.59 -20.58
CA GLU D 439 -19.74 -17.33 -19.14
C GLU D 439 -18.45 -17.95 -18.61
N ALA D 440 -17.34 -17.55 -19.22
CA ALA D 440 -16.05 -18.17 -18.95
C ALA D 440 -15.56 -17.94 -17.53
N HIS D 441 -16.04 -16.89 -16.86
CA HIS D 441 -15.56 -16.57 -15.52
C HIS D 441 -15.99 -17.60 -14.47
N ASN D 442 -16.94 -18.48 -14.79
CA ASN D 442 -17.39 -19.46 -13.81
C ASN D 442 -16.29 -20.46 -13.48
N TYR D 443 -15.67 -21.06 -14.50
CA TYR D 443 -14.58 -22.01 -14.30
C TYR D 443 -13.22 -21.40 -14.63
N ILE D 444 -13.17 -20.10 -14.91
CA ILE D 444 -11.91 -19.37 -15.01
C ILE D 444 -12.04 -18.13 -14.13
N PRO D 445 -12.08 -18.27 -12.81
CA PRO D 445 -12.29 -17.10 -11.94
C PRO D 445 -11.06 -16.20 -11.91
N ARG D 446 -11.31 -14.92 -11.64
CA ARG D 446 -10.21 -13.99 -11.43
C ARG D 446 -9.53 -14.23 -10.09
N THR D 447 -10.29 -14.16 -9.00
CA THR D 447 -9.80 -14.46 -7.66
C THR D 447 -10.64 -15.61 -7.12
N GLY D 448 -10.04 -16.82 -7.12
CA GLY D 448 -10.75 -18.00 -6.68
C GLY D 448 -9.91 -18.81 -5.72
N GLY D 449 -10.56 -19.79 -5.10
CA GLY D 449 -9.93 -20.66 -4.12
C GLY D 449 -9.62 -22.02 -4.70
N ILE D 450 -9.86 -23.06 -3.89
CA ILE D 450 -9.58 -24.43 -4.29
C ILE D 450 -10.71 -25.06 -5.09
N GLU D 451 -11.84 -24.37 -5.22
CA GLU D 451 -13.01 -24.95 -5.88
C GLU D 451 -12.73 -25.26 -7.35
N PHE D 452 -11.98 -24.41 -8.03
CA PHE D 452 -11.66 -24.59 -9.44
C PHE D 452 -10.15 -24.52 -9.61
N LYS D 453 -9.51 -25.68 -9.73
CA LYS D 453 -8.07 -25.73 -9.87
C LYS D 453 -7.61 -26.52 -11.10
N ALA D 454 -8.26 -27.65 -11.40
CA ALA D 454 -7.82 -28.46 -12.53
C ALA D 454 -8.21 -27.84 -13.87
N ALA D 455 -9.43 -27.31 -13.96
CA ALA D 455 -9.88 -26.70 -15.21
C ALA D 455 -9.03 -25.49 -15.56
N LYS D 456 -8.69 -24.67 -14.58
CA LYS D 456 -7.83 -23.51 -14.82
C LYS D 456 -6.47 -23.94 -15.35
N LYS D 457 -5.89 -24.98 -14.76
CA LYS D 457 -4.59 -25.47 -15.21
C LYS D 457 -4.67 -25.99 -16.65
N SER D 458 -5.72 -26.76 -16.96
CA SER D 458 -5.86 -27.28 -18.32
C SER D 458 -6.03 -26.16 -19.34
N ILE D 459 -6.85 -25.16 -19.02
CA ILE D 459 -7.05 -24.04 -19.94
C ILE D 459 -5.77 -23.24 -20.11
N GLU D 460 -5.01 -23.05 -19.02
CA GLU D 460 -3.74 -22.34 -19.13
C GLU D 460 -2.75 -23.10 -19.99
N ARG D 461 -2.70 -24.43 -19.84
CA ARG D 461 -1.79 -25.23 -20.65
C ARG D 461 -2.18 -25.18 -22.13
N ILE D 462 -3.48 -25.18 -22.42
CA ILE D 462 -3.92 -25.01 -23.80
C ILE D 462 -3.54 -23.65 -24.34
N ALA D 463 -3.75 -22.59 -23.54
CA ALA D 463 -3.51 -21.24 -24.01
C ALA D 463 -2.04 -20.97 -24.27
N LYS D 464 -1.16 -21.42 -23.37
CA LYS D 464 0.26 -21.06 -23.47
C LYS D 464 0.91 -21.75 -24.68
N GLU D 465 0.56 -23.01 -24.95
CA GLU D 465 1.09 -23.72 -26.11
C GLU D 465 -0.06 -24.47 -26.80
N GLY D 466 -0.75 -23.77 -27.69
CA GLY D 466 -1.78 -24.40 -28.49
C GLY D 466 -1.54 -24.24 -29.97
N ARG D 467 -0.80 -23.20 -30.37
CA ARG D 467 -0.55 -22.95 -31.77
C ARG D 467 0.52 -23.87 -32.35
N LYS D 468 1.37 -24.44 -31.50
CA LYS D 468 2.36 -25.38 -32.00
C LYS D 468 1.75 -26.69 -32.47
N TYR D 469 0.46 -26.93 -32.18
CA TYR D 469 -0.21 -28.16 -32.56
C TYR D 469 -1.57 -27.96 -33.22
N GLY D 470 -2.14 -26.76 -33.16
CA GLY D 470 -3.35 -26.48 -33.93
C GLY D 470 -4.63 -26.31 -33.15
N LEU D 471 -4.55 -25.70 -31.96
CA LEU D 471 -5.73 -25.48 -31.13
C LEU D 471 -5.72 -24.05 -30.63
N SER D 472 -6.85 -23.35 -30.80
CA SER D 472 -6.99 -21.95 -30.44
C SER D 472 -8.08 -21.78 -29.39
N LEU D 473 -8.39 -20.53 -29.07
CA LEU D 473 -9.41 -20.22 -28.08
C LEU D 473 -10.18 -18.96 -28.47
N MET D 474 -11.48 -18.98 -28.19
CA MET D 474 -12.35 -17.82 -28.35
C MET D 474 -13.00 -17.57 -26.99
N VAL D 475 -12.45 -16.62 -26.24
CA VAL D 475 -12.95 -16.32 -24.90
C VAL D 475 -14.04 -15.26 -25.05
N VAL D 476 -15.29 -15.69 -24.86
CA VAL D 476 -16.45 -14.81 -24.97
C VAL D 476 -17.02 -14.62 -23.57
N SER D 477 -17.18 -13.37 -23.16
CA SER D 477 -17.65 -13.08 -21.81
C SER D 477 -18.29 -11.69 -21.78
N GLN D 478 -19.02 -11.43 -20.69
CA GLN D 478 -19.65 -10.14 -20.46
C GLN D 478 -19.08 -9.39 -19.27
N ARG D 479 -18.28 -10.03 -18.43
CA ARG D 479 -17.69 -9.40 -17.25
C ARG D 479 -16.18 -9.64 -17.29
N PRO D 480 -15.43 -8.83 -18.04
CA PRO D 480 -13.98 -9.02 -18.11
C PRO D 480 -13.26 -8.87 -16.77
N SER D 481 -13.87 -8.18 -15.81
CA SER D 481 -13.27 -7.99 -14.49
C SER D 481 -13.41 -9.21 -13.58
N GLU D 482 -13.81 -10.36 -14.13
CA GLU D 482 -13.92 -11.58 -13.36
C GLU D 482 -13.18 -12.76 -14.04
N VAL D 483 -12.34 -12.48 -15.03
CA VAL D 483 -11.59 -13.50 -15.75
C VAL D 483 -10.11 -13.29 -15.45
N SER D 484 -9.39 -14.39 -15.25
CA SER D 484 -7.97 -14.32 -14.94
C SER D 484 -7.21 -13.62 -16.06
N ASP D 485 -6.31 -12.71 -15.68
CA ASP D 485 -5.56 -11.94 -16.67
C ASP D 485 -4.49 -12.77 -17.37
N THR D 486 -4.13 -13.93 -16.81
CA THR D 486 -3.15 -14.80 -17.46
C THR D 486 -3.67 -15.30 -18.80
N ILE D 487 -4.94 -15.68 -18.86
CA ILE D 487 -5.53 -16.20 -20.09
C ILE D 487 -6.09 -15.09 -20.98
N LEU D 488 -6.39 -13.93 -20.43
CA LEU D 488 -6.91 -12.81 -21.21
C LEU D 488 -5.83 -11.94 -21.81
N SER D 489 -4.55 -12.26 -21.59
CA SER D 489 -3.45 -11.47 -22.11
C SER D 489 -2.82 -12.06 -23.37
N GLN D 490 -3.02 -13.35 -23.63
CA GLN D 490 -2.44 -13.99 -24.79
C GLN D 490 -3.20 -13.71 -26.08
N CYS D 491 -4.41 -13.16 -25.99
CA CYS D 491 -5.22 -12.91 -27.18
C CYS D 491 -4.64 -11.75 -27.98
N ASN D 492 -4.82 -11.82 -29.30
CA ASN D 492 -4.33 -10.78 -30.20
C ASN D 492 -5.44 -9.95 -30.83
N ASN D 493 -6.65 -10.49 -30.96
CA ASN D 493 -7.76 -9.81 -31.59
C ASN D 493 -8.91 -9.68 -30.60
N PHE D 494 -9.39 -8.44 -30.42
CA PHE D 494 -10.42 -8.14 -29.43
C PHE D 494 -11.62 -7.52 -30.14
N ILE D 495 -12.81 -8.00 -29.81
CA ILE D 495 -14.07 -7.43 -30.28
C ILE D 495 -14.89 -7.06 -29.06
N ASN D 496 -15.24 -5.79 -28.94
CA ASN D 496 -15.95 -5.30 -27.77
C ASN D 496 -17.19 -4.51 -28.17
N LEU D 497 -18.16 -4.49 -27.25
CA LEU D 497 -19.42 -3.77 -27.39
C LEU D 497 -19.57 -2.84 -26.19
N ARG D 498 -20.77 -2.28 -26.04
CA ARG D 498 -21.03 -1.35 -24.94
C ARG D 498 -20.76 -2.01 -23.60
N LEU D 499 -20.01 -1.31 -22.74
CA LEU D 499 -19.62 -1.82 -21.42
C LEU D 499 -20.07 -0.82 -20.37
N THR D 500 -21.03 -1.22 -19.53
CA THR D 500 -21.54 -0.36 -18.46
C THR D 500 -20.85 -0.69 -17.14
N ASN D 501 -19.55 -0.48 -17.10
CA ASN D 501 -18.75 -0.73 -15.90
C ASN D 501 -17.41 -0.05 -16.05
N ILE D 502 -16.99 0.68 -15.02
CA ILE D 502 -15.73 1.42 -15.09
C ILE D 502 -14.54 0.48 -15.07
N ASN D 503 -14.58 -0.56 -14.25
CA ASN D 503 -13.47 -1.50 -14.17
C ASN D 503 -13.28 -2.25 -15.49
N ASP D 504 -14.38 -2.69 -16.09
CA ASP D 504 -14.30 -3.37 -17.38
C ASP D 504 -13.72 -2.45 -18.45
N GLN D 505 -14.19 -1.20 -18.49
CA GLN D 505 -13.68 -0.24 -19.47
C GLN D 505 -12.19 -0.01 -19.29
N ASN D 506 -11.75 0.19 -18.04
CA ASN D 506 -10.34 0.44 -17.78
C ASN D 506 -9.49 -0.77 -18.17
N TYR D 507 -9.94 -1.97 -17.82
CA TYR D 507 -9.18 -3.18 -18.13
C TYR D 507 -9.07 -3.39 -19.64
N ILE D 508 -10.18 -3.18 -20.37
CA ILE D 508 -10.16 -3.34 -21.82
C ILE D 508 -9.24 -2.29 -22.46
N LYS D 509 -9.33 -1.03 -22.00
CA LYS D 509 -8.48 0.01 -22.56
C LYS D 509 -7.00 -0.27 -22.31
N ASN D 510 -6.68 -0.77 -21.11
CA ASN D 510 -5.29 -1.14 -20.83
C ASN D 510 -4.84 -2.30 -21.70
N LEU D 511 -5.70 -3.30 -21.91
CA LEU D 511 -5.33 -4.46 -22.70
C LEU D 511 -5.29 -4.18 -24.21
N LEU D 512 -5.83 -3.06 -24.67
CA LEU D 512 -5.89 -2.79 -26.09
C LEU D 512 -4.48 -2.59 -26.65
N PRO D 513 -4.12 -3.27 -27.76
CA PRO D 513 -2.81 -3.04 -28.36
C PRO D 513 -2.69 -1.75 -29.15
N ASP D 514 -3.80 -1.04 -29.37
CA ASP D 514 -3.82 0.22 -30.12
C ASP D 514 -4.52 1.31 -29.32
N ASN D 515 -4.19 1.42 -28.03
CA ASN D 515 -4.77 2.43 -27.17
C ASN D 515 -4.08 3.76 -27.39
N SER D 516 -4.85 4.78 -27.80
CA SER D 516 -4.27 6.08 -28.09
C SER D 516 -5.13 7.24 -27.58
N ARG D 517 -6.08 6.97 -26.69
CA ARG D 517 -6.98 7.94 -26.07
C ARG D 517 -7.95 8.57 -27.05
N SER D 518 -7.90 8.22 -28.34
CA SER D 518 -8.84 8.73 -29.33
C SER D 518 -9.96 7.75 -29.63
N ILE D 519 -9.64 6.46 -29.80
CA ILE D 519 -10.67 5.46 -29.98
C ILE D 519 -11.47 5.27 -28.70
N SER D 520 -10.84 5.51 -27.54
CA SER D 520 -11.51 5.34 -26.25
C SER D 520 -12.63 6.33 -26.04
N GLU D 521 -12.61 7.48 -26.72
CA GLU D 521 -13.67 8.47 -26.55
C GLU D 521 -15.01 7.93 -27.04
N ILE D 522 -15.02 7.24 -28.18
CA ILE D 522 -16.23 6.67 -28.75
C ILE D 522 -16.36 5.19 -28.47
N LEU D 523 -15.39 4.58 -27.80
CA LEU D 523 -15.43 3.14 -27.55
C LEU D 523 -16.65 2.70 -26.74
N PRO D 524 -16.95 3.27 -25.55
CA PRO D 524 -18.02 2.71 -24.71
C PRO D 524 -19.40 3.28 -24.99
N THR D 525 -19.79 3.36 -26.27
CA THR D 525 -21.17 3.67 -26.61
C THR D 525 -21.84 2.53 -27.35
N LEU D 526 -21.37 2.19 -28.56
CA LEU D 526 -21.73 0.98 -29.30
C LEU D 526 -23.17 0.51 -29.08
N GLY D 527 -24.13 1.38 -29.37
CA GLY D 527 -25.51 1.11 -29.02
C GLY D 527 -26.33 0.38 -30.07
N ALA D 528 -26.33 0.90 -31.30
CA ALA D 528 -27.21 0.38 -32.35
C ALA D 528 -26.60 -0.85 -33.02
N GLY D 529 -26.36 -1.87 -32.21
CA GLY D 529 -25.82 -3.13 -32.70
C GLY D 529 -24.47 -3.00 -33.37
N GLU D 530 -23.59 -2.16 -32.83
CA GLU D 530 -22.27 -1.93 -33.39
C GLU D 530 -21.21 -2.54 -32.49
N CYS D 531 -20.15 -3.06 -33.13
CA CYS D 531 -19.03 -3.67 -32.43
C CYS D 531 -17.74 -3.01 -32.88
N LEU D 532 -16.75 -2.99 -31.99
CA LEU D 532 -15.45 -2.42 -32.27
C LEU D 532 -14.39 -3.52 -32.25
N VAL D 533 -13.51 -3.50 -33.25
CA VAL D 533 -12.52 -4.56 -33.45
C VAL D 533 -11.12 -3.94 -33.40
N VAL D 534 -10.25 -4.52 -32.59
CA VAL D 534 -8.85 -4.12 -32.51
C VAL D 534 -7.97 -5.34 -32.72
N GLY D 535 -7.03 -5.25 -33.65
CA GLY D 535 -6.14 -6.36 -33.91
C GLY D 535 -5.20 -6.04 -35.06
N ASP D 536 -4.39 -7.04 -35.40
CA ASP D 536 -3.39 -6.89 -36.46
C ASP D 536 -4.00 -6.96 -37.85
N SER D 537 -5.13 -7.67 -38.00
CA SER D 537 -5.66 -7.93 -39.34
C SER D 537 -6.09 -6.64 -40.04
N THR D 538 -6.77 -5.76 -39.33
CA THR D 538 -7.27 -4.54 -39.96
C THR D 538 -6.13 -3.55 -40.17
N PRO D 539 -6.03 -2.94 -41.35
CA PRO D 539 -4.98 -1.92 -41.54
C PRO D 539 -5.29 -0.61 -40.83
N ILE D 540 -6.53 -0.14 -40.90
CA ILE D 540 -6.96 1.09 -40.24
C ILE D 540 -8.21 0.77 -39.43
N PRO D 541 -8.20 0.98 -38.11
CA PRO D 541 -9.43 0.80 -37.33
C PRO D 541 -10.52 1.76 -37.81
N SER D 542 -11.74 1.26 -37.85
CA SER D 542 -12.88 2.04 -38.33
C SER D 542 -14.14 1.55 -37.63
N ILE D 543 -15.29 2.03 -38.09
CA ILE D 543 -16.59 1.66 -37.55
C ILE D 543 -17.32 0.83 -38.60
N VAL D 544 -17.80 -0.34 -38.20
CA VAL D 544 -18.42 -1.29 -39.11
C VAL D 544 -19.86 -1.53 -38.67
N LYS D 545 -20.75 -1.68 -39.65
CA LYS D 545 -22.16 -1.94 -39.40
C LYS D 545 -22.47 -3.41 -39.65
N LEU D 546 -23.19 -4.03 -38.73
CA LEU D 546 -23.50 -5.45 -38.77
C LEU D 546 -24.93 -5.67 -39.27
N GLU D 547 -25.28 -6.94 -39.43
CA GLU D 547 -26.61 -7.34 -39.86
C GLU D 547 -27.16 -8.40 -38.92
N LEU D 548 -28.49 -8.46 -38.83
CA LEU D 548 -29.13 -9.38 -37.90
C LEU D 548 -28.98 -10.82 -38.37
N PRO D 549 -28.64 -11.74 -37.48
CA PRO D 549 -28.55 -13.15 -37.87
C PRO D 549 -29.92 -13.77 -38.08
N ASN D 550 -29.91 -14.91 -38.78
CA ASN D 550 -31.13 -15.65 -39.07
C ASN D 550 -30.77 -17.12 -39.29
N PRO D 551 -31.24 -18.04 -38.43
CA PRO D 551 -32.09 -17.82 -37.24
C PRO D 551 -31.32 -17.29 -36.04
N GLU D 552 -32.04 -16.63 -35.10
CA GLU D 552 -31.66 -15.99 -33.86
C GLU D 552 -31.62 -17.01 -32.72
N PRO D 553 -30.81 -16.77 -31.69
CA PRO D 553 -30.72 -17.72 -30.58
C PRO D 553 -31.93 -17.62 -29.66
N ARG D 554 -31.99 -18.57 -28.72
CA ARG D 554 -33.08 -18.66 -27.76
C ARG D 554 -32.64 -18.03 -26.45
N SER D 555 -33.11 -16.81 -26.19
CA SER D 555 -32.81 -16.10 -24.95
C SER D 555 -33.99 -16.24 -23.99
N GLN D 556 -33.69 -16.52 -22.73
CA GLN D 556 -34.72 -16.76 -21.72
C GLN D 556 -34.60 -15.73 -20.60
N SER D 557 -35.75 -15.25 -20.14
CA SER D 557 -35.81 -14.28 -19.05
C SER D 557 -37.18 -14.38 -18.41
N ILE D 558 -37.30 -13.79 -17.21
CA ILE D 558 -38.52 -13.78 -16.44
C ILE D 558 -39.03 -12.35 -16.34
N LYS D 559 -40.28 -12.14 -16.68
CA LYS D 559 -40.90 -10.81 -16.67
C LYS D 559 -41.71 -10.62 -15.40
N PHE D 560 -41.60 -9.43 -14.81
CA PHE D 560 -42.20 -9.12 -13.52
C PHE D 560 -43.49 -8.33 -13.64
N HIS D 561 -43.53 -7.32 -14.52
CA HIS D 561 -44.73 -6.49 -14.63
C HIS D 561 -45.90 -7.27 -15.24
N LYS D 562 -45.61 -8.17 -16.17
CA LYS D 562 -46.68 -8.93 -16.82
C LYS D 562 -47.39 -9.83 -15.81
N LYS D 563 -46.64 -10.46 -14.90
CA LYS D 563 -47.24 -11.38 -13.95
C LYS D 563 -47.97 -10.66 -12.81
N TRP D 564 -47.77 -9.36 -12.63
CA TRP D 564 -48.57 -8.63 -11.66
C TRP D 564 -50.04 -8.60 -12.07
N SER D 565 -50.32 -8.40 -13.37
CA SER D 565 -51.69 -8.24 -13.82
C SER D 565 -52.51 -9.52 -13.73
N GLU D 566 -51.86 -10.67 -13.65
CA GLU D 566 -52.58 -11.94 -13.55
C GLU D 566 -53.24 -12.06 -12.18
N SER D 567 -54.19 -13.00 -12.07
CA SER D 567 -54.90 -13.23 -10.83
C SER D 567 -53.95 -13.74 -9.75
N TRP D 568 -54.50 -13.98 -8.56
CA TRP D 568 -53.68 -14.17 -7.36
C TRP D 568 -52.61 -15.25 -7.56
N ARG D 569 -52.95 -16.34 -8.24
CA ARG D 569 -52.01 -17.40 -8.59
C ARG D 569 -51.33 -17.97 -7.34
N THR D 570 -52.15 -18.59 -6.49
CA THR D 570 -51.63 -19.21 -5.28
C THR D 570 -50.84 -20.47 -5.63
N PRO D 571 -49.75 -20.74 -4.92
CA PRO D 571 -48.98 -21.96 -5.16
C PRO D 571 -49.61 -23.15 -4.42
N SER D 572 -48.94 -24.29 -4.54
CA SER D 572 -49.37 -25.52 -3.90
C SER D 572 -48.32 -25.88 -2.84
N PHE D 573 -48.54 -25.40 -1.62
CA PHE D 573 -47.62 -25.68 -0.54
C PHE D 573 -47.61 -27.18 -0.22
N GLU D 574 -46.59 -27.60 0.52
CA GLU D 574 -46.22 -29.01 0.69
C GLU D 574 -45.77 -29.58 -0.65
N GLU D 575 -44.92 -30.60 -0.61
CA GLU D 575 -44.21 -31.18 -1.75
C GLU D 575 -43.16 -30.22 -2.30
N VAL D 576 -43.06 -29.01 -1.78
CA VAL D 576 -41.97 -28.10 -2.12
C VAL D 576 -40.88 -28.09 -1.06
N ILE D 577 -41.11 -28.73 0.08
CA ILE D 577 -40.10 -28.87 1.13
C ILE D 577 -39.88 -30.36 1.39
N MET D 578 -40.76 -31.20 0.84
CA MET D 578 -40.62 -32.64 0.97
C MET D 578 -39.74 -33.20 -0.14
N ARG D 579 -39.52 -34.51 -0.12
CA ARG D 579 -38.67 -35.23 -1.06
C ARG D 579 -37.21 -34.75 -1.00
N TRP D 580 -36.82 -34.08 0.08
CA TRP D 580 -35.44 -33.67 0.26
C TRP D 580 -34.55 -34.86 0.61
N ARG D 581 -35.12 -35.88 1.25
CA ARG D 581 -34.36 -37.05 1.65
C ARG D 581 -34.04 -37.91 0.43
N LYS D 582 -33.13 -38.87 0.65
CA LYS D 582 -32.67 -39.75 -0.42
C LYS D 582 -32.56 -41.16 0.15
N GLU D 583 -31.87 -42.04 -0.59
CA GLU D 583 -31.71 -43.41 -0.13
C GLU D 583 -30.93 -43.48 1.18
N ASN D 584 -29.88 -42.67 1.31
CA ASN D 584 -29.08 -42.61 2.52
C ASN D 584 -29.66 -41.63 3.54
N GLY D 585 -30.94 -41.81 3.87
CA GLY D 585 -31.61 -40.94 4.82
C GLY D 585 -31.84 -39.54 4.30
N MET E 1 -32.59 29.48 -40.47
CA MET E 1 -33.77 29.97 -41.16
C MET E 1 -34.85 30.38 -40.17
N LYS E 2 -35.36 29.41 -39.41
CA LYS E 2 -36.43 29.68 -38.46
C LYS E 2 -35.94 30.59 -37.34
N ILE E 3 -34.82 30.24 -36.70
CA ILE E 3 -34.29 31.05 -35.61
C ILE E 3 -32.83 31.41 -35.87
N GLY E 4 -32.13 30.59 -36.65
CA GLY E 4 -30.74 30.85 -36.93
C GLY E 4 -30.08 29.67 -37.61
N SER E 5 -28.75 29.77 -37.73
CA SER E 5 -27.95 28.76 -38.41
C SER E 5 -26.71 28.45 -37.58
N VAL E 6 -26.17 27.26 -37.81
CA VAL E 6 -24.98 26.81 -37.11
C VAL E 6 -23.73 27.36 -37.78
N ILE E 7 -22.78 27.81 -36.96
CA ILE E 7 -21.54 28.43 -37.44
C ILE E 7 -20.33 27.51 -37.25
N GLU E 8 -20.03 27.17 -36.00
CA GLU E 8 -18.89 26.33 -35.67
C GLU E 8 -19.37 24.93 -35.30
N SER E 9 -18.41 24.02 -35.14
CA SER E 9 -18.73 22.64 -34.83
C SER E 9 -17.53 21.99 -34.16
N SER E 10 -17.77 20.83 -33.55
CA SER E 10 -16.75 20.07 -32.85
C SER E 10 -17.27 18.67 -32.63
N PRO E 11 -16.39 17.69 -32.41
CA PRO E 11 -16.86 16.32 -32.18
C PRO E 11 -17.59 16.12 -30.85
N HIS E 12 -17.77 17.16 -30.04
CA HIS E 12 -18.47 17.01 -28.77
C HIS E 12 -19.54 18.06 -28.56
N SER E 13 -19.39 19.23 -29.19
CA SER E 13 -20.31 20.34 -29.00
C SER E 13 -20.59 21.02 -30.32
N ILE E 14 -21.76 21.65 -30.42
CA ILE E 14 -22.18 22.39 -31.59
C ILE E 14 -22.49 23.83 -31.17
N LEU E 15 -22.03 24.79 -31.96
CA LEU E 15 -22.15 26.20 -31.65
C LEU E 15 -23.10 26.84 -32.66
N VAL E 16 -24.11 27.54 -32.16
CA VAL E 16 -25.22 28.04 -32.99
C VAL E 16 -25.33 29.55 -32.84
N LYS E 17 -25.60 30.23 -33.95
CA LYS E 17 -25.77 31.68 -33.99
C LYS E 17 -27.24 32.01 -34.17
N ILE E 18 -27.72 33.00 -33.42
CA ILE E 18 -29.12 33.40 -33.42
C ILE E 18 -29.19 34.91 -33.59
N ASP E 19 -30.09 35.36 -34.47
CA ASP E 19 -30.30 36.79 -34.70
C ASP E 19 -30.90 37.44 -33.47
N THR E 20 -30.71 38.75 -33.36
CA THR E 20 -31.12 39.50 -32.19
C THR E 20 -32.49 40.13 -32.40
N LEU E 21 -32.91 40.93 -31.42
CA LEU E 21 -34.12 41.74 -31.47
C LEU E 21 -35.39 40.90 -31.53
N LYS E 22 -36.08 40.93 -32.67
CA LYS E 22 -37.43 40.36 -32.76
C LYS E 22 -37.42 38.85 -32.55
N ILE E 23 -36.46 38.15 -33.17
CA ILE E 23 -36.46 36.69 -33.14
C ILE E 23 -36.28 36.18 -31.72
N PHE E 24 -35.34 36.77 -30.97
CA PHE E 24 -35.08 36.31 -29.61
C PHE E 24 -36.26 36.57 -28.69
N GLU E 25 -36.82 37.78 -28.74
CA GLU E 25 -37.92 38.13 -27.84
C GLU E 25 -39.21 37.39 -28.19
N LYS E 26 -39.43 37.09 -29.46
CA LYS E 26 -40.64 36.40 -29.85
C LYS E 26 -40.70 34.99 -29.28
N ALA E 27 -39.58 34.28 -29.28
CA ALA E 27 -39.52 32.90 -28.83
C ALA E 27 -38.53 32.74 -27.68
N LYS E 28 -38.56 33.67 -26.72
CA LYS E 28 -37.70 33.57 -25.56
C LYS E 28 -38.18 32.55 -24.54
N SER E 29 -39.45 32.14 -24.61
CA SER E 29 -39.97 31.17 -23.66
C SER E 29 -39.31 29.81 -23.84
N ALA E 30 -39.10 29.40 -25.09
CA ALA E 30 -38.52 28.08 -25.38
C ALA E 30 -37.00 28.10 -25.44
N LEU E 31 -36.36 29.27 -25.32
CA LEU E 31 -34.91 29.37 -25.35
C LEU E 31 -34.41 29.51 -23.91
N GLN E 32 -34.32 28.38 -23.23
CA GLN E 32 -33.80 28.33 -21.87
C GLN E 32 -32.93 27.09 -21.72
N ILE E 33 -32.08 27.11 -20.70
CA ILE E 33 -31.16 26.00 -20.46
C ILE E 33 -31.95 24.77 -20.05
N GLY E 34 -31.65 23.64 -20.70
CA GLY E 34 -32.32 22.39 -20.43
C GLY E 34 -33.38 22.00 -21.45
N LYS E 35 -33.80 22.91 -22.31
CA LYS E 35 -34.82 22.62 -23.31
C LYS E 35 -34.18 21.99 -24.54
N TYR E 36 -34.94 21.85 -25.61
CA TYR E 36 -34.54 21.03 -26.75
C TYR E 36 -34.64 21.83 -28.05
N LEU E 37 -33.86 21.38 -29.03
CA LEU E 37 -33.85 21.95 -30.37
C LEU E 37 -33.59 20.83 -31.37
N LYS E 38 -33.90 21.10 -32.64
CA LYS E 38 -33.63 20.16 -33.72
C LYS E 38 -32.93 20.87 -34.87
N ILE E 39 -31.95 20.20 -35.44
CA ILE E 39 -31.17 20.73 -36.56
C ILE E 39 -31.36 19.82 -37.76
N GLN E 40 -31.33 20.43 -38.95
CA GLN E 40 -31.66 19.69 -40.18
C GLN E 40 -30.69 18.53 -40.42
N GLU E 41 -29.39 18.81 -40.39
CA GLU E 41 -28.36 17.81 -40.62
C GLU E 41 -28.61 17.06 -41.93
N GLY E 42 -28.50 17.80 -43.04
CA GLY E 42 -28.66 17.21 -44.34
C GLY E 42 -29.94 17.59 -45.05
N ASN E 43 -30.70 16.60 -45.50
CA ASN E 43 -31.91 16.83 -46.28
C ASN E 43 -33.16 16.37 -45.56
N HIS E 44 -33.21 15.10 -45.13
CA HIS E 44 -34.42 14.53 -44.54
C HIS E 44 -34.28 14.14 -43.08
N ASN E 45 -33.06 14.12 -42.54
CA ASN E 45 -32.85 13.73 -41.16
C ASN E 45 -33.08 14.93 -40.22
N PHE E 46 -32.88 14.69 -38.93
CA PHE E 46 -33.02 15.73 -37.92
C PHE E 46 -32.28 15.28 -36.66
N VAL E 47 -31.46 16.16 -36.09
CA VAL E 47 -30.66 15.84 -34.92
C VAL E 47 -31.18 16.63 -33.74
N LEU E 48 -31.43 15.95 -32.61
CA LEU E 48 -32.00 16.57 -31.43
C LEU E 48 -30.88 16.96 -30.47
N CYS E 49 -30.95 18.18 -29.92
CA CYS E 49 -29.90 18.73 -29.09
C CYS E 49 -30.51 19.45 -27.90
N VAL E 50 -29.70 19.63 -26.86
CA VAL E 50 -30.11 20.27 -25.62
C VAL E 50 -29.26 21.52 -25.39
N ILE E 51 -29.89 22.59 -24.92
CA ILE E 51 -29.21 23.86 -24.71
C ILE E 51 -28.40 23.79 -23.41
N GLN E 52 -27.16 24.29 -23.47
CA GLN E 52 -26.26 24.27 -22.34
C GLN E 52 -25.70 25.62 -21.95
N ASN E 53 -25.59 26.56 -22.87
CA ASN E 53 -25.02 27.87 -22.56
C ASN E 53 -25.52 28.89 -23.56
N ILE E 54 -25.94 30.06 -23.06
CA ILE E 54 -26.44 31.16 -23.87
C ILE E 54 -25.62 32.41 -23.55
N LYS E 55 -25.22 33.13 -24.60
CA LYS E 55 -24.46 34.36 -24.41
C LYS E 55 -24.87 35.38 -25.46
N ILE E 56 -24.62 36.65 -25.14
CA ILE E 56 -24.90 37.76 -26.04
C ILE E 56 -23.58 38.49 -26.32
N SER E 57 -23.31 38.75 -27.59
CA SER E 57 -22.12 39.45 -28.03
C SER E 57 -22.50 40.87 -28.40
N THR E 58 -21.83 41.84 -27.78
CA THR E 58 -22.06 43.25 -28.05
C THR E 58 -20.80 44.04 -28.31
N ASP E 59 -19.65 43.63 -27.77
CA ASP E 59 -18.41 44.35 -28.00
C ASP E 59 -18.00 44.29 -29.47
N LYS E 60 -17.29 45.33 -29.91
CA LYS E 60 -16.84 45.47 -31.30
C LYS E 60 -18.00 45.47 -32.28
N ASP E 61 -19.17 45.96 -31.82
CA ASP E 61 -20.36 46.10 -32.65
C ASP E 61 -20.74 44.76 -33.30
N GLU E 62 -20.80 43.72 -32.48
CA GLU E 62 -21.11 42.36 -32.92
C GLU E 62 -22.29 41.79 -32.16
N ASP E 63 -23.35 42.59 -31.98
CA ASP E 63 -24.52 42.18 -31.22
C ASP E 63 -25.22 40.99 -31.86
N ILE E 64 -25.17 39.84 -31.21
CA ILE E 64 -25.77 38.61 -31.73
C ILE E 64 -25.88 37.65 -30.55
N PHE E 65 -26.73 36.63 -30.69
CA PHE E 65 -26.87 35.63 -29.63
C PHE E 65 -26.16 34.35 -30.04
N ILE E 66 -25.50 33.71 -29.08
CA ILE E 66 -24.70 32.53 -29.34
C ILE E 66 -25.11 31.45 -28.34
N LEU E 67 -25.33 30.23 -28.84
CA LEU E 67 -25.80 29.11 -28.03
C LEU E 67 -24.87 27.93 -28.21
N THR E 68 -24.75 27.12 -27.15
CA THR E 68 -23.98 25.88 -27.18
C THR E 68 -24.93 24.72 -26.94
N VAL E 69 -24.89 23.73 -27.84
CA VAL E 69 -25.80 22.60 -27.79
C VAL E 69 -25.02 21.30 -27.90
N GLN E 70 -25.58 20.24 -27.33
CA GLN E 70 -25.00 18.91 -27.33
C GLN E 70 -26.04 17.91 -27.82
N PRO E 71 -25.71 17.08 -28.81
CA PRO E 71 -26.72 16.18 -29.39
C PRO E 71 -27.11 15.06 -28.44
N VAL E 72 -28.34 14.60 -28.60
CA VAL E 72 -28.84 13.46 -27.84
C VAL E 72 -29.28 12.30 -28.73
N GLY E 73 -29.58 12.53 -30.00
CA GLY E 73 -30.00 11.46 -30.87
C GLY E 73 -30.50 12.00 -32.20
N ILE E 74 -30.95 11.06 -33.03
CA ILE E 74 -31.50 11.37 -34.34
C ILE E 74 -32.77 10.56 -34.54
N PHE E 75 -33.82 11.21 -35.03
CA PHE E 75 -35.07 10.53 -35.37
C PHE E 75 -35.29 10.61 -36.87
N LYS E 76 -35.52 9.45 -37.48
CA LYS E 76 -35.72 9.32 -38.92
C LYS E 76 -37.15 8.89 -39.19
N GLY E 77 -37.86 9.66 -40.01
CA GLY E 77 -39.25 9.38 -40.29
C GLY E 77 -40.15 9.75 -39.12
N GLU E 78 -40.69 8.74 -38.44
CA GLU E 78 -41.57 8.96 -37.29
C GLU E 78 -41.11 8.17 -36.06
N GLU E 79 -39.85 7.73 -36.03
CA GLU E 79 -39.32 6.96 -34.93
C GLU E 79 -37.99 7.55 -34.47
N PHE E 80 -37.70 7.39 -33.19
CA PHE E 80 -36.55 8.01 -32.54
C PHE E 80 -35.51 6.97 -32.20
N PHE E 81 -34.24 7.30 -32.47
CA PHE E 81 -33.10 6.46 -32.13
C PHE E 81 -32.15 7.23 -31.21
N GLN E 82 -31.09 6.55 -30.77
CA GLN E 82 -30.12 7.12 -29.85
C GLN E 82 -28.71 6.85 -30.36
N GLY E 83 -27.77 7.68 -29.92
CA GLY E 83 -26.38 7.51 -30.29
C GLY E 83 -26.10 7.82 -31.75
N ASN E 84 -26.25 9.08 -32.13
CA ASN E 84 -26.08 9.49 -33.52
C ASN E 84 -24.62 9.77 -33.83
N SER E 85 -24.18 9.36 -35.02
CA SER E 85 -22.84 9.63 -35.51
C SER E 85 -22.81 10.75 -36.54
N MET E 86 -23.74 10.74 -37.50
CA MET E 86 -23.85 11.84 -38.45
C MET E 86 -24.23 13.11 -37.72
N LEU E 87 -23.52 14.20 -38.04
CA LEU E 87 -23.71 15.46 -37.33
C LEU E 87 -23.71 16.62 -38.31
N PRO E 88 -24.43 17.69 -38.00
CA PRO E 88 -24.64 18.76 -38.99
C PRO E 88 -23.41 19.60 -39.23
N SER E 89 -23.40 20.26 -40.39
CA SER E 89 -22.37 21.19 -40.83
C SER E 89 -22.97 22.59 -40.92
N PRO E 90 -22.18 23.64 -41.11
CA PRO E 90 -22.74 24.99 -41.16
C PRO E 90 -23.77 25.18 -42.27
N THR E 91 -24.39 26.37 -42.25
CA THR E 91 -25.51 26.69 -43.13
C THR E 91 -26.64 25.69 -42.98
N GLU E 92 -26.91 25.29 -41.73
CA GLU E 92 -27.96 24.34 -41.42
C GLU E 92 -28.94 24.98 -40.44
N PRO E 93 -30.20 25.17 -40.81
CA PRO E 93 -31.13 25.90 -39.94
C PRO E 93 -31.57 25.07 -38.74
N VAL E 94 -32.12 25.78 -37.75
CA VAL E 94 -32.70 25.20 -36.55
C VAL E 94 -34.18 25.56 -36.52
N PHE E 95 -35.04 24.56 -36.29
CA PHE E 95 -36.48 24.72 -36.48
C PHE E 95 -37.26 24.50 -35.19
N LEU E 96 -36.66 24.81 -34.03
CA LEU E 96 -37.33 24.68 -32.73
C LEU E 96 -37.83 23.26 -32.50
N VAL E 97 -38.75 23.09 -31.54
CA VAL E 97 -39.33 21.78 -31.25
C VAL E 97 -40.65 22.02 -30.53
N GLU E 98 -41.60 21.11 -30.75
CA GLU E 98 -42.92 21.17 -30.16
C GLU E 98 -43.03 20.16 -29.03
N ASP E 99 -44.20 20.11 -28.39
CA ASP E 99 -44.42 19.23 -27.26
C ASP E 99 -45.09 17.91 -27.61
N ASP E 100 -45.77 17.84 -28.76
CA ASP E 100 -46.40 16.58 -29.15
C ASP E 100 -45.35 15.51 -29.44
N ILE E 101 -44.26 15.88 -30.11
CA ILE E 101 -43.21 14.91 -30.41
C ILE E 101 -42.56 14.42 -29.13
N LEU E 102 -42.41 15.30 -28.14
CA LEU E 102 -41.87 14.88 -26.85
C LEU E 102 -42.81 13.89 -26.16
N ASN E 103 -44.12 14.11 -26.27
CA ASN E 103 -45.08 13.14 -25.73
C ASN E 103 -44.96 11.80 -26.44
N LYS E 104 -44.77 11.82 -27.76
CA LYS E 104 -44.60 10.56 -28.48
C LYS E 104 -43.34 9.84 -28.04
N ILE E 105 -42.25 10.57 -27.80
CA ILE E 105 -41.00 9.94 -27.40
C ILE E 105 -41.14 9.27 -26.04
N PHE E 106 -41.77 9.95 -25.08
CA PHE E 106 -41.82 9.48 -23.71
C PHE E 106 -42.97 8.53 -23.42
N SER E 107 -43.88 8.31 -24.38
CA SER E 107 -45.01 7.42 -24.17
C SER E 107 -45.34 6.76 -25.51
N ASN E 108 -44.81 5.56 -25.72
CA ASN E 108 -45.04 4.80 -26.94
C ASN E 108 -46.18 3.80 -26.72
N GLU E 109 -46.69 3.27 -27.82
CA GLU E 109 -47.75 2.27 -27.75
C GLU E 109 -47.24 1.01 -27.07
N LYS E 110 -48.04 0.49 -26.14
CA LYS E 110 -47.69 -0.69 -25.33
C LYS E 110 -46.45 -0.34 -24.54
N THR E 111 -45.32 -1.04 -24.70
CA THR E 111 -44.07 -0.81 -23.98
C THR E 111 -44.22 -0.91 -22.47
N LYS E 112 -45.33 -1.47 -21.98
CA LYS E 112 -45.55 -1.70 -20.55
C LYS E 112 -45.45 -0.39 -19.76
N ILE E 113 -46.41 0.50 -20.06
CA ILE E 113 -46.38 1.85 -19.55
C ILE E 113 -46.48 1.85 -18.02
N PHE E 114 -45.56 2.54 -17.37
CA PHE E 114 -45.58 2.77 -15.93
C PHE E 114 -45.35 4.25 -15.69
N HIS E 115 -46.38 4.95 -15.20
CA HIS E 115 -46.29 6.40 -15.06
C HIS E 115 -45.39 6.79 -13.90
N LEU E 116 -44.66 7.88 -14.08
CA LEU E 116 -43.80 8.41 -13.03
C LEU E 116 -44.18 9.82 -12.61
N GLY E 117 -44.38 10.72 -13.57
CA GLY E 117 -44.75 12.09 -13.26
C GLY E 117 -44.65 12.97 -14.48
N ASN E 118 -44.44 14.26 -14.23
CA ASN E 118 -44.30 15.26 -15.27
C ASN E 118 -42.88 15.80 -15.27
N LEU E 119 -42.44 16.26 -16.44
CA LEU E 119 -41.10 16.82 -16.56
C LEU E 119 -41.00 18.15 -15.81
N ALA E 120 -39.79 18.46 -15.35
CA ALA E 120 -39.59 19.66 -14.55
C ALA E 120 -39.74 20.92 -15.39
N GLN E 121 -39.10 20.96 -16.56
CA GLN E 121 -39.13 22.17 -17.38
C GLN E 121 -40.47 22.34 -18.07
N ASN E 122 -41.08 21.26 -18.55
CA ASN E 122 -42.36 21.30 -19.24
C ASN E 122 -43.38 20.54 -18.42
N GLU E 123 -44.47 21.21 -18.04
CA GLU E 123 -45.50 20.63 -17.20
C GLU E 123 -46.58 19.90 -17.99
N GLU E 124 -46.51 19.92 -19.32
CA GLU E 124 -47.51 19.26 -20.15
C GLU E 124 -47.08 17.88 -20.62
N VAL E 125 -45.79 17.55 -20.53
CA VAL E 125 -45.28 16.27 -20.99
C VAL E 125 -45.27 15.28 -19.83
N SER E 126 -45.90 14.13 -20.01
CA SER E 126 -45.93 13.09 -19.00
C SER E 126 -44.76 12.14 -19.19
N PHE E 127 -44.34 11.53 -18.08
CA PHE E 127 -43.19 10.64 -18.07
C PHE E 127 -43.63 9.21 -17.79
N THR E 128 -43.26 8.30 -18.68
CA THR E 128 -43.59 6.88 -18.54
C THR E 128 -42.33 6.05 -18.72
N LEU E 129 -42.33 4.87 -18.10
CA LEU E 129 -41.21 3.95 -18.14
C LEU E 129 -41.70 2.56 -18.52
N ASP E 130 -40.75 1.67 -18.78
CA ASP E 130 -41.04 0.28 -19.09
C ASP E 130 -41.02 -0.55 -17.81
N GLY E 131 -42.07 -1.36 -17.62
CA GLY E 131 -42.17 -2.15 -16.40
C GLY E 131 -41.35 -3.42 -16.39
N ASP E 132 -40.96 -3.93 -17.56
CA ASP E 132 -40.15 -5.14 -17.60
C ASP E 132 -38.73 -4.87 -17.15
N LYS E 133 -38.13 -3.76 -17.60
CA LYS E 133 -36.73 -3.50 -17.31
C LYS E 133 -36.53 -2.84 -15.95
N PHE E 134 -37.49 -2.02 -15.50
CA PHE E 134 -37.31 -1.31 -14.24
C PHE E 134 -37.36 -2.27 -13.05
N PHE E 135 -38.35 -3.15 -13.02
CA PHE E 135 -38.60 -3.98 -11.85
C PHE E 135 -37.88 -5.32 -11.89
N SER E 136 -36.81 -5.42 -12.68
CA SER E 136 -35.98 -6.62 -12.69
C SER E 136 -34.50 -6.28 -12.82
N LYS E 137 -34.08 -5.12 -12.33
CA LYS E 137 -32.72 -4.66 -12.57
C LYS E 137 -32.08 -4.00 -11.36
N HIS E 138 -32.42 -4.42 -10.14
CA HIS E 138 -31.70 -4.05 -8.93
C HIS E 138 -31.66 -2.53 -8.74
N VAL E 139 -32.84 -1.96 -8.47
CA VAL E 139 -32.99 -0.51 -8.47
C VAL E 139 -32.24 0.11 -7.30
N ALA E 140 -31.67 1.29 -7.52
CA ALA E 140 -30.94 2.02 -6.48
C ALA E 140 -31.53 3.41 -6.31
N VAL E 141 -31.76 3.79 -5.05
CA VAL E 141 -32.29 5.10 -4.68
C VAL E 141 -31.31 5.77 -3.74
N VAL E 142 -30.86 6.98 -4.13
CA VAL E 142 -29.91 7.73 -3.33
C VAL E 142 -30.46 9.13 -3.07
N GLY E 143 -29.97 9.74 -2.01
CA GLY E 143 -30.45 11.05 -1.62
C GLY E 143 -29.77 11.52 -0.35
N SER E 144 -30.34 12.58 0.23
CA SER E 144 -29.80 13.16 1.45
C SER E 144 -30.88 13.25 2.52
N THR E 145 -30.57 13.92 3.64
CA THR E 145 -31.52 14.08 4.73
C THR E 145 -32.35 15.35 4.47
N GLY E 146 -33.65 15.17 4.30
CA GLY E 146 -34.53 16.25 3.92
C GLY E 146 -34.92 16.29 2.47
N SER E 147 -34.36 15.40 1.65
CA SER E 147 -34.70 15.37 0.22
C SER E 147 -36.06 14.75 -0.04
N GLY E 148 -36.48 13.77 0.77
CA GLY E 148 -37.79 13.17 0.60
C GLY E 148 -37.78 11.80 -0.06
N LYS E 149 -36.87 10.93 0.35
CA LYS E 149 -36.80 9.58 -0.25
C LYS E 149 -38.05 8.77 0.07
N SER E 150 -38.53 8.87 1.31
CA SER E 150 -39.63 8.02 1.75
C SER E 150 -40.89 8.25 0.90
N CYS E 151 -41.20 9.51 0.61
CA CYS E 151 -42.38 9.80 -0.21
C CYS E 151 -42.24 9.22 -1.60
N ALA E 152 -41.05 9.29 -2.20
CA ALA E 152 -40.85 8.74 -3.54
C ALA E 152 -41.03 7.23 -3.55
N VAL E 153 -40.41 6.53 -2.59
CA VAL E 153 -40.54 5.09 -2.52
C VAL E 153 -41.99 4.69 -2.29
N ALA E 154 -42.67 5.41 -1.39
CA ALA E 154 -44.08 5.11 -1.12
C ALA E 154 -44.94 5.32 -2.35
N LYS E 155 -44.69 6.39 -3.11
CA LYS E 155 -45.46 6.66 -4.32
C LYS E 155 -45.27 5.55 -5.35
N ILE E 156 -44.02 5.12 -5.55
CA ILE E 156 -43.76 4.06 -6.52
C ILE E 156 -44.47 2.77 -6.09
N LEU E 157 -44.34 2.41 -4.81
CA LEU E 157 -44.94 1.16 -4.35
C LEU E 157 -46.46 1.22 -4.40
N GLN E 158 -47.04 2.38 -4.09
CA GLN E 158 -48.50 2.52 -4.14
C GLN E 158 -49.01 2.45 -5.59
N ASN E 159 -48.26 3.02 -6.53
CA ASN E 159 -48.61 2.83 -7.93
C ASN E 159 -48.54 1.36 -8.33
N VAL E 160 -47.55 0.64 -7.82
CA VAL E 160 -47.42 -0.78 -8.15
C VAL E 160 -48.61 -1.57 -7.61
N VAL E 161 -48.93 -1.40 -6.33
CA VAL E 161 -49.93 -2.26 -5.71
C VAL E 161 -51.33 -1.94 -6.22
N GLY E 162 -51.65 -0.67 -6.42
CA GLY E 162 -52.95 -0.30 -6.93
C GLY E 162 -53.78 0.57 -6.02
N ILE E 163 -53.14 1.39 -5.20
CA ILE E 163 -53.83 2.34 -4.32
C ILE E 163 -53.81 3.71 -5.01
N ASN E 164 -54.99 4.30 -5.16
CA ASN E 164 -55.13 5.62 -5.77
C ASN E 164 -56.19 6.40 -5.01
N ASP E 165 -55.79 7.54 -4.43
CA ASP E 165 -56.70 8.40 -3.67
C ASP E 165 -57.38 7.62 -2.54
N ALA E 166 -56.58 6.85 -1.81
CA ALA E 166 -57.06 6.03 -0.69
C ALA E 166 -58.18 5.08 -1.12
N ARG E 167 -58.03 4.51 -2.32
CA ARG E 167 -59.00 3.57 -2.86
C ARG E 167 -58.28 2.35 -3.42
N ASN E 168 -58.99 1.23 -3.42
CA ASN E 168 -58.48 -0.02 -3.98
C ASN E 168 -59.12 -0.21 -5.35
N ILE E 169 -58.33 0.06 -6.40
CA ILE E 169 -58.85 -0.04 -7.76
C ILE E 169 -59.11 -1.47 -8.21
N ASN E 170 -58.59 -2.45 -7.47
CA ASN E 170 -58.81 -3.87 -7.77
C ASN E 170 -59.68 -4.52 -6.71
N LYS E 171 -60.72 -3.80 -6.26
CA LYS E 171 -61.59 -4.32 -5.21
C LYS E 171 -62.30 -5.59 -5.65
N SER E 172 -62.78 -5.64 -6.88
CA SER E 172 -63.52 -6.81 -7.36
C SER E 172 -62.62 -8.04 -7.45
N ASP E 173 -61.42 -7.89 -8.01
CA ASP E 173 -60.53 -9.01 -8.26
C ASP E 173 -59.17 -8.75 -7.64
N LYS E 174 -58.69 -9.67 -6.81
CA LYS E 174 -57.36 -9.58 -6.24
C LYS E 174 -56.31 -9.90 -7.31
N LYS E 175 -55.30 -9.05 -7.42
CA LYS E 175 -54.21 -9.24 -8.36
C LYS E 175 -53.08 -10.01 -7.69
N ASN E 176 -51.92 -10.06 -8.32
CA ASN E 176 -50.79 -10.87 -7.87
C ASN E 176 -49.54 -9.99 -7.79
N SER E 177 -49.28 -9.43 -6.61
CA SER E 177 -48.07 -8.65 -6.35
C SER E 177 -47.48 -9.06 -5.03
N HIS E 178 -46.16 -8.92 -4.90
CA HIS E 178 -45.44 -9.42 -3.73
C HIS E 178 -44.25 -8.51 -3.44
N ILE E 179 -44.27 -7.84 -2.29
CA ILE E 179 -43.18 -6.96 -1.86
C ILE E 179 -42.91 -7.21 -0.38
N ILE E 180 -41.63 -7.27 -0.01
CA ILE E 180 -41.20 -7.44 1.37
C ILE E 180 -40.30 -6.27 1.73
N ILE E 181 -40.64 -5.55 2.80
CA ILE E 181 -39.98 -4.31 3.17
C ILE E 181 -39.27 -4.51 4.51
N PHE E 182 -37.95 -4.29 4.52
CA PHE E 182 -37.17 -4.38 5.75
C PHE E 182 -37.15 -3.00 6.40
N ASP E 183 -38.01 -2.80 7.40
CA ASP E 183 -38.19 -1.49 8.03
C ASP E 183 -37.52 -1.50 9.39
N ILE E 184 -36.66 -0.52 9.64
CA ILE E 184 -35.92 -0.41 10.89
C ILE E 184 -36.17 0.90 11.62
N HIS E 185 -37.02 1.77 11.08
CA HIS E 185 -37.38 3.01 11.76
C HIS E 185 -38.88 3.17 11.94
N SER E 186 -39.69 2.18 11.51
CA SER E 186 -41.13 2.20 11.67
C SER E 186 -41.75 3.44 11.01
N GLU E 187 -41.59 3.51 9.68
CA GLU E 187 -42.08 4.66 8.92
C GLU E 187 -42.78 4.23 7.63
N TYR E 188 -43.42 3.06 7.62
CA TYR E 188 -44.05 2.61 6.39
C TYR E 188 -45.42 1.95 6.58
N LYS E 189 -45.91 1.82 7.81
CA LYS E 189 -47.22 1.21 8.01
C LYS E 189 -48.36 2.17 7.66
N SER E 190 -48.16 3.47 7.87
CA SER E 190 -49.22 4.44 7.63
C SER E 190 -49.47 4.69 6.14
N ALA E 191 -48.54 4.32 5.27
CA ALA E 191 -48.70 4.50 3.84
C ALA E 191 -49.48 3.36 3.18
N PHE E 192 -49.85 2.34 3.95
CA PHE E 192 -50.61 1.21 3.39
C PHE E 192 -51.80 0.83 4.25
N GLU E 193 -52.14 1.63 5.28
CA GLU E 193 -53.27 1.36 6.14
C GLU E 193 -54.44 2.23 5.69
N ILE E 194 -55.45 1.60 5.10
CA ILE E 194 -56.61 2.32 4.58
C ILE E 194 -57.88 1.76 5.22
N ASP E 195 -59.03 2.27 4.80
CA ASP E 195 -60.30 1.89 5.42
C ASP E 195 -60.59 0.41 5.19
N LYS E 196 -61.38 -0.16 6.11
CA LYS E 196 -61.67 -1.59 6.06
C LYS E 196 -62.60 -1.95 4.91
N ASN E 197 -63.40 -1.00 4.44
CA ASN E 197 -64.35 -1.28 3.37
C ASN E 197 -63.70 -1.52 2.01
N GLU E 198 -62.41 -1.21 1.88
CA GLU E 198 -61.70 -1.38 0.62
C GLU E 198 -61.17 -2.79 0.41
N ASP E 199 -61.26 -3.65 1.42
CA ASP E 199 -60.80 -5.04 1.34
C ASP E 199 -59.33 -5.12 0.95
N PHE E 200 -58.48 -4.52 1.79
CA PHE E 200 -57.04 -4.53 1.59
C PHE E 200 -56.39 -4.98 2.90
N ASN E 201 -55.69 -6.11 2.86
CA ASN E 201 -55.06 -6.67 4.04
C ASN E 201 -53.57 -6.37 4.03
N LEU E 202 -53.04 -6.02 5.20
CA LEU E 202 -51.63 -5.73 5.39
C LEU E 202 -51.05 -6.72 6.40
N ASN E 203 -49.91 -7.31 6.06
CA ASN E 203 -49.26 -8.32 6.89
C ASN E 203 -48.14 -7.62 7.68
N TYR E 204 -48.41 -7.32 8.95
CA TYR E 204 -47.48 -6.61 9.81
C TYR E 204 -46.89 -7.58 10.82
N LEU E 205 -45.56 -7.57 10.94
CA LEU E 205 -44.84 -8.49 11.82
C LEU E 205 -43.96 -7.69 12.77
N ASP E 206 -44.04 -8.01 14.06
CA ASP E 206 -43.15 -7.46 15.07
C ASP E 206 -42.24 -8.57 15.58
N VAL E 207 -40.95 -8.46 15.28
CA VAL E 207 -40.01 -9.54 15.57
C VAL E 207 -39.78 -9.71 17.07
N GLU E 208 -40.05 -8.67 17.87
CA GLU E 208 -39.88 -8.79 19.31
C GLU E 208 -40.76 -9.88 19.91
N LYS E 209 -41.94 -10.11 19.33
CA LYS E 209 -42.84 -11.20 19.73
C LYS E 209 -43.24 -11.96 18.48
N LEU E 210 -42.42 -12.94 18.10
CA LEU E 210 -42.60 -13.66 16.85
C LEU E 210 -42.39 -15.16 16.93
N LYS E 211 -41.69 -15.66 17.95
CA LYS E 211 -41.42 -17.09 18.11
C LYS E 211 -40.68 -17.65 16.90
N LEU E 212 -39.46 -17.14 16.71
CA LEU E 212 -38.58 -17.61 15.64
C LEU E 212 -37.58 -18.60 16.20
N PRO E 213 -37.61 -19.87 15.79
CA PRO E 213 -36.73 -20.86 16.40
C PRO E 213 -35.25 -20.56 16.14
N TYR E 214 -34.41 -20.98 17.09
CA TYR E 214 -32.98 -20.71 17.03
C TYR E 214 -32.19 -21.81 16.34
N TRP E 215 -32.75 -23.01 16.17
CA TRP E 215 -32.04 -24.12 15.56
C TRP E 215 -32.11 -24.10 14.04
N LEU E 216 -32.52 -22.98 13.44
CA LEU E 216 -32.48 -22.80 11.99
C LEU E 216 -31.24 -22.07 11.52
N MET E 217 -30.33 -21.72 12.42
CA MET E 217 -29.14 -20.97 12.09
C MET E 217 -28.04 -21.88 11.54
N ASN E 218 -27.05 -21.27 10.91
CA ASN E 218 -25.91 -21.99 10.37
C ASN E 218 -24.71 -21.84 11.32
N SER E 219 -23.54 -22.32 10.87
CA SER E 219 -22.35 -22.30 11.71
C SER E 219 -21.92 -20.87 12.03
N GLU E 220 -21.89 -20.00 11.02
CA GLU E 220 -21.34 -18.67 11.21
C GLU E 220 -22.18 -17.86 12.21
N GLU E 221 -23.50 -17.91 12.07
CA GLU E 221 -24.36 -17.17 12.97
C GLU E 221 -24.27 -17.69 14.40
N LEU E 222 -24.24 -19.02 14.57
CA LEU E 222 -24.12 -19.59 15.91
C LEU E 222 -22.79 -19.21 16.55
N GLU E 223 -21.70 -19.24 15.78
CA GLU E 223 -20.41 -18.84 16.33
C GLU E 223 -20.37 -17.36 16.67
N THR E 224 -20.99 -16.51 15.83
CA THR E 224 -21.02 -15.08 16.12
C THR E 224 -21.83 -14.78 17.38
N LEU E 225 -22.95 -15.49 17.57
CA LEU E 225 -23.82 -15.21 18.70
C LEU E 225 -23.15 -15.53 20.04
N PHE E 226 -22.50 -16.69 20.13
CA PHE E 226 -21.95 -17.16 21.40
C PHE E 226 -20.45 -16.93 21.53
N ILE E 227 -19.66 -17.46 20.61
CA ILE E 227 -18.21 -17.41 20.73
C ILE E 227 -17.70 -16.03 20.33
N GLU E 228 -16.76 -15.50 21.11
CA GLU E 228 -16.13 -14.22 20.86
C GLU E 228 -14.70 -14.44 20.38
N SER E 229 -14.31 -13.74 19.32
CA SER E 229 -12.99 -13.91 18.74
C SER E 229 -11.87 -13.31 19.59
N ASN E 230 -12.21 -12.56 20.63
CA ASN E 230 -11.18 -11.94 21.46
C ASN E 230 -10.34 -12.98 22.20
N GLU E 231 -10.94 -14.12 22.55
CA GLU E 231 -10.20 -15.16 23.26
C GLU E 231 -9.13 -15.77 22.36
N GLN E 232 -7.95 -16.01 22.94
CA GLN E 232 -6.83 -16.58 22.20
C GLN E 232 -6.94 -18.10 22.05
N ASN E 233 -7.80 -18.76 22.82
CA ASN E 233 -8.00 -20.21 22.75
C ASN E 233 -9.25 -20.56 21.95
N SER E 234 -9.54 -19.80 20.90
CA SER E 234 -10.78 -19.98 20.15
C SER E 234 -10.82 -21.29 19.38
N HIS E 235 -9.66 -21.86 19.03
CA HIS E 235 -9.65 -23.09 18.26
C HIS E 235 -10.28 -24.25 19.03
N ASN E 236 -9.84 -24.45 20.28
CA ASN E 236 -10.43 -25.51 21.10
C ASN E 236 -11.90 -25.23 21.38
N GLN E 237 -12.26 -23.96 21.61
CA GLN E 237 -13.65 -23.61 21.84
C GLN E 237 -14.51 -24.01 20.64
N VAL E 238 -14.08 -23.65 19.44
CA VAL E 238 -14.85 -23.96 18.24
C VAL E 238 -14.95 -25.46 18.04
N SER E 239 -13.83 -26.18 18.20
CA SER E 239 -13.84 -27.62 17.99
C SER E 239 -14.78 -28.32 18.97
N GLN E 240 -14.70 -27.95 20.25
CA GLN E 240 -15.54 -28.61 21.26
C GLN E 240 -17.00 -28.23 21.08
N PHE E 241 -17.28 -26.97 20.71
CA PHE E 241 -18.65 -26.56 20.45
C PHE E 241 -19.25 -27.34 19.29
N LYS E 242 -18.47 -27.49 18.21
CA LYS E 242 -18.94 -28.27 17.07
C LYS E 242 -19.21 -29.72 17.45
N ARG E 243 -18.29 -30.32 18.23
CA ARG E 243 -18.48 -31.70 18.65
C ARG E 243 -19.75 -31.85 19.49
N ALA E 244 -19.96 -30.93 20.44
CA ALA E 244 -21.13 -31.00 21.30
C ALA E 244 -22.41 -30.83 20.50
N VAL E 245 -22.44 -29.88 19.56
CA VAL E 245 -23.63 -29.65 18.74
C VAL E 245 -23.94 -30.88 17.90
N VAL E 246 -22.91 -31.47 17.29
CA VAL E 246 -23.12 -32.66 16.46
C VAL E 246 -23.65 -33.82 17.30
N LEU E 247 -23.04 -34.04 18.47
CA LEU E 247 -23.50 -35.14 19.33
C LEU E 247 -24.93 -34.92 19.78
N ASN E 248 -25.30 -33.69 20.11
CA ASN E 248 -26.67 -33.41 20.52
C ASN E 248 -27.65 -33.60 19.36
N LYS E 249 -27.25 -33.21 18.15
CA LYS E 249 -28.13 -33.37 17.00
C LYS E 249 -28.33 -34.84 16.65
N GLU E 250 -27.29 -35.66 16.81
CA GLU E 250 -27.41 -37.08 16.44
C GLU E 250 -28.44 -37.80 17.30
N LYS E 251 -28.46 -37.51 18.60
CA LYS E 251 -29.29 -38.28 19.53
C LYS E 251 -30.76 -37.85 19.54
N TYR E 252 -31.18 -36.99 18.62
CA TYR E 252 -32.56 -36.53 18.58
C TYR E 252 -33.31 -36.87 17.30
N ASN E 253 -32.61 -37.25 16.22
CA ASN E 253 -33.24 -37.52 14.93
C ASN E 253 -32.88 -38.92 14.48
N PRO E 254 -33.68 -39.93 14.83
CA PRO E 254 -33.41 -41.30 14.36
C PRO E 254 -33.79 -41.51 12.90
N GLU E 255 -34.84 -40.82 12.44
CA GLU E 255 -35.30 -40.99 11.07
C GLU E 255 -34.42 -40.27 10.05
N PHE E 256 -33.51 -39.42 10.49
CA PHE E 256 -32.62 -38.68 9.60
C PHE E 256 -31.22 -39.27 9.65
N LYS E 257 -30.66 -39.54 8.48
CA LYS E 257 -29.30 -40.06 8.38
C LYS E 257 -28.32 -39.06 7.77
N LYS E 258 -28.78 -37.86 7.43
CA LYS E 258 -27.93 -36.80 6.89
C LYS E 258 -27.64 -35.73 7.93
N ILE E 259 -27.49 -36.12 9.19
CA ILE E 259 -27.26 -35.16 10.26
C ILE E 259 -25.83 -34.62 10.16
N THR E 260 -25.69 -33.30 10.13
CA THR E 260 -24.40 -32.65 10.08
C THR E 260 -24.44 -31.44 11.02
N TYR E 261 -23.35 -30.67 11.00
CA TYR E 261 -23.27 -29.51 11.89
C TYR E 261 -24.28 -28.44 11.50
N ASP E 262 -24.59 -28.29 10.21
CA ASP E 262 -25.54 -27.29 9.74
C ASP E 262 -26.91 -27.87 9.45
N SER E 263 -27.19 -29.09 9.90
CA SER E 263 -28.48 -29.70 9.65
C SER E 263 -29.58 -28.95 10.40
N PRO E 264 -30.65 -28.51 9.72
CA PRO E 264 -31.75 -27.81 10.41
C PRO E 264 -32.62 -28.77 11.21
N VAL E 265 -32.08 -29.22 12.34
CA VAL E 265 -32.77 -30.17 13.21
C VAL E 265 -32.75 -29.64 14.64
N TYR E 266 -33.67 -30.15 15.45
CA TYR E 266 -33.77 -29.72 16.84
C TYR E 266 -32.61 -30.26 17.67
N PHE E 267 -32.13 -29.43 18.59
CA PHE E 267 -31.12 -29.85 19.55
C PHE E 267 -31.24 -28.96 20.79
N ASN E 268 -30.76 -29.49 21.92
CA ASN E 268 -30.85 -28.79 23.18
C ASN E 268 -29.58 -27.99 23.46
N ILE E 269 -29.76 -26.86 24.13
CA ILE E 269 -28.64 -25.94 24.35
C ILE E 269 -28.09 -26.01 25.78
N ASN E 270 -28.87 -26.51 26.74
CA ASN E 270 -28.37 -26.64 28.10
C ASN E 270 -27.42 -27.84 28.24
N GLU E 271 -27.66 -28.91 27.48
CA GLU E 271 -26.79 -30.07 27.54
C GLU E 271 -25.38 -29.76 27.04
N VAL E 272 -25.26 -28.86 26.06
CA VAL E 272 -23.93 -28.43 25.62
C VAL E 272 -23.20 -27.71 26.74
N PHE E 273 -23.92 -26.84 27.46
CA PHE E 273 -23.33 -26.15 28.61
C PHE E 273 -22.88 -27.14 29.67
N ASN E 274 -23.71 -28.15 29.96
CA ASN E 274 -23.33 -29.17 30.93
C ASN E 274 -22.10 -29.94 30.48
N TYR E 275 -22.03 -30.27 29.18
CA TYR E 275 -20.87 -30.97 28.64
C TYR E 275 -19.60 -30.16 28.81
N ILE E 276 -19.66 -28.86 28.49
CA ILE E 276 -18.48 -28.01 28.62
C ILE E 276 -18.08 -27.86 30.09
N TYR E 277 -19.06 -27.72 30.99
CA TYR E 277 -18.73 -27.62 32.40
C TYR E 277 -18.06 -28.89 32.91
N ASN E 278 -18.58 -30.05 32.51
CA ASN E 278 -17.96 -31.31 32.95
C ASN E 278 -16.57 -31.48 32.37
N LEU E 279 -16.36 -31.05 31.13
CA LEU E 279 -15.02 -31.10 30.55
C LEU E 279 -14.06 -30.17 31.29
N ASN E 280 -14.55 -29.01 31.73
CA ASN E 280 -13.74 -28.14 32.57
C ASN E 280 -13.39 -28.81 33.89
N GLU E 281 -14.36 -29.51 34.48
CA GLU E 281 -14.14 -30.22 35.73
C GLU E 281 -13.53 -31.60 35.54
N GLU E 282 -13.30 -32.02 34.29
CA GLU E 282 -12.82 -33.38 34.02
C GLU E 282 -11.42 -33.59 34.58
N VAL E 283 -11.21 -34.76 35.17
CA VAL E 283 -9.91 -35.19 35.68
C VAL E 283 -9.64 -36.60 35.17
N ILE E 284 -8.49 -36.77 34.51
CA ILE E 284 -8.14 -38.05 33.91
C ILE E 284 -7.63 -39.00 35.00
N ASN E 285 -8.08 -40.24 34.95
CA ASN E 285 -7.64 -41.26 35.91
C ASN E 285 -6.32 -41.87 35.45
N LYS E 286 -5.37 -41.98 36.37
CA LYS E 286 -4.05 -42.52 36.06
C LYS E 286 -3.66 -43.67 36.99
N ILE E 287 -4.63 -44.33 37.62
CA ILE E 287 -4.34 -45.46 38.48
C ILE E 287 -3.86 -46.63 37.64
N GLU E 288 -2.74 -47.23 38.05
CA GLU E 288 -2.19 -48.37 37.33
C GLU E 288 -3.12 -49.57 37.44
N GLY E 289 -3.17 -50.36 36.38
CA GLY E 289 -4.01 -51.54 36.35
C GLY E 289 -5.48 -51.28 36.05
N GLU E 290 -5.82 -50.08 35.60
CA GLU E 290 -7.20 -49.72 35.29
C GLU E 290 -7.27 -49.11 33.89
N PRO E 291 -8.42 -49.26 33.23
CA PRO E 291 -8.56 -48.67 31.88
C PRO E 291 -8.49 -47.15 31.94
N SER E 292 -8.00 -46.57 30.85
CA SER E 292 -7.81 -45.11 30.75
C SER E 292 -9.17 -44.44 30.53
N LEU E 293 -9.96 -44.40 31.59
CA LEU E 293 -11.25 -43.74 31.59
C LEU E 293 -11.35 -42.77 32.76
N PRO E 294 -12.09 -41.67 32.59
CA PRO E 294 -12.20 -40.69 33.69
C PRO E 294 -12.77 -41.32 34.95
N LYS E 295 -12.23 -40.90 36.09
CA LYS E 295 -12.66 -41.40 37.39
C LYS E 295 -13.60 -40.40 38.05
N LEU E 296 -14.72 -40.89 38.54
CA LEU E 296 -15.72 -40.03 39.18
C LEU E 296 -15.33 -39.81 40.65
N SER E 297 -16.21 -39.16 41.41
CA SER E 297 -15.94 -38.91 42.82
C SER E 297 -15.88 -40.21 43.61
N ASN E 298 -16.79 -41.15 43.31
CA ASN E 298 -16.85 -42.42 44.02
C ASN E 298 -15.88 -43.46 43.47
N GLY E 299 -15.14 -43.13 42.40
CA GLY E 299 -14.22 -44.06 41.80
C GLY E 299 -14.71 -44.76 40.56
N GLU E 300 -15.97 -44.55 40.17
CA GLU E 300 -16.50 -45.18 38.97
C GLU E 300 -15.81 -44.63 37.73
N LEU E 301 -15.42 -45.53 36.82
CA LEU E 301 -14.77 -45.13 35.59
C LEU E 301 -15.82 -44.71 34.56
N VAL E 302 -15.59 -43.57 33.92
CA VAL E 302 -16.52 -43.04 32.93
C VAL E 302 -16.30 -43.81 31.63
N GLU E 303 -17.19 -44.76 31.34
CA GLU E 303 -17.08 -45.52 30.10
C GLU E 303 -17.37 -44.66 28.88
N ASN E 304 -18.42 -43.85 28.94
CA ASN E 304 -18.79 -42.95 27.85
C ASN E 304 -19.07 -41.57 28.41
N ARG E 305 -18.66 -40.54 27.68
CA ARG E 305 -18.84 -39.16 28.12
C ARG E 305 -20.23 -38.61 27.79
N GLN E 306 -21.07 -39.38 27.10
CA GLN E 306 -22.39 -38.90 26.73
C GLN E 306 -23.24 -38.61 27.97
N ILE E 307 -22.96 -39.28 29.09
CA ILE E 307 -23.67 -39.02 30.34
C ILE E 307 -23.47 -37.57 30.78
N TYR E 308 -22.37 -36.94 30.36
CA TYR E 308 -22.15 -35.53 30.69
C TYR E 308 -23.27 -34.66 30.15
N PHE E 309 -23.93 -35.10 29.07
CA PHE E 309 -25.07 -34.36 28.55
C PHE E 309 -26.23 -34.35 29.54
N ASN E 310 -26.42 -35.47 30.26
CA ASN E 310 -27.57 -35.60 31.14
C ASN E 310 -27.51 -34.62 32.30
N GLU E 311 -26.39 -34.59 33.01
CA GLU E 311 -26.27 -33.74 34.19
C GLU E 311 -24.79 -33.53 34.50
N LYS E 312 -24.53 -32.54 35.35
CA LYS E 312 -23.17 -32.26 35.79
C LYS E 312 -22.64 -33.38 36.67
N LEU E 313 -21.35 -33.66 36.55
CA LEU E 313 -20.69 -34.71 37.30
C LEU E 313 -19.47 -34.16 38.02
N GLU E 314 -19.15 -34.78 39.15
CA GLU E 314 -18.00 -34.40 39.97
C GLU E 314 -16.89 -35.43 39.79
N PHE E 315 -15.69 -34.94 39.55
CA PHE E 315 -14.54 -35.80 39.28
C PHE E 315 -13.66 -35.90 40.53
N THR E 316 -12.58 -36.68 40.41
CA THR E 316 -11.66 -36.91 41.51
C THR E 316 -10.55 -35.85 41.48
N SER E 317 -9.53 -36.04 42.30
CA SER E 317 -8.41 -35.11 42.40
C SER E 317 -7.10 -35.86 42.14
N SER E 318 -6.14 -35.15 41.55
CA SER E 318 -4.86 -35.74 41.23
C SER E 318 -4.08 -36.05 42.51
N ASN E 319 -3.41 -37.20 42.52
CA ASN E 319 -2.61 -37.62 43.65
C ASN E 319 -1.34 -38.30 43.15
N THR E 320 -0.28 -38.18 43.94
CA THR E 320 0.99 -38.81 43.59
C THR E 320 0.98 -40.31 43.84
N SER E 321 0.18 -40.77 44.80
CA SER E 321 0.13 -42.19 45.12
C SER E 321 -0.43 -43.00 43.96
N LYS E 322 0.13 -44.20 43.77
CA LYS E 322 -0.33 -45.05 42.68
C LYS E 322 -1.76 -45.54 42.89
N ALA E 323 -2.19 -45.67 44.14
CA ALA E 323 -3.53 -46.17 44.42
C ALA E 323 -4.61 -45.20 43.97
N THR E 324 -4.32 -43.90 43.98
CA THR E 324 -5.27 -42.86 43.59
C THR E 324 -4.64 -41.89 42.60
N LYS E 325 -3.81 -42.40 41.70
CA LYS E 325 -3.12 -41.54 40.74
C LYS E 325 -4.11 -40.94 39.74
N ALA E 326 -3.93 -39.66 39.46
CA ALA E 326 -4.80 -38.94 38.53
C ALA E 326 -4.04 -37.73 37.99
N SER E 327 -4.59 -37.14 36.95
CA SER E 327 -3.96 -35.99 36.30
C SER E 327 -5.04 -35.04 35.81
N ASN E 328 -4.63 -33.80 35.56
CA ASN E 328 -5.54 -32.80 35.04
C ASN E 328 -5.82 -33.04 33.55
N GLY E 329 -7.03 -32.72 33.14
CA GLY E 329 -7.44 -32.89 31.75
C GLY E 329 -6.75 -31.89 30.85
N PRO E 330 -6.64 -32.23 29.56
CA PRO E 330 -6.00 -31.31 28.61
C PRO E 330 -6.72 -29.98 28.44
N PHE E 331 -8.02 -29.94 28.73
CA PHE E 331 -8.81 -28.72 28.61
C PHE E 331 -9.29 -28.21 29.97
N ASN E 332 -8.63 -28.62 31.06
CA ASN E 332 -9.08 -28.25 32.39
C ASN E 332 -8.78 -26.78 32.66
N GLY E 333 -9.79 -26.06 33.18
CA GLY E 333 -9.64 -24.68 33.55
C GLY E 333 -9.26 -23.75 32.42
N GLU E 334 -9.93 -23.90 31.28
CA GLU E 334 -9.64 -23.08 30.11
C GLU E 334 -10.89 -22.46 29.48
N PHE E 335 -12.05 -22.60 30.11
CA PHE E 335 -13.29 -22.11 29.51
C PHE E 335 -14.16 -21.36 30.51
N ASN E 336 -13.54 -20.74 31.53
CA ASN E 336 -14.32 -20.07 32.57
C ASN E 336 -15.08 -18.87 32.02
N ARG E 337 -14.39 -17.99 31.30
CA ARG E 337 -15.04 -16.83 30.71
C ARG E 337 -16.07 -17.26 29.67
N PHE E 338 -15.76 -18.32 28.92
CA PHE E 338 -16.73 -18.84 27.95
C PHE E 338 -18.00 -19.31 28.64
N LEU E 339 -17.86 -20.02 29.78
CA LEU E 339 -19.03 -20.45 30.52
C LEU E 339 -19.82 -19.25 31.05
N SER E 340 -19.12 -18.23 31.55
CA SER E 340 -19.82 -17.07 32.08
C SER E 340 -20.62 -16.36 30.99
N ARG E 341 -20.00 -16.17 29.82
CA ARG E 341 -20.71 -15.52 28.71
C ARG E 341 -21.87 -16.37 28.21
N PHE E 342 -21.69 -17.69 28.15
CA PHE E 342 -22.77 -18.57 27.73
C PHE E 342 -23.95 -18.47 28.70
N GLU E 343 -23.67 -18.47 30.00
CA GLU E 343 -24.74 -18.37 30.99
C GLU E 343 -25.45 -17.02 30.88
N THR E 344 -24.68 -15.94 30.68
CA THR E 344 -25.29 -14.62 30.53
C THR E 344 -26.19 -14.56 29.30
N LYS E 345 -25.74 -15.15 28.18
CA LYS E 345 -26.57 -15.18 26.99
C LYS E 345 -27.84 -15.99 27.20
N LEU E 346 -27.72 -17.14 27.86
CA LEU E 346 -28.90 -17.99 28.06
C LEU E 346 -29.89 -17.37 29.04
N THR E 347 -29.41 -16.59 30.01
CA THR E 347 -30.26 -16.01 31.03
C THR E 347 -30.71 -14.59 30.69
N ASP E 348 -30.86 -14.29 29.41
CA ASP E 348 -31.28 -12.97 28.96
C ASP E 348 -32.79 -12.96 28.70
N LYS E 349 -33.38 -11.77 28.83
CA LYS E 349 -34.82 -11.60 28.67
C LYS E 349 -35.19 -10.82 27.42
N ARG E 350 -34.23 -10.19 26.74
CA ARG E 350 -34.51 -9.46 25.51
C ARG E 350 -34.34 -10.30 24.26
N LEU E 351 -34.02 -11.59 24.41
CA LEU E 351 -33.86 -12.51 23.30
C LEU E 351 -34.83 -13.68 23.43
N GLU E 352 -36.07 -13.39 23.86
CA GLU E 352 -37.06 -14.43 24.04
C GLU E 352 -37.64 -14.92 22.72
N PHE E 353 -37.50 -14.14 21.65
CA PHE E 353 -38.06 -14.54 20.37
C PHE E 353 -37.26 -15.66 19.70
N LEU E 354 -36.08 -15.99 20.21
CA LEU E 354 -35.28 -17.09 19.69
C LEU E 354 -35.56 -18.42 20.37
N LEU E 355 -36.47 -18.44 21.35
CA LEU E 355 -36.80 -19.65 22.10
C LEU E 355 -35.55 -20.28 22.71
N LEU E 356 -34.73 -19.44 23.34
CA LEU E 356 -33.41 -19.83 23.81
C LEU E 356 -33.42 -20.37 25.23
N ASN E 357 -34.13 -19.70 26.14
CA ASN E 357 -34.12 -20.03 27.55
C ASN E 357 -35.33 -20.87 27.98
N GLN E 358 -35.83 -21.71 27.08
CA GLN E 358 -36.97 -22.56 27.44
C GLN E 358 -36.56 -23.60 28.48
N ASP E 359 -35.46 -24.32 28.24
CA ASP E 359 -34.96 -25.35 29.14
C ASP E 359 -36.06 -26.37 29.49
N VAL E 360 -36.52 -27.05 28.44
CA VAL E 360 -37.61 -28.02 28.54
C VAL E 360 -38.84 -27.32 29.13
N GLU E 361 -39.48 -26.49 28.31
CA GLU E 361 -40.64 -25.71 28.72
C GLU E 361 -41.84 -26.15 27.85
N GLU E 362 -42.96 -25.43 28.00
CA GLU E 362 -44.14 -25.76 27.21
C GLU E 362 -43.95 -25.50 25.73
N ASN E 363 -43.00 -24.64 25.36
CA ASN E 363 -42.68 -24.38 23.97
C ASN E 363 -41.51 -25.21 23.47
N SER E 364 -40.96 -26.10 24.31
CA SER E 364 -39.85 -26.96 23.89
C SER E 364 -40.28 -28.05 22.92
N LYS E 365 -41.59 -28.24 22.73
CA LYS E 365 -42.10 -29.25 21.81
C LYS E 365 -42.00 -28.83 20.35
N TYR E 366 -41.54 -27.61 20.07
CA TYR E 366 -41.43 -27.11 18.69
C TYR E 366 -40.24 -27.79 18.02
N ARG E 367 -40.47 -28.99 17.53
CA ARG E 367 -39.48 -29.74 16.77
C ARG E 367 -39.58 -29.34 15.29
N THR E 368 -38.93 -30.11 14.42
CA THR E 368 -38.86 -29.78 13.00
C THR E 368 -40.13 -30.26 12.29
N GLU E 369 -41.23 -29.59 12.61
CA GLU E 369 -42.48 -29.80 11.87
C GLU E 369 -43.25 -28.50 11.65
N HIS E 370 -42.70 -27.35 12.04
CA HIS E 370 -43.40 -26.07 11.92
C HIS E 370 -42.76 -25.16 10.88
N PHE E 371 -42.04 -25.74 9.92
CA PHE E 371 -41.43 -24.93 8.86
C PHE E 371 -42.49 -24.27 7.99
N GLU E 372 -43.59 -24.97 7.73
CA GLU E 372 -44.63 -24.45 6.86
C GLU E 372 -45.28 -23.20 7.45
N ASP E 373 -45.52 -23.20 8.76
CA ASP E 373 -46.13 -22.03 9.39
C ASP E 373 -45.22 -20.81 9.28
N ILE E 374 -43.92 -20.98 9.51
CA ILE E 374 -42.98 -19.86 9.40
C ILE E 374 -42.93 -19.35 7.96
N LEU E 375 -42.85 -20.26 7.00
CA LEU E 375 -42.78 -19.85 5.60
C LEU E 375 -44.04 -19.11 5.17
N LYS E 376 -45.21 -19.59 5.60
CA LYS E 376 -46.45 -18.89 5.28
C LYS E 376 -46.53 -17.54 5.97
N GLN E 377 -46.03 -17.45 7.20
CA GLN E 377 -46.08 -16.18 7.93
C GLN E 377 -45.18 -15.13 7.28
N PHE E 378 -44.00 -15.52 6.82
CA PHE E 378 -43.08 -14.56 6.23
C PHE E 378 -43.39 -14.25 4.77
N MET E 379 -44.35 -14.93 4.16
CA MET E 379 -44.72 -14.68 2.77
C MET E 379 -46.14 -14.16 2.61
N GLY E 380 -46.88 -13.97 3.70
CA GLY E 380 -48.23 -13.46 3.59
C GLY E 380 -49.22 -14.39 2.91
N TYR E 381 -49.15 -15.68 3.21
CA TYR E 381 -50.05 -16.67 2.62
C TYR E 381 -51.00 -17.27 3.66
N LEU E 382 -51.29 -16.51 4.72
CA LEU E 382 -52.32 -16.89 5.68
C LEU E 382 -53.56 -16.01 5.60
N ASP E 383 -53.45 -14.80 5.07
CA ASP E 383 -54.60 -13.91 4.93
C ASP E 383 -54.62 -13.19 3.58
N ARG E 384 -53.86 -13.68 2.60
CA ARG E 384 -53.86 -13.15 1.23
C ARG E 384 -53.47 -11.67 1.21
N SER E 385 -52.23 -11.42 1.61
CA SER E 385 -51.65 -10.07 1.62
C SER E 385 -50.56 -9.94 0.58
N ASN E 386 -50.51 -8.78 -0.08
CA ASN E 386 -49.50 -8.53 -1.10
C ASN E 386 -48.23 -7.90 -0.54
N VAL E 387 -48.35 -7.04 0.47
CA VAL E 387 -47.21 -6.31 1.03
C VAL E 387 -46.94 -6.85 2.43
N SER E 388 -45.67 -7.17 2.69
CA SER E 388 -45.23 -7.61 4.01
C SER E 388 -44.20 -6.64 4.55
N ILE E 389 -44.37 -6.24 5.81
CA ILE E 389 -43.49 -5.30 6.49
C ILE E 389 -42.84 -6.03 7.66
N ILE E 390 -41.51 -6.08 7.66
CA ILE E 390 -40.77 -6.72 8.73
C ILE E 390 -40.06 -5.63 9.52
N ASP E 391 -40.47 -5.45 10.78
CA ASP E 391 -40.00 -4.37 11.63
C ASP E 391 -38.93 -4.89 12.58
N LEU E 392 -37.75 -4.27 12.54
CA LEU E 392 -36.60 -4.70 13.33
C LEU E 392 -36.10 -3.56 14.22
N SER E 393 -37.02 -2.84 14.85
CA SER E 393 -36.65 -1.71 15.69
C SER E 393 -36.34 -2.11 17.12
N GLY E 394 -37.16 -2.99 17.72
CA GLY E 394 -36.95 -3.41 19.08
C GLY E 394 -35.87 -4.46 19.27
N ILE E 395 -35.40 -5.07 18.19
CA ILE E 395 -34.34 -6.09 18.28
C ILE E 395 -33.05 -5.43 18.72
N PRO E 396 -32.28 -6.04 19.64
CA PRO E 396 -30.98 -5.47 20.00
C PRO E 396 -30.06 -5.38 18.80
N PHE E 397 -29.21 -4.35 18.80
CA PHE E 397 -28.38 -4.07 17.63
C PHE E 397 -27.22 -5.03 17.48
N GLU E 398 -26.99 -5.93 18.44
CA GLU E 398 -25.94 -6.93 18.29
C GLU E 398 -26.39 -8.13 17.45
N VAL E 399 -27.69 -8.30 17.22
CA VAL E 399 -28.21 -9.47 16.52
C VAL E 399 -29.08 -9.06 15.33
N LEU E 400 -28.82 -7.88 14.78
CA LEU E 400 -29.62 -7.40 13.66
C LEU E 400 -29.23 -8.08 12.35
N SER E 401 -27.95 -8.36 12.16
CA SER E 401 -27.48 -8.97 10.92
C SER E 401 -27.98 -10.40 10.77
N ILE E 402 -28.01 -11.15 11.87
CA ILE E 402 -28.35 -12.57 11.82
C ILE E 402 -29.78 -12.78 11.35
N THR E 403 -30.71 -11.95 11.84
CA THR E 403 -32.11 -12.08 11.44
C THR E 403 -32.27 -11.87 9.94
N ILE E 404 -31.65 -10.81 9.42
CA ILE E 404 -31.73 -10.53 7.99
C ILE E 404 -31.15 -11.67 7.17
N SER E 405 -29.98 -12.19 7.60
CA SER E 405 -29.37 -13.29 6.89
C SER E 405 -30.27 -14.52 6.87
N LEU E 406 -30.87 -14.85 8.01
CA LEU E 406 -31.72 -16.03 8.08
C LEU E 406 -32.94 -15.90 7.19
N ILE E 407 -33.61 -14.73 7.22
CA ILE E 407 -34.80 -14.55 6.40
C ILE E 407 -34.45 -14.61 4.91
N SER E 408 -33.34 -13.95 4.52
CA SER E 408 -32.93 -13.99 3.12
C SER E 408 -32.62 -15.41 2.68
N ARG E 409 -31.94 -16.18 3.52
CA ARG E 409 -31.61 -17.56 3.17
C ARG E 409 -32.87 -18.39 2.99
N LEU E 410 -33.84 -18.24 3.89
CA LEU E 410 -35.09 -18.99 3.77
C LEU E 410 -35.81 -18.67 2.47
N ILE E 411 -35.93 -17.38 2.15
CA ILE E 411 -36.62 -16.99 0.92
C ILE E 411 -35.90 -17.54 -0.31
N PHE E 412 -34.57 -17.44 -0.33
CA PHE E 412 -33.81 -17.95 -1.47
C PHE E 412 -33.99 -19.45 -1.63
N ASP E 413 -33.95 -20.20 -0.53
CA ASP E 413 -34.12 -21.65 -0.62
C ASP E 413 -35.50 -22.03 -1.16
N PHE E 414 -36.54 -21.34 -0.67
CA PHE E 414 -37.88 -21.63 -1.18
C PHE E 414 -37.97 -21.32 -2.67
N ALA E 415 -37.41 -20.20 -3.09
CA ALA E 415 -37.44 -19.85 -4.51
C ALA E 415 -36.72 -20.90 -5.35
N PHE E 416 -35.57 -21.37 -4.88
CA PHE E 416 -34.81 -22.38 -5.61
C PHE E 416 -35.61 -23.67 -5.77
N HIS E 417 -36.17 -24.17 -4.67
CA HIS E 417 -36.91 -25.44 -4.76
C HIS E 417 -38.15 -25.30 -5.63
N TYR E 418 -38.90 -24.20 -5.47
CA TYR E 418 -40.08 -24.01 -6.29
C TYR E 418 -39.71 -23.89 -7.77
N SER E 419 -38.61 -23.21 -8.07
CA SER E 419 -38.16 -23.09 -9.45
C SER E 419 -37.80 -24.44 -10.04
N LYS E 420 -37.14 -25.30 -9.26
CA LYS E 420 -36.82 -26.63 -9.77
C LYS E 420 -38.08 -27.45 -10.03
N LEU E 421 -39.04 -27.42 -9.10
CA LEU E 421 -40.27 -28.17 -9.31
C LEU E 421 -41.03 -27.65 -10.54
N GLN E 422 -41.04 -26.33 -10.75
CA GLN E 422 -41.71 -25.80 -11.94
C GLN E 422 -40.95 -26.13 -13.20
N HIS E 423 -39.61 -26.19 -13.15
CA HIS E 423 -38.82 -26.55 -14.31
C HIS E 423 -39.06 -28.00 -14.71
N GLN E 424 -39.24 -28.89 -13.74
CA GLN E 424 -39.57 -30.27 -14.06
C GLN E 424 -40.93 -30.41 -14.75
N LYS E 425 -41.78 -29.39 -14.69
CA LYS E 425 -43.08 -29.41 -15.33
C LYS E 425 -43.11 -28.57 -16.61
N ASP E 426 -41.94 -28.24 -17.15
CA ASP E 426 -41.82 -27.46 -18.39
C ASP E 426 -42.48 -26.09 -18.26
N GLU E 427 -42.33 -25.46 -17.10
CA GLU E 427 -42.83 -24.11 -16.86
C GLU E 427 -41.74 -23.32 -16.12
N LEU E 428 -42.12 -22.14 -15.65
CA LEU E 428 -41.18 -21.28 -14.92
C LEU E 428 -41.75 -20.85 -13.57
N ASN E 429 -41.06 -19.94 -12.90
CA ASN E 429 -41.53 -19.40 -11.64
C ASN E 429 -42.57 -18.31 -11.90
N ASP E 430 -43.74 -18.44 -11.28
CA ASP E 430 -44.86 -17.55 -11.53
C ASP E 430 -45.15 -16.62 -10.35
N ILE E 431 -44.32 -16.64 -9.30
CA ILE E 431 -44.53 -15.78 -8.14
C ILE E 431 -43.24 -15.03 -7.84
N PRO E 432 -42.93 -13.96 -8.57
CA PRO E 432 -41.73 -13.18 -8.27
C PRO E 432 -41.89 -12.35 -7.01
N PHE E 433 -40.75 -11.94 -6.45
CA PHE E 433 -40.71 -11.17 -5.23
C PHE E 433 -39.73 -10.00 -5.37
N MET E 434 -39.98 -8.94 -4.60
CA MET E 434 -39.09 -7.79 -4.54
C MET E 434 -38.82 -7.46 -3.08
N ILE E 435 -37.54 -7.30 -2.74
CA ILE E 435 -37.10 -7.01 -1.39
C ILE E 435 -36.60 -5.56 -1.35
N VAL E 436 -37.14 -4.79 -0.41
CA VAL E 436 -36.81 -3.38 -0.25
C VAL E 436 -35.92 -3.24 0.98
N CYS E 437 -34.67 -2.87 0.75
CA CYS E 437 -33.70 -2.66 1.82
C CYS E 437 -33.55 -1.16 2.08
N GLU E 438 -33.67 -0.77 3.34
CA GLU E 438 -33.64 0.62 3.75
C GLU E 438 -32.53 0.83 4.78
N GLU E 439 -31.79 1.94 4.63
CA GLU E 439 -30.62 2.23 5.46
C GLU E 439 -29.61 1.09 5.40
N ALA E 440 -29.09 0.86 4.19
CA ALA E 440 -28.27 -0.31 3.90
C ALA E 440 -26.86 -0.22 4.47
N HIS E 441 -26.43 0.94 4.93
CA HIS E 441 -25.07 1.07 5.45
C HIS E 441 -24.94 0.64 6.90
N ASN E 442 -26.03 0.25 7.55
CA ASN E 442 -25.98 -0.24 8.91
C ASN E 442 -25.64 -1.73 9.01
N TYR E 443 -25.94 -2.50 7.96
CA TYR E 443 -25.61 -3.92 7.94
C TYR E 443 -24.89 -4.38 6.68
N ILE E 444 -24.63 -3.48 5.74
CA ILE E 444 -23.75 -3.77 4.61
C ILE E 444 -22.73 -2.64 4.50
N PRO E 445 -21.76 -2.57 5.40
CA PRO E 445 -20.79 -1.47 5.35
C PRO E 445 -19.66 -1.76 4.38
N ARG E 446 -18.97 -0.69 3.97
CA ARG E 446 -17.81 -0.83 3.11
C ARG E 446 -16.69 -1.59 3.82
N THR E 447 -16.44 -1.27 5.08
CA THR E 447 -15.40 -1.90 5.87
C THR E 447 -16.05 -2.59 7.07
N GLY E 448 -16.11 -3.91 7.04
CA GLY E 448 -16.74 -4.67 8.09
C GLY E 448 -15.87 -5.82 8.56
N GLY E 449 -15.96 -6.12 9.85
CA GLY E 449 -15.20 -7.19 10.46
C GLY E 449 -15.97 -8.50 10.49
N ILE E 450 -15.60 -9.34 11.45
CA ILE E 450 -16.25 -10.64 11.58
C ILE E 450 -17.71 -10.48 12.01
N GLU E 451 -18.04 -9.38 12.68
CA GLU E 451 -19.40 -9.16 13.13
C GLU E 451 -20.40 -8.95 11.99
N PHE E 452 -19.92 -8.66 10.77
CA PHE E 452 -20.78 -8.53 9.59
C PHE E 452 -20.24 -9.44 8.50
N LYS E 453 -20.60 -10.72 8.59
CA LYS E 453 -20.22 -11.69 7.56
C LYS E 453 -21.41 -12.47 7.01
N ALA E 454 -22.38 -12.79 7.86
CA ALA E 454 -23.54 -13.56 7.40
C ALA E 454 -24.42 -12.74 6.47
N ALA E 455 -24.73 -11.49 6.87
CA ALA E 455 -25.57 -10.63 6.03
C ALA E 455 -24.83 -10.12 4.81
N LYS E 456 -23.51 -10.17 4.81
CA LYS E 456 -22.71 -9.75 3.67
C LYS E 456 -22.52 -10.87 2.65
N LYS E 457 -23.10 -12.04 2.91
CA LYS E 457 -23.03 -13.17 1.99
C LYS E 457 -24.37 -13.49 1.33
N SER E 458 -25.47 -13.46 2.09
CA SER E 458 -26.77 -13.76 1.50
C SER E 458 -27.18 -12.72 0.47
N ILE E 459 -26.96 -11.44 0.76
CA ILE E 459 -27.30 -10.39 -0.18
C ILE E 459 -26.46 -10.49 -1.44
N GLU E 460 -25.17 -10.82 -1.28
CA GLU E 460 -24.32 -11.02 -2.46
C GLU E 460 -24.79 -12.21 -3.28
N ARG E 461 -25.22 -13.28 -2.62
CA ARG E 461 -25.76 -14.43 -3.33
C ARG E 461 -27.02 -14.07 -4.10
N ILE E 462 -27.89 -13.25 -3.51
CA ILE E 462 -29.09 -12.80 -4.21
C ILE E 462 -28.72 -11.92 -5.39
N ALA E 463 -27.70 -11.08 -5.24
CA ALA E 463 -27.33 -10.13 -6.27
C ALA E 463 -26.68 -10.77 -7.49
N LYS E 464 -26.33 -12.06 -7.42
CA LYS E 464 -25.67 -12.73 -8.54
C LYS E 464 -26.54 -13.78 -9.20
N GLU E 465 -27.19 -14.64 -8.43
CA GLU E 465 -28.03 -15.70 -8.98
C GLU E 465 -29.48 -15.55 -8.52
N GLY E 466 -29.98 -14.33 -8.63
CA GLY E 466 -31.33 -14.04 -8.21
C GLY E 466 -32.30 -13.79 -9.34
N ARG E 467 -31.79 -13.70 -10.57
CA ARG E 467 -32.62 -13.51 -11.75
C ARG E 467 -33.04 -14.81 -12.40
N LYS E 468 -32.54 -15.95 -11.94
CA LYS E 468 -32.97 -17.24 -12.43
C LYS E 468 -34.09 -17.84 -11.59
N TYR E 469 -34.51 -17.14 -10.53
CA TYR E 469 -35.55 -17.65 -9.64
C TYR E 469 -36.64 -16.63 -9.32
N GLY E 470 -36.56 -15.43 -9.88
CA GLY E 470 -37.58 -14.42 -9.63
C GLY E 470 -37.44 -13.68 -8.32
N LEU E 471 -36.34 -12.94 -8.17
CA LEU E 471 -36.12 -12.14 -6.96
C LEU E 471 -35.35 -10.87 -7.34
N SER E 472 -35.77 -9.74 -6.77
CA SER E 472 -35.21 -8.44 -7.12
C SER E 472 -34.96 -7.63 -5.86
N LEU E 473 -34.08 -6.63 -5.99
CA LEU E 473 -33.67 -5.79 -4.87
C LEU E 473 -33.86 -4.32 -5.19
N MET E 474 -34.40 -3.57 -4.22
CA MET E 474 -34.41 -2.12 -4.25
C MET E 474 -33.64 -1.61 -3.05
N VAL E 475 -32.49 -0.98 -3.30
CA VAL E 475 -31.59 -0.54 -2.26
C VAL E 475 -31.74 0.96 -2.07
N VAL E 476 -32.11 1.39 -0.86
CA VAL E 476 -32.33 2.79 -0.54
C VAL E 476 -31.24 3.22 0.44
N SER E 477 -30.54 4.32 0.13
CA SER E 477 -29.50 4.77 1.03
C SER E 477 -29.27 6.27 0.85
N GLN E 478 -28.65 6.87 1.87
CA GLN E 478 -28.31 8.28 1.84
C GLN E 478 -26.82 8.55 2.00
N ARG E 479 -26.01 7.50 2.18
CA ARG E 479 -24.55 7.62 2.22
C ARG E 479 -23.97 6.59 1.25
N PRO E 480 -24.00 6.87 -0.05
CA PRO E 480 -23.55 5.87 -1.04
C PRO E 480 -22.10 5.45 -0.87
N SER E 481 -21.26 6.30 -0.30
CA SER E 481 -19.83 6.02 -0.19
C SER E 481 -19.52 5.06 0.96
N GLU E 482 -20.51 4.60 1.71
CA GLU E 482 -20.30 3.66 2.80
C GLU E 482 -21.01 2.33 2.58
N VAL E 483 -21.47 2.06 1.36
CA VAL E 483 -22.13 0.81 1.03
C VAL E 483 -21.18 -0.01 0.17
N SER E 484 -21.29 -1.35 0.28
CA SER E 484 -20.39 -2.23 -0.43
C SER E 484 -20.48 -2.03 -1.94
N ASP E 485 -19.33 -1.99 -2.60
CA ASP E 485 -19.28 -1.82 -4.04
C ASP E 485 -19.66 -3.10 -4.80
N THR E 486 -19.61 -4.26 -4.14
CA THR E 486 -20.01 -5.50 -4.79
C THR E 486 -21.49 -5.48 -5.15
N ILE E 487 -22.33 -4.98 -4.25
CA ILE E 487 -23.77 -5.00 -4.46
C ILE E 487 -24.24 -3.80 -5.29
N LEU E 488 -23.63 -2.63 -5.09
CA LEU E 488 -24.00 -1.46 -5.87
C LEU E 488 -23.56 -1.56 -7.33
N SER E 489 -22.67 -2.49 -7.67
CA SER E 489 -22.23 -2.65 -9.05
C SER E 489 -23.22 -3.43 -9.90
N GLN E 490 -24.20 -4.08 -9.28
CA GLN E 490 -25.22 -4.82 -10.01
C GLN E 490 -26.45 -3.97 -10.32
N CYS E 491 -26.44 -2.69 -9.98
CA CYS E 491 -27.59 -1.83 -10.17
C CYS E 491 -27.62 -1.28 -11.58
N ASN E 492 -28.78 -1.35 -12.23
CA ASN E 492 -28.96 -0.84 -13.58
C ASN E 492 -29.77 0.45 -13.65
N ASN E 493 -30.65 0.69 -12.69
CA ASN E 493 -31.48 1.89 -12.66
C ASN E 493 -31.18 2.71 -11.42
N PHE E 494 -30.96 4.00 -11.61
CA PHE E 494 -30.58 4.91 -10.55
C PHE E 494 -31.57 6.07 -10.47
N ILE E 495 -32.07 6.32 -9.25
CA ILE E 495 -32.89 7.49 -8.95
C ILE E 495 -32.12 8.32 -7.93
N ASN E 496 -31.72 9.53 -8.34
CA ASN E 496 -30.85 10.39 -7.55
C ASN E 496 -31.61 11.63 -7.09
N LEU E 497 -31.59 11.87 -5.79
CA LEU E 497 -32.12 13.08 -5.19
C LEU E 497 -30.96 14.01 -4.85
N ARG E 498 -31.26 15.09 -4.12
CA ARG E 498 -30.25 16.08 -3.80
C ARG E 498 -29.11 15.48 -2.98
N LEU E 499 -27.88 15.78 -3.39
CA LEU E 499 -26.68 15.39 -2.66
C LEU E 499 -25.77 16.61 -2.50
N THR E 500 -25.15 16.74 -1.33
CA THR E 500 -24.31 17.89 -1.02
C THR E 500 -22.89 17.51 -0.62
N ASN E 501 -22.54 16.23 -0.65
CA ASN E 501 -21.19 15.78 -0.30
C ASN E 501 -20.39 15.49 -1.57
N ILE E 502 -19.14 15.93 -1.57
CA ILE E 502 -18.30 15.77 -2.76
C ILE E 502 -18.00 14.30 -3.03
N ASN E 503 -17.72 13.53 -1.98
CA ASN E 503 -17.39 12.12 -2.17
C ASN E 503 -18.56 11.35 -2.78
N ASP E 504 -19.77 11.60 -2.29
CA ASP E 504 -20.94 10.93 -2.84
C ASP E 504 -21.16 11.30 -4.30
N GLN E 505 -21.00 12.58 -4.64
CA GLN E 505 -21.15 13.01 -6.02
C GLN E 505 -20.11 12.35 -6.92
N ASN E 506 -18.86 12.24 -6.45
CA ASN E 506 -17.82 11.60 -7.25
C ASN E 506 -18.11 10.13 -7.46
N TYR E 507 -18.55 9.43 -6.40
CA TYR E 507 -18.89 8.02 -6.54
C TYR E 507 -20.04 7.81 -7.51
N ILE E 508 -21.07 8.65 -7.42
CA ILE E 508 -22.21 8.55 -8.32
C ILE E 508 -21.78 8.82 -9.77
N LYS E 509 -20.93 9.84 -9.96
CA LYS E 509 -20.44 10.14 -11.30
C LYS E 509 -19.67 8.96 -11.87
N ASN E 510 -18.82 8.33 -11.06
CA ASN E 510 -18.09 7.15 -11.52
C ASN E 510 -19.05 6.01 -11.89
N LEU E 511 -20.12 5.85 -11.11
CA LEU E 511 -21.09 4.81 -11.43
C LEU E 511 -21.99 5.16 -12.61
N LEU E 512 -22.29 6.43 -12.81
CA LEU E 512 -23.20 6.88 -13.85
C LEU E 512 -22.49 7.08 -15.18
N PRO E 513 -23.23 7.03 -16.29
CA PRO E 513 -22.61 7.28 -17.60
C PRO E 513 -22.11 8.71 -17.75
N ASP E 514 -21.26 8.90 -18.77
CA ASP E 514 -20.64 10.21 -18.99
C ASP E 514 -21.67 11.28 -19.32
N ASN E 515 -22.67 10.93 -20.13
CA ASN E 515 -23.70 11.91 -20.49
C ASN E 515 -24.46 12.37 -19.25
N SER E 516 -24.74 11.44 -18.33
CA SER E 516 -25.35 11.83 -17.06
C SER E 516 -24.38 12.63 -16.19
N ARG E 517 -23.08 12.33 -16.27
CA ARG E 517 -22.10 13.13 -15.54
C ARG E 517 -22.09 14.57 -16.03
N SER E 518 -22.30 14.78 -17.33
CA SER E 518 -22.36 16.14 -17.86
C SER E 518 -23.52 16.93 -17.24
N ILE E 519 -24.67 16.26 -17.04
CA ILE E 519 -25.83 16.91 -16.42
C ILE E 519 -25.88 16.71 -14.92
N SER E 520 -24.91 15.98 -14.34
CA SER E 520 -24.92 15.70 -12.91
C SER E 520 -24.68 16.95 -12.06
N GLU E 521 -24.24 18.05 -12.66
CA GLU E 521 -23.93 19.26 -11.93
C GLU E 521 -25.19 19.88 -11.32
N ILE E 522 -26.36 19.34 -11.67
CA ILE E 522 -27.61 19.81 -11.10
C ILE E 522 -27.97 19.10 -9.81
N LEU E 523 -27.19 18.08 -9.40
CA LEU E 523 -27.49 17.40 -8.14
C LEU E 523 -27.49 18.32 -6.93
N PRO E 524 -26.49 19.18 -6.71
CA PRO E 524 -26.55 20.07 -5.54
C PRO E 524 -27.68 21.09 -5.60
N THR E 525 -28.23 21.37 -6.78
CA THR E 525 -29.26 22.39 -6.94
C THR E 525 -30.65 21.82 -7.10
N LEU E 526 -30.82 20.50 -6.97
CA LEU E 526 -32.13 19.89 -7.09
C LEU E 526 -33.03 20.31 -5.94
N GLY E 527 -34.29 20.61 -6.25
CA GLY E 527 -35.25 21.05 -5.28
C GLY E 527 -35.99 19.90 -4.61
N ALA E 528 -37.17 20.21 -4.09
CA ALA E 528 -38.00 19.23 -3.38
C ALA E 528 -38.98 18.61 -4.37
N GLY E 529 -38.99 17.28 -4.43
CA GLY E 529 -39.88 16.55 -5.31
C GLY E 529 -39.34 16.29 -6.69
N GLU E 530 -38.11 16.69 -6.99
CA GLU E 530 -37.51 16.49 -8.30
C GLU E 530 -36.36 15.51 -8.18
N CYS E 531 -36.29 14.56 -9.10
CA CYS E 531 -35.28 13.51 -9.07
C CYS E 531 -34.69 13.32 -10.46
N LEU E 532 -33.42 12.91 -10.49
CA LEU E 532 -32.76 12.57 -11.74
C LEU E 532 -32.86 11.06 -11.96
N VAL E 533 -33.35 10.67 -13.12
CA VAL E 533 -33.61 9.28 -13.47
C VAL E 533 -32.62 8.89 -14.56
N VAL E 534 -31.85 7.82 -14.30
CA VAL E 534 -30.89 7.28 -15.25
C VAL E 534 -31.04 5.77 -15.29
N GLY E 535 -30.93 5.20 -16.48
CA GLY E 535 -30.98 3.75 -16.61
C GLY E 535 -31.34 3.33 -18.02
N ASP E 536 -31.51 2.02 -18.17
CA ASP E 536 -31.85 1.45 -19.48
C ASP E 536 -33.31 1.64 -19.83
N SER E 537 -34.21 1.64 -18.83
CA SER E 537 -35.64 1.74 -19.09
C SER E 537 -36.03 3.08 -19.67
N THR E 538 -35.21 4.11 -19.52
CA THR E 538 -35.54 5.41 -20.06
C THR E 538 -34.73 5.67 -21.33
N PRO E 539 -35.33 6.33 -22.34
CA PRO E 539 -34.55 6.64 -23.55
C PRO E 539 -33.50 7.71 -23.30
N ILE E 540 -33.80 8.71 -22.47
CA ILE E 540 -32.85 9.76 -22.13
C ILE E 540 -32.84 9.93 -20.62
N PRO E 541 -31.67 10.08 -19.99
CA PRO E 541 -31.66 10.49 -18.57
C PRO E 541 -32.39 11.81 -18.40
N SER E 542 -33.20 11.90 -17.36
CA SER E 542 -34.12 13.04 -17.28
C SER E 542 -34.29 13.51 -15.84
N ILE E 543 -34.99 14.63 -15.70
CA ILE E 543 -35.37 15.20 -14.42
C ILE E 543 -36.89 15.15 -14.32
N VAL E 544 -37.40 14.50 -13.28
CA VAL E 544 -38.83 14.24 -13.16
C VAL E 544 -39.32 14.78 -11.83
N LYS E 545 -40.47 15.45 -11.85
CA LYS E 545 -41.13 15.92 -10.65
C LYS E 545 -42.27 14.97 -10.29
N LEU E 546 -42.29 14.52 -9.05
CA LEU E 546 -43.25 13.55 -8.56
C LEU E 546 -44.33 14.24 -7.72
N GLU E 547 -45.35 13.48 -7.37
CA GLU E 547 -46.46 13.97 -6.57
C GLU E 547 -46.52 13.22 -5.24
N LEU E 548 -47.03 13.92 -4.22
CA LEU E 548 -47.06 13.35 -2.88
C LEU E 548 -48.03 12.18 -2.81
N PRO E 549 -47.71 11.13 -2.04
CA PRO E 549 -48.63 10.00 -1.90
C PRO E 549 -49.77 10.32 -0.95
N ASN E 550 -50.71 9.38 -0.88
CA ASN E 550 -51.88 9.50 -0.02
C ASN E 550 -52.38 8.11 0.35
N PRO E 551 -52.23 7.66 1.60
CA PRO E 551 -51.68 8.37 2.78
C PRO E 551 -50.17 8.56 2.73
N GLU E 552 -49.62 9.33 3.67
CA GLU E 552 -48.20 9.65 3.71
C GLU E 552 -47.52 8.96 4.88
N PRO E 553 -46.29 8.50 4.71
CA PRO E 553 -45.56 7.90 5.84
C PRO E 553 -45.20 8.93 6.90
N ARG E 554 -45.10 8.46 8.14
CA ARG E 554 -44.81 9.34 9.26
C ARG E 554 -44.13 8.54 10.37
N SER E 555 -43.21 9.18 11.08
CA SER E 555 -42.48 8.56 12.16
C SER E 555 -43.06 8.99 13.51
N GLN E 556 -42.42 8.57 14.59
CA GLN E 556 -42.88 8.86 15.95
C GLN E 556 -41.70 9.32 16.80
N SER E 557 -41.51 10.63 16.89
CA SER E 557 -40.54 11.23 17.80
C SER E 557 -41.26 11.67 19.08
N ILE E 558 -40.51 12.26 20.00
CA ILE E 558 -41.08 12.71 21.27
C ILE E 558 -40.98 14.21 21.47
N LYS E 559 -40.39 14.96 20.52
CA LYS E 559 -40.44 16.42 20.51
C LYS E 559 -39.85 17.01 21.79
N PHE E 560 -38.52 16.87 21.90
CA PHE E 560 -37.80 17.32 23.09
C PHE E 560 -38.16 18.75 23.46
N HIS E 561 -38.11 19.67 22.50
CA HIS E 561 -38.37 21.08 22.79
C HIS E 561 -39.82 21.30 23.23
N LYS E 562 -40.77 20.64 22.57
CA LYS E 562 -42.18 20.83 22.94
C LYS E 562 -42.45 20.32 24.35
N LYS E 563 -41.87 19.17 24.71
CA LYS E 563 -42.06 18.65 26.06
C LYS E 563 -41.33 19.49 27.10
N TRP E 564 -40.19 20.10 26.73
CA TRP E 564 -39.44 20.91 27.66
C TRP E 564 -40.11 22.24 27.99
N SER E 565 -41.17 22.60 27.27
CA SER E 565 -41.90 23.84 27.52
C SER E 565 -43.10 23.64 28.44
N GLU E 566 -43.31 22.43 28.95
CA GLU E 566 -44.43 22.17 29.84
C GLU E 566 -44.00 22.32 31.30
N SER E 567 -44.91 22.04 32.22
CA SER E 567 -44.64 22.15 33.63
C SER E 567 -43.90 20.92 34.13
N TRP E 568 -43.41 21.00 35.37
CA TRP E 568 -42.62 19.93 35.95
C TRP E 568 -43.50 18.71 36.18
N ARG E 569 -43.00 17.53 35.79
CA ARG E 569 -43.71 16.28 35.93
C ARG E 569 -42.89 15.30 36.75
N THR E 570 -43.55 14.59 37.64
CA THR E 570 -42.89 13.64 38.54
C THR E 570 -43.26 12.22 38.17
N PRO E 571 -42.35 11.43 37.60
CA PRO E 571 -42.66 10.03 37.31
C PRO E 571 -42.83 9.23 38.60
N SER E 572 -43.62 8.16 38.50
CA SER E 572 -43.85 7.26 39.62
C SER E 572 -42.70 6.27 39.68
N PHE E 573 -41.78 6.46 40.62
CA PHE E 573 -40.61 5.60 40.70
C PHE E 573 -40.94 4.23 41.28
N GLU E 574 -41.99 4.14 42.11
CA GLU E 574 -42.32 2.87 42.74
C GLU E 574 -42.70 1.82 41.70
N GLU E 575 -43.43 2.21 40.66
CA GLU E 575 -43.81 1.28 39.63
C GLU E 575 -42.66 0.92 38.71
N VAL E 576 -41.78 1.89 38.39
CA VAL E 576 -40.72 1.64 37.44
C VAL E 576 -39.53 0.90 38.05
N ILE E 577 -39.33 1.00 39.37
CA ILE E 577 -38.29 0.19 39.99
C ILE E 577 -38.66 -1.28 40.02
N MET E 578 -39.95 -1.59 39.82
CA MET E 578 -40.36 -2.96 39.56
C MET E 578 -40.15 -3.27 38.08
N ARG E 579 -40.46 -4.51 37.71
CA ARG E 579 -40.31 -5.05 36.35
C ARG E 579 -38.83 -5.24 36.03
N TRP E 580 -37.94 -4.75 36.90
CA TRP E 580 -36.56 -5.18 36.83
C TRP E 580 -36.42 -6.62 37.27
N ARG E 581 -37.20 -7.01 38.27
CA ARG E 581 -37.33 -8.40 38.72
C ARG E 581 -38.80 -8.77 38.53
N LYS E 582 -39.09 -9.54 37.48
CA LYS E 582 -40.47 -9.82 37.13
C LYS E 582 -41.18 -10.59 38.24
N GLU E 583 -40.59 -11.71 38.67
CA GLU E 583 -41.11 -12.45 39.81
C GLU E 583 -40.11 -12.49 40.96
N ASN E 584 -38.90 -12.99 40.73
CA ASN E 584 -37.86 -13.02 41.76
C ASN E 584 -36.49 -12.71 41.17
N GLY E 585 -36.45 -11.94 40.09
CA GLY E 585 -35.19 -11.61 39.44
C GLY E 585 -35.34 -11.25 37.98
N MET F 1 -34.48 46.47 -14.53
CA MET F 1 -35.27 47.69 -14.45
C MET F 1 -34.79 48.58 -13.30
N LYS F 2 -34.83 48.03 -12.09
CA LYS F 2 -34.43 48.80 -10.92
C LYS F 2 -32.93 49.11 -10.95
N ILE F 3 -32.10 48.09 -11.19
CA ILE F 3 -30.65 48.30 -11.19
C ILE F 3 -29.97 47.77 -12.45
N GLY F 4 -30.54 46.81 -13.18
CA GLY F 4 -29.87 46.29 -14.35
C GLY F 4 -30.56 45.06 -14.88
N SER F 5 -29.91 44.44 -15.88
CA SER F 5 -30.46 43.29 -16.57
C SER F 5 -29.37 42.23 -16.73
N VAL F 6 -29.81 40.97 -16.87
CA VAL F 6 -28.89 39.86 -17.00
C VAL F 6 -28.21 39.90 -18.37
N ILE F 7 -26.91 39.63 -18.39
CA ILE F 7 -26.14 39.65 -19.63
C ILE F 7 -25.55 38.29 -20.00
N GLU F 8 -25.52 37.33 -19.09
CA GLU F 8 -25.02 36.01 -19.45
C GLU F 8 -25.54 34.97 -18.45
N SER F 9 -26.01 33.84 -18.98
CA SER F 9 -26.49 32.73 -18.17
C SER F 9 -25.69 31.48 -18.48
N SER F 10 -25.30 30.77 -17.41
CA SER F 10 -24.48 29.58 -17.52
C SER F 10 -24.84 28.64 -16.38
N PRO F 11 -24.54 27.35 -16.51
CA PRO F 11 -24.86 26.42 -15.42
C PRO F 11 -24.15 26.72 -14.11
N HIS F 12 -23.04 27.44 -14.13
CA HIS F 12 -22.25 27.68 -12.92
C HIS F 12 -22.52 29.04 -12.28
N SER F 13 -22.60 30.10 -13.08
CA SER F 13 -22.77 31.45 -12.55
C SER F 13 -23.56 32.31 -13.53
N ILE F 14 -24.12 33.40 -13.02
CA ILE F 14 -24.88 34.36 -13.81
C ILE F 14 -24.12 35.68 -13.82
N LEU F 15 -24.05 36.30 -14.99
CA LEU F 15 -23.29 37.53 -15.18
C LEU F 15 -24.25 38.66 -15.51
N VAL F 16 -24.19 39.73 -14.72
CA VAL F 16 -25.16 40.83 -14.77
C VAL F 16 -24.45 42.13 -15.12
N LYS F 17 -25.16 43.00 -15.82
CA LYS F 17 -24.62 44.29 -16.25
C LYS F 17 -25.42 45.43 -15.61
N ILE F 18 -24.71 46.43 -15.10
CA ILE F 18 -25.32 47.60 -14.50
C ILE F 18 -25.01 48.82 -15.37
N ASP F 19 -25.83 49.85 -15.21
CA ASP F 19 -25.66 51.09 -15.97
C ASP F 19 -24.43 51.83 -15.46
N THR F 20 -24.17 53.01 -16.04
CA THR F 20 -22.97 53.78 -15.74
C THR F 20 -23.30 54.95 -14.81
N LEU F 21 -22.49 55.10 -13.76
CA LEU F 21 -22.58 56.19 -12.79
C LEU F 21 -24.02 56.28 -12.26
N LYS F 22 -24.42 57.49 -11.87
CA LYS F 22 -25.77 57.80 -11.39
C LYS F 22 -26.32 56.73 -10.47
N ILE F 23 -26.93 55.70 -11.04
CA ILE F 23 -27.56 54.64 -10.25
C ILE F 23 -26.56 54.03 -9.30
N PHE F 24 -25.35 53.74 -9.79
CA PHE F 24 -24.31 53.18 -8.94
C PHE F 24 -24.01 54.13 -7.77
N GLU F 25 -23.89 55.43 -8.07
CA GLU F 25 -23.62 56.40 -7.02
C GLU F 25 -24.75 56.49 -6.01
N LYS F 26 -25.94 56.01 -6.36
CA LYS F 26 -27.05 55.96 -5.42
C LYS F 26 -27.27 54.57 -4.83
N ALA F 27 -26.59 53.55 -5.35
CA ALA F 27 -26.77 52.18 -4.87
C ALA F 27 -25.45 51.52 -4.48
N LYS F 28 -24.39 52.29 -4.30
CA LYS F 28 -23.10 51.71 -3.94
C LYS F 28 -23.13 51.10 -2.54
N SER F 29 -24.03 51.59 -1.67
CA SER F 29 -24.10 51.06 -0.31
C SER F 29 -24.54 49.60 -0.29
N ALA F 30 -25.53 49.26 -1.13
CA ALA F 30 -26.10 47.91 -1.12
C ALA F 30 -25.42 46.95 -2.08
N LEU F 31 -24.50 47.44 -2.92
CA LEU F 31 -23.80 46.58 -3.87
C LEU F 31 -22.41 46.28 -3.33
N GLN F 32 -22.35 45.29 -2.45
CA GLN F 32 -21.10 44.81 -1.87
C GLN F 32 -21.08 43.30 -1.90
N ILE F 33 -19.90 42.74 -1.67
CA ILE F 33 -19.71 41.28 -1.68
C ILE F 33 -20.34 40.70 -0.42
N GLY F 34 -21.17 39.67 -0.59
CA GLY F 34 -21.81 39.01 0.52
C GLY F 34 -23.26 39.40 0.76
N LYS F 35 -23.80 40.34 -0.01
CA LYS F 35 -25.19 40.75 0.13
C LYS F 35 -26.06 39.95 -0.84
N TYR F 36 -27.35 40.32 -0.93
CA TYR F 36 -28.33 39.52 -1.66
C TYR F 36 -29.07 40.39 -2.66
N LEU F 37 -29.58 39.73 -3.71
CA LEU F 37 -30.44 40.38 -4.69
C LEU F 37 -31.42 39.34 -5.21
N LYS F 38 -32.44 39.80 -5.95
CA LYS F 38 -33.45 38.92 -6.49
C LYS F 38 -33.69 39.23 -7.97
N ILE F 39 -34.01 38.17 -8.72
CA ILE F 39 -34.22 38.25 -10.15
C ILE F 39 -35.62 37.70 -10.46
N GLN F 40 -36.30 38.35 -11.41
CA GLN F 40 -37.67 38.02 -11.77
C GLN F 40 -37.65 36.92 -12.83
N GLU F 41 -37.65 35.68 -12.37
CA GLU F 41 -37.67 34.52 -13.26
C GLU F 41 -39.11 34.11 -13.53
N GLY F 42 -39.45 33.92 -14.80
CA GLY F 42 -40.79 33.55 -15.18
C GLY F 42 -41.78 34.70 -15.08
N ASN F 43 -42.99 34.42 -14.59
CA ASN F 43 -44.01 35.44 -14.48
C ASN F 43 -43.99 36.12 -13.12
N HIS F 44 -44.12 35.35 -12.04
CA HIS F 44 -44.15 35.90 -10.68
C HIS F 44 -43.15 35.27 -9.74
N ASN F 45 -42.52 34.15 -10.11
CA ASN F 45 -41.51 33.54 -9.24
C ASN F 45 -40.29 34.45 -9.14
N PHE F 46 -39.57 34.33 -8.02
CA PHE F 46 -38.39 35.15 -7.82
C PHE F 46 -37.22 34.26 -7.39
N VAL F 47 -36.02 34.60 -7.83
CA VAL F 47 -34.82 33.81 -7.56
C VAL F 47 -33.84 34.66 -6.78
N LEU F 48 -33.31 34.11 -5.68
CA LEU F 48 -32.39 34.83 -4.81
C LEU F 48 -30.95 34.50 -5.18
N CYS F 49 -30.10 35.53 -5.22
CA CYS F 49 -28.71 35.39 -5.62
C CYS F 49 -27.82 36.22 -4.71
N VAL F 50 -26.54 35.86 -4.67
CA VAL F 50 -25.53 36.50 -3.84
C VAL F 50 -24.41 37.03 -4.73
N ILE F 51 -23.93 38.23 -4.42
CA ILE F 51 -22.88 38.87 -5.20
C ILE F 51 -21.53 38.26 -4.84
N GLN F 52 -20.67 38.09 -5.85
CA GLN F 52 -19.35 37.50 -5.66
C GLN F 52 -18.21 38.28 -6.30
N ASN F 53 -18.46 39.13 -7.29
CA ASN F 53 -17.39 39.86 -7.96
C ASN F 53 -17.96 41.08 -8.65
N ILE F 54 -17.26 42.20 -8.52
CA ILE F 54 -17.61 43.47 -9.15
C ILE F 54 -16.41 43.94 -9.97
N LYS F 55 -16.65 44.36 -11.20
CA LYS F 55 -15.57 44.79 -12.08
C LYS F 55 -16.04 45.97 -12.93
N ILE F 56 -15.06 46.70 -13.45
CA ILE F 56 -15.29 47.87 -14.30
C ILE F 56 -14.59 47.63 -15.64
N SER F 57 -15.28 47.95 -16.72
CA SER F 57 -14.76 47.76 -18.07
C SER F 57 -14.86 49.06 -18.84
N THR F 58 -13.77 49.46 -19.49
CA THR F 58 -13.72 50.68 -20.28
C THR F 58 -13.73 50.28 -21.75
N ASP F 59 -14.91 50.36 -22.36
CA ASP F 59 -15.09 50.01 -23.77
C ASP F 59 -15.73 51.18 -24.51
N LYS F 60 -15.17 51.51 -25.67
CA LYS F 60 -15.66 52.62 -26.50
C LYS F 60 -15.71 53.92 -25.70
N ASP F 61 -14.69 54.13 -24.88
CA ASP F 61 -14.57 55.32 -24.02
C ASP F 61 -15.77 55.45 -23.08
N GLU F 62 -16.36 54.33 -22.69
CA GLU F 62 -17.49 54.30 -21.77
C GLU F 62 -17.21 53.26 -20.68
N ASP F 63 -17.60 53.58 -19.46
CA ASP F 63 -17.39 52.71 -18.32
C ASP F 63 -18.65 51.89 -18.04
N ILE F 64 -18.46 50.60 -17.81
CA ILE F 64 -19.56 49.66 -17.56
C ILE F 64 -19.22 48.85 -16.32
N PHE F 65 -20.18 48.76 -15.41
CA PHE F 65 -20.03 48.01 -14.17
C PHE F 65 -20.68 46.64 -14.32
N ILE F 66 -19.92 45.59 -14.04
CA ILE F 66 -20.35 44.22 -14.28
C ILE F 66 -20.25 43.44 -12.97
N LEU F 67 -21.24 42.57 -12.73
CA LEU F 67 -21.35 41.83 -11.49
C LEU F 67 -21.49 40.34 -11.78
N THR F 68 -21.03 39.52 -10.84
CA THR F 68 -21.16 38.07 -10.92
C THR F 68 -21.99 37.58 -9.74
N VAL F 69 -23.02 36.78 -10.02
CA VAL F 69 -23.94 36.31 -9.00
C VAL F 69 -24.13 34.80 -9.11
N GLN F 70 -24.44 34.18 -7.97
CA GLN F 70 -24.68 32.75 -7.87
C GLN F 70 -25.97 32.53 -7.09
N PRO F 71 -26.93 31.79 -7.63
CA PRO F 71 -28.24 31.66 -6.97
C PRO F 71 -28.20 30.76 -5.75
N VAL F 72 -29.16 30.99 -4.86
CA VAL F 72 -29.30 30.19 -3.65
C VAL F 72 -30.65 29.52 -3.51
N GLY F 73 -31.70 30.01 -4.18
CA GLY F 73 -33.00 29.40 -4.08
C GLY F 73 -34.04 30.20 -4.84
N ILE F 74 -35.27 29.68 -4.82
CA ILE F 74 -36.41 30.31 -5.48
C ILE F 74 -37.54 30.43 -4.47
N PHE F 75 -38.21 31.58 -4.48
CA PHE F 75 -39.37 31.79 -3.63
C PHE F 75 -40.53 32.33 -4.45
N LYS F 76 -41.73 31.88 -4.08
CA LYS F 76 -42.98 32.22 -4.76
C LYS F 76 -43.97 32.75 -3.72
N GLY F 77 -44.48 33.95 -3.97
CA GLY F 77 -45.45 34.52 -3.04
C GLY F 77 -44.81 35.10 -1.79
N GLU F 78 -45.03 34.45 -0.66
CA GLU F 78 -44.53 34.95 0.64
C GLU F 78 -43.91 33.83 1.45
N GLU F 79 -43.18 32.94 0.79
CA GLU F 79 -42.48 31.85 1.49
C GLU F 79 -41.30 31.39 0.64
N PHE F 80 -40.34 30.77 1.32
CA PHE F 80 -39.04 30.45 0.73
C PHE F 80 -38.86 28.93 0.66
N PHE F 81 -38.38 28.45 -0.48
CA PHE F 81 -38.02 27.05 -0.67
C PHE F 81 -36.60 26.95 -1.20
N GLN F 82 -35.91 25.89 -0.81
CA GLN F 82 -34.55 25.66 -1.26
C GLN F 82 -34.53 25.12 -2.69
N GLY F 83 -33.46 25.43 -3.42
CA GLY F 83 -33.27 24.91 -4.76
C GLY F 83 -34.13 25.59 -5.80
N ASN F 84 -33.58 25.78 -7.00
CA ASN F 84 -34.29 26.43 -8.09
C ASN F 84 -34.52 25.54 -9.29
N SER F 85 -33.48 24.88 -9.79
CA SER F 85 -33.53 23.99 -10.95
C SER F 85 -33.93 24.72 -12.23
N MET F 86 -34.11 26.04 -12.15
CA MET F 86 -34.40 26.90 -13.29
C MET F 86 -33.46 28.10 -13.24
N LEU F 87 -33.07 28.59 -14.41
CA LEU F 87 -32.12 29.69 -14.47
C LEU F 87 -32.66 30.82 -15.34
N PRO F 88 -32.39 32.06 -14.96
CA PRO F 88 -32.85 33.20 -15.78
C PRO F 88 -32.14 33.27 -17.11
N SER F 89 -32.80 33.91 -18.06
CA SER F 89 -32.29 34.12 -19.40
C SER F 89 -31.81 35.56 -19.56
N PRO F 90 -31.03 35.85 -20.60
CA PRO F 90 -30.59 37.24 -20.83
C PRO F 90 -31.77 38.18 -21.01
N THR F 91 -31.49 39.48 -20.84
CA THR F 91 -32.49 40.55 -20.89
C THR F 91 -33.59 40.30 -19.86
N GLU F 92 -33.19 40.34 -18.58
CA GLU F 92 -34.08 40.01 -17.48
C GLU F 92 -33.75 40.85 -16.26
N PRO F 93 -34.72 41.56 -15.69
CA PRO F 93 -34.40 42.59 -14.69
C PRO F 93 -34.00 42.03 -13.33
N VAL F 94 -33.36 42.90 -12.55
CA VAL F 94 -32.98 42.64 -11.15
C VAL F 94 -33.55 43.77 -10.30
N PHE F 95 -33.96 43.44 -9.08
CA PHE F 95 -34.77 44.38 -8.30
C PHE F 95 -34.29 44.52 -6.85
N LEU F 96 -33.02 44.31 -6.59
CA LEU F 96 -32.43 44.49 -5.26
C LEU F 96 -33.19 43.64 -4.23
N VAL F 97 -33.21 44.07 -2.97
CA VAL F 97 -33.85 43.31 -1.91
C VAL F 97 -34.11 44.26 -0.74
N GLU F 98 -35.07 43.90 0.11
CA GLU F 98 -35.46 44.68 1.28
C GLU F 98 -35.11 43.91 2.55
N ASP F 99 -34.92 44.65 3.64
CA ASP F 99 -34.50 44.03 4.89
C ASP F 99 -35.60 43.22 5.57
N ASP F 100 -36.87 43.49 5.26
CA ASP F 100 -37.96 42.78 5.92
C ASP F 100 -38.03 41.32 5.49
N ILE F 101 -37.79 41.05 4.19
CA ILE F 101 -37.92 39.68 3.71
C ILE F 101 -36.85 38.79 4.31
N LEU F 102 -35.66 39.33 4.59
CA LEU F 102 -34.64 38.55 5.27
C LEU F 102 -35.10 38.15 6.67
N ASN F 103 -35.73 39.08 7.39
CA ASN F 103 -36.27 38.76 8.70
C ASN F 103 -37.36 37.69 8.61
N LYS F 104 -38.23 37.79 7.59
CA LYS F 104 -39.26 36.78 7.41
C LYS F 104 -38.65 35.41 7.14
N ILE F 105 -37.61 35.36 6.31
CA ILE F 105 -36.99 34.09 5.96
C ILE F 105 -36.30 33.47 7.17
N PHE F 106 -35.55 34.27 7.92
CA PHE F 106 -34.73 33.75 9.01
C PHE F 106 -35.45 33.66 10.35
N SER F 107 -36.73 34.01 10.40
CA SER F 107 -37.54 33.88 11.60
C SER F 107 -38.74 33.01 11.28
N ASN F 108 -38.70 31.75 11.74
CA ASN F 108 -39.77 30.82 11.45
C ASN F 108 -41.05 31.19 12.20
N GLU F 109 -42.18 30.80 11.62
CA GLU F 109 -43.48 31.03 12.25
C GLU F 109 -43.71 29.93 13.29
N LYS F 110 -43.61 30.30 14.57
CA LYS F 110 -43.70 29.37 15.68
C LYS F 110 -42.68 28.25 15.49
N THR F 111 -43.15 27.01 15.37
CA THR F 111 -42.29 25.83 15.15
C THR F 111 -41.14 25.76 16.15
N LYS F 112 -41.36 26.30 17.35
CA LYS F 112 -40.38 26.28 18.44
C LYS F 112 -39.06 26.91 17.99
N ILE F 113 -39.13 28.21 17.70
CA ILE F 113 -37.94 28.95 17.29
C ILE F 113 -36.95 29.03 18.45
N PHE F 114 -35.68 28.84 18.14
CA PHE F 114 -34.58 28.93 19.09
C PHE F 114 -33.61 29.99 18.59
N HIS F 115 -33.45 31.07 19.34
CA HIS F 115 -32.62 32.19 18.91
C HIS F 115 -31.15 31.86 19.11
N LEU F 116 -30.33 32.13 18.09
CA LEU F 116 -28.90 31.85 18.15
C LEU F 116 -28.03 33.10 18.13
N GLY F 117 -28.40 34.11 17.34
CA GLY F 117 -27.60 35.32 17.28
C GLY F 117 -28.03 36.18 16.11
N ASN F 118 -27.10 37.02 15.65
CA ASN F 118 -27.31 37.90 14.52
C ASN F 118 -26.29 37.61 13.43
N LEU F 119 -26.67 37.94 12.20
CA LEU F 119 -25.80 37.69 11.06
C LEU F 119 -24.54 38.56 11.13
N ALA F 120 -23.44 38.02 10.59
CA ALA F 120 -22.16 38.73 10.63
C ALA F 120 -22.14 39.89 9.63
N GLN F 121 -22.45 39.60 8.36
CA GLN F 121 -22.42 40.64 7.34
C GLN F 121 -23.60 41.59 7.42
N ASN F 122 -24.62 41.28 8.21
CA ASN F 122 -25.77 42.16 8.38
C ASN F 122 -26.28 41.98 9.81
N GLU F 123 -25.86 42.88 10.69
CA GLU F 123 -26.16 42.78 12.12
C GLU F 123 -27.59 43.24 12.45
N GLU F 124 -28.42 43.50 11.45
CA GLU F 124 -29.79 43.94 11.68
C GLU F 124 -30.81 42.82 11.52
N VAL F 125 -30.35 41.57 11.31
CA VAL F 125 -31.24 40.44 11.11
C VAL F 125 -30.92 39.38 12.16
N SER F 126 -31.95 38.88 12.83
CA SER F 126 -31.78 37.84 13.83
C SER F 126 -31.70 36.47 13.17
N PHE F 127 -31.20 35.49 13.93
CA PHE F 127 -31.02 34.14 13.45
C PHE F 127 -31.71 33.16 14.39
N THR F 128 -32.57 32.30 13.83
CA THR F 128 -33.34 31.34 14.60
C THR F 128 -33.22 29.96 13.97
N LEU F 129 -33.41 28.94 14.79
CA LEU F 129 -33.34 27.54 14.39
C LEU F 129 -34.61 26.82 14.85
N ASP F 130 -34.81 25.62 14.32
CA ASP F 130 -35.92 24.77 14.73
C ASP F 130 -35.49 23.93 15.93
N GLY F 131 -36.17 24.11 17.06
CA GLY F 131 -35.74 23.48 18.29
C GLY F 131 -35.90 21.96 18.28
N ASP F 132 -37.02 21.48 17.73
CA ASP F 132 -37.31 20.04 17.79
C ASP F 132 -36.27 19.24 17.01
N LYS F 133 -35.89 19.70 15.82
CA LYS F 133 -34.88 18.99 15.03
C LYS F 133 -33.51 19.07 15.69
N PHE F 134 -33.17 20.22 16.26
CA PHE F 134 -31.83 20.44 16.76
C PHE F 134 -31.55 19.61 18.01
N PHE F 135 -32.46 19.61 18.97
CA PHE F 135 -32.20 19.06 20.30
C PHE F 135 -32.55 17.58 20.41
N SER F 136 -32.60 16.86 19.29
CA SER F 136 -32.87 15.42 19.36
C SER F 136 -32.04 14.61 18.37
N LYS F 137 -30.95 15.15 17.83
CA LYS F 137 -30.19 14.47 16.79
C LYS F 137 -28.69 14.60 17.00
N HIS F 138 -28.24 14.40 18.25
CA HIS F 138 -26.83 14.12 18.55
C HIS F 138 -25.91 15.24 18.06
N VAL F 139 -26.04 16.40 18.71
CA VAL F 139 -25.32 17.60 18.27
C VAL F 139 -23.81 17.42 18.47
N ALA F 140 -23.02 18.02 17.57
CA ALA F 140 -21.57 17.98 17.66
C ALA F 140 -21.02 19.42 17.65
N VAL F 141 -20.11 19.70 18.57
CA VAL F 141 -19.47 21.01 18.70
C VAL F 141 -17.97 20.80 18.63
N VAL F 142 -17.31 21.48 17.67
CA VAL F 142 -15.87 21.37 17.49
C VAL F 142 -15.27 22.75 17.40
N GLY F 143 -14.12 22.93 18.01
CA GLY F 143 -13.41 24.19 18.00
C GLY F 143 -11.95 23.97 18.31
N SER F 144 -11.32 24.99 18.89
CA SER F 144 -9.91 24.92 19.26
C SER F 144 -9.73 25.48 20.65
N THR F 145 -8.54 25.27 21.21
CA THR F 145 -8.21 25.79 22.52
C THR F 145 -8.13 27.31 22.47
N GLY F 146 -8.90 27.98 23.33
CA GLY F 146 -8.99 29.42 23.31
C GLY F 146 -9.92 30.00 22.27
N SER F 147 -10.56 29.15 21.45
CA SER F 147 -11.48 29.64 20.44
C SER F 147 -12.81 30.11 21.03
N GLY F 148 -13.22 29.52 22.15
CA GLY F 148 -14.46 29.94 22.79
C GLY F 148 -15.52 28.87 22.86
N LYS F 149 -15.11 27.60 22.97
CA LYS F 149 -16.07 26.51 23.08
C LYS F 149 -16.92 26.65 24.34
N SER F 150 -16.26 26.95 25.47
CA SER F 150 -16.97 27.00 26.75
C SER F 150 -18.04 28.08 26.74
N CYS F 151 -17.73 29.25 26.19
CA CYS F 151 -18.71 30.33 26.16
C CYS F 151 -19.93 29.95 25.31
N ALA F 152 -19.69 29.32 24.15
CA ALA F 152 -20.80 28.94 23.28
C ALA F 152 -21.68 27.88 23.94
N VAL F 153 -21.06 26.85 24.52
CA VAL F 153 -21.84 25.81 25.19
C VAL F 153 -22.63 26.39 26.35
N ALA F 154 -21.99 27.27 27.14
CA ALA F 154 -22.68 27.89 28.27
C ALA F 154 -23.85 28.74 27.79
N LYS F 155 -23.67 29.51 26.71
CA LYS F 155 -24.76 30.33 26.21
C LYS F 155 -25.93 29.48 25.74
N ILE F 156 -25.65 28.39 25.01
CA ILE F 156 -26.72 27.52 24.54
C ILE F 156 -27.47 26.90 25.71
N LEU F 157 -26.73 26.37 26.69
CA LEU F 157 -27.38 25.75 27.84
C LEU F 157 -28.17 26.76 28.67
N GLN F 158 -27.66 28.00 28.78
CA GLN F 158 -28.36 29.02 29.55
C GLN F 158 -29.64 29.45 28.85
N ASN F 159 -29.62 29.55 27.52
CA ASN F 159 -30.86 29.81 26.80
C ASN F 159 -31.84 28.66 26.97
N VAL F 160 -31.34 27.42 27.00
CA VAL F 160 -32.22 26.27 27.17
C VAL F 160 -32.89 26.32 28.54
N VAL F 161 -32.11 26.49 29.61
CA VAL F 161 -32.67 26.45 30.96
C VAL F 161 -33.52 27.68 31.24
N GLY F 162 -33.10 28.85 30.76
CA GLY F 162 -33.88 30.05 30.99
C GLY F 162 -33.18 31.11 31.82
N ILE F 163 -31.86 31.19 31.73
CA ILE F 163 -31.08 32.19 32.45
C ILE F 163 -30.79 33.35 31.51
N ASN F 164 -31.13 34.56 31.95
CA ASN F 164 -30.92 35.77 31.15
C ASN F 164 -30.47 36.89 32.07
N ASP F 165 -29.23 37.36 31.86
CA ASP F 165 -28.65 38.45 32.65
C ASP F 165 -28.69 38.15 34.14
N ALA F 166 -28.27 36.93 34.49
CA ALA F 166 -28.25 36.45 35.88
C ALA F 166 -29.63 36.55 36.53
N ARG F 167 -30.67 36.27 35.74
CA ARG F 167 -32.04 36.29 36.23
C ARG F 167 -32.77 35.06 35.71
N ASN F 168 -33.80 34.65 36.45
CA ASN F 168 -34.61 33.49 36.10
C ASN F 168 -35.91 33.96 35.47
N ILE F 169 -36.19 33.48 34.26
CA ILE F 169 -37.40 33.87 33.54
C ILE F 169 -38.59 32.99 33.88
N ASN F 170 -38.41 31.96 34.69
CA ASN F 170 -39.48 31.04 35.09
C ASN F 170 -39.51 30.91 36.61
N LYS F 171 -39.44 32.06 37.30
CA LYS F 171 -39.46 32.05 38.76
C LYS F 171 -40.80 31.59 39.31
N SER F 172 -41.90 31.91 38.61
CA SER F 172 -43.22 31.55 39.10
C SER F 172 -43.47 30.05 39.00
N ASP F 173 -43.08 29.44 37.88
CA ASP F 173 -43.37 28.02 37.63
C ASP F 173 -42.10 27.32 37.17
N LYS F 174 -41.86 26.14 37.72
CA LYS F 174 -40.72 25.32 37.33
C LYS F 174 -41.02 24.60 36.02
N LYS F 175 -40.08 24.67 35.08
CA LYS F 175 -40.25 24.05 33.78
C LYS F 175 -39.70 22.62 33.79
N ASN F 176 -39.83 21.94 32.66
CA ASN F 176 -39.49 20.52 32.53
C ASN F 176 -38.25 20.38 31.66
N SER F 177 -37.07 20.45 32.30
CA SER F 177 -35.80 20.26 31.61
C SER F 177 -34.93 19.29 32.40
N HIS F 178 -34.09 18.56 31.68
CA HIS F 178 -33.24 17.54 32.28
C HIS F 178 -31.95 17.44 31.50
N ILE F 179 -30.84 17.80 32.13
CA ILE F 179 -29.51 17.76 31.51
C ILE F 179 -28.52 17.14 32.48
N ILE F 180 -27.69 16.23 31.99
CA ILE F 180 -26.59 15.64 32.73
C ILE F 180 -25.30 16.07 32.06
N ILE F 181 -24.31 16.52 32.82
CA ILE F 181 -23.04 17.01 32.30
C ILE F 181 -21.92 16.21 32.94
N PHE F 182 -20.97 15.77 32.11
CA PHE F 182 -19.75 15.15 32.59
C PHE F 182 -18.63 16.19 32.52
N ASP F 183 -17.98 16.44 33.65
CA ASP F 183 -16.93 17.45 33.74
C ASP F 183 -15.67 16.81 34.32
N ILE F 184 -14.57 16.90 33.59
CA ILE F 184 -13.30 16.33 34.02
C ILE F 184 -12.26 17.41 34.29
N HIS F 185 -12.67 18.69 34.29
CA HIS F 185 -11.76 19.78 34.61
C HIS F 185 -12.37 20.81 35.56
N SER F 186 -13.62 20.66 35.97
CA SER F 186 -14.29 21.57 36.89
C SER F 186 -14.29 23.00 36.33
N GLU F 187 -14.98 23.17 35.21
CA GLU F 187 -15.03 24.46 34.52
C GLU F 187 -16.45 24.88 34.17
N TYR F 188 -17.46 24.35 34.85
CA TYR F 188 -18.85 24.69 34.54
C TYR F 188 -19.71 24.96 35.77
N LYS F 189 -19.17 24.90 36.98
CA LYS F 189 -19.96 25.16 38.16
C LYS F 189 -20.41 26.62 38.23
N SER F 190 -19.54 27.55 37.85
CA SER F 190 -19.82 28.97 38.01
C SER F 190 -20.87 29.48 37.03
N ALA F 191 -21.05 28.81 35.89
CA ALA F 191 -21.99 29.30 34.89
C ALA F 191 -23.43 29.17 35.36
N PHE F 192 -23.74 28.13 36.14
CA PHE F 192 -25.10 27.86 36.57
C PHE F 192 -25.35 28.29 38.02
N GLU F 193 -24.45 29.05 38.62
CA GLU F 193 -24.60 29.53 39.98
C GLU F 193 -25.05 30.98 39.96
N ILE F 194 -26.18 31.26 40.61
CA ILE F 194 -26.74 32.59 40.68
C ILE F 194 -27.14 32.90 42.12
N ASP F 195 -27.76 34.05 42.34
CA ASP F 195 -28.17 34.45 43.68
C ASP F 195 -29.21 33.47 44.23
N LYS F 196 -29.16 33.28 45.56
CA LYS F 196 -30.05 32.33 46.22
C LYS F 196 -31.51 32.77 46.22
N ASN F 197 -31.80 34.01 45.85
CA ASN F 197 -33.16 34.52 45.81
C ASN F 197 -33.82 34.32 44.45
N GLU F 198 -33.12 33.72 43.48
CA GLU F 198 -33.66 33.51 42.15
C GLU F 198 -34.40 32.19 41.99
N ASP F 199 -34.44 31.37 43.04
CA ASP F 199 -35.16 30.09 43.03
C ASP F 199 -34.65 29.17 41.91
N PHE F 200 -33.36 28.84 42.00
CA PHE F 200 -32.74 27.93 41.04
C PHE F 200 -31.67 27.13 41.77
N ASN F 201 -31.72 25.81 41.63
CA ASN F 201 -30.84 24.92 42.36
C ASN F 201 -30.00 24.10 41.38
N LEU F 202 -28.77 23.78 41.79
CA LEU F 202 -27.84 22.99 41.00
C LEU F 202 -27.45 21.75 41.78
N ASN F 203 -27.48 20.60 41.11
CA ASN F 203 -27.16 19.32 41.74
C ASN F 203 -25.70 18.95 41.48
N TYR F 204 -24.81 19.70 42.14
CA TYR F 204 -23.39 19.41 42.07
C TYR F 204 -23.07 18.15 42.86
N LEU F 205 -22.37 17.21 42.24
CA LEU F 205 -22.08 15.91 42.85
C LEU F 205 -20.62 15.56 42.58
N ASP F 206 -19.75 15.87 43.52
CA ASP F 206 -18.37 15.39 43.45
C ASP F 206 -18.34 13.87 43.65
N VAL F 207 -17.44 13.21 42.92
CA VAL F 207 -17.42 11.76 42.89
C VAL F 207 -16.50 11.18 43.97
N GLU F 208 -15.82 12.03 44.73
CA GLU F 208 -15.04 11.56 45.88
C GLU F 208 -15.90 10.74 46.82
N LYS F 209 -17.18 11.11 46.97
CA LYS F 209 -18.16 10.31 47.70
C LYS F 209 -19.48 10.44 46.95
N LEU F 210 -19.77 9.48 46.08
CA LEU F 210 -20.93 9.55 45.19
C LEU F 210 -21.91 8.42 45.41
N LYS F 211 -21.63 7.51 46.34
CA LYS F 211 -22.55 6.44 46.76
C LYS F 211 -22.92 5.53 45.58
N LEU F 212 -21.90 4.81 45.09
CA LEU F 212 -22.08 3.77 44.09
C LEU F 212 -21.76 2.41 44.71
N PRO F 213 -22.76 1.62 45.10
CA PRO F 213 -22.49 0.29 45.66
C PRO F 213 -21.76 -0.60 44.66
N TYR F 214 -20.86 -1.42 45.18
CA TYR F 214 -20.06 -2.32 44.36
C TYR F 214 -20.74 -3.63 44.03
N TRP F 215 -21.87 -3.94 44.68
CA TRP F 215 -22.56 -5.19 44.40
C TRP F 215 -23.50 -5.12 43.21
N LEU F 216 -23.78 -3.93 42.69
CA LEU F 216 -24.58 -3.77 41.48
C LEU F 216 -23.66 -3.57 40.28
N MET F 217 -22.86 -4.61 40.02
CA MET F 217 -21.89 -4.60 38.93
C MET F 217 -21.90 -5.95 38.24
N ASN F 218 -21.34 -5.97 37.03
CA ASN F 218 -21.33 -7.16 36.20
C ASN F 218 -20.10 -8.02 36.50
N SER F 219 -19.96 -9.12 35.75
CA SER F 219 -18.85 -10.03 35.94
C SER F 219 -17.51 -9.38 35.57
N GLU F 220 -17.45 -8.78 34.37
CA GLU F 220 -16.20 -8.21 33.88
C GLU F 220 -15.74 -7.07 34.77
N GLU F 221 -16.67 -6.21 35.20
CA GLU F 221 -16.31 -5.10 36.06
C GLU F 221 -15.77 -5.59 37.40
N LEU F 222 -16.42 -6.59 38.00
CA LEU F 222 -15.94 -7.12 39.27
C LEU F 222 -14.56 -7.75 39.12
N GLU F 223 -14.34 -8.52 38.05
CA GLU F 223 -13.03 -9.12 37.85
C GLU F 223 -11.96 -8.06 37.61
N THR F 224 -12.27 -7.02 36.84
CA THR F 224 -11.31 -5.96 36.59
C THR F 224 -10.96 -5.21 37.87
N LEU F 225 -11.95 -4.97 38.73
CA LEU F 225 -11.71 -4.20 39.95
C LEU F 225 -10.79 -4.94 40.91
N PHE F 226 -10.96 -6.26 41.04
CA PHE F 226 -10.23 -7.04 42.04
C PHE F 226 -9.06 -7.80 41.44
N ILE F 227 -9.33 -8.66 40.45
CA ILE F 227 -8.31 -9.55 39.90
C ILE F 227 -7.62 -8.82 38.76
N GLU F 228 -6.40 -8.33 39.03
CA GLU F 228 -5.62 -7.63 38.02
C GLU F 228 -4.84 -8.63 37.17
N SER F 229 -4.04 -8.09 36.25
CA SER F 229 -3.26 -8.90 35.33
C SER F 229 -1.80 -9.07 35.77
N ASN F 230 -1.47 -8.67 37.01
CA ASN F 230 -0.11 -8.78 37.49
C ASN F 230 0.35 -10.23 37.61
N GLU F 231 -0.59 -11.15 37.85
CA GLU F 231 -0.28 -12.55 38.03
C GLU F 231 -1.07 -13.40 37.04
N GLN F 232 -0.49 -14.52 36.63
CA GLN F 232 -1.09 -15.41 35.65
C GLN F 232 -1.95 -16.50 36.29
N ASN F 233 -2.07 -16.52 37.61
CA ASN F 233 -2.90 -17.49 38.31
C ASN F 233 -4.34 -17.02 38.48
N SER F 234 -4.80 -16.12 37.62
CA SER F 234 -6.14 -15.54 37.77
C SER F 234 -7.25 -16.56 37.56
N HIS F 235 -6.97 -17.67 36.86
CA HIS F 235 -8.03 -18.64 36.59
C HIS F 235 -8.56 -19.26 37.87
N ASN F 236 -7.66 -19.78 38.72
CA ASN F 236 -8.09 -20.38 39.98
C ASN F 236 -8.70 -19.32 40.90
N GLN F 237 -8.12 -18.12 40.91
CA GLN F 237 -8.65 -17.05 41.73
C GLN F 237 -10.09 -16.73 41.38
N VAL F 238 -10.38 -16.55 40.09
CA VAL F 238 -11.75 -16.24 39.69
C VAL F 238 -12.66 -17.45 39.88
N SER F 239 -12.14 -18.66 39.70
CA SER F 239 -12.95 -19.86 39.90
C SER F 239 -13.44 -19.95 41.33
N GLN F 240 -12.57 -19.65 42.30
CA GLN F 240 -13.00 -19.66 43.69
C GLN F 240 -13.81 -18.43 44.06
N PHE F 241 -13.49 -17.28 43.47
CA PHE F 241 -14.20 -16.04 43.78
C PHE F 241 -15.66 -16.12 43.36
N LYS F 242 -15.93 -16.71 42.19
CA LYS F 242 -17.31 -16.87 41.73
C LYS F 242 -18.10 -17.70 42.73
N ARG F 243 -17.54 -18.83 43.17
CA ARG F 243 -18.25 -19.68 44.13
C ARG F 243 -18.49 -18.95 45.45
N ALA F 244 -17.48 -18.23 45.94
CA ALA F 244 -17.63 -17.51 47.21
C ALA F 244 -18.73 -16.46 47.12
N VAL F 245 -18.72 -15.65 46.07
CA VAL F 245 -19.71 -14.59 45.95
C VAL F 245 -21.10 -15.17 45.72
N VAL F 246 -21.20 -16.28 44.97
CA VAL F 246 -22.50 -16.91 44.77
C VAL F 246 -23.05 -17.43 46.08
N LEU F 247 -22.20 -18.06 46.89
CA LEU F 247 -22.66 -18.56 48.19
C LEU F 247 -23.10 -17.41 49.09
N ASN F 248 -22.34 -16.31 49.12
CA ASN F 248 -22.74 -15.18 49.95
C ASN F 248 -24.04 -14.56 49.46
N LYS F 249 -24.21 -14.45 48.14
CA LYS F 249 -25.44 -13.89 47.59
C LYS F 249 -26.65 -14.76 47.91
N GLU F 250 -26.48 -16.08 47.83
CA GLU F 250 -27.57 -16.98 48.20
C GLU F 250 -27.89 -16.87 49.68
N LYS F 251 -26.86 -16.77 50.53
CA LYS F 251 -27.10 -16.67 51.97
C LYS F 251 -27.84 -15.38 52.32
N TYR F 252 -27.41 -14.26 51.75
CA TYR F 252 -28.02 -12.97 52.10
C TYR F 252 -29.38 -12.79 51.44
N ASN F 253 -29.59 -13.32 50.24
CA ASN F 253 -30.84 -13.17 49.50
C ASN F 253 -31.34 -14.54 49.08
N PRO F 254 -31.97 -15.28 49.99
CA PRO F 254 -32.52 -16.59 49.63
C PRO F 254 -33.92 -16.57 49.03
N GLU F 255 -34.61 -15.43 49.09
CA GLU F 255 -35.97 -15.37 48.56
C GLU F 255 -35.99 -15.37 47.04
N PHE F 256 -34.95 -14.84 46.40
CA PHE F 256 -34.88 -14.79 44.94
C PHE F 256 -34.50 -16.16 44.39
N LYS F 257 -35.25 -16.62 43.39
CA LYS F 257 -34.99 -17.91 42.76
C LYS F 257 -34.00 -17.82 41.60
N LYS F 258 -33.59 -16.62 41.20
CA LYS F 258 -32.64 -16.42 40.12
C LYS F 258 -31.44 -15.66 40.69
N ILE F 259 -30.47 -16.41 41.21
CA ILE F 259 -29.24 -15.85 41.76
C ILE F 259 -28.07 -16.43 40.99
N THR F 260 -27.20 -15.56 40.49
CA THR F 260 -26.03 -15.99 39.72
C THR F 260 -24.91 -14.97 39.95
N TYR F 261 -23.81 -15.16 39.23
CA TYR F 261 -22.65 -14.29 39.38
C TYR F 261 -22.96 -12.85 38.94
N ASP F 262 -23.89 -12.67 38.00
CA ASP F 262 -24.22 -11.37 37.46
C ASP F 262 -25.45 -10.73 38.12
N SER F 263 -26.03 -11.38 39.11
CA SER F 263 -27.24 -10.84 39.74
C SER F 263 -26.88 -9.63 40.60
N PRO F 264 -27.53 -8.48 40.39
CA PRO F 264 -27.26 -7.28 41.20
C PRO F 264 -27.99 -7.30 42.54
N VAL F 265 -27.43 -8.03 43.50
CA VAL F 265 -28.02 -8.17 44.82
C VAL F 265 -26.95 -7.91 45.88
N TYR F 266 -27.41 -7.60 47.08
CA TYR F 266 -26.51 -7.27 48.19
C TYR F 266 -25.75 -8.51 48.67
N PHE F 267 -24.51 -8.30 49.09
CA PHE F 267 -23.69 -9.35 49.67
C PHE F 267 -22.56 -8.70 50.45
N ASN F 268 -21.72 -9.54 51.06
CA ASN F 268 -20.60 -9.08 51.86
C ASN F 268 -19.30 -9.62 51.26
N ILE F 269 -18.27 -8.77 51.24
CA ILE F 269 -17.00 -9.12 50.62
C ILE F 269 -15.95 -9.60 51.63
N ASN F 270 -16.09 -9.24 52.91
CA ASN F 270 -15.15 -9.71 53.91
C ASN F 270 -15.26 -11.21 54.12
N GLU F 271 -16.48 -11.75 54.02
CA GLU F 271 -16.65 -13.20 54.06
C GLU F 271 -15.95 -13.86 52.89
N VAL F 272 -16.02 -13.24 51.70
CA VAL F 272 -15.30 -13.75 50.54
C VAL F 272 -13.80 -13.72 50.80
N PHE F 273 -13.31 -12.65 51.44
CA PHE F 273 -11.89 -12.56 51.76
C PHE F 273 -11.46 -13.69 52.70
N ASN F 274 -12.26 -13.94 53.74
CA ASN F 274 -11.92 -15.02 54.66
C ASN F 274 -11.96 -16.38 53.97
N TYR F 275 -12.96 -16.60 53.12
CA TYR F 275 -13.03 -17.84 52.35
C TYR F 275 -11.81 -18.01 51.46
N ILE F 276 -11.40 -16.94 50.78
CA ILE F 276 -10.25 -17.00 49.88
C ILE F 276 -8.97 -17.28 50.67
N TYR F 277 -8.83 -16.68 51.85
CA TYR F 277 -7.66 -16.96 52.68
C TYR F 277 -7.63 -18.42 53.11
N ASN F 278 -8.79 -18.96 53.52
CA ASN F 278 -8.84 -20.36 53.92
C ASN F 278 -8.50 -21.28 52.75
N LEU F 279 -8.94 -20.93 51.54
CA LEU F 279 -8.53 -21.68 50.36
C LEU F 279 -7.03 -21.58 50.13
N ASN F 280 -6.47 -20.37 50.31
CA ASN F 280 -5.03 -20.19 50.13
C ASN F 280 -4.23 -21.04 51.09
N GLU F 281 -4.76 -21.30 52.29
CA GLU F 281 -4.12 -22.21 53.22
C GLU F 281 -4.68 -23.63 53.10
N GLU F 282 -5.71 -23.84 52.29
CA GLU F 282 -6.38 -25.13 52.22
C GLU F 282 -5.48 -26.21 51.62
N VAL F 283 -5.49 -27.38 52.25
CA VAL F 283 -4.80 -28.57 51.76
C VAL F 283 -5.78 -29.73 51.81
N ILE F 284 -5.93 -30.42 50.68
CA ILE F 284 -6.93 -31.49 50.58
C ILE F 284 -6.40 -32.73 51.27
N ASN F 285 -7.16 -33.22 52.26
CA ASN F 285 -6.74 -34.41 53.00
C ASN F 285 -6.81 -35.65 52.10
N LYS F 286 -5.83 -36.55 52.29
CA LYS F 286 -5.75 -37.77 51.50
C LYS F 286 -5.54 -39.01 52.38
N ILE F 287 -5.78 -38.89 53.68
CA ILE F 287 -5.59 -40.02 54.59
C ILE F 287 -6.62 -41.10 54.28
N GLU F 288 -6.16 -42.34 54.18
CA GLU F 288 -7.06 -43.45 53.91
C GLU F 288 -8.05 -43.63 55.06
N GLY F 289 -9.28 -43.99 54.72
CA GLY F 289 -10.33 -44.14 55.70
C GLY F 289 -11.06 -42.86 56.06
N GLU F 290 -10.73 -41.75 55.42
CA GLU F 290 -11.37 -40.47 55.67
C GLU F 290 -11.83 -39.85 54.37
N PRO F 291 -12.90 -39.07 54.40
CA PRO F 291 -13.37 -38.41 53.17
C PRO F 291 -12.32 -37.47 52.60
N SER F 292 -12.30 -37.37 51.27
CA SER F 292 -11.37 -36.49 50.57
C SER F 292 -11.89 -35.05 50.64
N LEU F 293 -11.75 -34.46 51.81
CA LEU F 293 -12.21 -33.13 52.13
C LEU F 293 -11.07 -32.33 52.75
N PRO F 294 -11.12 -31.00 52.68
CA PRO F 294 -10.06 -30.19 53.29
C PRO F 294 -9.91 -30.48 54.78
N LYS F 295 -8.67 -30.50 55.23
CA LYS F 295 -8.34 -30.81 56.61
C LYS F 295 -7.76 -29.58 57.30
N LEU F 296 -8.33 -29.24 58.46
CA LEU F 296 -7.88 -28.09 59.21
C LEU F 296 -6.56 -28.39 59.92
N SER F 297 -6.04 -27.40 60.63
CA SER F 297 -4.78 -27.58 61.36
C SER F 297 -4.94 -28.60 62.48
N ASN F 298 -6.07 -28.59 63.18
CA ASN F 298 -6.32 -29.53 64.26
C ASN F 298 -6.81 -30.89 63.77
N GLY F 299 -7.03 -31.05 62.47
CA GLY F 299 -7.49 -32.30 61.91
C GLY F 299 -8.97 -32.37 61.61
N GLU F 300 -9.71 -31.27 61.76
CA GLU F 300 -11.14 -31.27 61.50
C GLU F 300 -11.39 -31.22 59.99
N LEU F 301 -12.03 -32.25 59.46
CA LEU F 301 -12.39 -32.27 58.05
C LEU F 301 -13.54 -31.29 57.80
N VAL F 302 -13.47 -30.57 56.71
CA VAL F 302 -14.44 -29.53 56.38
C VAL F 302 -15.47 -30.17 55.45
N GLU F 303 -16.56 -30.65 56.05
CA GLU F 303 -17.67 -31.17 55.26
C GLU F 303 -18.46 -30.05 54.58
N ASN F 304 -18.72 -28.98 55.32
CA ASN F 304 -19.39 -27.80 54.80
C ASN F 304 -18.43 -26.61 54.88
N ARG F 305 -18.29 -25.88 53.78
CA ARG F 305 -17.32 -24.79 53.69
C ARG F 305 -17.86 -23.48 54.25
N GLN F 306 -19.12 -23.45 54.71
CA GLN F 306 -19.67 -22.23 55.28
C GLN F 306 -18.90 -21.77 56.50
N ILE F 307 -18.27 -22.71 57.21
CA ILE F 307 -17.46 -22.33 58.37
C ILE F 307 -16.32 -21.41 57.95
N TYR F 308 -15.83 -21.54 56.71
CA TYR F 308 -14.81 -20.63 56.22
C TYR F 308 -15.26 -19.18 56.29
N PHE F 309 -16.57 -18.93 56.15
CA PHE F 309 -17.07 -17.57 56.20
C PHE F 309 -17.10 -17.02 57.62
N ASN F 310 -17.02 -17.89 58.63
CA ASN F 310 -17.11 -17.40 60.01
C ASN F 310 -15.87 -16.63 60.41
N GLU F 311 -14.69 -17.17 60.13
CA GLU F 311 -13.43 -16.56 60.52
C GLU F 311 -12.30 -17.23 59.73
N LYS F 312 -11.07 -16.94 60.10
CA LYS F 312 -9.89 -17.51 59.46
C LYS F 312 -9.45 -18.77 60.21
N LEU F 313 -9.30 -19.87 59.49
CA LEU F 313 -8.94 -21.15 60.08
C LEU F 313 -7.68 -21.69 59.41
N GLU F 314 -6.75 -22.18 60.22
CA GLU F 314 -5.53 -22.76 59.70
C GLU F 314 -5.76 -24.21 59.27
N PHE F 315 -4.93 -24.67 58.33
CA PHE F 315 -5.05 -26.01 57.78
C PHE F 315 -3.77 -26.80 58.06
N THR F 316 -3.73 -28.02 57.54
CA THR F 316 -2.60 -28.91 57.74
C THR F 316 -1.60 -28.76 56.61
N SER F 317 -0.62 -29.67 56.53
CA SER F 317 0.41 -29.66 55.50
C SER F 317 0.37 -30.95 54.71
N SER F 318 0.74 -30.85 53.43
CA SER F 318 0.72 -32.02 52.55
C SER F 318 1.83 -33.00 52.91
N ASN F 319 1.50 -34.29 52.82
CA ASN F 319 2.48 -35.34 53.08
C ASN F 319 2.01 -36.62 52.40
N THR F 320 2.94 -37.56 52.24
CA THR F 320 2.66 -38.85 51.61
C THR F 320 2.54 -39.98 52.62
N SER F 321 2.51 -39.68 53.91
CA SER F 321 2.38 -40.69 54.96
C SER F 321 0.99 -40.60 55.57
N LYS F 322 0.44 -41.76 55.95
CA LYS F 322 -0.94 -41.83 56.40
C LYS F 322 -1.20 -41.01 57.65
N ALA F 323 -0.16 -40.64 58.40
CA ALA F 323 -0.35 -39.80 59.57
C ALA F 323 -0.90 -38.43 59.17
N THR F 324 -0.34 -37.83 58.12
CA THR F 324 -0.78 -36.53 57.64
C THR F 324 -0.87 -36.54 56.12
N LYS F 325 -1.45 -37.59 55.55
CA LYS F 325 -1.55 -37.73 54.09
C LYS F 325 -2.45 -36.65 53.53
N ALA F 326 -1.88 -35.74 52.77
CA ALA F 326 -2.63 -34.63 52.19
C ALA F 326 -1.86 -34.11 50.98
N SER F 327 -2.55 -33.32 50.16
CA SER F 327 -1.97 -32.75 48.95
C SER F 327 -2.41 -31.31 48.80
N ASN F 328 -1.48 -30.46 48.38
CA ASN F 328 -1.80 -29.06 48.11
C ASN F 328 -2.58 -28.95 46.81
N GLY F 329 -3.72 -28.26 46.87
CA GLY F 329 -4.54 -28.08 45.70
C GLY F 329 -4.04 -26.96 44.82
N PRO F 330 -4.78 -26.70 43.73
CA PRO F 330 -4.43 -25.61 42.82
C PRO F 330 -4.75 -24.22 43.36
N PHE F 331 -5.11 -24.09 44.63
CA PHE F 331 -5.46 -22.81 45.23
C PHE F 331 -4.61 -22.46 46.43
N ASN F 332 -3.65 -23.30 46.80
CA ASN F 332 -2.87 -23.13 48.02
C ASN F 332 -1.58 -22.37 47.70
N GLY F 333 -1.46 -21.15 48.22
CA GLY F 333 -0.25 -20.38 48.11
C GLY F 333 0.04 -19.82 46.75
N GLU F 334 -0.84 -20.03 45.76
CA GLU F 334 -0.58 -19.52 44.42
C GLU F 334 -0.83 -18.02 44.31
N PHE F 335 -1.75 -17.49 45.11
CA PHE F 335 -2.16 -16.09 45.01
C PHE F 335 -2.23 -15.44 46.39
N ASN F 336 -1.18 -15.64 47.20
CA ASN F 336 -1.05 -14.85 48.42
C ASN F 336 -0.84 -13.37 48.10
N ARG F 337 -0.16 -13.08 46.98
CA ARG F 337 -0.07 -11.71 46.51
C ARG F 337 -1.46 -11.13 46.23
N PHE F 338 -2.40 -11.98 45.79
CA PHE F 338 -3.78 -11.53 45.65
C PHE F 338 -4.37 -11.16 47.00
N LEU F 339 -4.03 -11.92 48.05
CA LEU F 339 -4.47 -11.56 49.39
C LEU F 339 -3.92 -10.21 49.82
N SER F 340 -2.64 -9.97 49.54
CA SER F 340 -2.05 -8.67 49.88
C SER F 340 -2.71 -7.54 49.08
N ARG F 341 -2.97 -7.77 47.81
CA ARG F 341 -3.63 -6.77 46.98
C ARG F 341 -5.03 -6.47 47.47
N PHE F 342 -5.78 -7.51 47.87
CA PHE F 342 -7.12 -7.31 48.40
C PHE F 342 -7.07 -6.54 49.73
N GLU F 343 -6.09 -6.84 50.57
CA GLU F 343 -5.93 -6.10 51.82
C GLU F 343 -5.64 -4.64 51.55
N THR F 344 -4.79 -4.35 50.55
CA THR F 344 -4.54 -2.96 50.16
C THR F 344 -5.81 -2.31 49.63
N LYS F 345 -6.60 -3.04 48.83
CA LYS F 345 -7.82 -2.48 48.27
C LYS F 345 -8.82 -2.12 49.36
N LEU F 346 -8.98 -2.99 50.36
CA LEU F 346 -9.94 -2.72 51.42
C LEU F 346 -9.51 -1.58 52.32
N THR F 347 -8.20 -1.33 52.43
CA THR F 347 -7.67 -0.29 53.31
C THR F 347 -7.38 1.01 52.57
N ASP F 348 -7.79 1.13 51.31
CA ASP F 348 -7.54 2.35 50.56
C ASP F 348 -8.45 3.47 51.05
N LYS F 349 -8.10 4.69 50.68
CA LYS F 349 -8.82 5.88 51.12
C LYS F 349 -9.42 6.71 49.99
N ARG F 350 -8.94 6.54 48.76
CA ARG F 350 -9.46 7.28 47.61
C ARG F 350 -10.54 6.51 46.86
N LEU F 351 -10.94 5.35 47.38
CA LEU F 351 -11.99 4.53 46.79
C LEU F 351 -13.17 4.40 47.73
N GLU F 352 -13.50 5.48 48.44
CA GLU F 352 -14.57 5.43 49.43
C GLU F 352 -15.94 5.40 48.77
N PHE F 353 -16.07 5.92 47.55
CA PHE F 353 -17.37 6.01 46.90
C PHE F 353 -17.93 4.65 46.49
N LEU F 354 -17.13 3.60 46.52
CA LEU F 354 -17.60 2.27 46.14
C LEU F 354 -18.27 1.53 47.29
N LEU F 355 -18.33 2.13 48.48
CA LEU F 355 -18.92 1.49 49.66
C LEU F 355 -18.22 0.17 49.96
N LEU F 356 -16.91 0.14 49.75
CA LEU F 356 -16.09 -1.06 49.88
C LEU F 356 -15.01 -0.94 50.94
N ASN F 357 -14.33 0.21 51.02
CA ASN F 357 -13.27 0.38 51.99
C ASN F 357 -13.77 0.35 53.42
N GLN F 358 -15.05 0.63 53.64
CA GLN F 358 -15.62 0.53 54.98
C GLN F 358 -15.68 -0.91 55.47
N ASP F 359 -15.56 -1.88 54.56
CA ASP F 359 -15.60 -3.31 54.89
C ASP F 359 -16.93 -3.70 55.55
N VAL F 360 -17.99 -2.97 55.19
CA VAL F 360 -19.34 -3.21 55.72
C VAL F 360 -19.30 -3.21 57.24
N GLU F 361 -18.90 -2.08 57.83
CA GLU F 361 -18.88 -1.92 59.27
C GLU F 361 -19.80 -0.81 59.73
N GLU F 362 -19.68 0.40 59.17
CA GLU F 362 -20.58 1.50 59.47
C GLU F 362 -21.46 1.92 58.28
N ASN F 363 -21.14 1.46 57.08
CA ASN F 363 -21.88 1.81 55.86
C ASN F 363 -22.75 0.65 55.38
N SER F 364 -23.32 -0.10 56.32
CA SER F 364 -24.19 -1.23 56.00
C SER F 364 -25.66 -0.82 55.91
N LYS F 365 -25.97 0.46 56.05
CA LYS F 365 -27.36 0.90 55.99
C LYS F 365 -27.96 0.67 54.61
N TYR F 366 -27.18 0.89 53.56
CA TYR F 366 -27.67 0.77 52.18
C TYR F 366 -27.87 -0.69 51.84
N ARG F 367 -29.11 -1.16 51.97
CA ARG F 367 -29.48 -2.52 51.61
C ARG F 367 -29.98 -2.55 50.16
N THR F 368 -30.57 -3.67 49.76
CA THR F 368 -31.08 -3.82 48.41
C THR F 368 -32.23 -2.85 48.14
N GLU F 369 -33.11 -2.64 49.12
CA GLU F 369 -34.30 -1.82 48.94
C GLU F 369 -33.99 -0.32 48.98
N HIS F 370 -32.73 0.08 48.90
CA HIS F 370 -32.35 1.49 48.88
C HIS F 370 -31.87 1.94 47.50
N PHE F 371 -32.25 1.21 46.44
CA PHE F 371 -31.81 1.58 45.10
C PHE F 371 -32.54 2.81 44.57
N GLU F 372 -33.75 3.06 45.07
CA GLU F 372 -34.51 4.23 44.63
C GLU F 372 -33.79 5.53 44.99
N ASP F 373 -33.16 5.56 46.17
CA ASP F 373 -32.40 6.75 46.56
C ASP F 373 -31.25 7.00 45.60
N ILE F 374 -30.54 5.95 45.19
CA ILE F 374 -29.44 6.11 44.24
C ILE F 374 -29.97 6.60 42.89
N LEU F 375 -31.08 6.01 42.43
CA LEU F 375 -31.64 6.42 41.15
C LEU F 375 -32.05 7.88 41.17
N LYS F 376 -32.69 8.33 42.25
CA LYS F 376 -33.04 9.75 42.36
C LYS F 376 -31.81 10.62 42.49
N GLN F 377 -30.74 10.11 43.11
CA GLN F 377 -29.51 10.87 43.23
C GLN F 377 -28.88 11.14 41.87
N PHE F 378 -28.84 10.12 41.01
CA PHE F 378 -28.27 10.34 39.68
C PHE F 378 -29.12 11.31 38.86
N MET F 379 -30.44 11.18 38.91
CA MET F 379 -31.34 12.00 38.11
C MET F 379 -31.66 13.34 38.74
N GLY F 380 -31.25 13.57 39.99
CA GLY F 380 -31.50 14.84 40.65
C GLY F 380 -32.95 15.15 40.92
N TYR F 381 -33.71 14.18 41.43
CA TYR F 381 -35.09 14.42 41.88
C TYR F 381 -35.20 14.60 43.38
N LEU F 382 -34.09 14.50 44.12
CA LEU F 382 -34.13 14.72 45.56
C LEU F 382 -34.12 16.20 45.92
N ASP F 383 -33.80 17.09 44.98
CA ASP F 383 -33.73 18.52 45.27
C ASP F 383 -34.33 19.39 44.17
N ARG F 384 -35.01 18.78 43.19
CA ARG F 384 -35.65 19.51 42.09
C ARG F 384 -34.63 20.37 41.32
N SER F 385 -33.66 19.68 40.72
CA SER F 385 -32.60 20.31 39.95
C SER F 385 -32.72 19.89 38.49
N ASN F 386 -32.71 20.88 37.59
CA ASN F 386 -32.80 20.59 36.16
C ASN F 386 -31.47 20.10 35.60
N VAL F 387 -30.36 20.64 36.08
CA VAL F 387 -29.04 20.34 35.56
C VAL F 387 -28.23 19.63 36.64
N SER F 388 -27.63 18.49 36.29
CA SER F 388 -26.81 17.72 37.20
C SER F 388 -25.39 17.61 36.63
N ILE F 389 -24.42 18.09 37.38
CA ILE F 389 -23.01 18.11 36.96
C ILE F 389 -22.27 17.05 37.75
N ILE F 390 -21.55 16.18 37.05
CA ILE F 390 -20.75 15.14 37.66
C ILE F 390 -19.28 15.48 37.40
N ASP F 391 -18.53 15.76 38.46
CA ASP F 391 -17.15 16.19 38.37
C ASP F 391 -16.24 14.98 38.56
N LEU F 392 -15.52 14.61 37.51
CA LEU F 392 -14.72 13.39 37.49
C LEU F 392 -13.23 13.65 37.72
N SER F 393 -12.87 14.86 38.14
CA SER F 393 -11.46 15.22 38.24
C SER F 393 -10.75 14.56 39.41
N GLY F 394 -11.48 14.09 40.42
CA GLY F 394 -10.88 13.51 41.59
C GLY F 394 -10.87 12.00 41.63
N ILE F 395 -11.00 11.36 40.47
CA ILE F 395 -11.14 9.91 40.39
C ILE F 395 -9.88 9.30 39.80
N PRO F 396 -9.37 8.21 40.37
CA PRO F 396 -8.19 7.55 39.78
C PRO F 396 -8.48 7.04 38.39
N PHE F 397 -7.44 6.95 37.58
CA PHE F 397 -7.57 6.54 36.18
C PHE F 397 -7.62 5.03 35.99
N GLU F 398 -7.97 4.28 37.04
CA GLU F 398 -8.20 2.84 36.91
C GLU F 398 -9.65 2.45 37.09
N VAL F 399 -10.51 3.37 37.55
CA VAL F 399 -11.91 3.06 37.83
C VAL F 399 -12.87 3.92 37.01
N LEU F 400 -12.36 4.92 36.28
CA LEU F 400 -13.22 5.90 35.62
C LEU F 400 -14.15 5.24 34.60
N SER F 401 -13.61 4.30 33.82
CA SER F 401 -14.41 3.63 32.79
C SER F 401 -15.57 2.86 33.41
N ILE F 402 -15.33 2.19 34.54
CA ILE F 402 -16.39 1.44 35.20
C ILE F 402 -17.49 2.39 35.67
N THR F 403 -17.13 3.56 36.20
CA THR F 403 -18.11 4.54 36.64
C THR F 403 -18.98 5.01 35.47
N ILE F 404 -18.32 5.36 34.36
CA ILE F 404 -19.07 5.82 33.18
C ILE F 404 -20.03 4.74 32.72
N SER F 405 -19.54 3.50 32.62
CA SER F 405 -20.37 2.40 32.14
C SER F 405 -21.56 2.17 33.06
N LEU F 406 -21.33 2.20 34.38
CA LEU F 406 -22.41 1.92 35.33
C LEU F 406 -23.50 2.98 35.25
N ILE F 407 -23.10 4.26 35.25
CA ILE F 407 -24.10 5.33 35.19
C ILE F 407 -24.90 5.25 33.89
N SER F 408 -24.20 5.05 32.77
CA SER F 408 -24.88 4.97 31.47
C SER F 408 -25.87 3.81 31.44
N ARG F 409 -25.46 2.64 31.96
CA ARG F 409 -26.34 1.48 31.97
C ARG F 409 -27.58 1.74 32.82
N LEU F 410 -27.40 2.35 33.99
CA LEU F 410 -28.56 2.63 34.84
C LEU F 410 -29.54 3.57 34.15
N ILE F 411 -29.04 4.65 33.54
CA ILE F 411 -29.93 5.59 32.87
C ILE F 411 -30.67 4.91 31.71
N PHE F 412 -29.95 4.10 30.93
CA PHE F 412 -30.58 3.44 29.78
C PHE F 412 -31.66 2.46 30.24
N ASP F 413 -31.39 1.68 31.29
CA ASP F 413 -32.39 0.74 31.78
C ASP F 413 -33.63 1.47 32.29
N PHE F 414 -33.44 2.56 33.02
CA PHE F 414 -34.60 3.32 33.50
C PHE F 414 -35.43 3.84 32.34
N ALA F 415 -34.77 4.42 31.33
CA ALA F 415 -35.51 4.95 30.18
C ALA F 415 -36.29 3.84 29.48
N PHE F 416 -35.65 2.69 29.27
CA PHE F 416 -36.30 1.58 28.60
C PHE F 416 -37.56 1.13 29.36
N HIS F 417 -37.43 0.90 30.66
CA HIS F 417 -38.56 0.34 31.41
C HIS F 417 -39.69 1.36 31.54
N TYR F 418 -39.37 2.63 31.79
CA TYR F 418 -40.42 3.64 31.84
C TYR F 418 -41.13 3.77 30.50
N SER F 419 -40.37 3.68 29.40
CA SER F 419 -40.99 3.74 28.08
C SER F 419 -41.95 2.59 27.86
N LYS F 420 -41.57 1.37 28.26
CA LYS F 420 -42.48 0.24 28.09
C LYS F 420 -43.74 0.39 28.94
N LEU F 421 -43.58 0.84 30.20
CA LEU F 421 -44.77 1.05 31.03
C LEU F 421 -45.71 2.09 30.41
N GLN F 422 -45.14 3.18 29.89
CA GLN F 422 -45.99 4.16 29.21
C GLN F 422 -46.63 3.57 27.95
N HIS F 423 -45.91 2.72 27.22
CA HIS F 423 -46.46 2.09 26.03
C HIS F 423 -47.59 1.14 26.35
N GLN F 424 -47.63 0.58 27.56
CA GLN F 424 -48.74 -0.30 27.94
C GLN F 424 -50.06 0.43 27.88
N LYS F 425 -50.10 1.69 28.35
CA LYS F 425 -51.32 2.48 28.36
C LYS F 425 -51.38 3.47 27.19
N ASP F 426 -50.63 3.21 26.12
CA ASP F 426 -50.67 4.00 24.89
C ASP F 426 -50.27 5.45 25.11
N GLU F 427 -49.07 5.64 25.66
CA GLU F 427 -48.49 6.97 25.83
C GLU F 427 -47.02 6.90 25.42
N LEU F 428 -46.29 8.00 25.65
CA LEU F 428 -44.87 8.05 25.33
C LEU F 428 -44.07 8.50 26.54
N ASN F 429 -42.78 8.77 26.34
CA ASN F 429 -41.89 9.20 27.41
C ASN F 429 -41.90 10.71 27.50
N ASP F 430 -42.35 11.24 28.65
CA ASP F 430 -42.47 12.67 28.86
C ASP F 430 -41.29 13.24 29.65
N ILE F 431 -40.27 12.44 29.94
CA ILE F 431 -39.10 12.91 30.67
C ILE F 431 -37.86 12.59 29.86
N PRO F 432 -37.56 13.36 28.81
CA PRO F 432 -36.33 13.12 28.05
C PRO F 432 -35.11 13.69 28.75
N PHE F 433 -33.95 13.17 28.36
CA PHE F 433 -32.68 13.57 28.95
C PHE F 433 -31.67 13.89 27.85
N MET F 434 -30.69 14.73 28.21
CA MET F 434 -29.59 15.06 27.33
C MET F 434 -28.28 14.95 28.11
N ILE F 435 -27.33 14.22 27.55
CA ILE F 435 -26.03 13.98 28.18
C ILE F 435 -24.97 14.79 27.44
N VAL F 436 -24.19 15.55 28.19
CA VAL F 436 -23.15 16.42 27.64
C VAL F 436 -21.80 15.81 28.00
N CYS F 437 -21.00 15.52 26.98
CA CYS F 437 -19.68 14.94 27.13
C CYS F 437 -18.64 15.97 26.74
N GLU F 438 -17.71 16.26 27.64
CA GLU F 438 -16.66 17.24 27.40
C GLU F 438 -15.31 16.53 27.38
N GLU F 439 -14.48 16.87 26.40
CA GLU F 439 -13.18 16.24 26.18
C GLU F 439 -13.34 14.72 26.04
N ALA F 440 -14.04 14.33 24.98
CA ALA F 440 -14.43 12.95 24.78
C ALA F 440 -13.28 12.04 24.38
N HIS F 441 -12.14 12.59 23.95
CA HIS F 441 -11.03 11.74 23.52
C HIS F 441 -10.35 11.03 24.68
N ASN F 442 -10.68 11.38 25.92
CA ASN F 442 -10.10 10.72 27.09
C ASN F 442 -10.71 9.34 27.33
N TYR F 443 -12.04 9.21 27.19
CA TYR F 443 -12.71 7.93 27.40
C TYR F 443 -13.39 7.38 26.16
N ILE F 444 -13.28 8.05 25.01
CA ILE F 444 -13.70 7.48 23.73
C ILE F 444 -12.54 7.61 22.76
N PRO F 445 -11.50 6.80 22.87
CA PRO F 445 -10.35 6.94 21.97
C PRO F 445 -10.58 6.24 20.65
N ARG F 446 -9.91 6.77 19.61
CA ARG F 446 -10.00 6.17 18.28
C ARG F 446 -9.45 4.76 18.28
N THR F 447 -8.17 4.61 18.58
CA THR F 447 -7.50 3.31 18.66
C THR F 447 -7.11 3.05 20.10
N GLY F 448 -7.52 1.90 20.62
CA GLY F 448 -7.21 1.56 22.00
C GLY F 448 -7.22 0.07 22.20
N GLY F 449 -6.89 -0.34 23.43
CA GLY F 449 -6.83 -1.75 23.77
C GLY F 449 -7.91 -2.19 24.72
N ILE F 450 -7.57 -2.34 25.99
CA ILE F 450 -8.50 -2.84 26.99
C ILE F 450 -8.83 -1.81 28.06
N GLU F 451 -8.01 -0.78 28.24
CA GLU F 451 -8.23 0.17 29.34
C GLU F 451 -9.53 0.94 29.20
N PHE F 452 -10.08 1.06 27.99
CA PHE F 452 -11.35 1.75 27.76
C PHE F 452 -12.19 0.89 26.82
N LYS F 453 -12.99 0.01 27.38
CA LYS F 453 -13.86 -0.88 26.61
C LYS F 453 -15.32 -0.79 27.03
N ALA F 454 -15.60 -0.67 28.33
CA ALA F 454 -16.98 -0.63 28.79
C ALA F 454 -17.65 0.69 28.44
N ALA F 455 -16.93 1.81 28.62
CA ALA F 455 -17.51 3.11 28.33
C ALA F 455 -17.86 3.24 26.85
N LYS F 456 -16.99 2.74 25.97
CA LYS F 456 -17.26 2.79 24.54
C LYS F 456 -18.53 2.01 24.21
N LYS F 457 -18.68 0.81 24.78
CA LYS F 457 -19.86 0.01 24.51
C LYS F 457 -21.13 0.69 25.00
N SER F 458 -21.08 1.26 26.21
CA SER F 458 -22.27 1.93 26.75
C SER F 458 -22.65 3.15 25.90
N ILE F 459 -21.67 3.95 25.49
CA ILE F 459 -21.98 5.13 24.69
C ILE F 459 -22.48 4.72 23.31
N GLU F 460 -21.93 3.64 22.74
CA GLU F 460 -22.44 3.15 21.46
C GLU F 460 -23.88 2.68 21.59
N ARG F 461 -24.21 2.01 22.69
CA ARG F 461 -25.58 1.57 22.89
C ARG F 461 -26.53 2.74 23.03
N ILE F 462 -26.09 3.80 23.71
CA ILE F 462 -26.92 5.00 23.82
C ILE F 462 -27.10 5.65 22.45
N ALA F 463 -26.02 5.73 21.66
CA ALA F 463 -26.08 6.46 20.40
C ALA F 463 -26.91 5.71 19.35
N LYS F 464 -26.70 4.40 19.22
CA LYS F 464 -27.34 3.66 18.13
C LYS F 464 -28.84 3.51 18.36
N GLU F 465 -29.26 3.16 19.57
CA GLU F 465 -30.67 3.03 19.91
C GLU F 465 -30.96 3.85 21.18
N GLY F 466 -31.21 5.14 20.97
CA GLY F 466 -31.56 6.03 22.05
C GLY F 466 -32.76 6.91 21.73
N ARG F 467 -32.97 7.15 20.42
CA ARG F 467 -34.07 8.02 20.00
C ARG F 467 -35.42 7.41 20.29
N LYS F 468 -35.54 6.09 20.21
CA LYS F 468 -36.81 5.42 20.49
C LYS F 468 -37.22 5.54 21.95
N TYR F 469 -36.29 5.86 22.84
CA TYR F 469 -36.56 5.92 24.27
C TYR F 469 -36.37 7.31 24.86
N GLY F 470 -35.97 8.29 24.05
CA GLY F 470 -35.83 9.65 24.54
C GLY F 470 -34.51 9.97 25.19
N LEU F 471 -33.42 9.83 24.44
CA LEU F 471 -32.08 10.07 24.98
C LEU F 471 -31.15 10.43 23.84
N SER F 472 -30.54 11.61 23.91
CA SER F 472 -29.66 12.13 22.87
C SER F 472 -28.27 12.41 23.44
N LEU F 473 -27.40 12.99 22.62
CA LEU F 473 -26.02 13.26 23.00
C LEU F 473 -25.54 14.56 22.36
N MET F 474 -24.71 15.28 23.12
CA MET F 474 -23.95 16.42 22.61
C MET F 474 -22.47 16.14 22.83
N VAL F 475 -21.72 16.08 21.75
CA VAL F 475 -20.29 15.75 21.80
C VAL F 475 -19.52 17.04 21.55
N VAL F 476 -18.81 17.51 22.57
CA VAL F 476 -18.04 18.75 22.51
C VAL F 476 -16.57 18.40 22.61
N SER F 477 -15.78 18.83 21.63
CA SER F 477 -14.36 18.50 21.65
C SER F 477 -13.57 19.48 20.80
N GLN F 478 -12.26 19.48 21.00
CA GLN F 478 -11.35 20.33 20.25
C GLN F 478 -10.30 19.53 19.48
N ARG F 479 -10.26 18.22 19.63
CA ARG F 479 -9.35 17.35 18.90
C ARG F 479 -10.14 16.23 18.25
N PRO F 480 -10.90 16.54 17.18
CA PRO F 480 -11.79 15.53 16.60
C PRO F 480 -11.07 14.33 16.00
N SER F 481 -9.78 14.45 15.72
CA SER F 481 -9.07 13.38 15.03
C SER F 481 -8.88 12.13 15.89
N GLU F 482 -9.17 12.20 17.19
CA GLU F 482 -8.99 11.08 18.09
C GLU F 482 -10.28 10.46 18.60
N VAL F 483 -11.43 11.11 18.37
CA VAL F 483 -12.70 10.57 18.79
C VAL F 483 -13.13 9.47 17.84
N SER F 484 -13.87 8.49 18.35
CA SER F 484 -14.26 7.34 17.56
C SER F 484 -15.17 7.74 16.41
N ASP F 485 -15.00 7.06 15.27
CA ASP F 485 -15.81 7.36 14.09
C ASP F 485 -17.23 6.83 14.23
N THR F 486 -17.42 5.78 15.03
CA THR F 486 -18.75 5.19 15.16
C THR F 486 -19.73 6.14 15.82
N ILE F 487 -19.24 7.06 16.65
CA ILE F 487 -20.10 7.97 17.39
C ILE F 487 -20.22 9.30 16.64
N LEU F 488 -19.13 9.72 15.99
CA LEU F 488 -19.15 10.96 15.23
C LEU F 488 -19.92 10.85 13.92
N SER F 489 -20.19 9.63 13.45
CA SER F 489 -20.93 9.43 12.20
C SER F 489 -22.45 9.49 12.39
N GLN F 490 -22.93 9.47 13.62
CA GLN F 490 -24.36 9.53 13.91
C GLN F 490 -24.86 10.94 14.15
N CYS F 491 -23.98 11.94 14.15
CA CYS F 491 -24.38 13.30 14.41
C CYS F 491 -25.06 13.92 13.19
N ASN F 492 -25.92 14.90 13.45
CA ASN F 492 -26.70 15.55 12.40
C ASN F 492 -26.52 17.07 12.35
N ASN F 493 -26.08 17.71 13.43
CA ASN F 493 -25.95 19.16 13.49
C ASN F 493 -24.57 19.52 14.01
N PHE F 494 -23.77 20.19 13.18
CA PHE F 494 -22.40 20.54 13.49
C PHE F 494 -22.28 22.03 13.74
N ILE F 495 -21.63 22.39 14.85
CA ILE F 495 -21.27 23.76 15.17
C ILE F 495 -19.75 23.85 15.17
N ASN F 496 -19.20 24.58 14.20
CA ASN F 496 -17.77 24.67 13.98
C ASN F 496 -17.27 26.05 14.38
N LEU F 497 -16.23 26.08 15.21
CA LEU F 497 -15.49 27.29 15.53
C LEU F 497 -14.13 27.25 14.83
N ARG F 498 -13.33 28.29 15.07
CA ARG F 498 -12.03 28.37 14.44
C ARG F 498 -11.13 27.23 14.92
N LEU F 499 -10.42 26.61 13.98
CA LEU F 499 -9.54 25.49 14.26
C LEU F 499 -8.24 25.68 13.49
N THR F 500 -7.12 25.33 14.12
CA THR F 500 -5.80 25.47 13.51
C THR F 500 -5.07 24.12 13.58
N ASN F 501 -5.40 23.23 12.65
CA ASN F 501 -4.67 21.98 12.43
C ASN F 501 -5.19 21.34 11.15
N ILE F 502 -4.29 20.85 10.29
CA ILE F 502 -4.71 20.39 8.97
C ILE F 502 -5.55 19.11 9.07
N ASN F 503 -5.13 18.18 9.93
CA ASN F 503 -5.80 16.89 10.00
C ASN F 503 -7.24 17.02 10.49
N ASP F 504 -7.46 17.85 11.52
CA ASP F 504 -8.81 18.04 12.04
C ASP F 504 -9.71 18.70 11.01
N GLN F 505 -9.21 19.73 10.31
CA GLN F 505 -10.00 20.38 9.27
C GLN F 505 -10.38 19.40 8.17
N ASN F 506 -9.41 18.58 7.72
CA ASN F 506 -9.71 17.60 6.68
C ASN F 506 -10.74 16.60 7.15
N TYR F 507 -10.61 16.12 8.39
CA TYR F 507 -11.55 15.15 8.94
C TYR F 507 -12.96 15.72 9.02
N ILE F 508 -13.07 16.96 9.49
CA ILE F 508 -14.39 17.59 9.60
C ILE F 508 -14.99 17.83 8.22
N LYS F 509 -14.18 18.31 7.27
CA LYS F 509 -14.70 18.57 5.92
C LYS F 509 -15.18 17.28 5.27
N ASN F 510 -14.46 16.17 5.49
CA ASN F 510 -14.94 14.89 4.98
C ASN F 510 -16.21 14.44 5.66
N LEU F 511 -16.36 14.71 6.96
CA LEU F 511 -17.55 14.29 7.68
C LEU F 511 -18.74 15.22 7.51
N LEU F 512 -18.54 16.43 6.99
CA LEU F 512 -19.61 17.40 6.93
C LEU F 512 -20.69 16.95 5.94
N PRO F 513 -21.97 17.17 6.26
CA PRO F 513 -23.04 16.87 5.29
C PRO F 513 -22.98 17.76 4.06
N ASP F 514 -22.84 19.08 4.28
CA ASP F 514 -22.71 20.04 3.20
C ASP F 514 -21.23 20.37 3.02
N ASN F 515 -20.69 20.06 1.85
CA ASN F 515 -19.26 20.22 1.57
C ASN F 515 -19.15 20.70 0.12
N SER F 516 -19.08 22.02 -0.07
CA SER F 516 -19.07 22.58 -1.42
C SER F 516 -18.26 23.88 -1.41
N ARG F 517 -16.97 23.77 -1.74
CA ARG F 517 -16.12 24.93 -2.04
C ARG F 517 -16.10 25.96 -0.92
N SER F 518 -17.11 26.86 -0.92
CA SER F 518 -17.07 28.02 -0.04
C SER F 518 -17.02 27.61 1.43
N ILE F 519 -17.79 26.60 1.80
CA ILE F 519 -17.76 26.12 3.18
C ILE F 519 -16.35 25.67 3.56
N SER F 520 -15.67 24.98 2.63
CA SER F 520 -14.30 24.56 2.89
C SER F 520 -13.30 25.72 2.80
N GLU F 521 -13.71 26.86 2.25
CA GLU F 521 -12.84 28.01 2.12
C GLU F 521 -12.95 28.99 3.28
N ILE F 522 -13.78 28.69 4.28
CA ILE F 522 -13.94 29.57 5.42
C ILE F 522 -13.50 28.93 6.74
N LEU F 523 -13.32 27.61 6.79
CA LEU F 523 -12.90 26.97 8.03
C LEU F 523 -11.53 27.42 8.53
N PRO F 524 -10.48 27.51 7.70
CA PRO F 524 -9.21 28.05 8.22
C PRO F 524 -9.33 29.46 8.78
N THR F 525 -10.24 30.26 8.24
CA THR F 525 -10.50 31.61 8.72
C THR F 525 -11.40 31.55 9.95
N LEU F 526 -12.00 32.70 10.29
CA LEU F 526 -12.97 32.90 11.38
C LEU F 526 -12.27 33.38 12.64
N GLY F 527 -12.78 34.45 13.23
CA GLY F 527 -12.22 35.03 14.44
C GLY F 527 -12.89 34.53 15.69
N ALA F 528 -12.90 35.38 16.71
CA ALA F 528 -13.49 35.04 18.00
C ALA F 528 -14.93 35.53 18.05
N GLY F 529 -15.86 34.63 18.36
CA GLY F 529 -17.27 34.96 18.47
C GLY F 529 -18.11 34.60 17.27
N GLU F 530 -17.55 33.98 16.24
CA GLU F 530 -18.27 33.61 15.04
C GLU F 530 -18.24 32.10 14.88
N CYS F 531 -19.40 31.50 14.63
CA CYS F 531 -19.51 30.05 14.49
C CYS F 531 -20.27 29.70 13.23
N LEU F 532 -19.79 28.66 12.53
CA LEU F 532 -20.45 28.15 11.35
C LEU F 532 -21.40 27.03 11.73
N VAL F 533 -22.65 27.12 11.26
CA VAL F 533 -23.69 26.17 11.62
C VAL F 533 -24.07 25.38 10.38
N VAL F 534 -23.95 24.05 10.45
CA VAL F 534 -24.31 23.19 9.33
C VAL F 534 -25.22 22.08 9.84
N GLY F 535 -26.42 21.99 9.28
CA GLY F 535 -27.34 20.95 9.70
C GLY F 535 -28.69 21.11 9.03
N ASP F 536 -29.60 20.21 9.42
CA ASP F 536 -30.94 20.20 8.87
C ASP F 536 -31.82 21.30 9.45
N SER F 537 -31.49 21.78 10.64
CA SER F 537 -32.33 22.78 11.31
C SER F 537 -32.26 24.15 10.64
N THR F 538 -31.34 24.36 9.70
CA THR F 538 -31.24 25.63 9.00
C THR F 538 -31.36 25.41 7.50
N PRO F 539 -31.98 26.35 6.77
CA PRO F 539 -32.10 26.19 5.31
C PRO F 539 -30.82 26.54 4.58
N ILE F 540 -30.06 27.50 5.08
CA ILE F 540 -28.80 27.92 4.47
C ILE F 540 -27.69 27.86 5.50
N PRO F 541 -26.56 27.20 5.20
CA PRO F 541 -25.41 27.27 6.10
C PRO F 541 -24.93 28.70 6.25
N SER F 542 -24.55 29.07 7.48
CA SER F 542 -24.20 30.46 7.74
C SER F 542 -23.29 30.57 8.94
N ILE F 543 -22.66 31.73 9.04
CA ILE F 543 -21.82 32.13 10.17
C ILE F 543 -22.63 33.07 11.05
N VAL F 544 -22.68 32.77 12.34
CA VAL F 544 -23.46 33.53 13.31
C VAL F 544 -22.50 34.14 14.32
N LYS F 545 -22.72 35.41 14.65
CA LYS F 545 -21.92 36.13 15.63
C LYS F 545 -22.56 35.97 17.00
N LEU F 546 -21.96 35.14 17.84
CA LEU F 546 -22.51 34.84 19.15
C LEU F 546 -22.18 35.95 20.14
N GLU F 547 -22.82 35.89 21.30
CA GLU F 547 -22.60 36.82 22.40
C GLU F 547 -21.90 36.11 23.55
N LEU F 548 -21.74 36.84 24.66
CA LEU F 548 -21.02 36.26 25.80
C LEU F 548 -21.99 35.85 26.89
N PRO F 549 -21.68 34.78 27.63
CA PRO F 549 -22.55 34.34 28.71
C PRO F 549 -22.45 35.25 29.93
N ASN F 550 -23.41 35.10 30.83
CA ASN F 550 -23.44 35.83 32.09
C ASN F 550 -24.18 34.99 33.13
N PRO F 551 -23.47 34.41 34.11
CA PRO F 551 -22.02 34.49 34.39
C PRO F 551 -21.15 33.74 33.39
N GLU F 552 -19.85 33.64 33.66
CA GLU F 552 -18.89 33.03 32.77
C GLU F 552 -18.17 31.89 33.47
N PRO F 553 -17.79 30.84 32.73
CA PRO F 553 -17.09 29.72 33.35
C PRO F 553 -15.68 30.09 33.76
N ARG F 554 -15.16 29.35 34.74
CA ARG F 554 -13.82 29.56 35.28
C ARG F 554 -12.85 28.64 34.55
N SER F 555 -11.95 29.22 33.75
CA SER F 555 -10.98 28.47 32.98
C SER F 555 -9.58 28.97 33.29
N GLN F 556 -8.67 28.04 33.58
CA GLN F 556 -7.28 28.35 33.88
C GLN F 556 -6.39 27.79 32.79
N SER F 557 -5.46 28.61 32.29
CA SER F 557 -4.62 28.22 31.17
C SER F 557 -3.15 28.51 31.42
N ILE F 558 -2.75 28.69 32.68
CA ILE F 558 -1.37 28.91 33.14
C ILE F 558 -0.72 30.09 32.42
N LYS F 559 0.53 30.38 32.77
CA LYS F 559 1.26 31.51 32.21
C LYS F 559 2.75 31.23 32.38
N PHE F 560 3.55 31.72 31.44
CA PHE F 560 4.98 31.44 31.41
C PHE F 560 5.84 32.69 31.56
N HIS F 561 5.61 33.71 30.73
CA HIS F 561 6.50 34.87 30.72
C HIS F 561 6.43 35.64 32.02
N LYS F 562 5.22 35.87 32.54
CA LYS F 562 5.08 36.59 33.81
C LYS F 562 5.20 35.67 35.01
N LYS F 563 5.19 34.35 34.82
CA LYS F 563 5.31 33.44 35.96
C LYS F 563 6.74 33.42 36.50
N TRP F 564 7.73 33.34 35.61
CA TRP F 564 9.13 33.30 36.04
C TRP F 564 9.84 34.64 35.80
N SER F 565 9.09 35.73 35.85
CA SER F 565 9.67 37.07 35.86
C SER F 565 9.63 37.69 37.25
N GLU F 566 9.42 36.88 38.29
CA GLU F 566 9.24 37.36 39.65
C GLU F 566 10.11 36.54 40.61
N SER F 567 11.29 37.06 40.93
CA SER F 567 12.16 36.53 41.98
C SER F 567 12.51 35.07 41.67
N TRP F 568 12.84 34.30 42.71
CA TRP F 568 13.22 32.91 42.58
C TRP F 568 12.36 32.06 43.51
N ARG F 569 11.98 30.88 43.04
CA ARG F 569 11.14 29.96 43.81
C ARG F 569 11.75 28.57 43.79
N THR F 570 11.50 27.82 44.86
CA THR F 570 12.05 26.48 45.00
C THR F 570 10.95 25.46 45.29
N PRO F 571 11.08 24.24 44.78
CA PRO F 571 10.07 23.21 45.07
C PRO F 571 10.47 22.34 46.26
N SER F 572 9.58 21.43 46.66
CA SER F 572 9.83 20.49 47.74
C SER F 572 10.00 19.11 47.13
N PHE F 573 11.25 18.61 47.12
CA PHE F 573 11.53 17.32 46.50
C PHE F 573 11.07 16.16 47.36
N GLU F 574 11.10 16.34 48.69
CA GLU F 574 10.75 15.23 49.58
C GLU F 574 9.31 14.79 49.38
N GLU F 575 8.38 15.74 49.27
CA GLU F 575 6.98 15.39 49.06
C GLU F 575 6.76 14.68 47.74
N VAL F 576 7.42 15.15 46.66
CA VAL F 576 7.19 14.53 45.36
C VAL F 576 7.79 13.12 45.31
N ILE F 577 8.97 12.93 45.93
CA ILE F 577 9.55 11.58 45.92
C ILE F 577 8.75 10.65 46.83
N MET F 578 8.15 11.17 47.90
CA MET F 578 7.24 10.35 48.70
C MET F 578 6.00 9.95 47.90
N ARG F 579 5.46 10.88 47.12
CA ARG F 579 4.28 10.58 46.32
C ARG F 579 4.60 9.56 45.22
N TRP F 580 5.81 9.64 44.65
CA TRP F 580 6.19 8.71 43.59
C TRP F 580 6.20 7.26 44.08
N ARG F 581 6.70 7.04 45.28
CA ARG F 581 6.90 5.68 45.80
C ARG F 581 5.63 5.05 46.34
N LYS F 582 4.45 5.60 46.01
CA LYS F 582 3.16 5.07 46.46
C LYS F 582 3.11 5.02 47.98
N GLU F 583 3.19 6.21 48.58
CA GLU F 583 3.23 6.37 50.04
C GLU F 583 4.43 5.61 50.61
N ASN F 584 4.20 4.38 51.07
CA ASN F 584 5.28 3.53 51.55
C ASN F 584 5.05 2.11 51.06
N GLY F 585 6.08 1.52 50.47
CA GLY F 585 5.98 0.16 49.95
C GLY F 585 5.28 0.08 48.61
#